data_8ZY3
#
_entry.id   8ZY3
#
_cell.length_a   1.00
_cell.length_b   1.00
_cell.length_c   1.00
_cell.angle_alpha   90.00
_cell.angle_beta   90.00
_cell.angle_gamma   90.00
#
_symmetry.space_group_name_H-M   'P 1'
#
loop_
_entity.id
_entity.type
_entity.pdbx_description
1 polymer 'Spike glycoprotein'
2 branched 2-acetamido-2-deoxy-beta-D-glucopyranose-(1-4)-2-acetamido-2-deoxy-beta-D-glucopyranose
3 non-polymer 2-acetamido-2-deoxy-beta-D-glucopyranose
#
_entity_poly.entity_id   1
_entity_poly.type   'polypeptide(L)'
_entity_poly.pdbx_seq_one_letter_code
;MLFFFFLCFASVNSQCVNLTGRATIQPSFTNSSHRGVYYPDTIFRSNSLVLSQGYFLPFYSNISWYYALTKTNGAEKRVD
NPILDFKDGIYFAATEKSNIVRGWIFGTTLDNTSQSLLIVNNATNVIIKVCNFQFCYDPYLSGYFHNNKTWSTREFAVYS
SYANCTFEYVSKPFMLDISGKSGLFDTLREFVFRNVDGYFKIYSKYSPVNVNSNLPSGFSALEPLVELPAGINITRFRTL
LTIHRGDPMPNNGWTVFSAAYYVGYLAPRTFMLKYNENGTITDAVDCSLDPLSEAKCTLKSFTVEKGIYQTSNFRVQPTD
SIVRFPNITNLCPFGEVFNATTFASVYAWNRKRISNCVADYSVLYNSTSFSTFKCYGVSPTKLNDLCFTNVYADSFVVRG
DEVRQIAPGQTGKIADYNYKLPDDFTGCVIAWNSNNLDSKVGGNYNYLYRLFRKSNLKPFERDISTEIYQAGSTPCNGVE
GFNCYFPLKSYGFHPTNGVGYQPYRVVVLSFELLNAPATVCGPKKSTNLIKNKCVNFNFNGLTGTGVLTESNKKFLPFQQ
FGRDIADTTDAVRDPQTLEILDITPCSFGGVSVITPGTNASNQVAVLYQDVNCTEVPVAIHADQLTPTWRVYSTGSNVFQ
TRAGCLIGAEHVNNSYECDIPIGAGICASYQTQTNSRSVASQSIIAYTMSLGAENSVAYSNNSIAIPTNFTISVTTEILP
VSMTKTSVDCTMYICGDSTECSNLLLQYGSFCTQLNRALTGIAVEQDKNTQEVFAQVKQIYKTPQIKDFGGFNFSQILPD
PSKPSKRSFIEDLLFNKVTLADAGFIKQYGDCLGDIAARDLICAQKFNGLTVLPPLLTDEMIAQYTSALLAGTITSGWTF
GAGAALQIPFAMQMAYRFNGIGVTQNVLYENQKLIANQFNSAIGKIQDSLSSTASALGKLQDVVNQNAQALNTLVKQLSS
NFGAISSVLNDILSRLDKVEAEVQIDRLITGRLQSLQTYVTQQLIRAAEIRASANLAATKMSECVLGQSKRVDFCGKGYH
LMSFPQSAPHGVVFLHVTYVPAQEKNFTTAPAICHDGKAHFPREGVFVSNGTHWFVTQRNFYEPQIITTDNTFVSGNCDV
VIGIVNNTVYDPLQPELDSFKEELDKYFKNHTSPDVDLGDISGINASVVNIQKEIDRLNEVAKNLNESLIDLQQLGKYEQ
YIKGSGYIPEAPRDGQAYVRKDGEWVLLSTFLLEVLFQGPGHHHHHHHHSAWSHPQFEKGGGSGGGGSGGSAWSHPQFEK
SA
;
_entity_poly.pdbx_strand_id   A,B,C
#
loop_
_chem_comp.id
_chem_comp.type
_chem_comp.name
_chem_comp.formula
NAG D-saccharide, beta linking 2-acetamido-2-deoxy-beta-D-glucopyranose 'C8 H15 N O6'
#
# COMPACT_ATOMS: atom_id res chain seq x y z
N GLN A 15 62.46 -35.22 -0.12
CA GLN A 15 63.52 -34.46 -0.77
C GLN A 15 62.96 -33.45 -1.77
N CYS A 16 63.71 -32.38 -2.01
CA CYS A 16 63.32 -31.36 -2.96
C CYS A 16 64.55 -30.80 -3.64
N VAL A 17 64.46 -30.56 -4.94
CA VAL A 17 65.57 -30.06 -5.73
C VAL A 17 65.16 -28.72 -6.32
N ASN A 18 65.88 -27.66 -5.95
CA ASN A 18 65.65 -26.35 -6.53
C ASN A 18 66.19 -26.28 -7.96
N LEU A 19 65.33 -26.00 -8.92
CA LEU A 19 65.68 -26.08 -10.33
C LEU A 19 66.52 -24.88 -10.74
N THR A 20 67.55 -25.14 -11.55
CA THR A 20 68.37 -24.10 -12.15
C THR A 20 67.95 -23.91 -13.60
N GLY A 21 68.66 -23.03 -14.32
CA GLY A 21 68.51 -22.88 -15.76
C GLY A 21 67.15 -22.41 -16.25
N ARG A 22 66.19 -22.25 -15.34
CA ARG A 22 64.81 -21.97 -15.70
C ARG A 22 64.64 -20.53 -16.11
N ALA A 23 63.93 -20.30 -17.22
CA ALA A 23 63.67 -18.95 -17.67
C ALA A 23 62.76 -18.22 -16.68
N THR A 24 62.92 -16.89 -16.64
CA THR A 24 62.21 -16.08 -15.67
C THR A 24 60.71 -16.10 -15.92
N ILE A 25 59.94 -15.98 -14.83
CA ILE A 25 58.49 -16.02 -14.93
C ILE A 25 57.98 -14.78 -15.63
N GLN A 26 57.50 -14.96 -16.85
CA GLN A 26 56.95 -13.86 -17.64
C GLN A 26 55.49 -14.13 -17.92
N PRO A 27 54.57 -13.62 -17.10
CA PRO A 27 53.15 -13.85 -17.35
C PRO A 27 52.62 -13.00 -18.51
N SER A 28 52.06 -13.64 -19.51
CA SER A 28 51.36 -12.87 -20.54
C SER A 28 49.94 -12.57 -20.06
N PHE A 29 49.17 -11.91 -20.91
CA PHE A 29 47.84 -11.47 -20.50
C PHE A 29 46.82 -11.72 -21.61
N THR A 30 45.59 -12.01 -21.19
CA THR A 30 44.49 -12.23 -22.11
C THR A 30 43.20 -11.80 -21.41
N ASN A 31 42.05 -12.11 -21.99
CA ASN A 31 40.79 -11.70 -21.39
C ASN A 31 39.86 -12.88 -21.15
N SER A 32 38.94 -12.68 -20.20
CA SER A 32 37.93 -13.67 -19.86
C SER A 32 36.65 -13.35 -20.65
N SER A 33 36.66 -13.73 -21.91
CA SER A 33 35.52 -13.44 -22.79
C SER A 33 34.38 -14.38 -22.44
N HIS A 34 33.46 -13.89 -21.59
CA HIS A 34 32.20 -14.55 -21.27
C HIS A 34 32.40 -15.91 -20.60
N ARG A 35 33.48 -16.07 -19.84
CA ARG A 35 33.77 -17.34 -19.19
C ARG A 35 33.79 -17.17 -17.68
N GLY A 36 33.61 -18.28 -16.98
CA GLY A 36 33.70 -18.31 -15.54
C GLY A 36 32.41 -18.17 -14.78
N VAL A 37 31.26 -18.29 -15.45
CA VAL A 37 29.98 -18.17 -14.78
C VAL A 37 29.72 -19.45 -14.01
N TYR A 38 29.45 -19.32 -12.71
CA TYR A 38 29.19 -20.48 -11.86
C TYR A 38 27.88 -20.27 -11.10
N TYR A 39 27.56 -21.19 -10.20
CA TYR A 39 26.32 -21.14 -9.44
C TYR A 39 26.58 -20.48 -8.10
N PRO A 40 25.98 -19.32 -7.82
CA PRO A 40 26.27 -18.63 -6.55
C PRO A 40 25.67 -19.31 -5.32
N ASP A 41 24.64 -20.14 -5.49
CA ASP A 41 23.99 -20.79 -4.36
C ASP A 41 23.30 -22.06 -4.85
N THR A 42 22.91 -22.90 -3.89
CA THR A 42 22.30 -24.20 -4.18
C THR A 42 20.81 -24.10 -3.85
N ILE A 43 20.03 -23.66 -4.83
CA ILE A 43 18.59 -23.46 -4.66
C ILE A 43 17.84 -24.30 -5.66
N PHE A 44 18.51 -24.63 -6.78
CA PHE A 44 17.93 -25.36 -7.90
C PHE A 44 16.72 -24.63 -8.47
N ARG A 45 16.99 -23.45 -9.04
CA ARG A 45 15.98 -22.73 -9.79
C ARG A 45 15.92 -23.24 -11.23
N SER A 46 14.72 -23.19 -11.81
CA SER A 46 14.50 -23.73 -13.15
C SER A 46 13.60 -22.80 -13.94
N ASN A 47 13.98 -22.52 -15.19
CA ASN A 47 13.25 -21.67 -16.12
C ASN A 47 12.99 -20.28 -15.53
N SER A 48 14.08 -19.56 -15.26
CA SER A 48 13.94 -18.26 -14.60
C SER A 48 15.14 -17.39 -14.87
N LEU A 49 14.89 -16.08 -14.98
CA LEU A 49 15.95 -15.08 -15.04
C LEU A 49 16.14 -14.50 -13.64
N VAL A 50 17.35 -14.59 -13.12
CA VAL A 50 17.65 -14.26 -11.73
C VAL A 50 18.75 -13.21 -11.70
N LEU A 51 18.51 -12.12 -10.99
CA LEU A 51 19.54 -11.12 -10.69
C LEU A 51 20.23 -11.53 -9.41
N SER A 52 21.51 -11.89 -9.50
CA SER A 52 22.24 -12.41 -8.35
C SER A 52 23.51 -11.61 -8.15
N GLN A 53 23.69 -11.06 -6.96
CA GLN A 53 24.94 -10.44 -6.56
C GLN A 53 25.85 -11.50 -5.97
N GLY A 54 27.12 -11.47 -6.37
CA GLY A 54 28.07 -12.42 -5.85
C GLY A 54 29.44 -12.15 -6.41
N TYR A 55 30.40 -12.92 -5.93
CA TYR A 55 31.78 -12.80 -6.41
C TYR A 55 31.89 -13.55 -7.73
N PHE A 56 31.79 -12.83 -8.83
CA PHE A 56 31.78 -13.39 -10.17
C PHE A 56 33.05 -12.95 -10.89
N LEU A 57 33.38 -13.66 -11.96
CA LEU A 57 34.49 -13.25 -12.81
C LEU A 57 33.94 -12.32 -13.87
N PRO A 58 34.36 -11.05 -13.91
CA PRO A 58 33.79 -10.10 -14.88
C PRO A 58 34.13 -10.47 -16.31
N PHE A 59 33.24 -10.08 -17.21
CA PHE A 59 33.43 -10.39 -18.62
C PHE A 59 34.58 -9.56 -19.19
N TYR A 60 35.40 -10.22 -20.01
CA TYR A 60 36.60 -9.62 -20.63
C TYR A 60 37.56 -9.06 -19.58
N SER A 61 37.68 -9.77 -18.45
CA SER A 61 38.60 -9.36 -17.41
C SER A 61 40.02 -9.78 -17.75
N ASN A 62 40.98 -9.10 -17.13
CA ASN A 62 42.40 -9.30 -17.40
C ASN A 62 42.93 -10.59 -16.78
N ILE A 63 42.87 -11.69 -17.52
CA ILE A 63 43.44 -12.95 -17.06
C ILE A 63 44.95 -12.91 -17.23
N SER A 64 45.68 -13.32 -16.19
CA SER A 64 47.12 -13.50 -16.33
C SER A 64 47.41 -14.96 -16.67
N TRP A 65 48.33 -15.14 -17.62
CA TRP A 65 48.54 -16.39 -18.33
C TRP A 65 49.98 -16.89 -18.24
N TYR A 66 50.11 -18.19 -17.93
CA TYR A 66 51.39 -18.84 -17.73
C TYR A 66 51.39 -20.13 -18.54
N TYR A 67 52.58 -20.60 -18.90
CA TYR A 67 52.67 -21.80 -19.74
C TYR A 67 53.93 -22.57 -19.42
N ALA A 68 53.94 -23.84 -19.83
CA ALA A 68 55.09 -24.73 -19.67
C ALA A 68 55.59 -25.11 -21.06
N LEU A 69 56.72 -24.54 -21.46
CA LEU A 69 57.33 -24.79 -22.76
C LEU A 69 58.82 -25.05 -22.57
N THR A 70 59.32 -26.13 -23.15
CA THR A 70 60.72 -26.52 -23.04
C THR A 70 61.46 -26.18 -24.32
N GLU A 76 64.03 -20.65 -23.72
CA GLU A 76 63.06 -21.69 -23.42
C GLU A 76 63.43 -22.45 -22.14
N LYS A 77 62.95 -23.68 -22.04
CA LYS A 77 63.10 -24.54 -20.85
C LYS A 77 62.57 -23.84 -19.60
N ARG A 78 61.28 -23.55 -19.63
CA ARG A 78 60.63 -22.82 -18.55
C ARG A 78 59.41 -23.57 -18.06
N VAL A 79 59.29 -23.69 -16.74
CA VAL A 79 58.07 -24.12 -16.09
C VAL A 79 57.53 -22.93 -15.31
N ASP A 80 56.23 -22.92 -15.11
CA ASP A 80 55.55 -21.79 -14.48
C ASP A 80 54.79 -22.30 -13.26
N ASN A 81 55.44 -22.24 -12.10
CA ASN A 81 54.81 -22.55 -10.82
C ASN A 81 55.03 -21.44 -9.80
N PRO A 82 54.54 -20.22 -10.10
CA PRO A 82 54.82 -19.11 -9.20
C PRO A 82 53.84 -19.11 -8.04
N ILE A 83 53.93 -18.09 -7.19
CA ILE A 83 53.09 -17.99 -6.02
C ILE A 83 52.18 -16.77 -6.20
N LEU A 84 50.87 -16.99 -6.08
CA LEU A 84 49.90 -16.01 -6.52
C LEU A 84 48.88 -15.74 -5.42
N ASP A 85 48.30 -14.54 -5.46
CA ASP A 85 47.36 -14.10 -4.44
C ASP A 85 46.00 -14.74 -4.66
N PHE A 86 45.40 -15.25 -3.59
CA PHE A 86 44.07 -15.83 -3.60
C PHE A 86 43.13 -14.82 -2.97
N LYS A 87 42.56 -13.95 -3.80
CA LYS A 87 41.65 -12.92 -3.34
C LYS A 87 40.23 -13.26 -3.78
N ASP A 88 39.38 -13.58 -2.80
CA ASP A 88 37.94 -13.81 -2.99
C ASP A 88 37.64 -14.92 -4.01
N GLY A 89 38.51 -15.91 -4.08
CA GLY A 89 38.31 -16.99 -5.05
C GLY A 89 38.94 -16.67 -6.39
N ILE A 90 39.27 -17.73 -7.12
CA ILE A 90 39.97 -17.60 -8.38
C ILE A 90 39.27 -18.42 -9.46
N TYR A 91 39.56 -18.09 -10.71
CA TYR A 91 39.16 -18.88 -11.87
C TYR A 91 40.42 -19.40 -12.51
N PHE A 92 40.54 -20.73 -12.61
CA PHE A 92 41.72 -21.41 -13.09
C PHE A 92 41.32 -22.25 -14.30
N ALA A 93 41.75 -21.84 -15.48
CA ALA A 93 41.46 -22.58 -16.71
C ALA A 93 42.75 -23.14 -17.26
N ALA A 94 42.78 -24.44 -17.50
CA ALA A 94 44.00 -25.10 -17.98
C ALA A 94 43.71 -25.81 -19.30
N THR A 95 44.56 -25.55 -20.29
CA THR A 95 44.53 -26.28 -21.55
C THR A 95 45.84 -27.04 -21.71
N GLU A 96 45.76 -28.25 -22.25
CA GLU A 96 46.90 -29.16 -22.25
C GLU A 96 46.67 -30.27 -23.27
N LYS A 97 47.61 -31.19 -23.33
CA LYS A 97 47.60 -32.41 -24.12
C LYS A 97 47.73 -33.67 -23.27
N SER A 98 48.65 -33.69 -22.31
CA SER A 98 48.98 -34.91 -21.59
C SER A 98 48.79 -34.75 -20.08
N ASN A 99 47.86 -33.89 -19.68
CA ASN A 99 47.48 -33.68 -18.28
C ASN A 99 48.67 -33.24 -17.43
N ILE A 100 49.21 -32.07 -17.78
CA ILE A 100 50.39 -31.57 -17.08
C ILE A 100 50.02 -30.98 -15.72
N VAL A 101 48.93 -30.21 -15.66
CA VAL A 101 48.48 -29.70 -14.37
C VAL A 101 47.91 -30.86 -13.55
N ARG A 102 48.48 -31.07 -12.37
CA ARG A 102 48.14 -32.26 -11.60
C ARG A 102 47.95 -31.94 -10.11
N GLY A 103 47.75 -30.68 -9.77
CA GLY A 103 47.59 -30.35 -8.36
C GLY A 103 47.49 -28.86 -8.14
N TRP A 104 47.23 -28.53 -6.89
CA TRP A 104 47.05 -27.17 -6.43
C TRP A 104 47.46 -27.08 -4.97
N ILE A 105 48.14 -26.00 -4.63
CA ILE A 105 48.52 -25.67 -3.26
C ILE A 105 47.71 -24.45 -2.84
N PHE A 106 47.06 -24.54 -1.69
CA PHE A 106 46.34 -23.41 -1.12
C PHE A 106 46.82 -23.22 0.31
N GLY A 107 46.66 -22.01 0.82
CA GLY A 107 47.07 -21.73 2.17
C GLY A 107 47.33 -20.24 2.35
N THR A 108 48.03 -19.93 3.42
CA THR A 108 48.34 -18.54 3.76
C THR A 108 49.82 -18.28 3.98
N THR A 109 50.59 -19.26 4.47
CA THR A 109 52.03 -19.14 4.56
C THR A 109 52.77 -20.22 3.80
N LEU A 110 52.12 -21.36 3.54
CA LEU A 110 52.70 -22.51 2.84
C LEU A 110 53.96 -23.01 3.55
N ASP A 111 53.81 -23.27 4.85
CA ASP A 111 54.91 -23.76 5.69
C ASP A 111 54.32 -24.68 6.74
N ASN A 112 55.18 -25.17 7.63
CA ASN A 112 54.70 -25.99 8.74
C ASN A 112 54.19 -25.16 9.91
N THR A 113 54.31 -23.84 9.84
CA THR A 113 53.77 -22.96 10.87
C THR A 113 52.30 -22.67 10.69
N SER A 114 51.70 -23.07 9.57
CA SER A 114 50.29 -22.81 9.31
C SER A 114 49.71 -23.97 8.52
N GLN A 115 48.39 -24.07 8.57
CA GLN A 115 47.70 -25.19 7.92
C GLN A 115 47.34 -24.83 6.49
N SER A 116 47.62 -25.77 5.58
CA SER A 116 47.49 -25.54 4.15
C SER A 116 46.61 -26.63 3.55
N LEU A 117 46.36 -26.52 2.24
CA LEU A 117 45.47 -27.44 1.54
C LEU A 117 46.15 -27.93 0.27
N LEU A 118 46.13 -29.23 0.07
CA LEU A 118 46.74 -29.87 -1.10
C LEU A 118 45.68 -30.60 -1.89
N ILE A 119 45.66 -30.39 -3.20
CA ILE A 119 44.77 -31.14 -4.10
C ILE A 119 45.65 -31.69 -5.21
N VAL A 120 46.03 -32.97 -5.10
CA VAL A 120 46.94 -33.57 -6.09
C VAL A 120 46.36 -34.90 -6.53
N ASN A 121 46.32 -35.14 -7.84
CA ASN A 121 45.74 -36.36 -8.38
C ASN A 121 46.77 -37.13 -9.18
N ASN A 122 46.99 -38.39 -8.80
CA ASN A 122 47.80 -39.30 -9.59
C ASN A 122 46.88 -40.05 -10.55
N ALA A 123 47.37 -41.16 -11.13
CA ALA A 123 46.84 -41.70 -12.37
C ALA A 123 45.38 -42.14 -12.28
N THR A 124 44.88 -42.46 -11.09
CA THR A 124 43.53 -42.97 -10.96
C THR A 124 42.59 -41.99 -10.27
N ASN A 125 42.92 -41.55 -9.05
CA ASN A 125 42.01 -40.75 -8.24
C ASN A 125 42.71 -39.46 -7.79
N VAL A 126 42.03 -38.69 -6.95
CA VAL A 126 42.59 -37.49 -6.37
C VAL A 126 42.98 -37.77 -4.93
N ILE A 127 43.75 -36.85 -4.34
CA ILE A 127 44.10 -36.86 -2.94
C ILE A 127 43.96 -35.43 -2.46
N ILE A 128 43.14 -35.21 -1.44
CA ILE A 128 42.93 -33.89 -0.85
C ILE A 128 43.25 -34.00 0.63
N LYS A 129 44.25 -33.25 1.08
CA LYS A 129 44.68 -33.27 2.48
C LYS A 129 44.82 -31.83 2.95
N VAL A 130 44.05 -31.48 3.99
CA VAL A 130 44.23 -30.21 4.70
C VAL A 130 45.20 -30.47 5.84
N CYS A 131 46.45 -30.05 5.68
CA CYS A 131 47.43 -30.43 6.68
C CYS A 131 48.50 -29.34 6.82
N ASN A 132 49.61 -29.69 7.45
CA ASN A 132 50.65 -28.75 7.85
C ASN A 132 51.93 -29.02 7.07
N PHE A 133 51.80 -29.19 5.75
CA PHE A 133 52.95 -29.51 4.91
C PHE A 133 54.00 -28.42 4.97
N GLN A 134 55.26 -28.83 5.06
CA GLN A 134 56.39 -27.92 4.88
C GLN A 134 56.76 -27.99 3.41
N PHE A 135 56.13 -27.13 2.61
CA PHE A 135 56.40 -27.09 1.18
C PHE A 135 57.78 -26.52 0.93
N CYS A 136 58.54 -27.21 0.10
CA CYS A 136 59.86 -26.73 -0.26
C CYS A 136 59.75 -25.59 -1.26
N TYR A 137 60.84 -24.83 -1.37
CA TYR A 137 60.91 -23.79 -2.39
C TYR A 137 60.94 -24.47 -3.76
N ASP A 138 60.20 -23.91 -4.71
CA ASP A 138 59.99 -24.43 -6.06
C ASP A 138 59.52 -25.88 -6.06
N PRO A 139 58.29 -26.16 -5.64
CA PRO A 139 57.80 -27.54 -5.66
C PRO A 139 57.35 -27.96 -7.05
N TYR A 140 57.47 -29.26 -7.30
CA TYR A 140 57.11 -29.84 -8.59
C TYR A 140 56.76 -31.30 -8.38
N LEU A 141 55.92 -31.81 -9.27
CA LEU A 141 55.49 -33.21 -9.22
C LEU A 141 56.37 -34.03 -10.14
N SER A 142 56.87 -35.16 -9.63
CA SER A 142 57.79 -36.01 -10.38
C SER A 142 56.98 -37.02 -11.17
N GLY A 143 57.02 -36.92 -12.50
CA GLY A 143 56.31 -37.84 -13.37
C GLY A 143 57.26 -38.84 -14.00
N TYR A 144 56.91 -40.12 -13.86
CA TYR A 144 57.77 -41.21 -14.30
C TYR A 144 57.13 -41.92 -15.49
N PHE A 145 57.95 -42.21 -16.50
CA PHE A 145 57.57 -42.93 -17.72
C PHE A 145 56.40 -42.28 -18.45
N PHE A 156 55.25 -36.40 -3.99
CA PHE A 156 56.65 -36.61 -4.32
C PHE A 156 57.52 -35.47 -3.76
N ALA A 157 58.13 -34.71 -4.66
CA ALA A 157 58.98 -33.59 -4.27
C ALA A 157 58.19 -32.28 -4.22
N VAL A 158 57.07 -32.28 -3.49
CA VAL A 158 56.27 -31.08 -3.26
C VAL A 158 56.28 -30.67 -1.80
N TYR A 159 56.31 -31.63 -0.88
CA TYR A 159 56.43 -31.35 0.55
C TYR A 159 57.56 -32.19 1.13
N SER A 160 57.79 -32.01 2.43
CA SER A 160 58.78 -32.79 3.15
C SER A 160 58.25 -33.47 4.40
N SER A 161 57.21 -32.92 5.04
CA SER A 161 56.64 -33.51 6.25
C SER A 161 55.24 -32.98 6.50
N TYR A 162 54.29 -33.86 6.80
CA TYR A 162 52.95 -33.46 7.21
C TYR A 162 52.66 -34.05 8.58
N ALA A 163 52.06 -33.26 9.46
CA ALA A 163 51.73 -33.72 10.80
C ALA A 163 50.65 -32.81 11.38
N ASN A 164 50.01 -33.31 12.45
CA ASN A 164 49.09 -32.54 13.29
C ASN A 164 47.94 -31.96 12.48
N CYS A 165 47.15 -32.84 11.86
CA CYS A 165 46.08 -32.38 10.99
C CYS A 165 44.89 -33.33 11.02
N THR A 166 43.77 -32.82 10.47
CA THR A 166 42.46 -33.43 10.66
C THR A 166 41.89 -34.00 9.36
N PHE A 167 41.76 -33.19 8.32
CA PHE A 167 40.94 -33.57 7.17
C PHE A 167 41.72 -34.44 6.18
N GLU A 168 41.00 -35.30 5.47
CA GLU A 168 41.58 -36.14 4.43
C GLU A 168 40.46 -36.58 3.49
N TYR A 169 40.63 -36.34 2.20
CA TYR A 169 39.62 -36.66 1.19
C TYR A 169 40.29 -37.35 0.02
N VAL A 170 39.70 -38.43 -0.47
CA VAL A 170 40.28 -39.19 -1.57
C VAL A 170 39.28 -39.56 -2.65
N SER A 171 37.98 -39.46 -2.41
CA SER A 171 36.96 -40.05 -3.29
C SER A 171 36.50 -39.01 -4.31
N LYS A 172 37.24 -38.88 -5.41
CA LYS A 172 36.85 -38.11 -6.58
C LYS A 172 37.73 -38.55 -7.75
N PRO A 173 37.14 -38.91 -8.89
CA PRO A 173 37.94 -39.38 -10.02
C PRO A 173 38.40 -38.24 -10.93
N PHE A 174 39.49 -38.52 -11.64
CA PHE A 174 40.03 -37.59 -12.64
C PHE A 174 40.89 -38.41 -13.60
N MET A 175 40.96 -37.94 -14.84
CA MET A 175 41.71 -38.65 -15.88
C MET A 175 43.14 -38.14 -15.91
N LEU A 176 44.10 -39.06 -15.81
CA LEU A 176 45.53 -38.71 -15.83
C LEU A 176 46.26 -39.75 -16.66
N ASP A 177 47.05 -39.29 -17.63
CA ASP A 177 47.91 -40.18 -18.41
C ASP A 177 48.98 -39.34 -19.09
N ILE A 178 50.24 -39.69 -18.87
CA ILE A 178 51.36 -38.99 -19.52
C ILE A 178 51.65 -39.79 -20.80
N SER A 179 50.90 -39.47 -21.85
CA SER A 179 51.04 -40.16 -23.12
C SER A 179 50.54 -39.25 -24.24
N GLY A 180 50.99 -39.54 -25.45
CA GLY A 180 50.58 -38.80 -26.63
C GLY A 180 51.01 -37.34 -26.65
N LYS A 181 52.28 -37.09 -26.32
CA LYS A 181 52.77 -35.73 -26.08
C LYS A 181 53.13 -35.03 -27.39
N SER A 182 52.10 -34.83 -28.23
CA SER A 182 52.29 -34.12 -29.49
C SER A 182 50.93 -33.59 -29.96
N GLY A 183 50.99 -32.54 -30.78
CA GLY A 183 49.80 -32.00 -31.38
C GLY A 183 49.22 -30.83 -30.61
N LEU A 184 48.25 -30.17 -31.22
CA LEU A 184 47.56 -29.04 -30.60
C LEU A 184 46.64 -29.53 -29.50
N PHE A 185 46.35 -28.64 -28.54
CA PHE A 185 45.64 -29.01 -27.33
C PHE A 185 44.22 -29.52 -27.64
N ASP A 186 43.73 -30.40 -26.78
CA ASP A 186 42.44 -31.05 -27.00
C ASP A 186 41.54 -31.06 -25.77
N THR A 187 42.01 -30.60 -24.63
CA THR A 187 41.21 -30.59 -23.40
C THR A 187 41.32 -29.24 -22.73
N LEU A 188 40.19 -28.71 -22.27
CA LEU A 188 40.14 -27.47 -21.51
C LEU A 188 39.37 -27.72 -20.23
N ARG A 189 40.04 -27.60 -19.09
CA ARG A 189 39.43 -27.82 -17.80
C ARG A 189 39.32 -26.49 -17.08
N GLU A 190 38.11 -26.09 -16.72
CA GLU A 190 37.84 -24.83 -16.05
C GLU A 190 37.44 -25.10 -14.61
N PHE A 191 38.01 -24.34 -13.68
CA PHE A 191 37.72 -24.48 -12.26
C PHE A 191 37.47 -23.10 -11.67
N VAL A 192 36.60 -23.06 -10.68
CA VAL A 192 36.39 -21.89 -9.85
C VAL A 192 36.56 -22.32 -8.41
N PHE A 193 37.49 -21.69 -7.71
CA PHE A 193 37.79 -22.01 -6.32
C PHE A 193 37.33 -20.87 -5.43
N ARG A 194 36.57 -21.19 -4.40
CA ARG A 194 36.13 -20.19 -3.44
C ARG A 194 36.27 -20.74 -2.03
N ASN A 195 36.45 -19.84 -1.07
CA ASN A 195 36.63 -20.22 0.33
C ASN A 195 35.73 -19.31 1.16
N VAL A 196 34.48 -19.73 1.36
CA VAL A 196 33.52 -18.93 2.12
C VAL A 196 32.86 -19.80 3.18
N ASP A 197 32.63 -19.19 4.35
CA ASP A 197 31.97 -19.82 5.50
C ASP A 197 32.67 -21.10 5.96
N GLY A 198 34.00 -21.12 5.87
CA GLY A 198 34.73 -22.32 6.24
C GLY A 198 34.61 -23.46 5.24
N TYR A 199 34.08 -23.19 4.06
CA TYR A 199 33.87 -24.18 3.02
C TYR A 199 34.71 -23.82 1.82
N PHE A 200 35.47 -24.80 1.31
CA PHE A 200 36.18 -24.65 0.05
C PHE A 200 35.31 -25.22 -1.06
N LYS A 201 34.70 -24.35 -1.84
CA LYS A 201 33.85 -24.75 -2.95
C LYS A 201 34.68 -24.84 -4.22
N ILE A 202 34.60 -25.99 -4.89
CA ILE A 202 35.25 -26.20 -6.18
C ILE A 202 34.16 -26.44 -7.21
N TYR A 203 34.14 -25.60 -8.25
CA TYR A 203 33.25 -25.74 -9.39
C TYR A 203 34.10 -26.10 -10.60
N SER A 204 33.62 -27.01 -11.45
CA SER A 204 34.44 -27.50 -12.54
C SER A 204 33.62 -27.67 -13.80
N LYS A 205 34.32 -27.66 -14.93
CA LYS A 205 33.76 -27.94 -16.23
C LYS A 205 34.86 -28.45 -17.15
N TYR A 206 34.49 -29.31 -18.09
CA TYR A 206 35.42 -29.87 -19.06
C TYR A 206 34.88 -29.64 -20.46
N SER A 207 35.77 -29.23 -21.37
CA SER A 207 35.34 -28.93 -22.73
C SER A 207 36.47 -29.22 -23.72
N PRO A 208 36.23 -30.04 -24.75
CA PRO A 208 37.26 -30.29 -25.76
C PRO A 208 37.30 -29.17 -26.78
N VAL A 209 38.47 -28.53 -26.90
CA VAL A 209 38.69 -27.44 -27.85
C VAL A 209 39.99 -27.70 -28.58
N ASN A 210 40.14 -27.06 -29.74
CA ASN A 210 41.36 -27.16 -30.54
C ASN A 210 41.79 -25.74 -30.90
N VAL A 211 42.82 -25.25 -30.20
CA VAL A 211 43.26 -23.86 -30.31
C VAL A 211 44.77 -23.83 -30.49
N ASN A 212 45.30 -22.61 -30.60
CA ASN A 212 46.74 -22.37 -30.75
C ASN A 212 47.19 -21.49 -29.59
N SER A 213 47.46 -22.12 -28.44
CA SER A 213 48.07 -21.48 -27.27
C SER A 213 47.29 -20.24 -26.81
N ASN A 214 45.95 -20.34 -26.85
CA ASN A 214 45.11 -19.23 -26.45
C ASN A 214 43.78 -19.74 -25.94
N LEU A 215 43.19 -18.99 -25.02
CA LEU A 215 41.90 -19.37 -24.41
C LEU A 215 40.77 -19.19 -25.41
N PRO A 216 39.95 -20.21 -25.63
CA PRO A 216 38.84 -20.06 -26.58
C PRO A 216 37.76 -19.13 -26.05
N SER A 217 37.16 -18.38 -26.96
CA SER A 217 36.07 -17.51 -26.57
C SER A 217 34.76 -18.31 -26.46
N GLY A 218 33.78 -17.71 -25.80
CA GLY A 218 32.50 -18.36 -25.65
C GLY A 218 31.96 -18.34 -24.24
N PHE A 219 30.87 -19.04 -24.00
CA PHE A 219 30.22 -19.07 -22.70
C PHE A 219 30.57 -20.33 -21.95
N SER A 220 30.76 -20.19 -20.64
CA SER A 220 31.07 -21.32 -19.77
C SER A 220 30.19 -21.28 -18.54
N ALA A 221 29.57 -22.41 -18.22
CA ALA A 221 28.78 -22.57 -17.01
C ALA A 221 29.40 -23.68 -16.19
N LEU A 222 29.99 -23.34 -15.06
CA LEU A 222 30.76 -24.29 -14.27
C LEU A 222 29.84 -24.94 -13.24
N GLU A 223 29.60 -26.25 -13.38
CA GLU A 223 28.75 -26.96 -12.45
C GLU A 223 29.46 -27.14 -11.11
N PRO A 224 28.72 -27.23 -10.01
CA PRO A 224 29.36 -27.47 -8.72
C PRO A 224 29.94 -28.86 -8.63
N LEU A 225 31.21 -28.94 -8.25
CA LEU A 225 31.89 -30.23 -8.16
C LEU A 225 31.94 -30.73 -6.72
N VAL A 226 32.62 -30.02 -5.81
CA VAL A 226 32.91 -30.56 -4.48
C VAL A 226 32.83 -29.39 -3.49
N GLU A 227 32.56 -29.70 -2.21
CA GLU A 227 32.58 -28.62 -1.19
C GLU A 227 33.38 -29.08 0.04
N LEU A 228 34.65 -28.68 0.12
CA LEU A 228 35.53 -29.10 1.25
C LEU A 228 35.13 -28.32 2.51
N PRO A 229 35.03 -28.98 3.70
CA PRO A 229 35.05 -28.26 4.96
C PRO A 229 36.47 -27.97 5.43
N ALA A 230 37.33 -27.55 4.50
CA ALA A 230 38.74 -27.24 4.86
C ALA A 230 38.75 -26.34 6.09
N GLY A 231 37.89 -25.32 6.11
CA GLY A 231 37.82 -24.39 7.25
C GLY A 231 39.18 -23.81 7.56
N ILE A 232 39.83 -23.20 6.56
CA ILE A 232 41.20 -22.64 6.76
C ILE A 232 41.32 -21.26 6.12
N ASN A 233 42.34 -20.49 6.50
CA ASN A 233 42.58 -19.16 5.95
C ASN A 233 43.38 -19.28 4.66
N ILE A 234 42.75 -18.98 3.53
CA ILE A 234 43.39 -19.05 2.22
C ILE A 234 43.57 -17.64 1.71
N THR A 235 44.83 -17.24 1.50
CA THR A 235 45.14 -15.93 0.94
C THR A 235 46.09 -15.98 -0.24
N ARG A 236 46.72 -17.12 -0.53
CA ARG A 236 47.81 -17.16 -1.48
C ARG A 236 47.99 -18.60 -1.94
N PHE A 237 47.96 -18.83 -3.25
CA PHE A 237 47.96 -20.19 -3.78
C PHE A 237 49.12 -20.38 -4.75
N ARG A 238 49.31 -21.63 -5.16
CA ARG A 238 50.35 -22.02 -6.11
C ARG A 238 49.92 -23.29 -6.83
N THR A 239 50.06 -23.30 -8.14
CA THR A 239 49.72 -24.47 -8.94
C THR A 239 50.87 -25.47 -8.96
N LEU A 240 50.57 -26.68 -9.43
CA LEU A 240 51.54 -27.76 -9.52
C LEU A 240 51.61 -28.27 -10.95
N LEU A 241 52.84 -28.41 -11.45
CA LEU A 241 53.09 -28.97 -12.77
C LEU A 241 53.93 -30.23 -12.63
N THR A 242 53.80 -31.12 -13.61
CA THR A 242 54.61 -32.34 -13.60
C THR A 242 55.89 -32.14 -14.39
N ILE A 243 56.89 -32.92 -14.04
CA ILE A 243 58.18 -32.93 -14.72
C ILE A 243 58.39 -34.32 -15.29
N HIS A 244 59.12 -34.41 -16.40
CA HIS A 244 59.45 -35.71 -16.99
C HIS A 244 60.97 -35.81 -17.07
N ARG A 245 61.58 -36.25 -15.97
CA ARG A 245 63.02 -36.53 -16.01
C ARG A 245 63.31 -37.81 -16.79
N GLY A 246 62.55 -38.88 -16.53
CA GLY A 246 62.61 -40.11 -17.30
C GLY A 246 63.92 -40.87 -17.27
N ASP A 247 63.95 -42.06 -17.86
CA ASP A 247 65.23 -42.69 -18.10
C ASP A 247 66.09 -42.19 -19.27
N PRO A 248 65.60 -41.71 -20.43
CA PRO A 248 66.51 -41.48 -21.54
C PRO A 248 67.25 -40.15 -21.49
N MET A 249 67.15 -39.41 -20.40
CA MET A 249 67.89 -38.17 -20.19
C MET A 249 68.81 -38.33 -18.98
N PRO A 250 70.07 -38.70 -19.21
CA PRO A 250 71.03 -38.78 -18.10
C PRO A 250 71.45 -37.42 -17.55
N ASN A 251 71.21 -36.33 -18.29
CA ASN A 251 71.55 -34.99 -17.85
C ASN A 251 70.47 -34.34 -16.99
N ASN A 252 69.58 -35.15 -16.40
CA ASN A 252 68.40 -34.69 -15.67
C ASN A 252 67.54 -33.79 -16.57
N GLY A 253 67.00 -34.40 -17.62
CA GLY A 253 66.27 -33.66 -18.63
C GLY A 253 64.92 -33.17 -18.12
N TRP A 254 64.74 -31.86 -18.08
CA TRP A 254 63.49 -31.24 -17.62
C TRP A 254 62.61 -30.94 -18.83
N THR A 255 62.30 -32.02 -19.56
CA THR A 255 61.48 -31.94 -20.75
C THR A 255 60.02 -31.87 -20.34
N VAL A 256 59.40 -30.72 -20.52
CA VAL A 256 57.99 -30.53 -20.23
C VAL A 256 57.23 -30.47 -21.54
N PHE A 257 55.91 -30.45 -21.43
CA PHE A 257 55.03 -30.60 -22.59
C PHE A 257 54.11 -29.41 -22.70
N SER A 258 53.46 -29.30 -23.86
CA SER A 258 52.63 -28.16 -24.19
C SER A 258 51.42 -28.06 -23.26
N ALA A 259 51.43 -27.07 -22.36
CA ALA A 259 50.34 -26.83 -21.44
C ALA A 259 50.36 -25.37 -21.04
N ALA A 260 49.18 -24.82 -20.77
CA ALA A 260 49.06 -23.40 -20.48
C ALA A 260 47.86 -23.18 -19.56
N TYR A 261 48.06 -22.45 -18.48
CA TYR A 261 46.97 -22.15 -17.57
C TYR A 261 46.76 -20.65 -17.42
N TYR A 262 45.56 -20.32 -16.96
CA TYR A 262 44.97 -18.99 -16.99
C TYR A 262 44.35 -18.74 -15.63
N VAL A 263 44.74 -17.66 -14.96
CA VAL A 263 44.13 -17.32 -13.68
C VAL A 263 43.49 -15.94 -13.77
N GLY A 264 42.24 -15.86 -13.30
CA GLY A 264 41.52 -14.62 -13.16
C GLY A 264 40.96 -14.48 -11.76
N TYR A 265 40.67 -13.26 -11.33
CA TYR A 265 40.30 -12.98 -9.95
C TYR A 265 38.83 -12.58 -9.88
N LEU A 266 38.09 -13.21 -8.97
CA LEU A 266 36.68 -12.89 -8.80
C LEU A 266 36.51 -11.54 -8.11
N ALA A 267 35.48 -10.82 -8.52
CA ALA A 267 35.13 -9.51 -8.02
C ALA A 267 33.64 -9.48 -7.69
N PRO A 268 33.22 -8.66 -6.71
CA PRO A 268 31.79 -8.61 -6.39
C PRO A 268 30.99 -7.87 -7.45
N ARG A 269 30.23 -8.63 -8.24
CA ARG A 269 29.42 -8.10 -9.32
C ARG A 269 27.98 -8.54 -9.13
N THR A 270 27.13 -8.16 -10.09
CA THR A 270 25.71 -8.52 -10.09
C THR A 270 25.40 -9.12 -11.45
N PHE A 271 25.44 -10.45 -11.54
CA PHE A 271 25.14 -11.07 -12.82
C PHE A 271 23.64 -11.27 -12.98
N MET A 272 23.25 -11.46 -14.24
CA MET A 272 21.91 -11.89 -14.59
C MET A 272 22.01 -13.26 -15.22
N LEU A 273 21.40 -14.25 -14.59
CA LEU A 273 21.54 -15.65 -14.98
C LEU A 273 20.23 -16.18 -15.53
N LYS A 274 20.31 -16.99 -16.59
CA LYS A 274 19.15 -17.65 -17.16
C LYS A 274 19.22 -19.13 -16.86
N TYR A 275 18.23 -19.64 -16.13
CA TYR A 275 18.14 -21.05 -15.78
C TYR A 275 17.09 -21.71 -16.67
N ASN A 276 17.49 -22.80 -17.34
CA ASN A 276 16.58 -23.54 -18.20
C ASN A 276 15.85 -24.60 -17.35
N GLU A 277 15.19 -25.54 -18.03
CA GLU A 277 14.40 -26.55 -17.34
C GLU A 277 15.26 -27.52 -16.53
N ASN A 278 16.53 -27.69 -16.88
CA ASN A 278 17.42 -28.58 -16.16
C ASN A 278 18.13 -27.90 -15.00
N GLY A 279 17.90 -26.61 -14.79
CA GLY A 279 18.63 -25.90 -13.76
C GLY A 279 20.04 -25.53 -14.14
N THR A 280 20.34 -25.40 -15.42
CA THR A 280 21.66 -25.05 -15.91
C THR A 280 21.67 -23.62 -16.43
N ILE A 281 22.76 -22.90 -16.15
CA ILE A 281 22.91 -21.52 -16.58
C ILE A 281 23.25 -21.53 -18.06
N THR A 282 22.25 -21.31 -18.91
CA THR A 282 22.51 -21.28 -20.35
C THR A 282 23.15 -19.97 -20.79
N ASP A 283 22.81 -18.85 -20.14
CA ASP A 283 23.34 -17.56 -20.55
C ASP A 283 23.39 -16.63 -19.34
N ALA A 284 24.28 -15.65 -19.42
CA ALA A 284 24.49 -14.71 -18.33
C ALA A 284 24.87 -13.35 -18.89
N VAL A 285 24.59 -12.31 -18.08
CA VAL A 285 24.88 -10.93 -18.42
C VAL A 285 25.66 -10.30 -17.28
N ASP A 286 26.77 -9.65 -17.61
CA ASP A 286 27.65 -9.05 -16.61
C ASP A 286 26.97 -7.91 -15.86
N CYS A 287 26.20 -7.08 -16.58
CA CYS A 287 25.50 -5.88 -16.12
C CYS A 287 26.43 -4.73 -15.73
N SER A 288 27.73 -4.93 -15.76
CA SER A 288 28.69 -3.86 -15.50
C SER A 288 29.68 -3.70 -16.64
N LEU A 289 29.41 -4.32 -17.79
CA LEU A 289 30.36 -4.39 -18.89
C LEU A 289 30.23 -3.19 -19.83
N ASP A 290 29.06 -3.02 -20.43
CA ASP A 290 28.80 -1.94 -21.37
C ASP A 290 27.38 -1.44 -21.12
N PRO A 291 27.03 -0.26 -21.67
CA PRO A 291 25.65 0.22 -21.50
C PRO A 291 24.58 -0.73 -22.02
N LEU A 292 24.88 -1.52 -23.05
CA LEU A 292 23.90 -2.47 -23.57
C LEU A 292 23.57 -3.54 -22.53
N SER A 293 24.58 -4.02 -21.80
CA SER A 293 24.32 -5.04 -20.78
C SER A 293 23.57 -4.46 -19.59
N GLU A 294 23.91 -3.24 -19.18
CA GLU A 294 23.25 -2.70 -17.99
C GLU A 294 21.83 -2.25 -18.31
N ALA A 295 21.59 -1.73 -19.51
CA ALA A 295 20.22 -1.51 -19.94
C ALA A 295 19.48 -2.81 -20.20
N LYS A 296 20.21 -3.87 -20.54
CA LYS A 296 19.71 -5.23 -20.65
C LYS A 296 19.48 -5.86 -19.28
N CYS A 297 20.03 -5.24 -18.23
CA CYS A 297 19.95 -5.78 -16.87
C CYS A 297 18.83 -5.18 -16.04
N THR A 298 18.38 -3.96 -16.36
CA THR A 298 17.27 -3.37 -15.65
C THR A 298 15.92 -3.70 -16.26
N LEU A 299 15.87 -3.99 -17.55
CA LEU A 299 14.62 -4.36 -18.19
C LEU A 299 14.24 -5.82 -17.98
N LYS A 300 15.14 -6.60 -17.36
CA LYS A 300 14.91 -8.02 -17.03
C LYS A 300 14.58 -8.85 -18.26
N SER A 301 15.34 -8.64 -19.32
CA SER A 301 15.23 -9.44 -20.53
C SER A 301 16.58 -9.45 -21.23
N PHE A 302 16.81 -10.46 -22.05
CA PHE A 302 18.05 -10.55 -22.79
C PHE A 302 18.02 -9.81 -24.12
N THR A 303 16.83 -9.45 -24.61
CA THR A 303 16.68 -8.76 -25.89
C THR A 303 15.94 -7.45 -25.64
N VAL A 304 16.65 -6.34 -25.77
CA VAL A 304 16.04 -5.03 -25.65
C VAL A 304 15.56 -4.60 -27.03
N GLU A 305 14.50 -3.80 -27.07
CA GLU A 305 13.91 -3.35 -28.31
C GLU A 305 14.37 -1.92 -28.61
N LYS A 306 13.93 -1.42 -29.76
CA LYS A 306 14.35 -0.09 -30.20
C LYS A 306 13.72 0.98 -29.33
N GLY A 307 14.55 1.85 -28.76
CA GLY A 307 14.07 2.94 -27.95
C GLY A 307 15.14 3.43 -27.00
N ILE A 308 14.70 4.30 -26.09
CA ILE A 308 15.55 4.89 -25.07
C ILE A 308 15.07 4.40 -23.71
N TYR A 309 15.99 3.91 -22.90
CA TYR A 309 15.66 3.29 -21.62
C TYR A 309 16.42 3.98 -20.50
N GLN A 310 15.70 4.37 -19.46
CA GLN A 310 16.34 4.78 -18.22
C GLN A 310 16.95 3.56 -17.54
N THR A 311 18.00 3.79 -16.76
CA THR A 311 18.82 2.69 -16.29
C THR A 311 19.16 2.87 -14.81
N SER A 312 18.96 1.81 -14.03
CA SER A 312 19.44 1.77 -12.66
C SER A 312 20.96 1.64 -12.64
N ASN A 313 21.57 1.94 -11.50
CA ASN A 313 23.03 1.95 -11.41
C ASN A 313 23.58 0.55 -11.20
N PHE A 314 24.53 0.16 -12.04
CA PHE A 314 25.31 -1.06 -11.85
C PHE A 314 26.78 -0.92 -12.16
N ARG A 315 27.22 0.21 -12.76
CA ARG A 315 28.53 0.27 -13.39
C ARG A 315 29.67 0.34 -12.40
N VAL A 316 29.54 1.16 -11.36
CA VAL A 316 30.66 1.48 -10.47
C VAL A 316 30.44 0.80 -9.13
N GLN A 317 31.49 0.17 -8.61
CA GLN A 317 31.48 -0.50 -7.33
C GLN A 317 32.67 -0.02 -6.50
N PRO A 318 32.49 0.12 -5.19
CA PRO A 318 33.62 0.54 -4.34
C PRO A 318 34.67 -0.55 -4.24
N THR A 319 35.91 -0.12 -4.08
CA THR A 319 37.04 -1.03 -3.95
C THR A 319 37.76 -0.89 -2.62
N ASP A 320 38.06 0.34 -2.21
CA ASP A 320 38.80 0.58 -0.98
C ASP A 320 37.86 0.81 0.20
N SER A 321 38.41 0.67 1.40
CA SER A 321 37.69 0.95 2.64
C SER A 321 38.51 1.92 3.45
N ILE A 322 37.88 2.98 3.95
CA ILE A 322 38.55 4.05 4.68
C ILE A 322 38.00 4.06 6.10
N VAL A 323 38.89 3.96 7.08
CA VAL A 323 38.53 4.09 8.48
C VAL A 323 39.38 5.20 9.07
N ARG A 324 38.74 6.13 9.78
CA ARG A 324 39.41 7.30 10.32
C ARG A 324 38.82 7.61 11.69
N PHE A 325 39.60 7.37 12.73
CA PHE A 325 39.21 7.59 14.11
C PHE A 325 40.05 8.72 14.71
N PRO A 326 39.58 9.36 15.78
CA PRO A 326 40.38 10.41 16.42
C PRO A 326 41.68 9.87 16.99
N ASN A 327 42.70 10.73 16.97
CA ASN A 327 44.04 10.39 17.42
C ASN A 327 44.06 10.39 18.95
N ILE A 328 43.58 9.28 19.52
CA ILE A 328 43.69 9.02 20.94
C ILE A 328 44.22 7.61 21.13
N THR A 329 45.23 7.47 21.99
CA THR A 329 45.92 6.21 22.18
C THR A 329 45.86 5.70 23.61
N ASN A 330 45.21 6.43 24.52
CA ASN A 330 45.17 6.02 25.92
C ASN A 330 44.28 4.80 26.10
N LEU A 331 44.86 3.73 26.61
CA LEU A 331 44.08 2.52 26.91
C LEU A 331 43.11 2.81 28.04
N CYS A 332 41.92 2.25 27.93
CA CYS A 332 40.88 2.63 28.87
C CYS A 332 41.07 1.89 30.19
N PRO A 333 40.86 2.56 31.33
CA PRO A 333 41.04 1.87 32.62
C PRO A 333 39.99 0.81 32.90
N PHE A 334 40.14 -0.34 32.24
CA PHE A 334 39.34 -1.50 32.60
C PHE A 334 39.90 -2.25 33.80
N GLY A 335 41.10 -1.89 34.26
CA GLY A 335 41.68 -2.44 35.46
C GLY A 335 41.21 -1.79 36.73
N GLU A 336 40.37 -0.76 36.64
CA GLU A 336 39.75 -0.13 37.80
C GLU A 336 38.25 -0.21 37.79
N VAL A 337 37.61 -0.11 36.60
CA VAL A 337 36.19 -0.38 36.51
C VAL A 337 35.92 -1.85 36.79
N PHE A 338 36.68 -2.74 36.18
CA PHE A 338 36.70 -4.16 36.52
C PHE A 338 37.92 -4.44 37.37
N ASN A 339 37.82 -5.49 38.20
CA ASN A 339 38.87 -5.90 39.14
C ASN A 339 39.25 -4.75 40.08
N ALA A 340 38.29 -4.39 40.91
CA ALA A 340 38.50 -3.47 42.01
C ALA A 340 38.44 -4.24 43.32
N THR A 341 38.94 -3.62 44.39
CA THR A 341 38.94 -4.26 45.69
C THR A 341 37.51 -4.42 46.22
N THR A 342 36.74 -3.33 46.21
CA THR A 342 35.35 -3.36 46.64
C THR A 342 34.50 -2.61 45.62
N PHE A 343 33.35 -3.16 45.29
CA PHE A 343 32.35 -2.42 44.54
C PHE A 343 31.37 -1.74 45.48
N ALA A 344 30.51 -0.90 44.91
CA ALA A 344 29.45 -0.30 45.68
C ALA A 344 28.28 -1.27 45.83
N SER A 345 27.52 -1.09 46.91
CA SER A 345 26.31 -1.87 47.10
C SER A 345 25.25 -1.43 46.08
N VAL A 346 24.30 -2.34 45.82
CA VAL A 346 23.35 -2.12 44.74
C VAL A 346 22.39 -0.97 45.07
N TYR A 347 22.14 -0.71 46.35
CA TYR A 347 21.27 0.40 46.70
C TYR A 347 21.97 1.75 46.55
N ALA A 348 23.30 1.75 46.51
CA ALA A 348 24.11 2.96 46.40
C ALA A 348 25.12 2.80 45.27
N TRP A 349 24.62 2.40 44.10
CA TRP A 349 25.48 2.01 42.98
C TRP A 349 26.30 3.19 42.47
N ASN A 350 27.54 2.90 42.12
CA ASN A 350 28.50 3.93 41.71
C ASN A 350 28.23 4.39 40.29
N ARG A 351 28.57 5.66 40.03
CA ARG A 351 28.54 6.25 38.70
C ARG A 351 29.94 6.72 38.36
N LYS A 352 30.45 6.29 37.21
CA LYS A 352 31.79 6.68 36.78
C LYS A 352 31.72 7.08 35.31
N ARG A 353 32.25 8.26 35.00
CA ARG A 353 32.28 8.72 33.63
C ARG A 353 33.54 8.20 32.95
N ILE A 354 33.36 7.49 31.85
CA ILE A 354 34.48 6.95 31.08
C ILE A 354 34.74 7.90 29.92
N SER A 355 35.97 8.42 29.82
CA SER A 355 36.27 9.44 28.84
C SER A 355 37.73 9.35 28.42
N ASN A 356 37.99 9.76 27.17
CA ASN A 356 39.31 9.80 26.56
C ASN A 356 40.00 8.43 26.63
N CYS A 357 39.25 7.41 26.24
CA CYS A 357 39.67 6.02 26.29
C CYS A 357 39.87 5.48 24.88
N VAL A 358 40.25 4.21 24.81
CA VAL A 358 40.01 3.37 23.64
C VAL A 358 39.36 2.09 24.15
N ALA A 359 38.25 1.70 23.53
CA ALA A 359 37.37 0.67 24.08
C ALA A 359 37.66 -0.66 23.42
N ASP A 360 38.66 -1.36 23.93
CA ASP A 360 38.94 -2.73 23.54
C ASP A 360 38.69 -3.64 24.74
N TYR A 361 37.79 -4.60 24.56
CA TYR A 361 37.47 -5.56 25.60
C TYR A 361 38.40 -6.76 25.58
N SER A 362 39.33 -6.81 24.62
CA SER A 362 40.22 -7.96 24.49
C SER A 362 41.24 -8.03 25.63
N VAL A 363 41.48 -6.93 26.35
CA VAL A 363 42.40 -6.95 27.47
C VAL A 363 41.80 -7.62 28.71
N LEU A 364 40.50 -7.90 28.70
CA LEU A 364 39.85 -8.56 29.82
C LEU A 364 39.75 -10.07 29.66
N TYR A 365 40.14 -10.61 28.50
CA TYR A 365 40.06 -12.05 28.29
C TYR A 365 41.10 -12.80 29.11
N ASN A 366 42.14 -12.12 29.56
CA ASN A 366 43.22 -12.78 30.30
C ASN A 366 42.75 -13.26 31.66
N SER A 367 41.89 -12.49 32.32
CA SER A 367 41.54 -12.76 33.71
C SER A 367 40.07 -13.02 33.97
N THR A 368 39.14 -12.27 33.38
CA THR A 368 37.73 -12.34 33.71
C THR A 368 36.96 -12.95 32.56
N SER A 369 36.08 -13.91 32.89
CA SER A 369 35.13 -14.47 31.94
C SER A 369 33.75 -13.96 32.33
N PHE A 370 33.06 -13.34 31.37
CA PHE A 370 31.80 -12.66 31.65
C PHE A 370 30.65 -13.67 31.60
N SER A 371 29.92 -13.77 32.71
CA SER A 371 28.78 -14.68 32.75
C SER A 371 27.65 -14.21 31.84
N THR A 372 27.28 -12.94 31.94
CA THR A 372 26.29 -12.34 31.06
C THR A 372 26.91 -11.12 30.38
N PHE A 373 26.64 -10.99 29.08
CA PHE A 373 27.08 -9.83 28.29
C PHE A 373 25.96 -9.55 27.29
N LYS A 374 25.05 -8.67 27.68
CA LYS A 374 23.90 -8.32 26.85
C LYS A 374 24.06 -6.88 26.38
N CYS A 375 23.63 -6.58 25.16
CA CYS A 375 23.73 -5.23 24.64
C CYS A 375 22.43 -4.82 23.97
N TYR A 376 21.96 -3.63 24.30
CA TYR A 376 20.73 -3.07 23.75
C TYR A 376 21.06 -1.83 22.95
N GLY A 377 20.56 -1.76 21.72
CA GLY A 377 20.79 -0.65 20.84
C GLY A 377 21.96 -0.83 19.89
N VAL A 378 23.01 -1.53 20.33
CA VAL A 378 24.17 -1.83 19.50
C VAL A 378 24.43 -3.32 19.54
N SER A 379 25.18 -3.80 18.56
CA SER A 379 25.51 -5.21 18.53
C SER A 379 26.88 -5.45 19.16
N PRO A 380 27.05 -6.57 19.87
CA PRO A 380 28.35 -6.84 20.51
C PRO A 380 29.50 -6.97 19.54
N THR A 381 29.26 -7.50 18.33
CA THR A 381 30.31 -7.64 17.35
C THR A 381 30.60 -6.36 16.59
N LYS A 382 29.75 -5.34 16.73
CA LYS A 382 29.95 -4.04 16.10
C LYS A 382 30.47 -3.00 17.07
N LEU A 383 30.94 -3.41 18.25
CA LEU A 383 31.45 -2.46 19.22
C LEU A 383 32.82 -1.93 18.83
N ASN A 384 33.64 -2.75 18.18
CA ASN A 384 35.00 -2.34 17.82
C ASN A 384 35.04 -1.32 16.69
N ASP A 385 33.91 -1.10 16.00
CA ASP A 385 33.86 -0.16 14.88
C ASP A 385 33.01 1.06 15.20
N LEU A 386 32.82 1.38 16.48
CA LEU A 386 31.96 2.47 16.89
C LEU A 386 32.72 3.44 17.79
N CYS A 387 32.32 4.70 17.73
CA CYS A 387 32.88 5.75 18.57
C CYS A 387 31.75 6.42 19.33
N PHE A 388 31.83 6.39 20.64
CA PHE A 388 30.80 6.92 21.51
C PHE A 388 31.22 8.30 22.02
N THR A 389 30.34 8.92 22.81
CA THR A 389 30.62 10.27 23.31
C THR A 389 30.57 10.39 24.84
N ASN A 390 29.61 9.74 25.49
CA ASN A 390 29.35 9.94 26.92
C ASN A 390 29.11 8.64 27.64
N VAL A 391 30.03 7.68 27.48
CA VAL A 391 29.90 6.38 28.13
C VAL A 391 29.94 6.55 29.64
N TYR A 392 28.91 6.03 30.32
CA TYR A 392 28.86 5.97 31.77
C TYR A 392 28.95 4.52 32.22
N ALA A 393 29.43 4.30 33.44
CA ALA A 393 29.70 2.95 33.94
C ALA A 393 29.12 2.77 35.35
N ASP A 394 27.88 2.30 35.42
CA ASP A 394 27.32 1.84 36.68
C ASP A 394 28.02 0.57 37.12
N SER A 395 28.17 0.40 38.43
CA SER A 395 28.83 -0.80 38.93
C SER A 395 28.31 -1.13 40.32
N PHE A 396 27.97 -2.40 40.53
CA PHE A 396 27.45 -2.84 41.83
C PHE A 396 27.62 -4.35 41.96
N VAL A 397 27.17 -4.88 43.08
CA VAL A 397 27.25 -6.31 43.40
C VAL A 397 25.87 -6.79 43.79
N VAL A 398 25.38 -7.82 43.09
CA VAL A 398 24.12 -8.49 43.42
C VAL A 398 24.41 -9.98 43.57
N ARG A 399 23.41 -10.72 44.01
CA ARG A 399 23.53 -12.16 44.00
C ARG A 399 23.22 -12.69 42.60
N GLY A 400 23.50 -13.98 42.40
CA GLY A 400 23.37 -14.56 41.06
C GLY A 400 21.94 -14.58 40.56
N ASP A 401 20.99 -14.96 41.42
CA ASP A 401 19.60 -15.09 41.03
C ASP A 401 18.98 -13.76 40.61
N GLU A 402 19.56 -12.63 41.01
CA GLU A 402 19.08 -11.32 40.63
C GLU A 402 19.80 -10.74 39.43
N VAL A 403 20.77 -11.45 38.87
CA VAL A 403 21.53 -10.93 37.72
C VAL A 403 20.62 -10.75 36.52
N ARG A 404 19.63 -11.63 36.36
CA ARG A 404 18.64 -11.49 35.29
C ARG A 404 17.77 -10.26 35.44
N GLN A 405 17.72 -9.65 36.62
CA GLN A 405 16.87 -8.47 36.83
C GLN A 405 17.48 -7.20 36.29
N ILE A 406 18.75 -7.21 35.87
CA ILE A 406 19.39 -6.01 35.33
C ILE A 406 19.12 -6.02 33.84
N ALA A 407 17.94 -5.52 33.47
CA ALA A 407 17.48 -5.49 32.09
C ALA A 407 16.32 -4.52 32.01
N PRO A 408 16.13 -3.86 30.87
CA PRO A 408 14.96 -2.97 30.73
C PRO A 408 13.68 -3.79 30.70
N GLY A 409 12.66 -3.29 31.42
CA GLY A 409 11.38 -3.96 31.48
C GLY A 409 11.28 -5.09 32.47
N GLN A 410 12.32 -5.35 33.25
CA GLN A 410 12.25 -6.41 34.24
C GLN A 410 11.67 -5.88 35.55
N THR A 411 11.24 -6.81 36.39
CA THR A 411 10.73 -6.50 37.72
C THR A 411 11.34 -7.48 38.72
N GLY A 412 11.14 -7.18 39.98
CA GLY A 412 11.68 -7.99 41.05
C GLY A 412 12.00 -7.11 42.24
N LYS A 413 13.13 -7.43 42.90
CA LYS A 413 13.58 -6.67 44.05
C LYS A 413 14.65 -5.65 43.69
N ILE A 414 15.61 -6.03 42.86
CA ILE A 414 16.64 -5.09 42.42
C ILE A 414 16.05 -4.07 41.45
N ALA A 415 15.25 -4.52 40.49
CA ALA A 415 14.74 -3.65 39.45
C ALA A 415 13.60 -2.75 39.91
N ASP A 416 13.09 -2.95 41.11
CA ASP A 416 12.01 -2.12 41.64
C ASP A 416 12.45 -1.19 42.74
N TYR A 417 13.40 -1.61 43.58
CA TYR A 417 13.80 -0.84 44.75
C TYR A 417 15.23 -0.36 44.72
N ASN A 418 16.08 -0.93 43.87
CA ASN A 418 17.50 -0.66 43.90
C ASN A 418 18.03 0.01 42.65
N TYR A 419 17.78 -0.57 41.47
CA TYR A 419 18.38 -0.06 40.25
C TYR A 419 17.51 -0.47 39.07
N LYS A 420 16.96 0.52 38.36
CA LYS A 420 16.04 0.27 37.27
C LYS A 420 16.60 0.87 35.98
N LEU A 421 16.64 0.07 34.92
CA LEU A 421 17.07 0.55 33.62
C LEU A 421 15.90 1.19 32.88
N PRO A 422 16.15 2.23 32.09
CA PRO A 422 15.08 2.84 31.30
C PRO A 422 14.62 1.93 30.18
N ASP A 423 13.39 2.16 29.72
CA ASP A 423 12.79 1.32 28.69
C ASP A 423 13.45 1.54 27.32
N ASP A 424 14.16 2.63 27.12
CA ASP A 424 14.84 2.93 25.86
C ASP A 424 16.35 2.92 26.04
N PHE A 425 16.84 1.91 26.76
CA PHE A 425 18.26 1.82 27.08
C PHE A 425 19.09 1.56 25.84
N THR A 426 20.24 2.22 25.76
CA THR A 426 21.23 2.01 24.70
C THR A 426 22.57 1.81 25.39
N GLY A 427 22.91 0.56 25.66
CA GLY A 427 24.11 0.27 26.41
C GLY A 427 24.39 -1.20 26.43
N CYS A 428 25.19 -1.61 27.41
CA CYS A 428 25.59 -3.01 27.55
C CYS A 428 25.69 -3.37 29.02
N VAL A 429 25.02 -4.46 29.40
CA VAL A 429 25.08 -4.98 30.76
C VAL A 429 26.06 -6.14 30.80
N ILE A 430 27.04 -6.07 31.69
CA ILE A 430 28.06 -7.10 31.87
C ILE A 430 27.96 -7.58 33.31
N ALA A 431 28.03 -8.89 33.51
CA ALA A 431 28.02 -9.43 34.86
C ALA A 431 28.87 -10.69 34.90
N TRP A 432 29.68 -10.81 35.94
CA TRP A 432 30.53 -11.98 36.08
C TRP A 432 30.57 -12.44 37.53
N ASN A 433 30.82 -13.73 37.71
CA ASN A 433 30.88 -14.32 39.04
C ASN A 433 32.04 -13.73 39.83
N SER A 434 31.77 -13.36 41.07
CA SER A 434 32.74 -12.64 41.89
C SER A 434 33.05 -13.35 43.20
N ASN A 435 32.68 -14.62 43.35
CA ASN A 435 33.14 -15.38 44.49
C ASN A 435 34.65 -15.62 44.36
N ASN A 436 35.29 -15.77 45.52
CA ASN A 436 36.73 -15.78 45.88
C ASN A 436 37.30 -14.36 45.89
N LEU A 437 36.50 -13.36 45.58
CA LEU A 437 36.91 -11.96 45.62
C LEU A 437 35.96 -11.10 46.45
N ASP A 438 34.66 -11.41 46.44
CA ASP A 438 33.66 -10.61 47.15
C ASP A 438 32.99 -11.40 48.26
N SER A 439 33.59 -12.50 48.70
CA SER A 439 33.04 -13.30 49.78
C SER A 439 34.17 -14.03 50.49
N LYS A 440 34.27 -13.83 51.80
CA LYS A 440 35.27 -14.48 52.62
C LYS A 440 34.60 -15.45 53.59
N VAL A 441 35.43 -16.20 54.31
CA VAL A 441 34.91 -17.16 55.28
C VAL A 441 34.27 -16.41 56.45
N GLY A 442 33.17 -16.98 56.95
CA GLY A 442 32.41 -16.34 58.01
C GLY A 442 31.39 -15.34 57.55
N GLY A 443 31.34 -15.03 56.26
CA GLY A 443 30.31 -14.14 55.73
C GLY A 443 30.79 -12.75 55.40
N ASN A 444 30.53 -12.31 54.17
CA ASN A 444 30.85 -10.94 53.74
C ASN A 444 29.57 -10.11 53.80
N TYR A 445 29.27 -9.62 55.00
CA TYR A 445 28.08 -8.81 55.21
C TYR A 445 28.37 -7.32 54.99
N ASN A 446 28.94 -6.99 53.83
CA ASN A 446 29.26 -5.61 53.50
C ASN A 446 28.42 -5.05 52.36
N TYR A 447 27.77 -5.90 51.57
CA TYR A 447 26.93 -5.46 50.47
C TYR A 447 25.48 -5.48 50.92
N LEU A 448 24.79 -4.37 50.72
CA LEU A 448 23.44 -4.18 51.22
C LEU A 448 22.49 -3.93 50.06
N TYR A 449 21.24 -4.35 50.24
CA TYR A 449 20.19 -4.09 49.27
C TYR A 449 18.96 -3.57 49.99
N ARG A 450 18.21 -2.72 49.31
CA ARG A 450 16.98 -2.17 49.85
C ARG A 450 15.85 -3.14 49.59
N LEU A 451 15.18 -3.59 50.64
CA LEU A 451 14.15 -4.61 50.50
C LEU A 451 12.74 -4.03 50.61
N PHE A 452 12.56 -2.94 51.35
CA PHE A 452 11.29 -2.23 51.43
C PHE A 452 11.44 -0.83 50.86
N ARG A 453 10.45 -0.42 50.07
CA ARG A 453 10.36 0.96 49.61
C ARG A 453 8.91 1.33 49.46
N LYS A 454 8.62 2.63 49.58
CA LYS A 454 7.24 3.09 49.49
C LYS A 454 6.69 3.01 48.07
N SER A 455 7.55 3.23 47.07
CA SER A 455 7.12 3.25 45.69
C SER A 455 8.23 2.69 44.82
N ASN A 456 7.89 2.37 43.57
CA ASN A 456 8.86 1.87 42.63
C ASN A 456 9.85 2.98 42.22
N LEU A 457 11.08 2.57 41.93
CA LEU A 457 12.11 3.50 41.51
C LEU A 457 11.91 3.91 40.06
N LYS A 458 12.13 5.20 39.78
CA LYS A 458 12.23 5.66 38.42
C LYS A 458 13.58 5.26 37.84
N PRO A 459 13.72 5.20 36.51
CA PRO A 459 15.00 4.77 35.92
C PRO A 459 16.16 5.68 36.30
N PHE A 460 17.30 5.04 36.57
CA PHE A 460 18.57 5.70 36.92
C PHE A 460 18.43 6.61 38.13
N GLU A 461 17.62 6.20 39.10
CA GLU A 461 17.41 6.95 40.32
C GLU A 461 18.01 6.17 41.50
N ARG A 462 18.67 6.90 42.40
CA ARG A 462 19.33 6.31 43.56
C ARG A 462 18.57 6.67 44.83
N ASP A 463 18.48 5.72 45.75
CA ASP A 463 17.76 5.91 47.00
C ASP A 463 18.65 5.41 48.14
N ILE A 464 19.42 6.32 48.74
CA ILE A 464 20.31 5.97 49.83
C ILE A 464 19.72 6.34 51.19
N SER A 465 18.43 6.64 51.24
CA SER A 465 17.78 6.99 52.49
C SER A 465 17.66 5.77 53.39
N THR A 466 17.71 6.00 54.70
CA THR A 466 17.69 4.94 55.70
C THR A 466 16.53 5.09 56.68
N GLU A 467 15.45 5.77 56.27
CA GLU A 467 14.31 5.94 57.14
C GLU A 467 13.56 4.62 57.33
N ILE A 468 12.92 4.48 58.49
CA ILE A 468 12.23 3.25 58.83
C ILE A 468 10.96 3.13 57.98
N TYR A 469 10.79 1.97 57.35
CA TYR A 469 9.64 1.71 56.50
C TYR A 469 8.45 1.29 57.35
N GLN A 470 7.28 1.85 57.06
CA GLN A 470 6.06 1.48 57.76
C GLN A 470 5.35 0.38 57.00
N ALA A 471 5.17 -0.77 57.65
CA ALA A 471 4.48 -1.90 57.03
C ALA A 471 3.12 -2.17 57.63
N GLY A 472 2.74 -1.48 58.71
CA GLY A 472 1.45 -1.70 59.33
C GLY A 472 0.60 -0.45 59.41
N SER A 473 0.18 -0.09 60.61
CA SER A 473 -0.66 1.08 60.84
C SER A 473 -0.01 2.14 61.69
N THR A 474 0.62 1.77 62.81
CA THR A 474 1.22 2.74 63.71
C THR A 474 2.51 3.31 63.10
N PRO A 475 2.80 4.59 63.36
CA PRO A 475 4.07 5.16 62.89
C PRO A 475 5.30 4.60 63.60
N CYS A 476 5.13 3.98 64.76
CA CYS A 476 6.17 3.35 65.60
C CYS A 476 7.36 4.27 65.88
N ASN A 477 7.13 5.59 65.86
CA ASN A 477 8.05 6.68 66.19
C ASN A 477 9.49 6.51 65.69
N GLY A 478 9.64 5.95 64.49
CA GLY A 478 10.95 5.84 63.87
C GLY A 478 11.94 4.92 64.55
N VAL A 479 11.47 3.78 65.06
CA VAL A 479 12.34 2.73 65.57
C VAL A 479 11.89 1.41 64.95
N GLU A 480 12.71 0.38 65.14
CA GLU A 480 12.37 -0.95 64.64
C GLU A 480 11.39 -1.62 65.58
N GLY A 481 11.01 -2.85 65.24
CA GLY A 481 10.09 -3.61 66.08
C GLY A 481 9.00 -4.32 65.31
N PHE A 482 7.74 -4.03 65.64
CA PHE A 482 6.60 -4.70 65.05
C PHE A 482 5.99 -3.84 63.95
N ASN A 483 5.73 -4.46 62.79
CA ASN A 483 5.06 -3.85 61.64
C ASN A 483 5.81 -2.65 61.06
N CYS A 484 7.10 -2.51 61.39
CA CYS A 484 7.95 -1.50 60.77
C CYS A 484 9.39 -1.95 60.87
N TYR A 485 10.09 -1.93 59.75
CA TYR A 485 11.38 -2.60 59.61
C TYR A 485 12.43 -1.65 59.05
N PHE A 486 13.69 -2.03 59.26
CA PHE A 486 14.79 -1.36 58.58
C PHE A 486 14.72 -1.64 57.08
N PRO A 487 14.95 -0.64 56.23
CA PRO A 487 14.78 -0.85 54.79
C PRO A 487 15.91 -1.63 54.14
N LEU A 488 17.14 -1.47 54.64
CA LEU A 488 18.31 -2.09 54.03
C LEU A 488 18.66 -3.37 54.76
N LYS A 489 18.97 -4.41 53.99
CA LYS A 489 19.41 -5.68 54.54
C LYS A 489 20.72 -6.09 53.88
N SER A 490 21.62 -6.67 54.67
CA SER A 490 22.93 -7.04 54.17
C SER A 490 22.89 -8.42 53.51
N TYR A 491 23.67 -8.57 52.45
CA TYR A 491 23.81 -9.87 51.80
C TYR A 491 24.60 -10.83 52.69
N GLY A 492 24.38 -12.11 52.46
CA GLY A 492 24.97 -13.15 53.29
C GLY A 492 25.98 -14.00 52.54
N PHE A 493 26.86 -13.35 51.77
CA PHE A 493 27.77 -14.05 50.89
C PHE A 493 28.76 -14.90 51.68
N HIS A 494 28.82 -16.19 51.33
CA HIS A 494 29.71 -17.18 51.90
C HIS A 494 30.43 -17.91 50.77
N PRO A 495 31.66 -18.37 51.00
CA PRO A 495 32.39 -19.06 49.93
C PRO A 495 31.81 -20.42 49.56
N THR A 496 31.00 -21.03 50.42
CA THR A 496 30.44 -22.34 50.18
C THR A 496 28.96 -22.28 49.80
N ASN A 497 28.43 -21.10 49.51
CA ASN A 497 27.03 -20.97 49.16
C ASN A 497 26.81 -21.41 47.71
N GLY A 498 25.54 -21.64 47.37
CA GLY A 498 25.20 -22.05 46.02
C GLY A 498 25.41 -20.93 45.02
N VAL A 499 25.50 -21.31 43.75
CA VAL A 499 25.80 -20.37 42.69
C VAL A 499 24.65 -19.38 42.48
N GLY A 500 23.44 -19.77 42.84
CA GLY A 500 22.34 -18.82 42.83
C GLY A 500 22.42 -17.75 43.90
N TYR A 501 23.28 -17.95 44.91
CA TYR A 501 23.41 -16.98 45.99
C TYR A 501 24.87 -16.52 46.10
N GLN A 502 25.74 -16.97 45.21
CA GLN A 502 27.10 -16.47 45.16
C GLN A 502 27.11 -15.02 44.67
N PRO A 503 28.07 -14.21 45.11
CA PRO A 503 28.07 -12.80 44.68
C PRO A 503 28.49 -12.64 43.23
N TYR A 504 27.86 -11.70 42.55
CA TYR A 504 28.16 -11.36 41.17
C TYR A 504 28.46 -9.88 41.08
N ARG A 505 29.33 -9.51 40.15
CA ARG A 505 29.67 -8.12 39.90
C ARG A 505 29.06 -7.70 38.58
N VAL A 506 28.35 -6.56 38.58
CA VAL A 506 27.64 -6.07 37.42
C VAL A 506 28.17 -4.68 37.08
N VAL A 507 28.52 -4.48 35.81
CA VAL A 507 28.90 -3.19 35.25
C VAL A 507 27.98 -2.90 34.08
N VAL A 508 27.31 -1.76 34.12
CA VAL A 508 26.36 -1.36 33.09
C VAL A 508 26.90 -0.13 32.40
N LEU A 509 27.18 -0.24 31.10
CA LEU A 509 27.74 0.85 30.32
C LEU A 509 26.66 1.49 29.47
N SER A 510 26.65 2.83 29.46
CA SER A 510 25.66 3.60 28.74
C SER A 510 26.35 4.46 27.69
N PHE A 511 25.90 4.33 26.43
CA PHE A 511 26.39 5.11 25.31
C PHE A 511 25.33 6.12 24.90
N GLU A 512 25.76 7.14 24.14
CA GLU A 512 24.81 8.13 23.61
C GLU A 512 24.84 8.25 22.09
N LEU A 513 26.03 8.31 21.48
CA LEU A 513 26.20 8.37 20.02
C LEU A 513 25.55 9.62 19.43
N LEU A 514 26.05 10.78 19.84
CA LEU A 514 25.46 12.06 19.46
C LEU A 514 26.25 12.70 18.32
N ASN A 515 25.88 13.93 17.97
CA ASN A 515 26.61 14.74 16.99
C ASN A 515 27.66 15.59 17.69
N ALA A 516 28.52 14.91 18.44
CA ALA A 516 29.54 15.50 19.29
C ALA A 516 30.87 14.87 18.96
N PRO A 517 31.99 15.53 19.29
CA PRO A 517 33.29 14.90 19.10
C PRO A 517 33.41 13.59 19.86
N ALA A 518 34.02 12.60 19.22
CA ALA A 518 34.13 11.27 19.80
C ALA A 518 35.09 11.29 20.98
N THR A 519 34.65 10.69 22.08
CA THR A 519 35.43 10.68 23.31
C THR A 519 36.08 9.33 23.57
N VAL A 520 35.38 8.24 23.28
CA VAL A 520 35.91 6.89 23.38
C VAL A 520 35.70 6.20 22.04
N CYS A 521 36.70 5.43 21.60
CA CYS A 521 36.67 4.79 20.31
C CYS A 521 37.01 3.31 20.44
N GLY A 522 36.70 2.56 19.40
CA GLY A 522 37.09 1.17 19.32
C GLY A 522 38.56 1.03 19.00
N PRO A 523 39.05 -0.21 19.09
CA PRO A 523 40.48 -0.46 18.83
C PRO A 523 40.84 -0.51 17.35
N LYS A 524 39.90 -0.23 16.45
CA LYS A 524 40.18 -0.26 15.02
C LYS A 524 41.07 0.90 14.64
N LYS A 525 42.20 0.60 14.02
CA LYS A 525 43.17 1.63 13.66
C LYS A 525 42.76 2.34 12.38
N SER A 526 43.23 3.57 12.23
CA SER A 526 42.84 4.42 11.11
C SER A 526 43.65 4.07 9.87
N THR A 527 43.21 4.62 8.73
CA THR A 527 43.91 4.43 7.46
C THR A 527 44.19 5.79 6.82
N ASN A 528 44.64 5.78 5.57
CA ASN A 528 45.00 7.00 4.86
C ASN A 528 43.82 7.43 3.99
N LEU A 529 43.47 8.70 4.06
CA LEU A 529 42.31 9.22 3.35
C LEU A 529 42.59 9.35 1.86
N ILE A 530 41.64 8.92 1.05
CA ILE A 530 41.69 9.11 -0.40
C ILE A 530 40.40 9.77 -0.85
N LYS A 531 40.52 10.78 -1.71
CA LYS A 531 39.40 11.58 -2.17
C LYS A 531 39.14 11.31 -3.65
N ASN A 532 37.96 11.79 -4.09
CA ASN A 532 37.52 11.71 -5.49
C ASN A 532 37.50 10.27 -6.01
N LYS A 533 37.04 9.35 -5.17
CA LYS A 533 37.01 7.94 -5.53
C LYS A 533 35.90 7.26 -4.74
N CYS A 534 35.22 6.31 -5.39
CA CYS A 534 34.09 5.61 -4.77
C CYS A 534 34.61 4.65 -3.72
N VAL A 535 34.46 5.02 -2.44
CA VAL A 535 35.01 4.24 -1.35
C VAL A 535 33.94 4.07 -0.27
N ASN A 536 34.17 3.07 0.59
CA ASN A 536 33.43 2.91 1.83
C ASN A 536 34.21 3.60 2.94
N PHE A 537 33.58 4.59 3.57
CA PHE A 537 34.23 5.36 4.61
C PHE A 537 33.67 5.02 5.98
N ASN A 538 34.45 5.34 7.01
CA ASN A 538 34.04 5.12 8.40
C ASN A 538 34.65 6.23 9.25
N PHE A 539 33.90 7.29 9.46
CA PHE A 539 34.32 8.42 10.27
C PHE A 539 33.58 8.39 11.60
N ASN A 540 34.33 8.26 12.70
CA ASN A 540 33.79 8.26 14.06
C ASN A 540 32.73 7.17 14.25
N GLY A 541 32.97 6.01 13.64
CA GLY A 541 31.99 4.93 13.68
C GLY A 541 30.72 5.21 12.92
N LEU A 542 30.81 5.90 11.79
CA LEU A 542 29.67 6.17 10.92
C LEU A 542 30.05 5.64 9.53
N THR A 543 29.68 4.40 9.24
CA THR A 543 30.04 3.76 7.99
C THR A 543 29.10 4.21 6.88
N GLY A 544 29.68 4.52 5.72
CA GLY A 544 28.90 4.92 4.57
C GLY A 544 29.65 4.60 3.29
N THR A 545 29.05 4.95 2.17
CA THR A 545 29.63 4.68 0.86
C THR A 545 29.41 5.87 -0.05
N GLY A 546 30.46 6.32 -0.72
CA GLY A 546 30.33 7.44 -1.62
C GLY A 546 31.68 7.95 -2.08
N VAL A 547 31.68 9.14 -2.66
CA VAL A 547 32.91 9.83 -3.03
C VAL A 547 33.06 11.04 -2.12
N LEU A 548 34.32 11.39 -1.87
CA LEU A 548 34.66 12.43 -0.91
C LEU A 548 35.38 13.56 -1.64
N THR A 549 34.93 14.78 -1.40
CA THR A 549 35.48 15.97 -2.04
C THR A 549 35.78 17.02 -0.98
N GLU A 550 36.85 17.77 -1.16
CA GLU A 550 37.14 18.87 -0.27
C GLU A 550 36.15 20.01 -0.53
N SER A 551 35.56 20.54 0.53
CA SER A 551 34.60 21.63 0.41
C SER A 551 34.70 22.49 1.66
N ASN A 552 33.74 23.41 1.82
CA ASN A 552 33.69 24.26 3.00
C ASN A 552 32.21 24.56 3.29
N LYS A 553 31.64 23.81 4.22
CA LYS A 553 30.27 24.02 4.64
C LYS A 553 30.17 24.75 5.97
N LYS A 554 31.31 25.10 6.58
CA LYS A 554 31.38 25.92 7.79
C LYS A 554 30.63 25.28 8.96
N PHE A 555 31.13 24.13 9.39
CA PHE A 555 30.55 23.44 10.54
C PHE A 555 30.79 24.23 11.82
N LEU A 556 29.93 23.97 12.81
CA LEU A 556 30.15 24.48 14.14
C LEU A 556 31.36 23.78 14.76
N PRO A 557 32.03 24.42 15.74
CA PRO A 557 33.21 23.78 16.35
C PRO A 557 32.92 22.44 17.02
N PHE A 558 31.76 22.30 17.65
CA PHE A 558 31.36 21.04 18.26
C PHE A 558 30.38 20.29 17.33
N GLN A 559 30.90 19.91 16.17
CA GLN A 559 30.09 19.22 15.18
C GLN A 559 30.97 18.23 14.44
N GLN A 560 30.37 17.14 13.99
CA GLN A 560 31.08 16.08 13.28
C GLN A 560 30.52 15.76 11.91
N PHE A 561 29.21 15.79 11.73
CA PHE A 561 28.62 15.54 10.42
C PHE A 561 27.46 16.51 10.20
N GLY A 562 27.16 16.73 8.93
CA GLY A 562 26.05 17.60 8.54
C GLY A 562 25.11 16.84 7.63
N ARG A 563 23.83 16.87 7.99
CA ARG A 563 22.77 16.17 7.27
C ARG A 563 22.29 17.02 6.09
N ASP A 564 21.20 16.59 5.47
CA ASP A 564 20.48 17.39 4.49
C ASP A 564 18.99 17.17 4.70
N ILE A 565 18.17 17.58 3.74
CA ILE A 565 16.72 17.47 3.91
C ILE A 565 16.21 16.05 3.73
N ALA A 566 17.04 15.12 3.26
CA ALA A 566 16.67 13.72 3.15
C ALA A 566 17.23 12.88 4.28
N ASP A 567 17.79 13.52 5.32
CA ASP A 567 18.42 12.85 6.46
C ASP A 567 19.53 11.91 6.04
N THR A 568 20.31 12.31 5.06
CA THR A 568 21.52 11.61 4.65
C THR A 568 22.73 12.45 5.01
N THR A 569 23.86 11.81 5.19
CA THR A 569 25.10 12.51 5.55
C THR A 569 25.56 13.32 4.34
N ASP A 570 25.25 14.61 4.35
CA ASP A 570 25.70 15.49 3.28
C ASP A 570 27.20 15.77 3.40
N ALA A 571 27.70 15.88 4.63
CA ALA A 571 29.13 16.15 4.82
C ALA A 571 29.58 15.56 6.13
N VAL A 572 30.89 15.31 6.25
CA VAL A 572 31.49 14.84 7.49
C VAL A 572 32.75 15.64 7.76
N ARG A 573 33.18 15.60 9.01
CA ARG A 573 34.42 16.23 9.45
C ARG A 573 35.48 15.16 9.67
N ASP A 574 36.66 15.40 9.11
CA ASP A 574 37.79 14.49 9.32
C ASP A 574 38.21 14.56 10.78
N PRO A 575 38.20 13.45 11.53
CA PRO A 575 38.56 13.53 12.95
C PRO A 575 40.03 13.78 13.23
N GLN A 576 40.91 13.68 12.23
CA GLN A 576 42.34 13.86 12.45
C GLN A 576 42.88 15.16 11.86
N THR A 577 42.48 15.51 10.64
CA THR A 577 42.93 16.75 10.03
C THR A 577 41.98 17.91 10.28
N LEU A 578 40.85 17.65 10.95
CA LEU A 578 39.83 18.66 11.26
C LEU A 578 39.31 19.36 10.00
N GLU A 579 39.24 18.61 8.91
CA GLU A 579 38.85 19.14 7.61
C GLU A 579 37.44 18.72 7.29
N ILE A 580 36.65 19.65 6.75
CA ILE A 580 35.25 19.41 6.45
C ILE A 580 35.18 18.79 5.06
N LEU A 581 34.96 17.48 5.01
CA LEU A 581 34.86 16.78 3.74
C LEU A 581 33.44 16.92 3.20
N ASP A 582 33.17 16.33 2.04
CA ASP A 582 31.86 16.44 1.42
C ASP A 582 31.56 15.12 0.73
N ILE A 583 30.40 14.53 1.06
CA ILE A 583 30.02 13.22 0.58
C ILE A 583 29.04 13.38 -0.57
N THR A 584 29.37 12.76 -1.71
CA THR A 584 28.49 12.73 -2.86
C THR A 584 28.19 11.28 -3.20
N PRO A 585 26.94 10.93 -3.53
CA PRO A 585 26.61 9.54 -3.86
C PRO A 585 27.38 9.03 -5.06
N CYS A 586 27.75 7.75 -4.98
CA CYS A 586 28.54 7.14 -6.05
C CYS A 586 27.72 6.93 -7.31
N SER A 587 26.44 6.59 -7.15
CA SER A 587 25.59 6.31 -8.29
C SER A 587 25.19 7.59 -9.01
N PHE A 588 24.83 7.45 -10.27
CA PHE A 588 24.43 8.54 -11.15
C PHE A 588 23.17 8.18 -11.93
N GLY A 589 22.11 7.82 -11.21
CA GLY A 589 20.81 7.69 -11.84
C GLY A 589 20.42 8.94 -12.59
N GLY A 590 20.05 8.77 -13.86
CA GLY A 590 19.93 9.89 -14.77
C GLY A 590 20.67 9.63 -16.06
N VAL A 591 21.02 8.37 -16.27
CA VAL A 591 21.68 7.92 -17.50
C VAL A 591 20.66 7.18 -18.35
N SER A 592 20.68 7.44 -19.66
CA SER A 592 19.76 6.80 -20.58
C SER A 592 20.54 6.06 -21.66
N VAL A 593 20.06 4.89 -22.04
CA VAL A 593 20.68 4.09 -23.10
C VAL A 593 19.75 4.09 -24.29
N ILE A 594 20.26 4.53 -25.44
CA ILE A 594 19.49 4.67 -26.68
C ILE A 594 19.97 3.57 -27.62
N THR A 595 19.07 2.66 -27.97
CA THR A 595 19.47 1.50 -28.74
C THR A 595 18.44 1.21 -29.82
N PRO A 596 18.88 0.61 -30.93
CA PRO A 596 17.93 -0.09 -31.80
C PRO A 596 17.60 -1.45 -31.22
N GLY A 597 16.89 -2.29 -31.97
CA GLY A 597 16.57 -3.61 -31.48
C GLY A 597 17.82 -4.45 -31.26
N THR A 598 17.68 -5.46 -30.39
CA THR A 598 18.80 -6.35 -30.10
C THR A 598 19.22 -7.14 -31.33
N ASN A 599 18.25 -7.57 -32.14
CA ASN A 599 18.58 -8.19 -33.41
C ASN A 599 18.66 -7.17 -34.54
N ALA A 600 19.35 -6.07 -34.27
CA ALA A 600 19.76 -5.13 -35.30
C ALA A 600 21.23 -4.76 -35.21
N SER A 601 21.75 -4.58 -34.00
CA SER A 601 23.13 -4.20 -33.74
C SER A 601 23.37 -4.23 -32.23
N ASN A 602 24.59 -4.58 -31.85
CA ASN A 602 25.02 -4.40 -30.46
C ASN A 602 25.71 -3.05 -30.28
N GLN A 603 25.06 -1.99 -30.73
CA GLN A 603 25.58 -0.64 -30.62
C GLN A 603 24.57 0.23 -29.90
N VAL A 604 25.04 1.01 -28.93
CA VAL A 604 24.18 1.88 -28.15
C VAL A 604 24.81 3.27 -28.12
N ALA A 605 23.96 4.26 -27.84
CA ALA A 605 24.39 5.61 -27.53
C ALA A 605 23.98 5.91 -26.10
N VAL A 606 24.74 6.75 -25.40
CA VAL A 606 24.51 7.02 -23.99
C VAL A 606 24.19 8.50 -23.83
N LEU A 607 23.05 8.79 -23.24
CA LEU A 607 22.66 10.16 -22.93
C LEU A 607 22.87 10.40 -21.44
N TYR A 608 23.71 11.37 -21.11
CA TYR A 608 23.91 11.79 -19.74
C TYR A 608 23.15 13.09 -19.53
N GLN A 609 22.28 13.10 -18.52
CA GLN A 609 21.23 14.11 -18.40
C GLN A 609 21.71 15.28 -17.55
N ASP A 610 21.52 16.50 -18.07
CA ASP A 610 21.80 17.76 -17.40
C ASP A 610 23.26 17.86 -16.93
N VAL A 611 24.18 17.35 -17.75
CA VAL A 611 25.60 17.48 -17.47
C VAL A 611 26.26 18.23 -18.61
N ASN A 612 27.47 18.71 -18.35
CA ASN A 612 28.26 19.44 -19.32
C ASN A 612 29.45 18.56 -19.65
N CYS A 613 29.68 18.32 -20.95
CA CYS A 613 30.39 17.11 -21.39
C CYS A 613 31.84 17.02 -20.93
N THR A 614 32.44 18.15 -20.51
CA THR A 614 33.81 18.06 -20.02
C THR A 614 33.88 17.42 -18.64
N GLU A 615 32.85 17.59 -17.82
CA GLU A 615 32.82 17.00 -16.48
C GLU A 615 32.02 15.70 -16.45
N VAL A 616 31.84 15.05 -17.59
CA VAL A 616 31.28 13.70 -17.61
C VAL A 616 32.16 12.69 -16.88
N PRO A 617 33.48 12.59 -17.14
CA PRO A 617 34.28 11.58 -16.42
C PRO A 617 34.37 11.78 -14.92
N VAL A 618 34.12 12.99 -14.40
CA VAL A 618 34.08 13.18 -12.96
C VAL A 618 32.67 13.07 -12.40
N ALA A 619 31.66 12.97 -13.26
CA ALA A 619 30.30 12.69 -12.84
C ALA A 619 29.93 11.22 -12.96
N ILE A 620 30.63 10.48 -13.82
CA ILE A 620 30.42 9.05 -13.95
C ILE A 620 31.47 8.28 -13.13
N HIS A 621 32.56 8.93 -12.74
CA HIS A 621 33.76 8.30 -12.18
C HIS A 621 34.28 7.23 -13.13
N ALA A 622 34.69 7.68 -14.32
CA ALA A 622 35.13 6.80 -15.39
C ALA A 622 36.46 6.13 -15.11
N ASP A 623 37.20 6.57 -14.09
CA ASP A 623 38.45 5.92 -13.76
C ASP A 623 38.24 4.55 -13.14
N GLN A 624 37.11 4.35 -12.46
CA GLN A 624 36.82 3.10 -11.78
C GLN A 624 35.94 2.16 -12.59
N LEU A 625 35.65 2.50 -13.84
CA LEU A 625 34.83 1.67 -14.72
C LEU A 625 35.70 0.75 -15.56
N THR A 626 35.05 -0.23 -16.18
CA THR A 626 35.72 -1.04 -17.18
C THR A 626 35.97 -0.19 -18.42
N PRO A 627 36.99 -0.52 -19.22
CA PRO A 627 37.28 0.29 -20.42
C PRO A 627 36.16 0.32 -21.45
N THR A 628 35.28 -0.69 -21.45
CA THR A 628 34.14 -0.67 -22.34
C THR A 628 33.14 0.42 -21.97
N TRP A 629 33.10 0.80 -20.69
CA TRP A 629 32.47 2.06 -20.28
C TRP A 629 33.31 3.28 -20.60
N ARG A 630 34.63 3.18 -20.43
CA ARG A 630 35.48 4.36 -20.57
C ARG A 630 35.56 4.84 -22.01
N VAL A 631 35.21 4.00 -22.98
CA VAL A 631 35.07 4.48 -24.35
C VAL A 631 33.79 5.27 -24.54
N TYR A 632 32.80 5.10 -23.66
CA TYR A 632 31.52 5.79 -23.76
C TYR A 632 31.45 7.06 -22.94
N SER A 633 32.52 7.45 -22.27
CA SER A 633 32.55 8.70 -21.51
C SER A 633 33.17 9.84 -22.29
N THR A 634 34.21 9.59 -23.06
CA THR A 634 34.83 10.58 -23.91
C THR A 634 34.97 10.00 -25.32
N GLY A 635 35.10 10.88 -26.29
CA GLY A 635 35.28 10.45 -27.66
C GLY A 635 35.07 11.62 -28.62
N SER A 636 35.02 11.26 -29.91
CA SER A 636 34.76 12.22 -30.97
C SER A 636 33.31 12.27 -31.39
N ASN A 637 32.44 11.49 -30.74
CA ASN A 637 31.01 11.45 -31.05
C ASN A 637 30.18 12.21 -30.03
N VAL A 638 30.81 13.08 -29.24
CA VAL A 638 30.11 13.83 -28.21
C VAL A 638 29.29 14.93 -28.87
N PHE A 639 28.00 14.98 -28.56
CA PHE A 639 27.09 15.99 -29.08
C PHE A 639 26.33 16.61 -27.90
N GLN A 640 26.44 17.92 -27.76
CA GLN A 640 25.84 18.62 -26.63
C GLN A 640 24.41 19.03 -26.99
N THR A 641 23.45 18.57 -26.21
CA THR A 641 22.04 18.90 -26.36
C THR A 641 21.60 19.81 -25.22
N ARG A 642 20.32 20.14 -25.19
CA ARG A 642 19.73 20.85 -24.06
C ARG A 642 19.21 19.91 -22.99
N ALA A 643 19.43 18.61 -23.15
CA ALA A 643 19.01 17.58 -22.22
C ALA A 643 20.21 16.82 -21.71
N GLY A 644 21.26 17.54 -21.35
CA GLY A 644 22.55 16.92 -21.14
C GLY A 644 23.27 16.75 -22.45
N CYS A 645 24.11 15.73 -22.55
CA CYS A 645 24.74 15.46 -23.83
C CYS A 645 24.91 13.98 -24.08
N LEU A 646 25.13 13.66 -25.35
CA LEU A 646 24.98 12.33 -25.91
C LEU A 646 26.31 11.88 -26.49
N ILE A 647 26.78 10.71 -26.08
CA ILE A 647 28.05 10.15 -26.53
C ILE A 647 27.75 8.81 -27.21
N GLY A 648 28.27 8.64 -28.42
CA GLY A 648 28.09 7.40 -29.17
C GLY A 648 27.24 7.53 -30.40
N ALA A 649 26.69 8.70 -30.68
CA ALA A 649 25.88 8.93 -31.87
C ALA A 649 26.35 10.22 -32.53
N GLU A 650 26.71 10.13 -33.81
CA GLU A 650 27.16 11.31 -34.54
C GLU A 650 25.99 12.23 -34.83
N HIS A 651 26.27 13.53 -34.85
CA HIS A 651 25.25 14.55 -35.04
C HIS A 651 25.31 15.06 -36.47
N VAL A 652 24.18 15.02 -37.17
CA VAL A 652 24.09 15.48 -38.54
C VAL A 652 23.27 16.76 -38.59
N ASN A 653 23.53 17.58 -39.60
CA ASN A 653 22.80 18.84 -39.76
C ASN A 653 21.48 18.66 -40.49
N ASN A 654 21.20 17.47 -41.01
CA ASN A 654 19.93 17.22 -41.67
C ASN A 654 18.82 17.03 -40.64
N SER A 655 17.58 17.10 -41.11
CA SER A 655 16.41 16.94 -40.25
C SER A 655 15.44 15.95 -40.89
N TYR A 656 15.07 14.92 -40.14
CA TYR A 656 14.10 13.92 -40.57
C TYR A 656 13.02 13.77 -39.51
N GLU A 657 11.97 13.04 -39.87
CA GLU A 657 11.09 12.48 -38.84
C GLU A 657 11.87 11.43 -38.06
N CYS A 658 11.60 11.34 -36.77
CA CYS A 658 12.49 10.59 -35.88
C CYS A 658 11.80 9.37 -35.29
N ASP A 659 12.59 8.33 -35.07
CA ASP A 659 12.15 7.06 -34.51
C ASP A 659 12.33 7.00 -33.00
N ILE A 660 13.52 7.32 -32.50
CA ILE A 660 13.81 7.27 -31.07
C ILE A 660 13.86 8.69 -30.52
N PRO A 661 12.85 9.14 -29.79
CA PRO A 661 12.89 10.50 -29.23
C PRO A 661 13.85 10.59 -28.05
N ILE A 662 14.77 11.55 -28.11
CA ILE A 662 15.74 11.75 -27.04
C ILE A 662 15.32 12.89 -26.12
N GLY A 663 14.85 13.99 -26.69
CA GLY A 663 14.39 15.09 -25.88
C GLY A 663 14.96 16.42 -26.31
N ALA A 664 14.28 17.51 -25.92
CA ALA A 664 14.67 18.89 -26.23
C ALA A 664 14.82 19.09 -27.74
N GLY A 665 13.96 18.44 -28.51
CA GLY A 665 13.99 18.52 -29.95
C GLY A 665 14.96 17.57 -30.62
N ILE A 666 15.86 16.95 -29.87
CA ILE A 666 16.84 16.03 -30.44
C ILE A 666 16.22 14.63 -30.49
N CYS A 667 16.34 13.99 -31.65
CA CYS A 667 15.95 12.61 -31.85
C CYS A 667 17.13 11.82 -32.37
N ALA A 668 17.00 10.50 -32.36
CA ALA A 668 18.06 9.62 -32.85
C ALA A 668 17.44 8.52 -33.70
N SER A 669 18.27 7.98 -34.59
CA SER A 669 17.85 6.88 -35.46
C SER A 669 19.07 6.02 -35.76
N TYR A 670 18.83 4.88 -36.41
CA TYR A 670 19.87 3.93 -36.76
C TYR A 670 19.95 3.86 -38.29
N GLN A 671 20.92 4.56 -38.87
CA GLN A 671 20.97 4.72 -40.31
C GLN A 671 22.31 4.28 -40.88
N THR A 672 22.55 4.54 -42.15
CA THR A 672 23.79 4.17 -42.81
C THR A 672 24.75 5.35 -42.86
N SER A 681 29.77 1.61 -41.61
CA SER A 681 28.53 1.46 -42.38
C SER A 681 27.34 1.96 -41.58
N GLN A 682 26.70 1.05 -40.85
CA GLN A 682 25.54 1.39 -40.04
C GLN A 682 26.00 2.05 -38.75
N SER A 683 25.30 3.12 -38.34
CA SER A 683 25.62 3.83 -37.12
C SER A 683 24.38 4.56 -36.62
N ILE A 684 24.43 4.95 -35.35
CA ILE A 684 23.36 5.72 -34.73
C ILE A 684 23.64 7.20 -34.99
N ILE A 685 22.64 7.90 -35.49
CA ILE A 685 22.74 9.33 -35.75
C ILE A 685 21.75 10.07 -34.88
N ALA A 686 22.07 11.33 -34.58
CA ALA A 686 21.22 12.20 -33.80
C ALA A 686 21.02 13.50 -34.57
N TYR A 687 19.81 14.05 -34.48
CA TYR A 687 19.47 15.20 -35.31
C TYR A 687 18.32 15.97 -34.68
N THR A 688 18.15 17.21 -35.12
CA THR A 688 16.98 17.98 -34.76
C THR A 688 15.78 17.45 -35.53
N MET A 689 14.68 17.20 -34.83
CA MET A 689 13.50 16.62 -35.43
C MET A 689 12.86 17.60 -36.41
N SER A 690 12.39 17.08 -37.55
CA SER A 690 11.73 17.91 -38.54
C SER A 690 10.24 17.96 -38.23
N LEU A 691 9.72 19.18 -38.04
CA LEU A 691 8.30 19.35 -37.74
C LEU A 691 7.44 18.99 -38.94
N GLY A 692 7.91 19.29 -40.14
CA GLY A 692 7.17 18.96 -41.34
C GLY A 692 7.68 19.77 -42.52
N ALA A 693 6.95 19.66 -43.62
CA ALA A 693 7.31 20.34 -44.86
C ALA A 693 6.96 21.81 -44.77
N GLU A 694 7.94 22.67 -45.05
CA GLU A 694 7.69 24.11 -45.11
C GLU A 694 6.91 24.44 -46.37
N ASN A 695 5.85 25.24 -46.22
CA ASN A 695 4.96 25.54 -47.34
C ASN A 695 4.30 26.89 -47.07
N SER A 696 4.79 27.93 -47.72
CA SER A 696 4.20 29.26 -47.60
C SER A 696 3.06 29.39 -48.59
N VAL A 697 1.88 29.74 -48.09
CA VAL A 697 0.70 29.88 -48.94
C VAL A 697 0.62 31.30 -49.47
N ALA A 698 0.29 31.44 -50.75
CA ALA A 698 0.10 32.75 -51.34
C ALA A 698 -1.15 33.40 -50.78
N TYR A 699 -1.15 34.72 -50.75
CA TYR A 699 -2.30 35.47 -50.23
C TYR A 699 -2.33 36.86 -50.86
N SER A 700 -3.53 37.29 -51.21
CA SER A 700 -3.74 38.61 -51.75
C SER A 700 -5.18 39.03 -51.45
N ASN A 701 -5.43 40.33 -51.53
CA ASN A 701 -6.73 40.86 -51.16
C ASN A 701 -7.80 40.66 -52.23
N ASN A 702 -7.44 40.18 -53.41
CA ASN A 702 -8.41 39.97 -54.48
C ASN A 702 -8.16 38.64 -55.18
N SER A 703 -7.62 37.67 -54.46
CA SER A 703 -7.32 36.36 -55.02
C SER A 703 -7.95 35.27 -54.17
N ILE A 704 -8.57 34.29 -54.82
CA ILE A 704 -9.18 33.15 -54.15
C ILE A 704 -8.72 31.88 -54.86
N ALA A 705 -8.85 30.76 -54.16
CA ALA A 705 -8.55 29.45 -54.73
C ALA A 705 -9.80 28.58 -54.60
N ILE A 706 -10.26 28.04 -55.72
CA ILE A 706 -11.48 27.26 -55.77
C ILE A 706 -11.15 25.90 -56.38
N PRO A 707 -11.57 24.79 -55.75
CA PRO A 707 -11.31 23.48 -56.33
C PRO A 707 -12.19 23.19 -57.54
N THR A 708 -11.63 22.50 -58.51
CA THR A 708 -12.38 22.06 -59.68
C THR A 708 -12.60 20.56 -59.71
N ASN A 709 -11.80 19.78 -58.99
CA ASN A 709 -11.97 18.34 -58.91
C ASN A 709 -11.82 17.94 -57.45
N PHE A 710 -12.35 16.77 -57.11
CA PHE A 710 -12.36 16.32 -55.73
C PHE A 710 -11.83 14.90 -55.63
N THR A 711 -11.60 14.45 -54.41
CA THR A 711 -11.20 13.10 -54.09
C THR A 711 -12.08 12.62 -52.95
N ILE A 712 -12.44 11.35 -52.99
CA ILE A 712 -13.19 10.72 -51.89
C ILE A 712 -12.26 9.73 -51.23
N SER A 713 -12.02 9.92 -49.93
CA SER A 713 -11.04 9.16 -49.19
C SER A 713 -11.72 8.33 -48.12
N VAL A 714 -11.07 7.22 -47.75
CA VAL A 714 -11.53 6.36 -46.67
C VAL A 714 -10.39 6.27 -45.65
N THR A 715 -10.67 6.73 -44.43
CA THR A 715 -9.68 6.73 -43.35
C THR A 715 -10.10 5.74 -42.28
N THR A 716 -9.12 5.10 -41.67
CA THR A 716 -9.34 4.03 -40.71
C THR A 716 -9.03 4.54 -39.31
N GLU A 717 -9.97 4.37 -38.38
CA GLU A 717 -9.80 4.81 -37.00
C GLU A 717 -10.10 3.66 -36.06
N ILE A 718 -9.16 3.35 -35.18
CA ILE A 718 -9.27 2.20 -34.28
C ILE A 718 -9.44 2.71 -32.86
N LEU A 719 -10.47 2.23 -32.17
CA LEU A 719 -10.74 2.65 -30.81
C LEU A 719 -10.92 1.43 -29.92
N PRO A 720 -10.19 1.33 -28.80
CA PRO A 720 -10.49 0.29 -27.83
C PRO A 720 -11.84 0.53 -27.18
N VAL A 721 -12.53 -0.56 -26.87
CA VAL A 721 -13.84 -0.52 -26.27
C VAL A 721 -13.85 -1.18 -24.90
N SER A 722 -13.25 -2.36 -24.77
CA SER A 722 -13.26 -3.11 -23.53
C SER A 722 -11.90 -3.76 -23.34
N MET A 723 -11.65 -4.23 -22.11
CA MET A 723 -10.48 -5.06 -21.86
C MET A 723 -10.91 -6.36 -21.19
N THR A 724 -9.94 -7.17 -20.78
CA THR A 724 -10.26 -8.47 -20.21
C THR A 724 -10.84 -8.34 -18.80
N LYS A 725 -11.78 -9.22 -18.47
CA LYS A 725 -12.41 -9.25 -17.16
C LYS A 725 -11.77 -10.33 -16.32
N THR A 726 -11.22 -9.94 -15.16
CA THR A 726 -10.52 -10.86 -14.28
C THR A 726 -11.19 -10.89 -12.92
N SER A 727 -11.11 -12.05 -12.26
CA SER A 727 -11.56 -12.22 -10.89
C SER A 727 -10.45 -12.91 -10.11
N VAL A 728 -10.30 -12.55 -8.85
CA VAL A 728 -9.18 -13.00 -8.03
C VAL A 728 -9.72 -13.69 -6.79
N ASP A 729 -9.25 -14.91 -6.54
CA ASP A 729 -9.49 -15.60 -5.29
C ASP A 729 -8.36 -15.26 -4.33
N CYS A 730 -8.69 -14.56 -3.24
CA CYS A 730 -7.67 -14.17 -2.26
C CYS A 730 -7.00 -15.36 -1.60
N THR A 731 -7.80 -16.35 -1.19
CA THR A 731 -7.25 -17.45 -0.40
C THR A 731 -6.26 -18.27 -1.20
N MET A 732 -6.59 -18.58 -2.46
CA MET A 732 -5.68 -19.38 -3.26
C MET A 732 -4.45 -18.59 -3.69
N TYR A 733 -4.59 -17.29 -3.90
CA TYR A 733 -3.43 -16.49 -4.25
C TYR A 733 -2.48 -16.35 -3.07
N ILE A 734 -3.01 -15.90 -1.93
CA ILE A 734 -2.16 -15.59 -0.78
C ILE A 734 -1.59 -16.86 -0.19
N CYS A 735 -2.44 -17.85 0.10
CA CYS A 735 -1.98 -19.16 0.55
C CYS A 735 -3.03 -20.22 0.23
N GLY A 736 -2.85 -20.90 -0.89
CA GLY A 736 -3.77 -21.95 -1.27
C GLY A 736 -3.56 -23.19 -0.43
N ASP A 737 -4.67 -23.73 0.08
CA ASP A 737 -4.71 -24.98 0.83
C ASP A 737 -3.83 -24.92 2.08
N SER A 738 -4.19 -24.01 2.98
CA SER A 738 -3.49 -23.88 4.26
C SER A 738 -4.49 -23.36 5.28
N THR A 739 -4.87 -24.20 6.23
CA THR A 739 -5.84 -23.77 7.25
C THR A 739 -5.22 -22.76 8.20
N GLU A 740 -3.93 -22.90 8.52
CA GLU A 740 -3.27 -21.97 9.42
C GLU A 740 -3.19 -20.57 8.81
N CYS A 741 -2.75 -20.49 7.56
CA CYS A 741 -2.65 -19.19 6.91
C CYS A 741 -4.02 -18.61 6.59
N SER A 742 -5.02 -19.46 6.30
CA SER A 742 -6.38 -18.95 6.12
C SER A 742 -6.92 -18.36 7.42
N ASN A 743 -6.65 -19.02 8.54
CA ASN A 743 -7.04 -18.49 9.85
C ASN A 743 -6.34 -17.17 10.12
N LEU A 744 -5.05 -17.05 9.77
CA LEU A 744 -4.34 -15.80 9.94
C LEU A 744 -4.86 -14.71 9.00
N LEU A 745 -5.33 -15.10 7.81
CA LEU A 745 -5.90 -14.14 6.87
C LEU A 745 -7.29 -13.68 7.28
N LEU A 746 -7.98 -14.46 8.11
CA LEU A 746 -9.30 -14.06 8.59
C LEU A 746 -9.23 -12.79 9.43
N GLN A 747 -8.11 -12.54 10.10
CA GLN A 747 -7.95 -11.36 10.94
C GLN A 747 -7.31 -10.19 10.20
N TYR A 748 -7.46 -10.11 8.88
CA TYR A 748 -7.07 -8.92 8.14
C TYR A 748 -8.27 -8.11 7.67
N GLY A 749 -9.48 -8.55 7.96
CA GLY A 749 -10.66 -7.74 7.72
C GLY A 749 -11.25 -7.86 6.34
N SER A 750 -11.66 -6.73 5.77
CA SER A 750 -12.35 -6.68 4.49
C SER A 750 -11.42 -6.31 3.36
N PHE A 751 -10.17 -6.76 3.41
CA PHE A 751 -9.21 -6.55 2.33
C PHE A 751 -9.36 -7.58 1.21
N CYS A 752 -10.50 -8.26 1.12
CA CYS A 752 -10.79 -9.12 -0.03
C CYS A 752 -12.20 -8.92 -0.54
N THR A 753 -13.12 -8.51 0.34
CA THR A 753 -14.41 -8.08 -0.14
C THR A 753 -14.29 -6.78 -0.93
N GLN A 754 -13.38 -5.90 -0.52
CA GLN A 754 -13.17 -4.64 -1.21
C GLN A 754 -12.54 -4.85 -2.59
N LEU A 755 -11.57 -5.76 -2.69
CA LEU A 755 -10.93 -6.04 -3.97
C LEU A 755 -11.88 -6.77 -4.92
N ASN A 756 -12.68 -7.69 -4.41
CA ASN A 756 -13.63 -8.38 -5.27
C ASN A 756 -14.78 -7.47 -5.69
N ARG A 757 -15.14 -6.50 -4.86
CA ARG A 757 -16.16 -5.53 -5.26
C ARG A 757 -15.65 -4.59 -6.34
N ALA A 758 -14.33 -4.40 -6.44
CA ALA A 758 -13.77 -3.51 -7.45
C ALA A 758 -13.63 -4.20 -8.80
N LEU A 759 -13.21 -5.46 -8.82
CA LEU A 759 -12.96 -6.14 -10.08
C LEU A 759 -14.26 -6.52 -10.78
N THR A 760 -15.28 -6.92 -10.01
CA THR A 760 -16.57 -7.24 -10.61
C THR A 760 -17.25 -5.99 -11.16
N GLY A 761 -17.09 -4.85 -10.47
CA GLY A 761 -17.57 -3.60 -11.03
C GLY A 761 -16.88 -3.25 -12.33
N ILE A 762 -15.58 -3.54 -12.42
CA ILE A 762 -14.84 -3.35 -13.66
C ILE A 762 -15.39 -4.24 -14.77
N ALA A 763 -15.64 -5.51 -14.46
CA ALA A 763 -16.12 -6.45 -15.47
C ALA A 763 -17.50 -6.06 -16.00
N VAL A 764 -18.41 -5.71 -15.09
CA VAL A 764 -19.72 -5.20 -15.49
C VAL A 764 -19.57 -3.90 -16.28
N GLU A 765 -18.55 -3.10 -15.96
CA GLU A 765 -18.31 -1.87 -16.70
C GLU A 765 -17.89 -2.14 -18.14
N GLN A 766 -17.02 -3.14 -18.39
CA GLN A 766 -16.71 -3.42 -19.80
C GLN A 766 -17.86 -4.08 -20.54
N ASP A 767 -18.68 -4.87 -19.85
CA ASP A 767 -19.89 -5.40 -20.49
C ASP A 767 -20.82 -4.25 -20.90
N LYS A 768 -20.98 -3.26 -20.01
CA LYS A 768 -21.78 -2.08 -20.34
C LYS A 768 -21.14 -1.26 -21.45
N ASN A 769 -19.81 -1.19 -21.49
CA ASN A 769 -19.12 -0.45 -22.54
C ASN A 769 -19.39 -1.05 -23.91
N THR A 770 -19.24 -2.37 -24.03
CA THR A 770 -19.52 -3.03 -25.30
C THR A 770 -20.98 -2.90 -25.68
N GLN A 771 -21.89 -3.04 -24.70
CA GLN A 771 -23.31 -2.93 -24.99
C GLN A 771 -23.70 -1.52 -25.45
N GLU A 772 -23.13 -0.48 -24.84
CA GLU A 772 -23.47 0.88 -25.21
C GLU A 772 -22.72 1.37 -26.43
N VAL A 773 -21.65 0.68 -26.84
CA VAL A 773 -21.01 1.02 -28.11
C VAL A 773 -21.75 0.38 -29.27
N PHE A 774 -22.00 -0.93 -29.18
CA PHE A 774 -22.50 -1.63 -30.37
C PHE A 774 -24.01 -1.67 -30.45
N ALA A 775 -24.71 -1.89 -29.33
CA ALA A 775 -26.17 -2.01 -29.36
C ALA A 775 -26.84 -0.64 -29.29
N GLN A 776 -26.58 0.17 -30.31
CA GLN A 776 -27.25 1.47 -30.40
C GLN A 776 -28.70 1.31 -30.81
N VAL A 777 -28.97 0.43 -31.77
CA VAL A 777 -30.32 0.17 -32.24
C VAL A 777 -30.65 -1.29 -31.97
N LYS A 778 -31.85 -1.54 -31.47
CA LYS A 778 -32.27 -2.88 -31.08
C LYS A 778 -33.01 -3.62 -32.19
N GLN A 779 -33.20 -2.99 -33.35
CA GLN A 779 -33.83 -3.64 -34.49
C GLN A 779 -32.73 -4.12 -35.42
N ILE A 780 -32.58 -5.43 -35.55
CA ILE A 780 -31.51 -6.02 -36.34
C ILE A 780 -31.96 -6.02 -37.80
N TYR A 781 -31.36 -5.15 -38.61
CA TYR A 781 -31.71 -5.06 -40.01
C TYR A 781 -30.90 -6.06 -40.81
N LYS A 782 -31.60 -6.89 -41.59
CA LYS A 782 -30.93 -7.91 -42.39
C LYS A 782 -30.26 -7.30 -43.61
N THR A 783 -29.23 -7.98 -44.09
CA THR A 783 -28.51 -7.55 -45.27
C THR A 783 -29.40 -7.67 -46.51
N PRO A 784 -29.50 -6.63 -47.33
CA PRO A 784 -30.29 -6.75 -48.57
C PRO A 784 -29.68 -7.77 -49.53
N GLN A 785 -30.56 -8.49 -50.23
CA GLN A 785 -30.11 -9.58 -51.09
C GLN A 785 -29.53 -9.08 -52.41
N ILE A 786 -29.89 -7.88 -52.84
CA ILE A 786 -29.44 -7.32 -54.11
C ILE A 786 -28.64 -6.04 -53.83
N LYS A 787 -27.46 -5.94 -54.46
CA LYS A 787 -26.55 -4.83 -54.23
C LYS A 787 -26.57 -3.86 -55.41
N ASP A 788 -27.72 -3.24 -55.63
CA ASP A 788 -27.86 -2.20 -56.64
C ASP A 788 -27.71 -0.82 -56.01
N PHE A 789 -26.56 -0.60 -55.39
CA PHE A 789 -26.32 0.62 -54.62
C PHE A 789 -25.71 1.71 -55.48
N GLY A 790 -26.33 1.97 -56.64
CA GLY A 790 -25.90 3.03 -57.53
C GLY A 790 -24.50 2.88 -58.09
N GLY A 791 -23.94 1.67 -58.08
CA GLY A 791 -22.57 1.45 -58.47
C GLY A 791 -21.60 1.28 -57.33
N PHE A 792 -22.03 1.55 -56.10
CA PHE A 792 -21.17 1.35 -54.95
C PHE A 792 -21.11 -0.13 -54.58
N ASN A 793 -19.92 -0.60 -54.24
CA ASN A 793 -19.65 -2.02 -54.03
C ASN A 793 -19.27 -2.25 -52.57
N PHE A 794 -20.25 -2.61 -51.76
CA PHE A 794 -20.02 -2.91 -50.34
C PHE A 794 -19.85 -4.42 -50.16
N SER A 795 -18.80 -4.95 -50.78
CA SER A 795 -18.50 -6.36 -50.68
C SER A 795 -17.58 -6.69 -49.51
N GLN A 796 -16.54 -5.88 -49.30
CA GLN A 796 -15.55 -6.17 -48.28
C GLN A 796 -16.06 -5.91 -46.86
N ILE A 797 -17.13 -5.14 -46.70
CA ILE A 797 -17.62 -4.80 -45.38
C ILE A 797 -18.94 -5.47 -45.04
N LEU A 798 -19.73 -5.86 -46.02
CA LEU A 798 -20.92 -6.65 -45.72
C LEU A 798 -20.54 -8.09 -45.44
N PRO A 799 -21.27 -8.77 -44.56
CA PRO A 799 -20.94 -10.16 -44.23
C PRO A 799 -21.25 -11.10 -45.38
N ASP A 800 -20.55 -12.24 -45.38
CA ASP A 800 -20.77 -13.30 -46.34
C ASP A 800 -21.08 -14.61 -45.61
N PRO A 801 -22.05 -15.39 -46.10
CA PRO A 801 -22.40 -16.64 -45.41
C PRO A 801 -21.44 -17.79 -45.69
N SER A 802 -20.52 -17.64 -46.64
CA SER A 802 -19.60 -18.73 -46.96
C SER A 802 -18.60 -18.97 -45.83
N LYS A 803 -18.03 -17.90 -45.30
CA LYS A 803 -17.06 -18.04 -44.22
C LYS A 803 -17.78 -18.40 -42.92
N PRO A 804 -17.20 -19.29 -42.10
CA PRO A 804 -17.95 -19.80 -40.93
C PRO A 804 -18.15 -18.78 -39.83
N SER A 805 -17.32 -17.74 -39.75
CA SER A 805 -17.42 -16.77 -38.67
C SER A 805 -18.52 -15.75 -38.88
N LYS A 806 -19.12 -15.70 -40.08
CA LYS A 806 -20.17 -14.75 -40.45
C LYS A 806 -19.73 -13.31 -40.25
N ARG A 807 -18.47 -13.03 -40.56
CA ARG A 807 -17.90 -11.69 -40.48
C ARG A 807 -17.42 -11.27 -41.86
N SER A 808 -17.20 -9.97 -42.00
CA SER A 808 -16.76 -9.42 -43.28
C SER A 808 -15.30 -9.77 -43.54
N PHE A 809 -14.86 -9.48 -44.77
CA PHE A 809 -13.48 -9.73 -45.14
C PHE A 809 -12.53 -8.82 -44.34
N ILE A 810 -12.89 -7.56 -44.20
CA ILE A 810 -12.07 -6.61 -43.43
C ILE A 810 -12.08 -6.99 -41.95
N GLU A 811 -13.24 -7.42 -41.44
CA GLU A 811 -13.32 -7.87 -40.06
C GLU A 811 -12.47 -9.12 -39.83
N ASP A 812 -12.44 -10.03 -40.80
CA ASP A 812 -11.59 -11.21 -40.68
C ASP A 812 -10.12 -10.85 -40.72
N LEU A 813 -9.75 -9.86 -41.55
CA LEU A 813 -8.37 -9.37 -41.55
C LEU A 813 -8.00 -8.75 -40.19
N LEU A 814 -8.93 -7.98 -39.62
CA LEU A 814 -8.67 -7.37 -38.31
C LEU A 814 -8.54 -8.42 -37.21
N PHE A 815 -9.36 -9.47 -37.28
CA PHE A 815 -9.27 -10.54 -36.30
C PHE A 815 -7.98 -11.34 -36.47
N ASN A 816 -7.50 -11.48 -37.70
CA ASN A 816 -6.23 -12.18 -37.91
C ASN A 816 -5.05 -11.34 -37.47
N LYS A 817 -5.15 -10.01 -37.58
CA LYS A 817 -4.01 -9.15 -37.25
C LYS A 817 -3.75 -9.05 -35.76
N VAL A 818 -4.76 -9.25 -34.91
CA VAL A 818 -4.60 -9.12 -33.47
C VAL A 818 -4.28 -10.50 -32.91
N THR A 819 -3.08 -10.65 -32.36
CA THR A 819 -2.63 -11.91 -31.79
C THR A 819 -2.89 -11.90 -30.29
N LEU A 820 -3.65 -12.89 -29.82
CA LEU A 820 -3.97 -12.97 -28.40
C LEU A 820 -2.75 -13.39 -27.59
N ALA A 821 -2.66 -12.88 -26.37
CA ALA A 821 -1.54 -13.20 -25.49
C ALA A 821 -2.04 -13.85 -24.20
N LYS A 827 -7.76 -21.03 -22.88
CA LYS A 827 -7.28 -22.26 -22.27
C LYS A 827 -8.44 -23.11 -21.77
N GLN A 828 -8.23 -24.42 -21.69
CA GLN A 828 -9.23 -25.37 -21.26
C GLN A 828 -8.71 -26.10 -20.03
N TYR A 829 -9.51 -26.09 -18.96
CA TYR A 829 -9.14 -26.84 -17.77
C TYR A 829 -9.23 -28.34 -18.06
N GLY A 830 -8.19 -29.08 -17.70
CA GLY A 830 -8.05 -30.44 -18.13
C GLY A 830 -6.75 -30.62 -18.88
N ASP A 831 -6.39 -29.60 -19.66
CA ASP A 831 -5.02 -29.52 -20.18
C ASP A 831 -4.02 -29.27 -19.06
N CYS A 832 -4.45 -28.57 -18.01
CA CYS A 832 -3.61 -28.37 -16.84
C CYS A 832 -3.42 -29.66 -16.06
N LEU A 833 -4.49 -30.47 -15.93
CA LEU A 833 -4.42 -31.66 -15.10
C LEU A 833 -3.54 -32.73 -15.72
N GLY A 834 -3.41 -32.75 -17.04
CA GLY A 834 -2.62 -33.77 -17.70
C GLY A 834 -1.13 -33.55 -17.53
N ASP A 835 -0.37 -34.56 -17.94
CA ASP A 835 1.09 -34.50 -17.89
C ASP A 835 1.60 -33.59 -18.99
N ILE A 836 2.29 -32.52 -18.60
CA ILE A 836 2.73 -31.50 -19.56
C ILE A 836 4.20 -31.14 -19.42
N ALA A 837 4.86 -31.49 -18.32
CA ALA A 837 6.29 -31.33 -18.03
C ALA A 837 6.75 -29.87 -17.93
N ALA A 838 5.88 -28.90 -18.13
CA ALA A 838 6.24 -27.48 -18.02
C ALA A 838 4.95 -26.70 -17.83
N ARG A 839 4.80 -26.07 -16.66
CA ARG A 839 3.56 -25.36 -16.34
C ARG A 839 3.45 -24.09 -17.18
N ASP A 840 2.30 -23.94 -17.84
CA ASP A 840 2.06 -22.80 -18.70
C ASP A 840 1.83 -21.53 -17.89
N LEU A 841 1.94 -20.38 -18.56
CA LEU A 841 1.66 -19.10 -17.91
C LEU A 841 0.19 -19.01 -17.50
N ILE A 842 -0.71 -19.36 -18.42
CA ILE A 842 -2.14 -19.34 -18.11
C ILE A 842 -2.49 -20.45 -17.13
N CYS A 843 -1.78 -21.57 -17.19
CA CYS A 843 -2.08 -22.69 -16.30
C CYS A 843 -1.67 -22.38 -14.87
N ALA A 844 -0.52 -21.71 -14.68
CA ALA A 844 -0.08 -21.37 -13.34
C ALA A 844 -0.90 -20.25 -12.74
N GLN A 845 -1.40 -19.34 -13.57
CA GLN A 845 -2.26 -18.28 -13.07
C GLN A 845 -3.67 -18.77 -12.79
N LYS A 846 -4.08 -19.89 -13.37
CA LYS A 846 -5.38 -20.48 -13.07
C LYS A 846 -5.37 -21.21 -11.74
N PHE A 847 -4.21 -21.75 -11.34
CA PHE A 847 -4.09 -22.46 -10.07
C PHE A 847 -3.86 -21.52 -8.89
N ASN A 848 -3.72 -20.21 -9.13
CA ASN A 848 -3.49 -19.24 -8.08
C ASN A 848 -4.67 -18.28 -7.93
N GLY A 849 -5.82 -18.61 -8.49
CA GLY A 849 -7.01 -17.81 -8.34
C GLY A 849 -7.28 -16.81 -9.44
N LEU A 850 -6.31 -16.56 -10.32
CA LEU A 850 -6.45 -15.52 -11.34
C LEU A 850 -7.15 -16.10 -12.56
N THR A 851 -8.47 -16.03 -12.55
CA THR A 851 -9.29 -16.49 -13.67
C THR A 851 -9.73 -15.31 -14.51
N VAL A 852 -9.88 -15.56 -15.81
CA VAL A 852 -10.28 -14.54 -16.77
C VAL A 852 -11.71 -14.84 -17.20
N LEU A 853 -12.61 -13.92 -16.90
CA LEU A 853 -14.02 -14.12 -17.24
C LEU A 853 -14.25 -13.86 -18.72
N PRO A 854 -15.11 -14.64 -19.38
CA PRO A 854 -15.40 -14.38 -20.78
C PRO A 854 -16.32 -13.19 -20.94
N PRO A 855 -16.26 -12.48 -22.07
CA PRO A 855 -17.20 -11.37 -22.28
C PRO A 855 -18.60 -11.87 -22.52
N LEU A 856 -19.58 -11.00 -22.24
CA LEU A 856 -20.97 -11.36 -22.45
C LEU A 856 -21.30 -11.49 -23.93
N LEU A 857 -20.81 -10.56 -24.75
CA LEU A 857 -21.06 -10.58 -26.19
C LEU A 857 -19.95 -11.35 -26.88
N THR A 858 -20.33 -12.40 -27.61
CA THR A 858 -19.37 -13.09 -28.46
C THR A 858 -19.07 -12.26 -29.69
N ASP A 859 -18.03 -12.68 -30.43
CA ASP A 859 -17.69 -11.99 -31.67
C ASP A 859 -18.77 -12.19 -32.74
N GLU A 860 -19.46 -13.33 -32.71
CA GLU A 860 -20.53 -13.59 -33.67
C GLU A 860 -21.76 -12.74 -33.43
N MET A 861 -21.88 -12.13 -32.25
CA MET A 861 -22.99 -11.26 -31.90
C MET A 861 -22.66 -9.80 -32.10
N ILE A 862 -21.42 -9.41 -31.80
CA ILE A 862 -20.96 -8.08 -32.13
C ILE A 862 -20.90 -7.90 -33.65
N ALA A 863 -20.54 -8.97 -34.37
CA ALA A 863 -20.60 -8.93 -35.83
C ALA A 863 -22.02 -8.76 -36.33
N GLN A 864 -22.99 -9.37 -35.64
CA GLN A 864 -24.40 -9.17 -35.99
C GLN A 864 -24.82 -7.72 -35.77
N TYR A 865 -24.37 -7.11 -34.66
CA TYR A 865 -24.65 -5.70 -34.41
C TYR A 865 -24.05 -4.81 -35.49
N THR A 866 -22.80 -5.07 -35.88
CA THR A 866 -22.18 -4.25 -36.92
C THR A 866 -22.84 -4.45 -38.27
N SER A 867 -23.29 -5.67 -38.56
CA SER A 867 -24.03 -5.94 -39.78
C SER A 867 -25.36 -5.19 -39.80
N ALA A 868 -26.07 -5.16 -38.67
CA ALA A 868 -27.32 -4.43 -38.59
C ALA A 868 -27.10 -2.94 -38.77
N LEU A 869 -26.06 -2.39 -38.14
CA LEU A 869 -25.74 -0.97 -38.31
C LEU A 869 -25.39 -0.65 -39.76
N LEU A 870 -24.60 -1.51 -40.40
CA LEU A 870 -24.21 -1.28 -41.79
C LEU A 870 -25.40 -1.37 -42.74
N ALA A 871 -26.27 -2.35 -42.53
CA ALA A 871 -27.45 -2.48 -43.38
C ALA A 871 -28.39 -1.30 -43.19
N GLY A 872 -28.55 -0.84 -41.95
CA GLY A 872 -29.38 0.33 -41.72
C GLY A 872 -28.81 1.60 -42.32
N THR A 873 -27.49 1.76 -42.27
CA THR A 873 -26.90 2.98 -42.79
C THR A 873 -26.71 2.97 -44.29
N ILE A 874 -26.79 1.81 -44.96
CA ILE A 874 -26.74 1.81 -46.42
C ILE A 874 -28.12 1.66 -47.06
N THR A 875 -29.12 1.20 -46.32
CA THR A 875 -30.46 1.06 -46.88
C THR A 875 -31.44 2.10 -46.39
N SER A 876 -31.09 2.91 -45.40
CA SER A 876 -32.03 3.87 -44.85
C SER A 876 -31.46 5.25 -44.58
N GLY A 877 -30.17 5.48 -44.82
CA GLY A 877 -29.60 6.77 -44.49
C GLY A 877 -29.43 6.94 -43.00
N TRP A 878 -29.73 8.14 -42.51
CA TRP A 878 -29.69 8.41 -41.08
C TRP A 878 -31.05 8.28 -40.41
N THR A 879 -32.07 7.88 -41.16
CA THR A 879 -33.43 7.87 -40.62
C THR A 879 -33.64 6.76 -39.60
N PHE A 880 -32.86 5.68 -39.69
CA PHE A 880 -33.01 4.59 -38.74
C PHE A 880 -32.38 4.90 -37.39
N GLY A 881 -31.56 5.94 -37.31
CA GLY A 881 -31.06 6.40 -36.04
C GLY A 881 -32.01 7.31 -35.28
N ALA A 882 -33.07 7.77 -35.94
CA ALA A 882 -34.09 8.62 -35.33
C ALA A 882 -35.45 8.07 -35.75
N GLY A 883 -35.99 7.15 -34.96
CA GLY A 883 -37.26 6.55 -35.27
C GLY A 883 -37.14 5.30 -36.12
N ALA A 884 -38.14 5.04 -36.96
CA ALA A 884 -38.14 3.87 -37.81
C ALA A 884 -37.25 4.08 -39.02
N ALA A 885 -36.83 2.97 -39.63
CA ALA A 885 -36.00 3.05 -40.82
C ALA A 885 -36.83 3.45 -42.03
N LEU A 886 -36.33 4.40 -42.80
CA LEU A 886 -37.03 4.92 -43.98
C LEU A 886 -36.15 4.65 -45.20
N GLN A 887 -36.68 3.87 -46.14
CA GLN A 887 -35.91 3.47 -47.31
C GLN A 887 -35.65 4.67 -48.22
N ILE A 888 -34.48 4.68 -48.84
CA ILE A 888 -34.06 5.74 -49.75
C ILE A 888 -32.95 5.18 -50.65
N PRO A 889 -32.96 5.46 -51.94
CA PRO A 889 -31.86 5.01 -52.81
C PRO A 889 -30.54 5.64 -52.39
N PHE A 890 -29.45 4.88 -52.59
CA PHE A 890 -28.15 5.29 -52.08
C PHE A 890 -27.62 6.53 -52.79
N ALA A 891 -27.96 6.71 -54.07
CA ALA A 891 -27.58 7.93 -54.77
C ALA A 891 -28.25 9.14 -54.14
N MET A 892 -29.51 9.00 -53.72
CA MET A 892 -30.19 10.09 -53.05
C MET A 892 -29.59 10.37 -51.68
N GLN A 893 -29.16 9.32 -50.97
CA GLN A 893 -28.49 9.52 -49.69
C GLN A 893 -27.16 10.26 -49.87
N MET A 894 -26.42 9.92 -50.93
CA MET A 894 -25.18 10.65 -51.20
C MET A 894 -25.46 12.08 -51.64
N ALA A 895 -26.57 12.32 -52.33
CA ALA A 895 -26.98 13.70 -52.64
C ALA A 895 -27.30 14.47 -51.37
N TYR A 896 -27.99 13.82 -50.42
CA TYR A 896 -28.25 14.42 -49.12
C TYR A 896 -26.95 14.80 -48.41
N ARG A 897 -25.97 13.90 -48.44
CA ARG A 897 -24.72 14.17 -47.73
C ARG A 897 -23.86 15.21 -48.44
N PHE A 898 -23.90 15.27 -49.77
CA PHE A 898 -23.23 16.37 -50.46
C PHE A 898 -23.90 17.71 -50.16
N ASN A 899 -25.23 17.72 -50.02
CA ASN A 899 -25.89 18.92 -49.55
C ASN A 899 -25.49 19.25 -48.12
N GLY A 900 -25.21 18.22 -47.31
CA GLY A 900 -24.75 18.47 -45.95
C GLY A 900 -23.38 19.10 -45.89
N ILE A 901 -22.45 18.65 -46.74
CA ILE A 901 -21.10 19.20 -46.70
C ILE A 901 -20.99 20.55 -47.37
N GLY A 902 -21.99 20.97 -48.15
CA GLY A 902 -22.01 22.33 -48.64
C GLY A 902 -22.00 22.51 -50.14
N VAL A 903 -22.12 21.42 -50.91
CA VAL A 903 -22.17 21.52 -52.36
C VAL A 903 -23.57 21.11 -52.82
N THR A 904 -23.96 21.63 -53.98
CA THR A 904 -25.24 21.23 -54.56
C THR A 904 -25.17 19.82 -55.08
N GLN A 905 -26.32 19.13 -55.08
CA GLN A 905 -26.33 17.72 -55.43
C GLN A 905 -26.11 17.45 -56.91
N ASN A 906 -26.19 18.48 -57.76
CA ASN A 906 -25.99 18.28 -59.19
C ASN A 906 -24.57 17.86 -59.53
N VAL A 907 -23.59 18.16 -58.66
CA VAL A 907 -22.23 17.68 -58.90
C VAL A 907 -22.07 16.22 -58.51
N LEU A 908 -23.06 15.62 -57.87
CA LEU A 908 -22.98 14.19 -57.58
C LEU A 908 -23.28 13.37 -58.83
N TYR A 909 -24.48 13.55 -59.39
CA TYR A 909 -24.96 12.66 -60.45
C TYR A 909 -24.09 12.74 -61.69
N GLU A 910 -23.69 13.95 -62.08
CA GLU A 910 -22.82 14.15 -63.23
C GLU A 910 -21.45 13.52 -63.05
N ASN A 911 -21.06 13.17 -61.83
CA ASN A 911 -19.81 12.44 -61.59
C ASN A 911 -20.04 11.11 -60.91
N GLN A 912 -21.29 10.63 -60.87
CA GLN A 912 -21.70 9.55 -59.95
C GLN A 912 -20.88 8.29 -60.15
N LYS A 913 -20.79 7.82 -61.41
CA LYS A 913 -20.01 6.63 -61.72
C LYS A 913 -18.56 6.80 -61.31
N LEU A 914 -17.98 7.96 -61.63
CA LEU A 914 -16.61 8.27 -61.19
C LEU A 914 -16.52 8.22 -59.68
N ILE A 915 -17.50 8.82 -58.99
CA ILE A 915 -17.53 8.81 -57.54
C ILE A 915 -17.57 7.39 -57.01
N ALA A 916 -18.33 6.51 -57.69
CA ALA A 916 -18.38 5.12 -57.29
C ALA A 916 -17.00 4.47 -57.39
N ASN A 917 -16.28 4.74 -58.48
CA ASN A 917 -14.92 4.25 -58.60
C ASN A 917 -14.04 4.86 -57.51
N GLN A 918 -14.22 6.16 -57.25
CA GLN A 918 -13.47 6.84 -56.22
C GLN A 918 -13.79 6.29 -54.84
N PHE A 919 -14.93 5.62 -54.69
CA PHE A 919 -15.16 4.90 -53.45
C PHE A 919 -14.47 3.55 -53.48
N ASN A 920 -14.67 2.79 -54.57
CA ASN A 920 -14.44 1.35 -54.55
C ASN A 920 -12.98 1.02 -54.36
N SER A 921 -12.11 1.63 -55.18
CA SER A 921 -10.67 1.43 -55.04
C SER A 921 -10.17 1.88 -53.69
N ALA A 922 -10.81 2.90 -53.10
CA ALA A 922 -10.44 3.35 -51.77
C ALA A 922 -10.61 2.23 -50.75
N ILE A 923 -11.70 1.47 -50.87
CA ILE A 923 -11.90 0.31 -50.00
C ILE A 923 -10.79 -0.70 -50.21
N GLY A 924 -10.35 -0.88 -51.47
CA GLY A 924 -9.22 -1.74 -51.73
C GLY A 924 -7.95 -1.27 -51.04
N LYS A 925 -7.78 0.05 -50.93
CA LYS A 925 -6.62 0.59 -50.23
C LYS A 925 -6.61 0.17 -48.76
N ILE A 926 -7.81 0.02 -48.18
CA ILE A 926 -7.91 -0.46 -46.79
C ILE A 926 -7.31 -1.85 -46.67
N GLN A 927 -7.53 -2.70 -47.68
CA GLN A 927 -6.87 -4.00 -47.71
C GLN A 927 -5.35 -3.83 -47.77
N ASP A 928 -4.88 -2.90 -48.61
CA ASP A 928 -3.46 -2.59 -48.66
C ASP A 928 -2.98 -1.91 -47.39
N SER A 929 -3.89 -1.35 -46.60
CA SER A 929 -3.56 -0.81 -45.30
C SER A 929 -3.70 -1.82 -44.18
N LEU A 930 -4.08 -3.07 -44.49
CA LEU A 930 -4.18 -4.04 -43.41
C LEU A 930 -3.39 -5.32 -43.67
N SER A 931 -3.40 -5.83 -44.91
CA SER A 931 -2.72 -7.09 -45.18
C SER A 931 -1.22 -6.90 -45.42
N SER A 932 -0.77 -5.67 -45.64
CA SER A 932 0.64 -5.41 -45.96
C SER A 932 1.45 -5.09 -44.71
N THR A 933 1.36 -5.95 -43.69
CA THR A 933 2.13 -5.88 -42.45
C THR A 933 1.97 -4.53 -41.76
N ALA A 934 0.72 -4.17 -41.50
CA ALA A 934 0.40 -2.87 -40.92
C ALA A 934 0.74 -2.85 -39.43
N SER A 935 0.99 -1.64 -38.93
CA SER A 935 1.22 -1.40 -37.51
C SER A 935 0.01 -0.78 -36.83
N ALA A 936 -1.14 -0.72 -37.50
CA ALA A 936 -2.34 -0.11 -36.94
C ALA A 936 -3.04 -1.01 -35.94
N LEU A 937 -2.64 -2.29 -35.85
CA LEU A 937 -3.23 -3.18 -34.85
C LEU A 937 -2.80 -2.80 -33.44
N GLY A 938 -1.65 -2.12 -33.30
CA GLY A 938 -1.00 -1.98 -32.02
C GLY A 938 -1.81 -1.23 -30.98
N LYS A 939 -2.62 -0.25 -31.43
CA LYS A 939 -3.45 0.51 -30.50
C LYS A 939 -4.46 -0.37 -29.78
N LEU A 940 -4.82 -1.50 -30.38
CA LEU A 940 -5.56 -2.51 -29.63
C LEU A 940 -4.62 -3.49 -28.94
N GLN A 941 -3.55 -3.88 -29.62
CA GLN A 941 -2.74 -5.02 -29.19
C GLN A 941 -2.08 -4.76 -27.84
N ASP A 942 -1.56 -3.54 -27.65
CA ASP A 942 -0.93 -3.20 -26.38
C ASP A 942 -1.89 -3.30 -25.21
N VAL A 943 -3.19 -3.04 -25.47
CA VAL A 943 -4.20 -3.22 -24.43
C VAL A 943 -4.21 -4.65 -23.94
N VAL A 944 -4.20 -5.60 -24.88
CA VAL A 944 -4.06 -7.01 -24.51
C VAL A 944 -2.72 -7.24 -23.83
N ASN A 945 -1.67 -6.63 -24.37
CA ASN A 945 -0.35 -6.73 -23.75
C ASN A 945 -0.26 -5.97 -22.43
N GLN A 946 -1.24 -5.12 -22.12
CA GLN A 946 -1.29 -4.50 -20.81
C GLN A 946 -2.11 -5.30 -19.82
N ASN A 947 -2.84 -6.32 -20.28
CA ASN A 947 -3.63 -7.14 -19.38
C ASN A 947 -3.07 -8.54 -19.17
N ALA A 948 -2.35 -9.07 -20.16
CA ALA A 948 -1.67 -10.34 -19.98
C ALA A 948 -0.35 -10.20 -19.23
N GLN A 949 0.18 -8.98 -19.12
CA GLN A 949 1.42 -8.74 -18.40
C GLN A 949 1.20 -8.51 -16.91
N ALA A 950 0.11 -7.85 -16.53
CA ALA A 950 -0.17 -7.61 -15.12
C ALA A 950 -0.44 -8.91 -14.38
N LEU A 951 -1.14 -9.85 -15.02
CA LEU A 951 -1.38 -11.15 -14.41
C LEU A 951 -0.08 -11.94 -14.28
N ASN A 952 0.80 -11.84 -15.28
CA ASN A 952 2.08 -12.54 -15.21
C ASN A 952 2.96 -11.97 -14.11
N THR A 953 2.96 -10.65 -13.92
CA THR A 953 3.70 -10.06 -12.81
C THR A 953 3.06 -10.42 -11.48
N LEU A 954 1.73 -10.53 -11.44
CA LEU A 954 1.05 -10.96 -10.22
C LEU A 954 1.42 -12.38 -9.84
N VAL A 955 1.59 -13.26 -10.83
CA VAL A 955 2.07 -14.61 -10.56
C VAL A 955 3.52 -14.61 -10.13
N LYS A 956 4.36 -13.85 -10.82
CA LYS A 956 5.79 -13.83 -10.52
C LYS A 956 6.11 -13.14 -9.21
N GLN A 957 5.19 -12.34 -8.67
CA GLN A 957 5.38 -11.76 -7.35
C GLN A 957 5.10 -12.74 -6.23
N LEU A 958 4.57 -13.93 -6.53
CA LEU A 958 4.41 -14.96 -5.52
C LEU A 958 5.75 -15.54 -5.09
N SER A 959 6.78 -15.43 -5.93
CA SER A 959 8.12 -15.91 -5.59
C SER A 959 8.95 -14.80 -4.97
N SER A 960 8.40 -14.15 -3.94
CA SER A 960 9.08 -13.07 -3.26
C SER A 960 9.11 -13.37 -1.77
N ASN A 961 10.26 -13.15 -1.15
CA ASN A 961 10.37 -13.40 0.29
C ASN A 961 9.58 -12.38 1.10
N PHE A 962 9.55 -11.12 0.64
CA PHE A 962 8.94 -9.99 1.36
C PHE A 962 9.53 -9.81 2.74
N GLY A 963 10.81 -10.16 2.92
CA GLY A 963 11.45 -10.11 4.20
C GLY A 963 11.36 -11.38 5.02
N ALA A 964 10.60 -12.37 4.55
CA ALA A 964 10.50 -13.64 5.27
C ALA A 964 11.70 -14.52 4.95
N ILE A 965 11.77 -15.68 5.61
CA ILE A 965 12.88 -16.58 5.39
C ILE A 965 12.76 -17.29 4.05
N SER A 966 11.53 -17.46 3.55
CA SER A 966 11.32 -18.14 2.28
C SER A 966 10.02 -17.64 1.67
N SER A 967 9.88 -17.85 0.36
CA SER A 967 8.71 -17.44 -0.37
C SER A 967 7.66 -18.54 -0.46
N VAL A 968 7.87 -19.66 0.21
CA VAL A 968 6.99 -20.82 0.14
C VAL A 968 6.33 -21.01 1.50
N LEU A 969 5.00 -21.12 1.50
CA LEU A 969 4.28 -21.39 2.76
C LEU A 969 4.63 -22.76 3.31
N ASN A 970 4.92 -23.73 2.44
CA ASN A 970 5.19 -25.09 2.89
C ASN A 970 6.50 -25.18 3.66
N ASP A 971 7.53 -24.43 3.21
CA ASP A 971 8.81 -24.44 3.91
C ASP A 971 8.70 -23.86 5.31
N ILE A 972 7.99 -22.73 5.43
CA ILE A 972 7.79 -22.11 6.74
C ILE A 972 6.94 -23.00 7.64
N LEU A 973 5.86 -23.57 7.09
CA LEU A 973 4.97 -24.38 7.90
C LEU A 973 5.54 -25.75 8.22
N SER A 974 6.59 -26.19 7.52
CA SER A 974 7.24 -27.45 7.81
C SER A 974 8.52 -27.28 8.61
N ARG A 975 9.08 -26.08 8.67
CA ARG A 975 10.32 -25.86 9.39
C ARG A 975 10.15 -25.15 10.72
N LEU A 976 9.06 -24.41 10.91
CA LEU A 976 8.84 -23.63 12.12
C LEU A 976 7.52 -24.02 12.76
N ASP A 977 7.46 -23.92 14.08
CA ASP A 977 6.26 -24.26 14.84
C ASP A 977 5.25 -23.11 14.72
N LYS A 978 4.17 -23.19 15.50
CA LYS A 978 3.06 -22.25 15.32
C LYS A 978 3.44 -20.85 15.77
N VAL A 979 4.14 -20.71 16.90
CA VAL A 979 4.45 -19.39 17.43
C VAL A 979 5.49 -18.68 16.56
N GLU A 980 6.43 -19.42 15.98
CA GLU A 980 7.54 -18.82 15.26
C GLU A 980 7.24 -18.60 13.78
N ALA A 981 6.35 -19.39 13.19
CA ALA A 981 6.01 -19.22 11.78
C ALA A 981 4.97 -18.14 11.54
N GLU A 982 4.29 -17.68 12.58
CA GLU A 982 3.26 -16.67 12.42
C GLU A 982 3.86 -15.34 11.95
N VAL A 983 5.03 -14.99 12.49
CA VAL A 983 5.66 -13.72 12.12
C VAL A 983 6.20 -13.75 10.70
N GLN A 984 6.39 -14.94 10.11
CA GLN A 984 6.83 -15.08 8.72
C GLN A 984 5.63 -15.10 7.78
N ILE A 985 4.60 -15.83 8.16
CA ILE A 985 3.37 -15.89 7.37
C ILE A 985 2.70 -14.53 7.33
N ASP A 986 2.82 -13.74 8.40
CA ASP A 986 2.27 -12.38 8.37
C ASP A 986 3.00 -11.49 7.37
N ARG A 987 4.32 -11.64 7.26
CA ARG A 987 5.07 -10.90 6.25
C ARG A 987 4.64 -11.30 4.85
N LEU A 988 4.47 -12.61 4.61
CA LEU A 988 4.03 -13.09 3.30
C LEU A 988 2.63 -12.59 2.98
N ILE A 989 1.74 -12.60 3.97
CA ILE A 989 0.36 -12.15 3.78
C ILE A 989 0.33 -10.66 3.46
N THR A 990 1.11 -9.86 4.18
CA THR A 990 1.14 -8.42 3.94
C THR A 990 1.70 -8.10 2.55
N GLY A 991 2.77 -8.81 2.15
CA GLY A 991 3.33 -8.59 0.83
C GLY A 991 2.38 -8.97 -0.29
N ARG A 992 1.73 -10.13 -0.17
CA ARG A 992 0.82 -10.56 -1.22
C ARG A 992 -0.45 -9.72 -1.27
N LEU A 993 -0.91 -9.24 -0.11
CA LEU A 993 -2.05 -8.33 -0.09
C LEU A 993 -1.71 -7.00 -0.74
N GLN A 994 -0.50 -6.49 -0.49
CA GLN A 994 -0.08 -5.25 -1.14
C GLN A 994 0.05 -5.43 -2.65
N SER A 995 0.55 -6.59 -3.08
CA SER A 995 0.65 -6.87 -4.51
C SER A 995 -0.72 -6.94 -5.16
N LEU A 996 -1.68 -7.59 -4.50
CA LEU A 996 -3.04 -7.66 -5.02
C LEU A 996 -3.69 -6.28 -5.09
N GLN A 997 -3.48 -5.46 -4.06
CA GLN A 997 -4.05 -4.10 -4.06
C GLN A 997 -3.45 -3.25 -5.17
N THR A 998 -2.14 -3.40 -5.42
CA THR A 998 -1.49 -2.70 -6.52
C THR A 998 -2.09 -3.11 -7.85
N TYR A 999 -2.31 -4.43 -8.04
CA TYR A 999 -2.93 -4.90 -9.28
C TYR A 999 -4.33 -4.35 -9.46
N VAL A 1000 -5.12 -4.31 -8.39
CA VAL A 1000 -6.48 -3.80 -8.48
C VAL A 1000 -6.50 -2.31 -8.80
N THR A 1001 -5.59 -1.54 -8.20
CA THR A 1001 -5.51 -0.11 -8.48
C THR A 1001 -5.11 0.15 -9.93
N GLN A 1002 -4.12 -0.60 -10.45
CA GLN A 1002 -3.74 -0.45 -11.84
C GLN A 1002 -4.88 -0.83 -12.78
N GLN A 1003 -5.63 -1.88 -12.44
CA GLN A 1003 -6.77 -2.27 -13.26
C GLN A 1003 -7.88 -1.22 -13.21
N LEU A 1004 -8.05 -0.54 -12.08
CA LEU A 1004 -9.04 0.54 -12.01
C LEU A 1004 -8.64 1.72 -12.88
N ILE A 1005 -7.35 2.08 -12.87
CA ILE A 1005 -6.85 3.15 -13.74
C ILE A 1005 -7.08 2.80 -15.21
N ARG A 1006 -6.72 1.58 -15.59
CA ARG A 1006 -6.89 1.15 -16.97
C ARG A 1006 -8.35 1.05 -17.35
N ALA A 1007 -9.23 0.67 -16.41
CA ALA A 1007 -10.65 0.62 -16.69
C ALA A 1007 -11.22 2.01 -16.90
N ALA A 1008 -10.74 3.00 -16.15
CA ALA A 1008 -11.17 4.38 -16.38
C ALA A 1008 -10.76 4.87 -17.77
N GLU A 1009 -9.51 4.58 -18.17
CA GLU A 1009 -9.06 4.99 -19.50
C GLU A 1009 -9.83 4.28 -20.61
N ILE A 1010 -10.09 2.99 -20.43
CA ILE A 1010 -10.84 2.22 -21.42
C ILE A 1010 -12.28 2.70 -21.50
N ARG A 1011 -12.86 3.08 -20.35
CA ARG A 1011 -14.22 3.61 -20.35
C ARG A 1011 -14.29 4.96 -21.05
N ALA A 1012 -13.27 5.80 -20.89
CA ALA A 1012 -13.22 7.04 -21.64
C ALA A 1012 -13.15 6.79 -23.14
N SER A 1013 -12.32 5.83 -23.56
CA SER A 1013 -12.23 5.49 -24.97
C SER A 1013 -13.54 4.90 -25.49
N ALA A 1014 -14.23 4.11 -24.67
CA ALA A 1014 -15.50 3.52 -25.09
C ALA A 1014 -16.59 4.56 -25.18
N ASN A 1015 -16.57 5.57 -24.31
CA ASN A 1015 -17.50 6.69 -24.44
C ASN A 1015 -17.25 7.45 -25.73
N LEU A 1016 -15.98 7.66 -26.07
CA LEU A 1016 -15.65 8.32 -27.34
C LEU A 1016 -16.13 7.49 -28.53
N ALA A 1017 -15.96 6.17 -28.46
CA ALA A 1017 -16.41 5.29 -29.53
C ALA A 1017 -17.92 5.28 -29.67
N ALA A 1018 -18.65 5.29 -28.55
CA ALA A 1018 -20.11 5.36 -28.61
C ALA A 1018 -20.58 6.68 -29.17
N THR A 1019 -19.90 7.79 -28.80
CA THR A 1019 -20.22 9.09 -29.40
C THR A 1019 -19.96 9.09 -30.90
N LYS A 1020 -18.85 8.48 -31.33
CA LYS A 1020 -18.54 8.42 -32.75
C LYS A 1020 -19.53 7.56 -33.51
N MET A 1021 -20.02 6.49 -32.89
CA MET A 1021 -21.03 5.66 -33.53
C MET A 1021 -22.37 6.40 -33.63
N SER A 1022 -22.73 7.15 -32.60
CA SER A 1022 -24.01 7.85 -32.61
C SER A 1022 -24.00 9.03 -33.56
N GLU A 1023 -22.88 9.76 -33.64
CA GLU A 1023 -22.85 11.02 -34.35
C GLU A 1023 -22.28 10.92 -35.76
N CYS A 1024 -21.68 9.80 -36.14
CA CYS A 1024 -21.14 9.67 -37.48
C CYS A 1024 -21.71 8.48 -38.24
N VAL A 1025 -21.90 7.33 -37.60
CA VAL A 1025 -22.54 6.21 -38.28
C VAL A 1025 -24.03 6.44 -38.41
N LEU A 1026 -24.68 6.87 -37.32
CA LEU A 1026 -26.12 7.07 -37.32
C LEU A 1026 -26.53 8.40 -37.95
N GLY A 1027 -25.58 9.25 -38.34
CA GLY A 1027 -25.91 10.51 -38.95
C GLY A 1027 -24.78 11.11 -39.77
N GLN A 1028 -24.63 12.42 -39.71
CA GLN A 1028 -23.55 13.12 -40.39
C GLN A 1028 -23.13 14.30 -39.52
N SER A 1029 -21.83 14.40 -39.27
CA SER A 1029 -21.28 15.38 -38.34
C SER A 1029 -20.64 16.52 -39.10
N LYS A 1030 -20.96 17.75 -38.71
CA LYS A 1030 -20.30 18.94 -39.21
C LYS A 1030 -19.09 19.32 -38.36
N ARG A 1031 -18.76 18.53 -37.36
CA ARG A 1031 -17.60 18.81 -36.52
C ARG A 1031 -16.33 18.54 -37.30
N VAL A 1032 -15.42 19.52 -37.29
CA VAL A 1032 -14.20 19.42 -38.07
C VAL A 1032 -13.26 18.41 -37.43
N ASP A 1033 -12.73 17.50 -38.26
CA ASP A 1033 -11.73 16.50 -37.89
C ASP A 1033 -12.23 15.50 -36.85
N PHE A 1034 -13.53 15.46 -36.60
CA PHE A 1034 -14.08 14.49 -35.67
C PHE A 1034 -14.13 13.10 -36.28
N CYS A 1035 -14.55 13.01 -37.54
CA CYS A 1035 -14.65 11.75 -38.26
C CYS A 1035 -13.94 11.91 -39.60
N GLY A 1036 -12.65 11.59 -39.63
CA GLY A 1036 -11.86 11.65 -40.84
C GLY A 1036 -11.31 13.03 -41.11
N LYS A 1037 -10.32 13.07 -41.99
CA LYS A 1037 -9.70 14.33 -42.42
C LYS A 1037 -10.43 14.81 -43.67
N GLY A 1038 -11.23 15.85 -43.52
CA GLY A 1038 -12.02 16.40 -44.59
C GLY A 1038 -13.47 16.49 -44.19
N TYR A 1039 -14.31 16.85 -45.15
CA TYR A 1039 -15.74 16.95 -44.90
C TYR A 1039 -16.33 15.56 -44.82
N HIS A 1040 -16.91 15.21 -43.68
CA HIS A 1040 -17.34 13.85 -43.43
C HIS A 1040 -18.61 13.53 -44.20
N LEU A 1041 -18.58 12.43 -44.95
CA LEU A 1041 -19.74 11.97 -45.70
C LEU A 1041 -20.45 10.82 -44.99
N MET A 1042 -19.76 9.71 -44.78
CA MET A 1042 -20.36 8.57 -44.08
C MET A 1042 -19.28 7.90 -43.24
N SER A 1043 -19.70 6.92 -42.46
CA SER A 1043 -18.75 6.07 -41.76
C SER A 1043 -19.36 4.69 -41.58
N PHE A 1044 -18.53 3.67 -41.72
CA PHE A 1044 -18.96 2.30 -41.56
C PHE A 1044 -18.26 1.66 -40.38
N PRO A 1045 -19.00 1.07 -39.44
CA PRO A 1045 -18.36 0.42 -38.30
C PRO A 1045 -18.08 -1.05 -38.54
N GLN A 1046 -16.93 -1.50 -38.04
CA GLN A 1046 -16.57 -2.91 -38.03
C GLN A 1046 -16.03 -3.26 -36.65
N SER A 1047 -16.18 -4.53 -36.29
CA SER A 1047 -15.74 -5.01 -34.99
C SER A 1047 -14.27 -5.40 -35.04
N ALA A 1048 -13.67 -5.53 -33.86
CA ALA A 1048 -12.28 -5.93 -33.72
C ALA A 1048 -12.10 -6.52 -32.33
N PRO A 1049 -11.07 -7.36 -32.12
CA PRO A 1049 -10.87 -7.95 -30.78
C PRO A 1049 -10.69 -6.90 -29.70
N HIS A 1050 -11.69 -6.84 -28.81
CA HIS A 1050 -11.80 -5.82 -27.76
C HIS A 1050 -11.73 -4.41 -28.32
N GLY A 1051 -12.44 -4.16 -29.41
CA GLY A 1051 -12.44 -2.81 -29.93
C GLY A 1051 -13.34 -2.66 -31.15
N VAL A 1052 -13.42 -1.41 -31.62
CA VAL A 1052 -14.21 -1.06 -32.78
C VAL A 1052 -13.29 -0.32 -33.75
N VAL A 1053 -13.64 -0.37 -35.03
CA VAL A 1053 -12.90 0.35 -36.05
C VAL A 1053 -13.92 1.03 -36.97
N PHE A 1054 -13.62 2.26 -37.36
CA PHE A 1054 -14.50 3.05 -38.21
C PHE A 1054 -13.78 3.33 -39.52
N LEU A 1055 -14.46 3.09 -40.63
CA LEU A 1055 -14.03 3.53 -41.94
C LEU A 1055 -14.81 4.81 -42.23
N HIS A 1056 -14.16 5.95 -42.00
CA HIS A 1056 -14.76 7.25 -42.28
C HIS A 1056 -14.50 7.57 -43.75
N VAL A 1057 -15.56 7.64 -44.54
CA VAL A 1057 -15.44 8.04 -45.93
C VAL A 1057 -15.82 9.52 -46.04
N THR A 1058 -14.89 10.31 -46.56
CA THR A 1058 -14.91 11.76 -46.50
C THR A 1058 -14.60 12.35 -47.86
N TYR A 1059 -14.89 13.63 -47.99
CA TYR A 1059 -14.75 14.39 -49.23
C TYR A 1059 -13.62 15.40 -49.04
N VAL A 1060 -12.65 15.38 -49.95
CA VAL A 1060 -11.57 16.38 -49.89
C VAL A 1060 -11.44 17.06 -51.26
N PRO A 1061 -11.14 18.35 -51.30
CA PRO A 1061 -10.82 19.00 -52.57
C PRO A 1061 -9.49 18.50 -53.10
N ALA A 1062 -9.38 18.48 -54.44
CA ALA A 1062 -8.21 17.89 -55.09
C ALA A 1062 -7.39 18.90 -55.87
N GLN A 1063 -7.99 19.62 -56.82
CA GLN A 1063 -7.26 20.47 -57.75
C GLN A 1063 -7.78 21.89 -57.64
N GLU A 1064 -7.13 22.70 -56.81
CA GLU A 1064 -7.52 24.09 -56.66
C GLU A 1064 -6.99 24.92 -57.82
N LYS A 1065 -7.70 26.01 -58.11
CA LYS A 1065 -7.32 26.93 -59.18
C LYS A 1065 -7.43 28.36 -58.66
N ASN A 1066 -6.48 29.19 -59.08
CA ASN A 1066 -6.49 30.60 -58.75
C ASN A 1066 -7.61 31.34 -59.48
N PHE A 1067 -8.16 32.35 -58.81
CA PHE A 1067 -9.19 33.18 -59.41
C PHE A 1067 -9.10 34.58 -58.80
N THR A 1068 -9.63 35.56 -59.53
CA THR A 1068 -9.73 36.93 -59.07
C THR A 1068 -11.15 37.17 -58.56
N THR A 1069 -11.26 37.62 -57.32
CA THR A 1069 -12.54 37.65 -56.64
C THR A 1069 -12.85 39.04 -56.10
N ALA A 1070 -14.15 39.32 -55.94
CA ALA A 1070 -14.64 40.59 -55.43
C ALA A 1070 -15.80 40.31 -54.46
N PRO A 1071 -15.92 41.10 -53.40
CA PRO A 1071 -16.99 40.83 -52.43
C PRO A 1071 -18.38 41.16 -52.94
N ALA A 1072 -18.51 42.14 -53.83
CA ALA A 1072 -19.83 42.55 -54.29
C ALA A 1072 -19.72 43.15 -55.68
N ILE A 1073 -20.88 43.36 -56.31
CA ILE A 1073 -20.98 43.91 -57.65
C ILE A 1073 -21.88 45.14 -57.59
N CYS A 1074 -21.37 46.28 -58.02
CA CYS A 1074 -22.18 47.50 -58.14
C CYS A 1074 -22.75 47.55 -59.54
N HIS A 1075 -24.02 47.21 -59.69
CA HIS A 1075 -24.63 47.15 -61.01
C HIS A 1075 -25.00 48.53 -61.54
N ASP A 1076 -25.90 49.22 -60.84
CA ASP A 1076 -26.32 50.57 -61.23
C ASP A 1076 -26.45 51.45 -59.99
N GLY A 1077 -25.47 51.37 -59.10
CA GLY A 1077 -25.48 52.13 -57.87
C GLY A 1077 -25.83 51.33 -56.64
N LYS A 1078 -26.38 50.13 -56.82
CA LYS A 1078 -26.72 49.25 -55.70
C LYS A 1078 -25.82 48.02 -55.73
N ALA A 1079 -25.29 47.66 -54.56
CA ALA A 1079 -24.41 46.51 -54.44
C ALA A 1079 -25.20 45.21 -54.60
N HIS A 1080 -24.53 44.19 -55.11
CA HIS A 1080 -25.11 42.86 -55.29
C HIS A 1080 -24.25 41.85 -54.54
N PHE A 1081 -24.85 41.15 -53.57
CA PHE A 1081 -24.14 40.15 -52.82
C PHE A 1081 -24.67 38.76 -53.17
N PRO A 1082 -23.81 37.77 -53.30
CA PRO A 1082 -24.27 36.43 -53.67
C PRO A 1082 -24.97 35.74 -52.52
N ARG A 1083 -25.98 34.94 -52.85
CA ARG A 1083 -26.70 34.18 -51.83
C ARG A 1083 -25.84 33.04 -51.30
N GLU A 1084 -25.48 32.10 -52.17
CA GLU A 1084 -24.47 31.10 -51.88
C GLU A 1084 -23.36 31.21 -52.91
N GLY A 1085 -22.13 30.98 -52.48
CA GLY A 1085 -20.99 31.10 -53.35
C GLY A 1085 -20.38 32.48 -53.33
N VAL A 1086 -19.36 32.67 -54.18
CA VAL A 1086 -18.64 33.92 -54.28
C VAL A 1086 -18.52 34.32 -55.74
N PHE A 1087 -18.23 35.61 -55.94
CA PHE A 1087 -17.89 36.13 -57.27
C PHE A 1087 -16.44 35.81 -57.58
N VAL A 1088 -16.19 35.24 -58.75
CA VAL A 1088 -14.84 35.01 -59.24
C VAL A 1088 -14.74 35.49 -60.67
N SER A 1089 -13.52 35.71 -61.12
CA SER A 1089 -13.27 36.13 -62.49
C SER A 1089 -12.06 35.43 -63.03
N ASN A 1090 -12.16 34.95 -64.27
CA ASN A 1090 -11.03 34.36 -64.97
C ASN A 1090 -10.23 35.40 -65.75
N GLY A 1091 -10.60 36.67 -65.66
CA GLY A 1091 -9.87 37.73 -66.32
C GLY A 1091 -10.76 38.75 -67.01
N THR A 1092 -11.87 38.30 -67.57
CA THR A 1092 -12.78 39.17 -68.30
C THR A 1092 -14.18 39.22 -67.71
N HIS A 1093 -14.77 38.06 -67.42
CA HIS A 1093 -16.15 37.98 -66.96
C HIS A 1093 -16.19 37.50 -65.51
N TRP A 1094 -17.31 37.77 -64.85
CA TRP A 1094 -17.51 37.44 -63.45
C TRP A 1094 -18.63 36.41 -63.32
N PHE A 1095 -18.43 35.46 -62.41
CA PHE A 1095 -19.35 34.35 -62.23
C PHE A 1095 -19.57 34.09 -60.74
N VAL A 1096 -20.72 33.54 -60.41
CA VAL A 1096 -20.98 33.03 -59.07
C VAL A 1096 -20.53 31.57 -59.01
N THR A 1097 -19.99 31.16 -57.87
CA THR A 1097 -19.45 29.82 -57.73
C THR A 1097 -19.74 29.29 -56.34
N GLN A 1098 -20.05 28.00 -56.25
CA GLN A 1098 -20.08 27.31 -54.97
C GLN A 1098 -18.70 27.36 -54.33
N ARG A 1099 -18.67 27.50 -53.01
CA ARG A 1099 -17.42 27.74 -52.31
C ARG A 1099 -16.53 26.50 -52.22
N ASN A 1100 -17.05 25.32 -52.55
CA ASN A 1100 -16.27 24.09 -52.44
C ASN A 1100 -16.11 23.35 -53.75
N PHE A 1101 -16.67 23.85 -54.85
CA PHE A 1101 -16.54 23.22 -56.15
C PHE A 1101 -16.72 24.29 -57.22
N TYR A 1102 -15.97 24.16 -58.32
CA TYR A 1102 -16.02 25.15 -59.39
C TYR A 1102 -17.21 24.87 -60.27
N GLU A 1103 -18.28 25.66 -60.09
CA GLU A 1103 -19.49 25.58 -60.90
C GLU A 1103 -19.82 27.00 -61.35
N PRO A 1104 -19.17 27.50 -62.40
CA PRO A 1104 -19.37 28.90 -62.82
C PRO A 1104 -20.74 29.10 -63.46
N GLN A 1105 -21.49 30.04 -62.92
CA GLN A 1105 -22.79 30.42 -63.46
C GLN A 1105 -22.80 31.92 -63.70
N ILE A 1106 -23.60 32.34 -64.69
CA ILE A 1106 -23.66 33.76 -65.03
C ILE A 1106 -24.37 34.52 -63.91
N ILE A 1107 -24.07 35.82 -63.82
CA ILE A 1107 -24.65 36.64 -62.76
C ILE A 1107 -26.10 36.93 -63.11
N THR A 1108 -27.01 36.40 -62.31
CA THR A 1108 -28.44 36.58 -62.53
C THR A 1108 -29.05 37.04 -61.21
N THR A 1109 -30.14 37.80 -61.29
CA THR A 1109 -30.74 38.41 -60.10
C THR A 1109 -31.33 37.40 -59.13
N ASP A 1110 -31.47 36.13 -59.51
CA ASP A 1110 -31.84 35.10 -58.54
C ASP A 1110 -30.64 34.54 -57.79
N ASN A 1111 -29.43 34.78 -58.27
CA ASN A 1111 -28.22 34.37 -57.57
C ASN A 1111 -27.72 35.42 -56.60
N THR A 1112 -28.25 36.64 -56.65
CA THR A 1112 -27.75 37.76 -55.87
C THR A 1112 -28.90 38.50 -55.22
N PHE A 1113 -28.59 39.22 -54.16
CA PHE A 1113 -29.54 40.11 -53.51
C PHE A 1113 -28.90 41.47 -53.30
N VAL A 1114 -29.73 42.50 -53.33
CA VAL A 1114 -29.25 43.88 -53.26
C VAL A 1114 -29.33 44.36 -51.82
N SER A 1115 -28.39 45.23 -51.45
CA SER A 1115 -28.38 45.81 -50.11
C SER A 1115 -27.64 47.15 -50.17
N GLY A 1116 -28.40 48.24 -50.21
CA GLY A 1116 -27.85 49.56 -50.06
C GLY A 1116 -27.05 50.05 -51.27
N ASN A 1117 -26.35 51.15 -51.03
CA ASN A 1117 -25.50 51.77 -52.04
C ASN A 1117 -24.20 50.99 -52.19
N CYS A 1118 -23.52 51.22 -53.32
CA CYS A 1118 -22.31 50.49 -53.66
C CYS A 1118 -21.03 51.28 -53.40
N ASP A 1119 -21.07 52.23 -52.48
CA ASP A 1119 -19.88 52.99 -52.12
C ASP A 1119 -19.33 52.67 -50.74
N VAL A 1120 -20.13 52.06 -49.86
CA VAL A 1120 -19.67 51.77 -48.51
C VAL A 1120 -18.87 50.46 -48.45
N VAL A 1121 -19.04 49.57 -49.44
CA VAL A 1121 -18.34 48.30 -49.44
C VAL A 1121 -16.93 48.52 -49.98
N ILE A 1122 -15.94 48.00 -49.25
CA ILE A 1122 -14.53 48.15 -49.64
C ILE A 1122 -14.18 47.00 -50.59
N GLY A 1123 -13.71 47.36 -51.78
CA GLY A 1123 -13.30 46.37 -52.77
C GLY A 1123 -14.36 45.96 -53.76
N ILE A 1124 -15.49 46.66 -53.82
CA ILE A 1124 -16.54 46.29 -54.76
C ILE A 1124 -16.13 46.72 -56.16
N VAL A 1125 -16.38 45.85 -57.14
CA VAL A 1125 -16.03 46.12 -58.52
C VAL A 1125 -17.30 46.42 -59.32
N ASN A 1126 -17.10 46.83 -60.56
CA ASN A 1126 -18.17 47.31 -61.44
C ASN A 1126 -18.46 46.23 -62.48
N ASN A 1127 -19.73 45.85 -62.59
CA ASN A 1127 -20.20 44.90 -63.60
C ASN A 1127 -21.71 45.07 -63.74
N THR A 1128 -22.30 44.30 -64.65
CA THR A 1128 -23.73 44.30 -64.88
C THR A 1128 -24.32 42.94 -64.54
N VAL A 1129 -25.49 42.95 -63.92
CA VAL A 1129 -26.21 41.73 -63.59
C VAL A 1129 -27.29 41.51 -64.65
N TYR A 1130 -27.84 40.30 -64.66
CA TYR A 1130 -28.88 39.94 -65.61
C TYR A 1130 -30.19 39.73 -64.86
N ASP A 1131 -31.27 40.24 -65.43
CA ASP A 1131 -32.61 40.02 -64.89
C ASP A 1131 -33.52 39.40 -65.94
N PRO A 1132 -34.08 38.21 -65.70
CA PRO A 1132 -34.99 37.56 -66.65
C PRO A 1132 -36.31 38.28 -66.79
N GLN B 15 25.90 28.06 60.69
CA GLN B 15 24.95 28.85 61.44
C GLN B 15 23.74 29.23 60.60
N CYS B 16 22.57 29.29 61.24
CA CYS B 16 21.35 29.68 60.57
C CYS B 16 20.51 30.53 61.50
N VAL B 17 19.96 31.62 60.98
CA VAL B 17 19.04 32.47 61.72
C VAL B 17 17.70 32.46 61.00
N ASN B 18 16.65 32.77 61.74
CA ASN B 18 15.29 32.85 61.19
C ASN B 18 14.93 34.31 61.05
N LEU B 19 14.69 34.74 59.81
CA LEU B 19 14.41 36.15 59.55
C LEU B 19 13.01 36.51 60.02
N THR B 20 12.90 37.58 60.81
CA THR B 20 11.65 37.98 61.43
C THR B 20 11.11 39.30 60.88
N GLY B 21 11.99 40.18 60.41
CA GLY B 21 11.54 41.44 59.84
C GLY B 21 11.03 41.32 58.43
N ARG B 22 11.08 40.13 57.85
CA ARG B 22 10.54 39.89 56.52
C ARG B 22 9.03 40.09 56.50
N ALA B 23 8.55 40.77 55.46
CA ALA B 23 7.12 41.02 55.32
C ALA B 23 6.38 39.73 54.95
N THR B 24 5.05 39.82 54.92
CA THR B 24 4.21 38.67 54.61
C THR B 24 4.43 38.22 53.16
N ILE B 25 4.66 36.93 52.99
CA ILE B 25 4.97 36.36 51.69
C ILE B 25 3.68 36.21 50.89
N GLN B 26 3.71 36.71 49.64
CA GLN B 26 2.61 36.57 48.69
C GLN B 26 3.15 36.86 47.30
N PRO B 27 2.75 36.10 46.28
CA PRO B 27 3.21 36.38 44.92
C PRO B 27 2.24 37.26 44.15
N SER B 28 2.76 37.86 43.08
CA SER B 28 1.89 38.47 42.07
C SER B 28 2.07 37.68 40.78
N PHE B 29 1.18 37.91 39.82
CA PHE B 29 0.99 36.96 38.74
C PHE B 29 1.16 37.62 37.38
N THR B 30 1.66 36.87 36.41
CA THR B 30 1.87 37.37 35.05
C THR B 30 1.77 36.20 34.07
N ASN B 31 2.16 36.41 32.82
CA ASN B 31 2.06 35.36 31.81
C ASN B 31 3.40 35.12 31.11
N SER B 32 3.48 33.96 30.46
CA SER B 32 4.67 33.55 29.70
C SER B 32 4.42 33.77 28.21
N SER B 33 4.63 35.00 27.77
CA SER B 33 4.36 35.36 26.38
C SER B 33 5.50 34.82 25.50
N HIS B 34 5.26 33.66 24.89
CA HIS B 34 6.14 33.06 23.88
C HIS B 34 7.54 32.76 24.41
N ARG B 35 7.67 32.48 25.70
CA ARG B 35 8.98 32.27 26.31
C ARG B 35 9.09 30.85 26.85
N GLY B 36 10.34 30.41 27.02
CA GLY B 36 10.62 29.13 27.62
C GLY B 36 10.75 27.97 26.65
N VAL B 37 10.87 28.23 25.36
CA VAL B 37 11.03 27.14 24.40
C VAL B 37 12.46 26.63 24.48
N TYR B 38 12.61 25.32 24.65
CA TYR B 38 13.90 24.68 24.80
C TYR B 38 14.02 23.53 23.81
N TYR B 39 15.11 22.78 23.92
CA TYR B 39 15.37 21.68 23.00
C TYR B 39 14.84 20.38 23.60
N PRO B 40 13.85 19.70 22.96
CA PRO B 40 13.27 18.52 23.57
C PRO B 40 14.23 17.32 23.56
N ASP B 41 15.18 17.30 22.62
CA ASP B 41 16.10 16.13 22.50
C ASP B 41 17.35 16.54 21.73
N THR B 42 18.41 15.72 21.81
CA THR B 42 19.67 16.03 21.09
C THR B 42 19.73 15.19 19.83
N ILE B 43 19.24 15.74 18.71
CA ILE B 43 19.29 15.02 17.40
C ILE B 43 20.04 15.92 16.40
N PHE B 44 20.21 17.20 16.74
CA PHE B 44 20.92 18.16 15.85
C PHE B 44 20.22 18.23 14.50
N ARG B 45 18.96 18.67 14.48
CA ARG B 45 18.27 18.89 13.22
C ARG B 45 18.56 20.29 12.70
N SER B 46 18.64 20.43 11.38
CA SER B 46 18.98 21.70 10.75
C SER B 46 18.05 21.95 9.57
N ASN B 47 17.53 23.18 9.49
CA ASN B 47 16.66 23.64 8.41
C ASN B 47 15.43 22.74 8.25
N SER B 48 14.64 22.65 9.33
CA SER B 48 13.49 21.75 9.29
C SER B 48 12.43 22.22 10.27
N LEU B 49 11.17 22.06 9.87
CA LEU B 49 10.03 22.26 10.76
C LEU B 49 9.60 20.90 11.28
N VAL B 50 9.76 20.69 12.58
CA VAL B 50 9.40 19.42 13.20
C VAL B 50 8.24 19.64 14.15
N LEU B 51 7.59 18.53 14.50
CA LEU B 51 6.42 18.52 15.37
C LEU B 51 6.76 17.63 16.57
N SER B 52 7.11 18.24 17.68
CA SER B 52 7.66 17.53 18.83
C SER B 52 6.67 17.56 19.99
N GLN B 53 6.38 16.38 20.54
CA GLN B 53 5.61 16.26 21.77
C GLN B 53 6.57 16.20 22.95
N GLY B 54 6.33 17.03 23.95
CA GLY B 54 7.19 17.02 25.11
C GLY B 54 6.65 17.95 26.17
N TYR B 55 7.34 17.97 27.31
CA TYR B 55 6.95 18.82 28.42
C TYR B 55 7.47 20.22 28.13
N PHE B 56 6.60 21.05 27.57
CA PHE B 56 6.94 22.40 27.17
C PHE B 56 6.28 23.40 28.11
N LEU B 57 6.65 24.67 27.98
CA LEU B 57 5.97 25.73 28.69
C LEU B 57 4.91 26.30 27.78
N PRO B 58 3.62 26.20 28.11
CA PRO B 58 2.57 26.71 27.22
C PRO B 58 2.64 28.21 27.08
N PHE B 59 2.21 28.70 25.92
CA PHE B 59 2.26 30.13 25.65
C PHE B 59 1.23 30.86 26.50
N TYR B 60 1.66 32.02 27.04
CA TYR B 60 0.86 32.84 27.96
C TYR B 60 0.41 32.03 29.18
N SER B 61 1.30 31.19 29.68
CA SER B 61 1.02 30.43 30.88
C SER B 61 1.07 31.33 32.11
N ASN B 62 0.36 30.90 33.15
CA ASN B 62 0.18 31.67 34.38
C ASN B 62 1.46 31.56 35.22
N ILE B 63 2.39 32.47 34.99
CA ILE B 63 3.62 32.53 35.77
C ILE B 63 3.33 33.17 37.13
N SER B 64 3.85 32.56 38.19
CA SER B 64 3.87 33.21 39.49
C SER B 64 5.21 33.93 39.67
N TRP B 65 5.13 35.19 40.08
CA TRP B 65 6.26 36.10 40.15
C TRP B 65 6.48 36.62 41.56
N TYR B 66 7.74 36.61 41.97
CA TYR B 66 8.20 37.02 43.29
C TYR B 66 9.29 38.06 43.09
N TYR B 67 9.47 38.91 44.09
CA TYR B 67 10.41 40.01 43.95
C TYR B 67 11.02 40.36 45.29
N ALA B 68 12.25 40.86 45.25
CA ALA B 68 12.98 41.32 46.43
C ALA B 68 13.20 42.82 46.29
N LEU B 69 12.48 43.60 47.10
CA LEU B 69 12.55 45.05 47.10
C LEU B 69 12.63 45.53 48.54
N THR B 70 13.63 46.37 48.84
CA THR B 70 13.73 47.03 50.14
C THR B 70 14.53 48.32 50.02
N GLU B 76 7.76 47.83 53.68
CA GLU B 76 8.59 47.00 52.81
C GLU B 76 9.28 45.90 53.61
N LYS B 77 10.59 45.75 53.38
CA LYS B 77 11.44 44.74 54.04
C LYS B 77 10.90 43.33 53.80
N ARG B 78 10.90 42.92 52.53
CA ARG B 78 10.45 41.61 52.14
C ARG B 78 11.52 40.89 51.34
N VAL B 79 11.72 39.61 51.64
CA VAL B 79 12.61 38.74 50.90
C VAL B 79 11.79 37.54 50.47
N ASP B 80 11.46 37.49 49.18
CA ASP B 80 10.60 36.42 48.66
C ASP B 80 11.42 35.16 48.50
N ASN B 81 11.36 34.28 49.50
CA ASN B 81 12.09 33.02 49.49
C ASN B 81 11.15 31.88 49.89
N PRO B 82 10.17 31.55 49.04
CA PRO B 82 9.22 30.49 49.41
C PRO B 82 9.73 29.13 49.03
N ILE B 83 8.92 28.10 49.27
CA ILE B 83 9.25 26.73 48.89
C ILE B 83 8.19 26.25 47.91
N LEU B 84 8.63 25.80 46.73
CA LEU B 84 7.73 25.57 45.61
C LEU B 84 7.89 24.15 45.10
N ASP B 85 6.76 23.52 44.74
CA ASP B 85 6.81 22.15 44.25
C ASP B 85 7.32 22.10 42.82
N PHE B 86 8.09 21.05 42.54
CA PHE B 86 8.75 20.86 41.25
C PHE B 86 7.91 19.86 40.46
N LYS B 87 7.08 20.36 39.55
CA LYS B 87 6.13 19.54 38.81
C LYS B 87 6.60 19.44 37.37
N ASP B 88 7.25 18.32 37.04
CA ASP B 88 7.63 17.95 35.67
C ASP B 88 8.53 19.00 35.04
N GLY B 89 9.39 19.60 35.83
CA GLY B 89 10.29 20.62 35.31
C GLY B 89 9.68 22.00 35.43
N ILE B 90 10.56 23.01 35.56
CA ILE B 90 10.13 24.37 35.78
C ILE B 90 10.85 25.29 34.80
N TYR B 91 10.27 26.48 34.61
CA TYR B 91 10.90 27.58 33.90
C TYR B 91 11.15 28.69 34.91
N PHE B 92 12.40 29.11 35.04
CA PHE B 92 12.82 30.07 36.04
C PHE B 92 13.49 31.23 35.34
N ALA B 93 12.88 32.41 35.41
CA ALA B 93 13.43 33.61 34.81
C ALA B 93 13.86 34.58 35.91
N ALA B 94 14.96 35.27 35.70
CA ALA B 94 15.50 36.18 36.70
C ALA B 94 15.86 37.51 36.07
N THR B 95 15.48 38.58 36.76
CA THR B 95 15.82 39.94 36.35
C THR B 95 16.31 40.69 37.57
N GLU B 96 17.56 41.11 37.55
CA GLU B 96 18.18 41.69 38.73
C GLU B 96 19.13 42.81 38.29
N LYS B 97 19.88 43.34 39.24
CA LYS B 97 20.89 44.34 38.93
C LYS B 97 22.26 43.98 39.51
N SER B 98 22.31 43.38 40.69
CA SER B 98 23.57 43.05 41.34
C SER B 98 23.65 41.56 41.67
N ASN B 99 22.99 40.73 40.86
CA ASN B 99 23.05 39.26 40.94
C ASN B 99 22.58 38.75 42.30
N ILE B 100 21.35 39.14 42.66
CA ILE B 100 20.77 38.70 43.92
C ILE B 100 20.41 37.22 43.85
N VAL B 101 19.87 36.77 42.72
CA VAL B 101 19.64 35.34 42.54
C VAL B 101 20.99 34.63 42.43
N ARG B 102 21.19 33.63 43.28
CA ARG B 102 22.53 33.05 43.41
C ARG B 102 22.53 31.53 43.44
N GLY B 103 21.38 30.88 43.37
CA GLY B 103 21.38 29.44 43.43
C GLY B 103 19.98 28.88 43.61
N TRP B 104 19.95 27.57 43.79
CA TRP B 104 18.72 26.80 43.83
C TRP B 104 18.91 25.57 44.70
N ILE B 105 17.82 25.13 45.31
CA ILE B 105 17.75 23.89 46.08
C ILE B 105 16.76 22.98 45.37
N PHE B 106 17.15 21.72 45.16
CA PHE B 106 16.29 20.77 44.46
C PHE B 106 16.24 19.49 45.29
N GLY B 107 15.10 19.20 45.89
CA GLY B 107 14.99 18.02 46.70
C GLY B 107 13.57 17.50 46.80
N THR B 108 13.34 16.59 47.74
CA THR B 108 12.00 16.07 47.97
C THR B 108 11.52 16.24 49.41
N THR B 109 12.42 16.28 50.39
CA THR B 109 12.08 16.60 51.76
C THR B 109 12.86 17.78 52.31
N LEU B 110 13.99 18.13 51.70
CA LEU B 110 14.89 19.21 52.14
C LEU B 110 15.32 19.04 53.59
N ASP B 111 15.75 17.82 53.91
CA ASP B 111 16.24 17.48 55.24
C ASP B 111 17.36 16.46 55.07
N ASN B 112 17.97 16.07 56.19
CA ASN B 112 19.06 15.10 56.15
C ASN B 112 18.56 13.68 56.00
N THR B 113 17.24 13.46 55.98
CA THR B 113 16.68 12.14 55.76
C THR B 113 16.60 11.76 54.29
N SER B 114 16.87 12.69 53.38
CA SER B 114 16.81 12.39 51.96
C SER B 114 17.82 13.23 51.21
N GLN B 115 18.27 12.71 50.08
CA GLN B 115 19.31 13.35 49.29
C GLN B 115 18.72 14.49 48.45
N SER B 116 19.48 15.57 48.32
CA SER B 116 19.01 16.76 47.63
C SER B 116 20.13 17.26 46.71
N LEU B 117 19.95 18.47 46.18
CA LEU B 117 20.85 19.01 45.16
C LEU B 117 20.98 20.51 45.37
N LEU B 118 22.22 20.98 45.48
CA LEU B 118 22.51 22.38 45.74
C LEU B 118 23.23 22.97 44.54
N ILE B 119 22.74 24.11 44.04
CA ILE B 119 23.38 24.87 42.98
C ILE B 119 23.67 26.25 43.55
N VAL B 120 24.93 26.55 43.84
CA VAL B 120 25.26 27.84 44.45
C VAL B 120 26.60 28.31 43.88
N ASN B 121 26.74 29.62 43.70
CA ASN B 121 27.98 30.14 43.14
C ASN B 121 28.49 31.34 43.93
N ASN B 122 29.80 31.37 44.17
CA ASN B 122 30.46 32.58 44.64
C ASN B 122 31.01 33.32 43.41
N ALA B 123 31.89 34.29 43.64
CA ALA B 123 32.25 35.26 42.60
C ALA B 123 33.02 34.65 41.43
N THR B 124 33.54 33.44 41.55
CA THR B 124 34.38 32.86 40.50
C THR B 124 33.62 31.88 39.61
N ASN B 125 33.07 30.82 40.18
CA ASN B 125 32.40 29.79 39.39
C ASN B 125 31.27 29.19 40.22
N VAL B 126 30.63 28.15 39.68
CA VAL B 126 29.50 27.53 40.34
C VAL B 126 29.97 26.31 41.10
N ILE B 127 29.15 25.85 42.03
CA ILE B 127 29.35 24.63 42.81
C ILE B 127 28.01 23.95 42.87
N ILE B 128 27.92 22.74 42.31
CA ILE B 128 26.69 21.97 42.33
C ILE B 128 27.00 20.61 42.96
N LYS B 129 26.23 20.26 43.97
CA LYS B 129 26.50 19.09 44.79
C LYS B 129 25.21 18.31 44.99
N VAL B 130 25.26 17.01 44.72
CA VAL B 130 24.13 16.12 45.04
C VAL B 130 24.53 15.40 46.33
N CYS B 131 24.19 16.02 47.45
CA CYS B 131 24.58 15.52 48.74
C CYS B 131 23.39 15.53 49.69
N ASN B 132 23.59 14.93 50.86
CA ASN B 132 22.50 14.72 51.82
C ASN B 132 22.53 15.85 52.85
N PHE B 133 22.21 17.05 52.37
CA PHE B 133 22.24 18.24 53.20
C PHE B 133 21.12 18.23 54.23
N GLN B 134 21.28 19.06 55.26
CA GLN B 134 20.23 19.36 56.22
C GLN B 134 20.03 20.88 56.19
N PHE B 135 19.18 21.34 55.29
CA PHE B 135 18.91 22.77 55.18
C PHE B 135 18.12 23.25 56.38
N CYS B 136 18.40 24.48 56.80
CA CYS B 136 17.71 25.11 57.90
C CYS B 136 16.46 25.83 57.41
N TYR B 137 15.58 26.15 58.35
CA TYR B 137 14.35 26.87 58.01
C TYR B 137 14.70 28.29 57.59
N ASP B 138 14.07 28.73 56.48
CA ASP B 138 14.31 30.01 55.82
C ASP B 138 15.78 30.24 55.50
N PRO B 139 16.35 29.51 54.55
CA PRO B 139 17.76 29.72 54.22
C PRO B 139 17.97 30.89 53.27
N TYR B 140 19.17 31.44 53.33
CA TYR B 140 19.57 32.57 52.49
C TYR B 140 21.06 32.45 52.24
N LEU B 141 21.61 33.43 51.54
CA LEU B 141 23.04 33.51 51.31
C LEU B 141 23.55 34.83 51.88
N SER B 142 24.76 34.81 52.42
CA SER B 142 25.33 35.98 53.09
C SER B 142 26.22 36.73 52.11
N GLY B 143 25.85 37.98 51.81
CA GLY B 143 26.62 38.83 50.93
C GLY B 143 27.44 39.81 51.73
N TYR B 144 28.76 39.73 51.57
CA TYR B 144 29.70 40.53 52.33
C TYR B 144 30.41 41.51 51.40
N PHE B 145 30.43 42.78 51.81
CA PHE B 145 31.10 43.88 51.09
C PHE B 145 30.61 44.02 49.65
N PHE B 156 27.81 28.82 54.45
CA PHE B 156 27.06 30.02 54.80
C PHE B 156 25.80 29.66 55.57
N ALA B 157 24.79 30.53 55.51
CA ALA B 157 23.51 30.27 56.18
C ALA B 157 22.53 29.58 55.25
N VAL B 158 22.98 28.49 54.62
CA VAL B 158 22.14 27.67 53.75
C VAL B 158 21.79 26.35 54.43
N TYR B 159 22.80 25.67 54.96
CA TYR B 159 22.61 24.35 55.58
C TYR B 159 23.38 24.26 56.88
N SER B 160 23.43 23.05 57.46
CA SER B 160 24.18 22.83 58.69
C SER B 160 25.08 21.60 58.64
N SER B 161 24.90 20.69 57.69
CA SER B 161 25.72 19.49 57.62
C SER B 161 25.80 19.02 56.17
N TYR B 162 26.81 18.18 55.90
CA TYR B 162 26.93 17.52 54.61
C TYR B 162 26.30 16.14 54.58
N ALA B 163 26.46 15.34 55.64
CA ALA B 163 26.26 13.88 55.64
C ALA B 163 27.17 13.32 54.54
N ASN B 164 26.72 12.37 53.73
CA ASN B 164 27.59 11.72 52.75
C ASN B 164 27.15 12.13 51.35
N CYS B 165 28.13 12.43 50.48
CA CYS B 165 27.87 12.97 49.16
C CYS B 165 28.01 11.90 48.09
N THR B 166 27.37 12.13 46.94
CA THR B 166 27.52 11.22 45.80
C THR B 166 27.92 11.92 44.51
N PHE B 167 27.94 13.25 44.44
CA PHE B 167 28.25 13.95 43.21
C PHE B 167 28.67 15.40 43.47
N GLU B 168 29.81 15.80 42.91
CA GLU B 168 30.29 17.17 43.01
C GLU B 168 30.71 17.66 41.63
N TYR B 169 30.45 18.93 41.34
CA TYR B 169 30.82 19.48 40.05
C TYR B 169 31.00 20.99 40.20
N VAL B 170 32.14 21.49 39.72
CA VAL B 170 32.55 22.85 40.06
C VAL B 170 32.99 23.58 38.79
N SER B 171 32.99 22.88 37.66
CA SER B 171 33.71 23.33 36.47
C SER B 171 32.82 24.07 35.46
N LYS B 172 31.85 24.86 35.93
CA LYS B 172 31.16 25.76 35.02
C LYS B 172 31.30 27.20 35.48
N PRO B 173 31.45 28.15 34.56
CA PRO B 173 31.61 29.55 34.95
C PRO B 173 30.28 30.28 35.04
N PHE B 174 30.33 31.46 35.65
CA PHE B 174 29.18 32.33 35.81
C PHE B 174 29.66 33.74 36.11
N MET B 175 28.90 34.73 35.64
CA MET B 175 29.26 36.12 35.87
C MET B 175 28.62 36.63 37.17
N LEU B 176 29.41 37.36 37.96
CA LEU B 176 28.98 37.82 39.27
C LEU B 176 29.35 39.29 39.47
N ASP B 177 28.79 39.88 40.52
CA ASP B 177 29.06 41.26 40.89
C ASP B 177 28.84 41.41 42.39
N ILE B 178 29.47 42.45 42.96
CA ILE B 178 29.27 42.74 44.36
C ILE B 178 27.87 43.28 44.60
N SER B 179 27.43 43.19 45.85
CA SER B 179 26.06 43.60 46.19
C SER B 179 25.93 45.11 46.17
N GLY B 180 24.86 45.59 45.54
CA GLY B 180 24.62 47.02 45.45
C GLY B 180 23.28 47.28 44.78
N LYS B 181 22.95 48.56 44.70
CA LYS B 181 21.70 49.04 44.08
C LYS B 181 22.07 50.18 43.13
N SER B 182 22.40 49.84 41.89
CA SER B 182 22.83 50.85 40.91
C SER B 182 22.25 50.46 39.55
N GLY B 183 21.09 51.00 39.23
CA GLY B 183 20.42 50.74 37.97
C GLY B 183 19.00 50.25 38.15
N LEU B 184 18.29 50.21 37.03
CA LEU B 184 16.88 49.82 37.05
C LEU B 184 16.71 48.31 37.06
N PHE B 185 17.10 47.65 35.97
CA PHE B 185 17.04 46.21 35.74
C PHE B 185 17.85 45.88 34.50
N ASP B 186 18.55 44.75 34.53
CA ASP B 186 19.37 44.30 33.42
C ASP B 186 19.56 42.79 33.51
N THR B 187 20.11 42.22 32.43
CA THR B 187 20.63 40.85 32.39
C THR B 187 19.57 39.82 32.76
N LEU B 188 18.54 39.74 31.92
CA LEU B 188 17.54 38.69 32.06
C LEU B 188 18.16 37.33 31.83
N ARG B 189 17.90 36.39 32.74
CA ARG B 189 18.48 35.06 32.67
C ARG B 189 17.35 34.04 32.73
N GLU B 190 17.26 33.18 31.71
CA GLU B 190 16.20 32.19 31.62
C GLU B 190 16.81 30.80 31.80
N PHE B 191 16.13 29.97 32.61
CA PHE B 191 16.52 28.59 32.83
C PHE B 191 15.30 27.70 32.71
N VAL B 192 15.54 26.48 32.24
CA VAL B 192 14.54 25.42 32.23
C VAL B 192 15.18 24.21 32.91
N PHE B 193 14.54 23.75 33.99
CA PHE B 193 15.04 22.64 34.77
C PHE B 193 14.15 21.43 34.56
N ARG B 194 14.76 20.30 34.21
CA ARG B 194 14.04 19.04 34.05
C ARG B 194 14.80 17.94 34.75
N ASN B 195 14.07 16.92 35.19
CA ASN B 195 14.64 15.78 35.90
C ASN B 195 14.06 14.52 35.27
N VAL B 196 14.72 13.99 34.26
CA VAL B 196 14.19 12.87 33.49
C VAL B 196 15.29 11.83 33.29
N ASP B 197 14.92 10.55 33.48
CA ASP B 197 15.80 9.39 33.32
C ASP B 197 17.02 9.47 34.24
N GLY B 198 16.84 10.02 35.43
CA GLY B 198 17.96 10.18 36.34
C GLY B 198 18.92 11.28 35.98
N TYR B 199 18.58 12.11 34.99
CA TYR B 199 19.42 13.19 34.53
C TYR B 199 18.74 14.52 34.84
N PHE B 200 19.50 15.42 35.46
CA PHE B 200 19.05 16.79 35.66
C PHE B 200 19.51 17.61 34.46
N LYS B 201 18.57 18.06 33.64
CA LYS B 201 18.86 18.84 32.46
C LYS B 201 18.59 20.31 32.75
N ILE B 202 19.58 21.16 32.47
CA ILE B 202 19.46 22.60 32.67
C ILE B 202 19.66 23.28 31.32
N TYR B 203 18.69 24.09 30.92
CA TYR B 203 18.75 24.86 29.69
C TYR B 203 18.81 26.33 30.07
N SER B 204 19.70 27.10 29.45
CA SER B 204 19.92 28.47 29.88
C SER B 204 19.99 29.41 28.70
N LYS B 205 19.68 30.68 28.97
CA LYS B 205 19.82 31.76 27.99
C LYS B 205 19.99 33.07 28.75
N TYR B 206 20.73 33.99 28.14
CA TYR B 206 20.96 35.32 28.71
C TYR B 206 20.59 36.38 27.69
N SER B 207 19.91 37.44 28.15
CA SER B 207 19.46 38.49 27.27
C SER B 207 19.39 39.82 28.03
N PRO B 208 20.12 40.84 27.59
CA PRO B 208 20.10 42.14 28.27
C PRO B 208 18.87 42.95 27.89
N VAL B 209 18.05 43.31 28.89
CA VAL B 209 16.87 44.12 28.69
C VAL B 209 16.80 45.17 29.79
N ASN B 210 16.00 46.21 29.54
CA ASN B 210 15.74 47.26 30.52
C ASN B 210 14.23 47.46 30.61
N VAL B 211 13.63 47.01 31.70
CA VAL B 211 12.18 47.04 31.89
C VAL B 211 11.88 47.56 33.30
N ASN B 212 10.58 47.65 33.60
CA ASN B 212 10.09 48.13 34.89
C ASN B 212 9.28 47.02 35.55
N SER B 213 9.99 46.12 36.23
CA SER B 213 9.41 45.04 37.06
C SER B 213 8.37 44.21 36.31
N ASN B 214 8.67 43.87 35.05
CA ASN B 214 7.78 43.01 34.30
C ASN B 214 8.59 42.22 33.28
N LEU B 215 8.08 41.05 32.94
CA LEU B 215 8.78 40.15 32.02
C LEU B 215 8.62 40.67 30.60
N PRO B 216 9.72 40.91 29.87
CA PRO B 216 9.59 41.34 28.48
C PRO B 216 8.98 40.26 27.61
N SER B 217 8.21 40.70 26.61
CA SER B 217 7.57 39.78 25.70
C SER B 217 8.51 39.41 24.56
N GLY B 218 8.21 38.29 23.91
CA GLY B 218 8.99 37.86 22.77
C GLY B 218 9.37 36.39 22.83
N PHE B 219 10.13 35.95 21.83
CA PHE B 219 10.57 34.57 21.74
C PHE B 219 11.81 34.34 22.59
N SER B 220 12.00 33.09 23.01
CA SER B 220 13.16 32.72 23.81
C SER B 220 13.48 31.26 23.55
N ALA B 221 14.63 31.00 22.93
CA ALA B 221 15.12 29.66 22.70
C ALA B 221 16.28 29.40 23.67
N LEU B 222 16.13 28.38 24.51
CA LEU B 222 17.08 28.12 25.59
C LEU B 222 18.00 26.97 25.20
N GLU B 223 19.27 27.29 25.00
CA GLU B 223 20.27 26.30 24.64
C GLU B 223 20.59 25.39 25.83
N PRO B 224 20.94 24.13 25.56
CA PRO B 224 21.33 23.24 26.66
C PRO B 224 22.63 23.67 27.30
N LEU B 225 22.72 23.47 28.62
CA LEU B 225 23.90 23.85 29.38
C LEU B 225 24.65 22.64 29.91
N VAL B 226 24.00 21.81 30.73
CA VAL B 226 24.63 20.66 31.39
C VAL B 226 23.65 19.49 31.37
N GLU B 227 24.18 18.31 31.71
CA GLU B 227 23.39 17.08 31.87
C GLU B 227 23.94 16.38 33.11
N LEU B 228 23.36 16.66 34.26
CA LEU B 228 23.87 16.12 35.52
C LEU B 228 23.41 14.68 35.70
N PRO B 229 24.32 13.74 35.94
CA PRO B 229 23.92 12.39 36.36
C PRO B 229 23.61 12.32 37.85
N ALA B 230 22.64 13.12 38.28
CA ALA B 230 22.29 13.20 39.70
C ALA B 230 21.52 11.98 40.15
N GLY B 231 20.38 11.72 39.50
CA GLY B 231 19.56 10.58 39.82
C GLY B 231 18.92 10.66 41.19
N ILE B 232 18.08 11.67 41.41
CA ILE B 232 17.38 11.84 42.67
C ILE B 232 15.92 12.17 42.39
N ASN B 233 15.09 11.92 43.40
CA ASN B 233 13.67 12.24 43.34
C ASN B 233 13.49 13.71 43.69
N ILE B 234 13.09 14.52 42.71
CA ILE B 234 12.92 15.95 42.90
C ILE B 234 11.44 16.27 42.77
N THR B 235 10.84 16.77 43.85
CA THR B 235 9.44 17.15 43.85
C THR B 235 9.19 18.57 44.36
N ARG B 236 10.19 19.24 44.92
CA ARG B 236 9.99 20.53 45.53
C ARG B 236 11.30 21.31 45.49
N PHE B 237 11.23 22.58 45.11
CA PHE B 237 12.44 23.38 44.99
C PHE B 237 12.29 24.68 45.75
N ARG B 238 13.41 25.38 45.90
CA ARG B 238 13.44 26.66 46.61
C ARG B 238 14.67 27.43 46.15
N THR B 239 14.45 28.65 45.69
CA THR B 239 15.53 29.48 45.19
C THR B 239 16.39 30.00 46.34
N LEU B 240 17.59 30.46 46.00
CA LEU B 240 18.54 31.00 46.96
C LEU B 240 18.78 32.46 46.64
N LEU B 241 18.54 33.33 47.62
CA LEU B 241 18.75 34.75 47.49
C LEU B 241 19.82 35.20 48.47
N THR B 242 20.58 36.23 48.07
CA THR B 242 21.60 36.79 48.94
C THR B 242 21.10 38.09 49.55
N ILE B 243 21.52 38.34 50.79
CA ILE B 243 21.18 39.57 51.49
C ILE B 243 22.49 40.28 51.81
N HIS B 244 22.41 41.59 52.00
CA HIS B 244 23.56 42.39 52.41
C HIS B 244 23.28 42.88 53.83
N ARG B 245 23.86 42.17 54.81
CA ARG B 245 23.70 42.59 56.19
C ARG B 245 24.54 43.80 56.55
N GLY B 246 25.50 44.18 55.69
CA GLY B 246 26.12 45.48 55.71
C GLY B 246 27.10 45.78 56.83
N ASP B 247 28.03 46.70 56.56
CA ASP B 247 28.92 47.25 57.57
C ASP B 247 28.27 48.32 58.44
N PRO B 248 27.76 49.49 57.90
CA PRO B 248 27.39 50.59 58.81
C PRO B 248 26.11 50.35 59.60
N MET B 249 25.05 49.90 58.94
CA MET B 249 23.81 49.60 59.64
C MET B 249 23.94 48.29 60.39
N PRO B 250 23.21 48.12 61.50
CA PRO B 250 23.45 46.96 62.39
C PRO B 250 23.19 45.62 61.73
N ASN B 251 23.93 44.61 62.19
CA ASN B 251 23.90 43.29 61.56
C ASN B 251 22.59 42.55 61.85
N ASN B 252 21.85 42.96 62.88
CA ASN B 252 20.54 42.39 63.12
C ASN B 252 19.58 42.72 61.98
N GLY B 253 19.64 43.96 61.47
CA GLY B 253 18.89 44.30 60.29
C GLY B 253 19.62 43.92 59.01
N TRP B 254 18.85 43.79 57.94
CA TRP B 254 19.38 43.43 56.64
C TRP B 254 18.74 44.30 55.58
N THR B 255 19.47 44.51 54.48
CA THR B 255 18.99 45.32 53.36
C THR B 255 19.23 44.57 52.07
N VAL B 256 18.16 44.33 51.31
CA VAL B 256 18.25 43.62 50.04
C VAL B 256 18.03 44.63 48.93
N PHE B 257 18.58 44.32 47.76
CA PHE B 257 18.49 45.18 46.60
C PHE B 257 17.44 44.65 45.61
N SER B 258 17.23 45.38 44.54
CA SER B 258 16.12 45.11 43.63
C SER B 258 16.38 43.82 42.85
N ALA B 259 15.43 42.89 42.90
CA ALA B 259 15.53 41.65 42.15
C ALA B 259 14.13 41.11 41.91
N ALA B 260 14.02 40.21 40.93
CA ALA B 260 12.73 39.65 40.56
C ALA B 260 12.92 38.30 39.89
N TYR B 261 12.09 37.33 40.22
CA TYR B 261 12.13 36.05 39.53
C TYR B 261 10.74 35.48 39.30
N TYR B 262 10.64 34.78 38.18
CA TYR B 262 9.41 34.29 37.58
C TYR B 262 9.51 32.77 37.53
N VAL B 263 8.44 32.07 37.93
CA VAL B 263 8.43 30.63 37.80
C VAL B 263 7.15 30.18 37.10
N GLY B 264 7.32 29.33 36.10
CA GLY B 264 6.21 28.69 35.43
C GLY B 264 6.43 27.19 35.36
N TYR B 265 5.35 26.48 35.10
CA TYR B 265 5.34 25.02 35.22
C TYR B 265 5.15 24.37 33.86
N LEU B 266 6.01 23.42 33.54
CA LEU B 266 5.94 22.71 32.27
C LEU B 266 4.77 21.74 32.24
N ALA B 267 4.14 21.63 31.09
CA ALA B 267 3.03 20.73 30.84
C ALA B 267 3.27 19.96 29.55
N PRO B 268 2.73 18.74 29.43
CA PRO B 268 2.91 18.00 28.17
C PRO B 268 2.11 18.59 27.03
N ARG B 269 2.81 19.19 26.07
CA ARG B 269 2.20 19.81 24.90
C ARG B 269 2.85 19.26 23.64
N THR B 270 2.36 19.75 22.50
CA THR B 270 2.89 19.38 21.19
C THR B 270 3.27 20.68 20.47
N PHE B 271 4.55 21.02 20.51
CA PHE B 271 5.04 22.22 19.86
C PHE B 271 5.45 21.90 18.43
N MET B 272 5.46 22.93 17.60
CA MET B 272 6.04 22.83 16.27
C MET B 272 7.20 23.81 16.18
N LEU B 273 8.38 23.28 15.87
CA LEU B 273 9.65 23.99 16.01
C LEU B 273 10.26 24.20 14.64
N LYS B 274 10.91 25.36 14.44
CA LYS B 274 11.64 25.62 13.21
C LYS B 274 13.13 25.70 13.52
N TYR B 275 13.90 24.75 13.00
CA TYR B 275 15.34 24.73 13.13
C TYR B 275 15.97 25.38 11.91
N ASN B 276 16.86 26.34 12.13
CA ASN B 276 17.57 26.99 11.05
C ASN B 276 18.84 26.20 10.72
N GLU B 277 19.74 26.80 9.94
CA GLU B 277 20.95 26.11 9.50
C GLU B 277 21.92 25.83 10.65
N ASN B 278 21.86 26.60 11.73
CA ASN B 278 22.74 26.39 12.87
C ASN B 278 22.20 25.40 13.87
N GLY B 279 21.00 24.87 13.66
CA GLY B 279 20.40 23.97 14.63
C GLY B 279 19.75 24.66 15.79
N THR B 280 19.29 25.89 15.61
CA THR B 280 18.64 26.66 16.66
C THR B 280 17.18 26.90 16.31
N ILE B 281 16.33 26.95 17.35
CA ILE B 281 14.92 27.21 17.14
C ILE B 281 14.77 28.71 16.89
N THR B 282 14.36 29.07 15.67
CA THR B 282 14.06 30.47 15.39
C THR B 282 12.63 30.81 15.78
N ASP B 283 11.70 29.87 15.62
CA ASP B 283 10.31 30.12 15.97
C ASP B 283 9.64 28.82 16.39
N ALA B 284 8.56 28.97 17.13
CA ALA B 284 7.81 27.86 17.68
C ALA B 284 6.32 28.19 17.70
N VAL B 285 5.50 27.15 17.58
CA VAL B 285 4.05 27.27 17.63
C VAL B 285 3.55 26.33 18.71
N ASP B 286 2.71 26.86 19.61
CA ASP B 286 2.20 26.09 20.74
C ASP B 286 1.30 24.95 20.29
N CYS B 287 0.49 25.18 19.25
CA CYS B 287 -0.53 24.31 18.66
C CYS B 287 -1.72 24.09 19.58
N SER B 288 -1.69 24.58 20.81
CA SER B 288 -2.81 24.43 21.74
C SER B 288 -3.30 25.77 22.24
N LEU B 289 -2.80 26.87 21.70
CA LEU B 289 -3.10 28.22 22.18
C LEU B 289 -4.43 28.73 21.64
N ASP B 290 -4.54 28.84 20.32
CA ASP B 290 -5.74 29.32 19.66
C ASP B 290 -5.95 28.50 18.39
N PRO B 291 -7.16 28.53 17.82
CA PRO B 291 -7.40 27.80 16.57
C PRO B 291 -6.51 28.24 15.42
N LEU B 292 -6.02 29.47 15.42
CA LEU B 292 -5.05 29.87 14.41
C LEU B 292 -3.75 29.08 14.56
N SER B 293 -3.35 28.79 15.80
CA SER B 293 -2.13 28.01 16.01
C SER B 293 -2.28 26.58 15.52
N GLU B 294 -3.38 25.91 15.88
CA GLU B 294 -3.49 24.51 15.47
C GLU B 294 -3.97 24.35 14.04
N ALA B 295 -4.49 25.41 13.42
CA ALA B 295 -4.62 25.40 11.96
C ALA B 295 -3.27 25.60 11.32
N LYS B 296 -2.43 26.43 11.93
CA LYS B 296 -1.04 26.57 11.51
C LYS B 296 -0.22 25.32 11.80
N CYS B 297 -0.66 24.51 12.76
CA CYS B 297 0.10 23.35 13.20
C CYS B 297 -0.33 22.08 12.49
N THR B 298 -1.58 22.04 12.00
CA THR B 298 -2.01 20.93 11.16
C THR B 298 -1.37 20.99 9.79
N LEU B 299 -1.36 22.17 9.17
CA LEU B 299 -0.76 22.34 7.86
C LEU B 299 0.76 22.31 7.89
N LYS B 300 1.37 22.33 9.09
CA LYS B 300 2.82 22.30 9.27
C LYS B 300 3.50 23.47 8.54
N SER B 301 3.00 24.67 8.79
CA SER B 301 3.55 25.89 8.20
C SER B 301 3.44 27.01 9.23
N PHE B 302 4.02 28.15 8.88
CA PHE B 302 3.91 29.35 9.70
C PHE B 302 3.01 30.41 9.09
N THR B 303 2.71 30.32 7.79
CA THR B 303 1.85 31.28 7.11
C THR B 303 0.72 30.52 6.44
N VAL B 304 -0.46 30.56 7.04
CA VAL B 304 -1.64 29.98 6.41
C VAL B 304 -2.22 30.99 5.44
N GLU B 305 -2.92 30.49 4.43
CA GLU B 305 -3.50 31.32 3.40
C GLU B 305 -5.00 31.48 3.64
N LYS B 306 -5.64 32.32 2.84
CA LYS B 306 -7.06 32.59 3.00
C LYS B 306 -7.88 31.36 2.62
N GLY B 307 -8.77 30.96 3.50
CA GLY B 307 -9.65 29.84 3.24
C GLY B 307 -10.07 29.16 4.53
N ILE B 308 -10.67 28.00 4.36
CA ILE B 308 -11.14 27.15 5.45
C ILE B 308 -10.24 25.92 5.52
N TYR B 309 -9.86 25.53 6.72
CA TYR B 309 -8.97 24.39 6.93
C TYR B 309 -9.57 23.45 7.96
N GLN B 310 -9.66 22.17 7.61
CA GLN B 310 -9.95 21.16 8.61
C GLN B 310 -8.74 21.00 9.53
N THR B 311 -8.99 20.56 10.75
CA THR B 311 -7.97 20.63 11.78
C THR B 311 -7.99 19.39 12.65
N SER B 312 -6.80 18.85 12.95
CA SER B 312 -6.67 17.77 13.91
C SER B 312 -6.73 18.31 15.33
N ASN B 313 -6.95 17.41 16.28
CA ASN B 313 -7.05 17.83 17.68
C ASN B 313 -5.68 18.12 18.26
N PHE B 314 -5.55 19.29 18.88
CA PHE B 314 -4.47 19.59 19.82
C PHE B 314 -5.00 20.36 21.01
N ARG B 315 -6.32 20.44 21.18
CA ARG B 315 -6.93 21.38 22.10
C ARG B 315 -6.78 20.92 23.55
N VAL B 316 -7.33 19.76 23.86
CA VAL B 316 -7.50 19.31 25.24
C VAL B 316 -6.60 18.11 25.50
N GLN B 317 -5.95 18.12 26.66
CA GLN B 317 -5.08 17.05 27.10
C GLN B 317 -5.57 16.54 28.46
N PRO B 318 -5.44 15.25 28.71
CA PRO B 318 -5.86 14.71 30.01
C PRO B 318 -4.96 15.22 31.14
N THR B 319 -5.56 15.40 32.30
CA THR B 319 -4.84 15.86 33.49
C THR B 319 -4.91 14.86 34.62
N ASP B 320 -6.09 14.32 34.91
CA ASP B 320 -6.26 13.39 36.01
C ASP B 320 -6.15 11.94 35.51
N SER B 321 -5.97 11.03 36.46
CA SER B 321 -5.90 9.61 36.18
C SER B 321 -6.83 8.88 37.14
N ILE B 322 -7.66 7.98 36.61
CA ILE B 322 -8.67 7.29 37.38
C ILE B 322 -8.37 5.81 37.36
N VAL B 323 -8.30 5.20 38.54
CA VAL B 323 -8.16 3.75 38.67
C VAL B 323 -9.30 3.23 39.53
N ARG B 324 -9.98 2.19 39.05
CA ARG B 324 -11.14 1.62 39.72
C ARG B 324 -11.01 0.11 39.72
N PHE B 325 -10.75 -0.47 40.87
CA PHE B 325 -10.64 -1.91 41.05
C PHE B 325 -11.73 -2.38 42.00
N PRO B 326 -12.08 -3.67 41.97
CA PRO B 326 -13.03 -4.19 42.96
C PRO B 326 -12.47 -4.11 44.36
N ASN B 327 -13.38 -3.98 45.34
CA ASN B 327 -12.97 -3.71 46.71
C ASN B 327 -12.57 -4.98 47.45
N ILE B 328 -11.67 -5.77 46.88
CA ILE B 328 -11.17 -6.99 47.50
C ILE B 328 -9.79 -6.72 48.06
N THR B 329 -9.57 -7.11 49.32
CA THR B 329 -8.34 -6.82 50.03
C THR B 329 -7.64 -8.07 50.54
N ASN B 330 -8.10 -9.25 50.13
CA ASN B 330 -7.53 -10.50 50.64
C ASN B 330 -6.18 -10.76 49.99
N LEU B 331 -5.11 -10.70 50.79
CA LEU B 331 -3.77 -11.06 50.33
C LEU B 331 -3.68 -12.58 50.37
N CYS B 332 -4.08 -13.20 49.27
CA CYS B 332 -4.33 -14.63 49.26
C CYS B 332 -3.01 -15.40 49.20
N PRO B 333 -2.97 -16.67 49.74
CA PRO B 333 -1.70 -17.21 50.23
C PRO B 333 -0.72 -17.66 49.16
N PHE B 334 0.12 -16.75 48.68
CA PHE B 334 1.34 -17.17 47.99
C PHE B 334 2.24 -17.99 48.91
N GLY B 335 2.21 -17.72 50.22
CA GLY B 335 3.03 -18.45 51.17
C GLY B 335 2.65 -19.91 51.33
N GLU B 336 1.41 -20.26 51.07
CA GLU B 336 1.00 -21.66 51.02
C GLU B 336 0.96 -22.21 49.59
N VAL B 337 1.43 -21.45 48.61
CA VAL B 337 1.64 -21.93 47.26
C VAL B 337 3.13 -21.99 46.92
N PHE B 338 3.86 -20.92 47.24
CA PHE B 338 5.28 -20.84 46.93
C PHE B 338 6.17 -21.36 48.05
N ASN B 339 5.61 -21.70 49.21
CA ASN B 339 6.40 -22.16 50.35
C ASN B 339 5.69 -23.34 51.02
N ALA B 340 5.20 -24.26 50.20
CA ALA B 340 4.60 -25.48 50.73
C ALA B 340 5.69 -26.44 51.18
N THR B 341 5.27 -27.46 51.95
CA THR B 341 6.23 -28.43 52.45
C THR B 341 6.76 -29.31 51.32
N THR B 342 5.86 -29.85 50.50
CA THR B 342 6.24 -30.70 49.38
C THR B 342 5.42 -30.33 48.16
N PHE B 343 6.08 -30.15 47.03
CA PHE B 343 5.37 -29.99 45.77
C PHE B 343 5.08 -31.36 45.15
N ALA B 344 4.14 -31.36 44.22
CA ALA B 344 3.84 -32.57 43.47
C ALA B 344 4.96 -32.86 42.48
N SER B 345 5.08 -34.12 42.11
CA SER B 345 6.04 -34.53 41.10
C SER B 345 5.61 -33.98 39.74
N VAL B 346 6.58 -33.90 38.82
CA VAL B 346 6.33 -33.27 37.54
C VAL B 346 5.37 -34.09 36.68
N TYR B 347 5.41 -35.42 36.79
CA TYR B 347 4.49 -36.26 36.03
C TYR B 347 3.06 -36.16 36.54
N ALA B 348 2.87 -35.74 37.78
CA ALA B 348 1.57 -35.62 38.42
C ALA B 348 1.39 -34.22 38.97
N TRP B 349 1.65 -33.21 38.12
CA TRP B 349 1.69 -31.83 38.56
C TRP B 349 0.33 -31.35 39.05
N ASN B 350 0.35 -30.62 40.16
CA ASN B 350 -0.84 -30.09 40.78
C ASN B 350 -1.40 -28.93 39.96
N ARG B 351 -2.66 -28.58 40.22
CA ARG B 351 -3.29 -27.42 39.61
C ARG B 351 -4.26 -26.82 40.62
N LYS B 352 -3.92 -25.65 41.13
CA LYS B 352 -4.73 -24.96 42.14
C LYS B 352 -5.28 -23.68 41.54
N ARG B 353 -6.59 -23.47 41.69
CA ARG B 353 -7.22 -22.26 41.19
C ARG B 353 -7.01 -21.12 42.18
N ILE B 354 -6.59 -19.98 41.67
CA ILE B 354 -6.34 -18.79 42.48
C ILE B 354 -7.52 -17.84 42.29
N SER B 355 -8.16 -17.46 43.38
CA SER B 355 -9.42 -16.72 43.33
C SER B 355 -9.51 -15.76 44.50
N ASN B 356 -10.13 -14.60 44.25
CA ASN B 356 -10.42 -13.58 45.26
C ASN B 356 -9.15 -13.08 45.96
N CYS B 357 -8.28 -12.47 45.17
CA CYS B 357 -6.93 -12.16 45.60
C CYS B 357 -6.55 -10.72 45.28
N VAL B 358 -5.49 -10.27 45.93
CA VAL B 358 -4.73 -9.10 45.52
C VAL B 358 -3.36 -9.61 45.14
N ALA B 359 -3.08 -9.72 43.85
CA ALA B 359 -1.86 -10.35 43.36
C ALA B 359 -0.68 -9.41 43.60
N ASP B 360 -0.19 -9.43 44.83
CA ASP B 360 0.97 -8.63 45.24
C ASP B 360 2.17 -9.55 45.31
N TYR B 361 3.07 -9.42 44.34
CA TYR B 361 4.29 -10.21 44.31
C TYR B 361 5.35 -9.69 45.28
N SER B 362 5.15 -8.51 45.85
CA SER B 362 6.13 -7.88 46.73
C SER B 362 6.27 -8.58 48.08
N VAL B 363 5.34 -9.49 48.42
CA VAL B 363 5.45 -10.23 49.68
C VAL B 363 6.37 -11.43 49.57
N LEU B 364 6.83 -11.76 48.38
CA LEU B 364 7.75 -12.87 48.18
C LEU B 364 9.20 -12.45 48.13
N TYR B 365 9.48 -11.15 48.18
CA TYR B 365 10.86 -10.68 48.12
C TYR B 365 11.61 -10.94 49.41
N ASN B 366 10.90 -11.19 50.51
CA ASN B 366 11.55 -11.36 51.81
C ASN B 366 12.30 -12.69 51.88
N SER B 367 11.76 -13.73 51.26
CA SER B 367 12.32 -15.07 51.41
C SER B 367 12.91 -15.63 50.12
N THR B 368 12.14 -15.70 49.05
CA THR B 368 12.53 -16.42 47.84
C THR B 368 13.01 -15.45 46.78
N SER B 369 14.12 -15.79 46.13
CA SER B 369 14.60 -15.07 44.96
C SER B 369 14.39 -15.96 43.75
N PHE B 370 13.63 -15.47 42.78
CA PHE B 370 13.20 -16.28 41.65
C PHE B 370 14.35 -16.39 40.64
N SER B 371 14.75 -17.62 40.33
CA SER B 371 15.81 -17.83 39.35
C SER B 371 15.34 -17.45 37.95
N THR B 372 14.16 -17.92 37.54
CA THR B 372 13.58 -17.53 36.27
C THR B 372 12.17 -16.99 36.51
N PHE B 373 11.82 -15.94 35.76
CA PHE B 373 10.50 -15.32 35.83
C PHE B 373 10.21 -14.78 34.43
N LYS B 374 9.50 -15.58 33.63
CA LYS B 374 9.28 -15.28 32.22
C LYS B 374 7.79 -15.24 31.95
N CYS B 375 7.31 -14.10 31.45
CA CYS B 375 5.88 -13.89 31.24
C CYS B 375 5.58 -13.82 29.74
N TYR B 376 4.54 -14.55 29.33
CA TYR B 376 4.10 -14.61 27.95
C TYR B 376 2.72 -13.97 27.85
N GLY B 377 2.58 -13.00 26.95
CA GLY B 377 1.33 -12.33 26.73
C GLY B 377 1.09 -11.10 27.57
N VAL B 378 1.83 -10.94 28.67
CA VAL B 378 1.76 -9.75 29.51
C VAL B 378 3.19 -9.32 29.83
N SER B 379 3.31 -8.11 30.27
CA SER B 379 4.63 -7.63 30.66
C SER B 379 4.79 -7.72 32.17
N PRO B 380 6.00 -8.01 32.66
CA PRO B 380 6.20 -8.08 34.11
C PRO B 380 5.96 -6.78 34.84
N THR B 381 6.22 -5.64 34.21
CA THR B 381 5.98 -4.36 34.84
C THR B 381 4.49 -4.01 34.88
N LYS B 382 3.72 -4.49 33.91
CA LYS B 382 2.30 -4.19 33.81
C LYS B 382 1.43 -5.18 34.57
N LEU B 383 2.02 -6.01 35.44
CA LEU B 383 1.24 -6.97 36.20
C LEU B 383 0.43 -6.28 37.29
N ASN B 384 0.99 -5.26 37.93
CA ASN B 384 0.31 -4.57 39.02
C ASN B 384 -0.87 -3.73 38.55
N ASP B 385 -0.98 -3.44 37.24
CA ASP B 385 -2.06 -2.64 36.71
C ASP B 385 -3.08 -3.48 35.94
N LEU B 386 -3.16 -4.78 36.23
CA LEU B 386 -4.02 -5.68 35.49
C LEU B 386 -4.92 -6.46 36.45
N CYS B 387 -6.10 -6.84 35.96
CA CYS B 387 -7.03 -7.68 36.68
C CYS B 387 -7.37 -8.88 35.81
N PHE B 388 -7.22 -10.08 36.36
CA PHE B 388 -7.47 -11.32 35.63
C PHE B 388 -8.76 -11.95 36.13
N THR B 389 -9.12 -13.08 35.51
CA THR B 389 -10.38 -13.75 35.83
C THR B 389 -10.20 -15.18 36.31
N ASN B 390 -9.35 -15.97 35.69
CA ASN B 390 -9.30 -17.42 35.92
C ASN B 390 -7.87 -17.91 36.07
N VAL B 391 -7.10 -17.26 36.96
CA VAL B 391 -5.71 -17.63 37.16
C VAL B 391 -5.60 -19.05 37.74
N TYR B 392 -4.81 -19.89 37.09
CA TYR B 392 -4.50 -21.23 37.56
C TYR B 392 -3.02 -21.31 37.89
N ALA B 393 -2.67 -22.19 38.84
CA ALA B 393 -1.29 -22.32 39.31
C ALA B 393 -0.85 -23.78 39.27
N ASP B 394 -0.21 -24.17 38.18
CA ASP B 394 0.46 -25.46 38.14
C ASP B 394 1.75 -25.37 38.95
N SER B 395 2.11 -26.46 39.63
CA SER B 395 3.30 -26.43 40.46
C SER B 395 3.94 -27.81 40.48
N PHE B 396 5.26 -27.85 40.34
CA PHE B 396 5.99 -29.12 40.31
C PHE B 396 7.46 -28.86 40.64
N VAL B 397 8.23 -29.95 40.67
CA VAL B 397 9.66 -29.91 40.96
C VAL B 397 10.39 -30.63 39.84
N VAL B 398 11.32 -29.94 39.18
CA VAL B 398 12.22 -30.52 38.20
C VAL B 398 13.65 -30.20 38.61
N ARG B 399 14.61 -30.79 37.90
CA ARG B 399 15.99 -30.44 38.11
C ARG B 399 16.30 -29.12 37.40
N GLY B 400 17.49 -28.58 37.67
CA GLY B 400 17.85 -27.29 37.11
C GLY B 400 17.97 -27.28 35.59
N ASP B 401 18.60 -28.33 35.04
CA ASP B 401 18.85 -28.39 33.60
C ASP B 401 17.57 -28.47 32.78
N GLU B 402 16.45 -28.84 33.40
CA GLU B 402 15.17 -28.91 32.71
C GLU B 402 14.30 -27.69 32.95
N VAL B 403 14.78 -26.70 33.71
CA VAL B 403 13.98 -25.51 33.99
C VAL B 403 13.73 -24.72 32.70
N ARG B 404 14.70 -24.74 31.78
CA ARG B 404 14.51 -24.08 30.50
C ARG B 404 13.48 -24.79 29.62
N GLN B 405 13.08 -26.01 29.97
CA GLN B 405 12.09 -26.73 29.16
C GLN B 405 10.66 -26.28 29.43
N ILE B 406 10.44 -25.45 30.44
CA ILE B 406 9.09 -24.97 30.75
C ILE B 406 8.91 -23.69 29.96
N ALA B 407 8.55 -23.84 28.69
CA ALA B 407 8.33 -22.74 27.77
C ALA B 407 7.56 -23.28 26.58
N PRO B 408 6.69 -22.47 25.96
CA PRO B 408 5.99 -22.94 24.76
C PRO B 408 6.96 -23.16 23.61
N GLY B 409 6.68 -24.21 22.84
CA GLY B 409 7.52 -24.55 21.71
C GLY B 409 8.79 -25.28 22.05
N GLN B 410 8.98 -25.68 23.31
CA GLN B 410 10.19 -26.36 23.72
C GLN B 410 10.04 -27.87 23.57
N THR B 411 11.17 -28.55 23.54
CA THR B 411 11.20 -30.00 23.49
C THR B 411 12.23 -30.52 24.49
N GLY B 412 12.14 -31.81 24.77
CA GLY B 412 13.03 -32.43 25.71
C GLY B 412 12.34 -33.62 26.36
N LYS B 413 12.62 -33.81 27.64
CA LYS B 413 12.00 -34.89 28.41
C LYS B 413 10.80 -34.41 29.22
N ILE B 414 10.91 -33.25 29.86
CA ILE B 414 9.77 -32.69 30.59
C ILE B 414 8.71 -32.19 29.61
N ALA B 415 9.13 -31.54 28.53
CA ALA B 415 8.20 -30.91 27.62
C ALA B 415 7.58 -31.87 26.61
N ASP B 416 7.97 -33.13 26.61
CA ASP B 416 7.39 -34.11 25.70
C ASP B 416 6.61 -35.20 26.42
N TYR B 417 7.04 -35.60 27.60
CA TYR B 417 6.41 -36.71 28.31
C TYR B 417 5.73 -36.30 29.60
N ASN B 418 6.10 -35.17 30.20
CA ASN B 418 5.65 -34.82 31.53
C ASN B 418 4.68 -33.63 31.55
N TYR B 419 5.07 -32.50 30.97
CA TYR B 419 4.27 -31.29 31.09
C TYR B 419 4.57 -30.38 29.90
N LYS B 420 3.56 -30.12 29.07
CA LYS B 420 3.73 -29.32 27.87
C LYS B 420 2.83 -28.09 27.94
N LEU B 421 3.40 -26.93 27.62
CA LEU B 421 2.72 -25.65 27.53
C LEU B 421 2.16 -25.43 26.13
N PRO B 422 0.96 -24.88 26.00
CA PRO B 422 0.42 -24.59 24.67
C PRO B 422 1.17 -23.45 24.00
N ASP B 423 1.09 -23.43 22.67
CA ASP B 423 1.79 -22.42 21.88
C ASP B 423 1.19 -21.04 22.03
N ASP B 424 -0.08 -20.95 22.43
CA ASP B 424 -0.78 -19.68 22.61
C ASP B 424 -0.86 -19.30 24.08
N PHE B 425 0.21 -19.60 24.82
CA PHE B 425 0.22 -19.43 26.27
C PHE B 425 0.13 -17.97 26.67
N THR B 426 -0.66 -17.70 27.70
CA THR B 426 -0.80 -16.36 28.30
C THR B 426 -0.66 -16.55 29.81
N GLY B 427 0.54 -16.32 30.32
CA GLY B 427 0.80 -16.61 31.70
C GLY B 427 2.19 -16.18 32.10
N CYS B 428 2.68 -16.76 33.19
CA CYS B 428 4.01 -16.47 33.70
C CYS B 428 4.60 -17.74 34.31
N VAL B 429 5.84 -18.05 33.95
CA VAL B 429 6.56 -19.20 34.48
C VAL B 429 7.57 -18.69 35.50
N ILE B 430 7.49 -19.19 36.72
CA ILE B 430 8.37 -18.84 37.82
C ILE B 430 9.11 -20.10 38.26
N ALA B 431 10.40 -19.98 38.53
CA ALA B 431 11.15 -21.12 39.02
C ALA B 431 12.29 -20.64 39.88
N TRP B 432 12.54 -21.35 40.98
CA TRP B 432 13.60 -20.97 41.91
C TRP B 432 14.27 -22.22 42.48
N ASN B 433 15.52 -22.05 42.90
CA ASN B 433 16.27 -23.14 43.51
C ASN B 433 15.68 -23.47 44.87
N SER B 434 15.55 -24.77 45.15
CA SER B 434 15.01 -25.24 46.41
C SER B 434 15.84 -26.40 46.94
N ASN B 435 17.16 -26.24 46.92
CA ASN B 435 18.04 -27.30 47.39
C ASN B 435 18.00 -27.44 48.90
N ASN B 436 17.68 -26.36 49.62
CA ASN B 436 17.58 -26.44 51.07
C ASN B 436 16.30 -27.15 51.51
N LEU B 437 15.26 -27.11 50.69
CA LEU B 437 13.97 -27.70 51.04
C LEU B 437 13.80 -29.11 50.49
N ASP B 438 13.96 -29.27 49.17
CA ASP B 438 13.61 -30.51 48.48
C ASP B 438 14.80 -31.44 48.29
N SER B 439 15.77 -31.40 49.19
CA SER B 439 16.91 -32.30 49.11
C SER B 439 17.49 -32.51 50.50
N LYS B 440 17.59 -33.76 50.92
CA LYS B 440 18.17 -34.11 52.21
C LYS B 440 19.32 -35.07 51.99
N VAL B 441 20.06 -35.32 53.08
CA VAL B 441 21.22 -36.21 53.01
C VAL B 441 20.77 -37.65 52.76
N GLY B 442 21.55 -38.36 51.96
CA GLY B 442 21.21 -39.71 51.57
C GLY B 442 20.31 -39.82 50.36
N GLY B 443 19.81 -38.71 49.84
CA GLY B 443 19.01 -38.74 48.64
C GLY B 443 17.52 -38.58 48.86
N ASN B 444 16.91 -37.62 48.16
CA ASN B 444 15.47 -37.41 48.22
C ASN B 444 14.85 -38.03 46.97
N TYR B 445 14.62 -39.35 47.04
CA TYR B 445 14.02 -40.08 45.93
C TYR B 445 12.50 -40.10 46.04
N ASN B 446 11.89 -38.91 46.17
CA ASN B 446 10.45 -38.79 46.28
C ASN B 446 9.81 -38.13 45.07
N TYR B 447 10.58 -37.44 44.24
CA TYR B 447 10.06 -36.76 43.06
C TYR B 447 10.32 -37.64 41.84
N LEU B 448 9.25 -37.95 41.11
CA LEU B 448 9.33 -38.87 39.98
C LEU B 448 9.07 -38.13 38.69
N TYR B 449 9.72 -38.57 37.62
CA TYR B 449 9.50 -38.04 36.29
C TYR B 449 9.31 -39.20 35.32
N ARG B 450 8.46 -38.99 34.32
CA ARG B 450 8.19 -40.01 33.33
C ARG B 450 9.29 -39.97 32.27
N LEU B 451 9.96 -41.10 32.07
CA LEU B 451 11.07 -41.20 31.13
C LEU B 451 10.66 -41.78 29.79
N PHE B 452 9.69 -42.68 29.76
CA PHE B 452 9.23 -43.33 28.54
C PHE B 452 7.75 -43.07 28.33
N ARG B 453 7.37 -42.83 27.08
CA ARG B 453 5.97 -42.72 26.73
C ARG B 453 5.79 -43.12 25.27
N LYS B 454 4.57 -43.54 24.92
CA LYS B 454 4.30 -44.00 23.57
C LYS B 454 4.21 -42.82 22.59
N SER B 455 3.79 -41.66 23.06
CA SER B 455 3.60 -40.51 22.18
C SER B 455 3.85 -39.23 22.97
N ASN B 456 3.97 -38.13 22.24
CA ASN B 456 4.16 -36.84 22.88
C ASN B 456 2.87 -36.39 23.58
N LEU B 457 3.04 -35.56 24.60
CA LEU B 457 1.90 -35.06 25.36
C LEU B 457 1.27 -33.87 24.65
N LYS B 458 -0.06 -33.84 24.63
CA LYS B 458 -0.75 -32.63 24.24
C LYS B 458 -0.65 -31.59 25.34
N PRO B 459 -0.83 -30.31 25.03
CA PRO B 459 -0.69 -29.26 26.05
C PRO B 459 -1.66 -29.43 27.21
N PHE B 460 -1.13 -29.18 28.42
CA PHE B 460 -1.89 -29.21 29.67
C PHE B 460 -2.57 -30.56 29.92
N GLU B 461 -1.91 -31.63 29.52
CA GLU B 461 -2.42 -32.98 29.70
C GLU B 461 -1.57 -33.72 30.72
N ARG B 462 -2.22 -34.44 31.63
CA ARG B 462 -1.56 -35.16 32.70
C ARG B 462 -1.62 -36.65 32.43
N ASP B 463 -0.50 -37.34 32.69
CA ASP B 463 -0.39 -38.78 32.49
C ASP B 463 0.17 -39.39 33.76
N ILE B 464 -0.71 -39.95 34.60
CA ILE B 464 -0.32 -40.59 35.84
C ILE B 464 -0.34 -42.11 35.72
N SER B 465 -0.45 -42.62 34.50
CA SER B 465 -0.48 -44.07 34.29
C SER B 465 0.89 -44.67 34.56
N THR B 466 0.88 -45.91 35.06
CA THR B 466 2.11 -46.60 35.45
C THR B 466 2.27 -47.93 34.72
N GLU B 467 1.67 -48.07 33.55
CA GLU B 467 1.78 -49.30 32.77
C GLU B 467 3.19 -49.45 32.23
N ILE B 468 3.61 -50.72 32.05
CA ILE B 468 4.97 -51.00 31.62
C ILE B 468 5.13 -50.62 30.15
N TYR B 469 6.16 -49.85 29.85
CA TYR B 469 6.43 -49.39 28.50
C TYR B 469 7.20 -50.46 27.75
N GLN B 470 6.66 -50.90 26.62
CA GLN B 470 7.31 -51.89 25.78
C GLN B 470 8.26 -51.19 24.82
N ALA B 471 9.55 -51.48 24.93
CA ALA B 471 10.56 -50.84 24.10
C ALA B 471 11.17 -51.76 23.05
N GLY B 472 10.88 -53.05 23.10
CA GLY B 472 11.42 -53.97 22.13
C GLY B 472 10.36 -54.55 21.21
N SER B 473 10.27 -55.88 21.17
CA SER B 473 9.31 -56.58 20.32
C SER B 473 8.27 -57.36 21.11
N THR B 474 8.69 -58.10 22.13
CA THR B 474 7.77 -58.91 22.92
C THR B 474 6.93 -58.02 23.85
N PRO B 475 5.67 -58.40 24.09
CA PRO B 475 4.87 -57.65 25.08
C PRO B 475 5.34 -57.82 26.51
N CYS B 476 6.08 -58.89 26.81
CA CYS B 476 6.71 -59.18 28.11
C CYS B 476 5.71 -59.14 29.27
N ASN B 477 4.44 -59.45 28.96
CA ASN B 477 3.29 -59.67 29.85
C ASN B 477 3.25 -58.80 31.10
N GLY B 478 3.56 -57.51 30.93
CA GLY B 478 3.44 -56.54 32.02
C GLY B 478 4.37 -56.73 33.19
N VAL B 479 5.61 -57.15 32.95
CA VAL B 479 6.65 -57.21 33.97
C VAL B 479 7.89 -56.51 33.43
N GLU B 480 8.78 -56.15 34.34
CA GLU B 480 10.03 -55.50 33.97
C GLU B 480 11.02 -56.53 33.46
N GLY B 481 12.22 -56.06 33.11
CA GLY B 481 13.26 -56.95 32.62
C GLY B 481 13.95 -56.45 31.38
N PHE B 482 13.91 -57.25 30.31
CA PHE B 482 14.59 -56.93 29.07
C PHE B 482 13.61 -56.32 28.08
N ASN B 483 14.03 -55.21 27.45
CA ASN B 483 13.31 -54.52 26.38
C ASN B 483 11.96 -53.97 26.81
N CYS B 484 11.70 -53.88 28.11
CA CYS B 484 10.52 -53.20 28.62
C CYS B 484 10.80 -52.74 30.03
N TYR B 485 10.57 -51.45 30.29
CA TYR B 485 11.02 -50.81 31.52
C TYR B 485 9.85 -50.14 32.22
N PHE B 486 10.06 -49.82 33.49
CA PHE B 486 9.13 -48.98 34.22
C PHE B 486 9.17 -47.56 33.64
N PRO B 487 8.01 -46.92 33.47
CA PRO B 487 8.02 -45.61 32.81
C PRO B 487 8.51 -44.49 33.69
N LEU B 488 8.27 -44.56 34.99
CA LEU B 488 8.66 -43.48 35.91
C LEU B 488 10.01 -43.78 36.54
N LYS B 489 10.78 -42.73 36.76
CA LYS B 489 12.06 -42.83 37.45
C LYS B 489 12.17 -41.73 38.48
N SER B 490 12.88 -42.01 39.57
CA SER B 490 13.00 -41.08 40.67
C SER B 490 14.20 -40.16 40.49
N TYR B 491 14.03 -38.91 40.87
CA TYR B 491 15.15 -37.97 40.86
C TYR B 491 16.14 -38.32 41.96
N GLY B 492 17.38 -37.89 41.77
CA GLY B 492 18.46 -38.23 42.67
C GLY B 492 18.98 -37.05 43.45
N PHE B 493 18.08 -36.23 43.99
CA PHE B 493 18.47 -34.98 44.63
C PHE B 493 19.31 -35.23 45.87
N HIS B 494 20.45 -34.55 45.95
CA HIS B 494 21.40 -34.63 47.04
C HIS B 494 21.82 -33.22 47.41
N PRO B 495 22.18 -32.99 48.69
CA PRO B 495 22.66 -31.65 49.07
C PRO B 495 23.98 -31.27 48.42
N THR B 496 24.78 -32.25 47.98
CA THR B 496 26.07 -31.98 47.35
C THR B 496 26.01 -32.06 45.84
N ASN B 497 24.82 -32.13 45.26
CA ASN B 497 24.68 -32.20 43.82
C ASN B 497 25.04 -30.87 43.17
N GLY B 498 25.34 -30.92 41.88
CA GLY B 498 25.57 -29.71 41.12
C GLY B 498 24.28 -28.95 40.88
N VAL B 499 24.44 -27.72 40.40
CA VAL B 499 23.28 -26.85 40.16
C VAL B 499 22.41 -27.41 39.04
N GLY B 500 23.02 -28.13 38.09
CA GLY B 500 22.24 -28.83 37.09
C GLY B 500 21.50 -30.04 37.61
N TYR B 501 21.76 -30.46 38.85
CA TYR B 501 21.07 -31.58 39.47
C TYR B 501 20.34 -31.20 40.75
N GLN B 502 20.44 -29.94 41.19
CA GLN B 502 19.72 -29.51 42.37
C GLN B 502 18.23 -29.35 42.07
N PRO B 503 17.37 -29.63 43.04
CA PRO B 503 15.92 -29.53 42.80
C PRO B 503 15.48 -28.08 42.66
N TYR B 504 14.75 -27.79 41.59
CA TYR B 504 14.15 -26.48 41.38
C TYR B 504 12.64 -26.61 41.48
N ARG B 505 11.99 -25.58 42.01
CA ARG B 505 10.55 -25.54 42.14
C ARG B 505 9.99 -24.60 41.09
N VAL B 506 8.99 -25.08 40.34
CA VAL B 506 8.42 -24.34 39.22
C VAL B 506 6.93 -24.15 39.48
N VAL B 507 6.46 -22.92 39.31
CA VAL B 507 5.04 -22.56 39.38
C VAL B 507 4.69 -21.85 38.08
N VAL B 508 3.69 -22.37 37.37
CA VAL B 508 3.23 -21.82 36.11
C VAL B 508 1.84 -21.22 36.36
N LEU B 509 1.73 -19.91 36.14
CA LEU B 509 0.49 -19.17 36.35
C LEU B 509 -0.15 -18.91 35.00
N SER B 510 -1.46 -19.17 34.92
CA SER B 510 -2.22 -18.99 33.69
C SER B 510 -3.32 -17.96 33.92
N PHE B 511 -3.31 -16.89 33.13
CA PHE B 511 -4.32 -15.86 33.17
C PHE B 511 -5.28 -16.04 32.00
N GLU B 512 -6.46 -15.44 32.11
CA GLU B 512 -7.47 -15.55 31.06
C GLU B 512 -7.87 -14.22 30.45
N LEU B 513 -8.17 -13.21 31.26
CA LEU B 513 -8.45 -11.83 30.81
C LEU B 513 -9.65 -11.76 29.86
N LEU B 514 -10.80 -12.16 30.37
CA LEU B 514 -12.04 -12.22 29.60
C LEU B 514 -12.95 -11.05 29.94
N ASN B 515 -14.15 -11.08 29.36
CA ASN B 515 -15.20 -10.09 29.65
C ASN B 515 -16.06 -10.63 30.80
N ALA B 516 -15.41 -10.81 31.94
CA ALA B 516 -15.99 -11.40 33.13
C ALA B 516 -15.63 -10.51 34.31
N PRO B 517 -16.35 -10.61 35.43
CA PRO B 517 -15.95 -9.89 36.63
C PRO B 517 -14.55 -10.29 37.09
N ALA B 518 -13.79 -9.30 37.54
CA ALA B 518 -12.40 -9.53 37.92
C ALA B 518 -12.35 -10.32 39.22
N THR B 519 -11.57 -11.39 39.21
CA THR B 519 -11.42 -12.25 40.38
C THR B 519 -10.15 -11.95 41.17
N VAL B 520 -9.04 -11.74 40.48
CA VAL B 520 -7.77 -11.39 41.09
C VAL B 520 -7.32 -10.05 40.53
N CYS B 521 -6.82 -9.18 41.40
CA CYS B 521 -6.47 -7.83 41.04
C CYS B 521 -5.03 -7.54 41.45
N GLY B 522 -4.48 -6.48 40.88
CA GLY B 522 -3.18 -5.99 41.29
C GLY B 522 -3.28 -5.18 42.56
N PRO B 523 -2.12 -4.83 43.11
CA PRO B 523 -2.08 -4.04 44.35
C PRO B 523 -2.26 -2.54 44.16
N LYS B 524 -2.69 -2.09 43.00
CA LYS B 524 -2.89 -0.67 42.77
C LYS B 524 -4.11 -0.18 43.52
N LYS B 525 -3.94 0.90 44.28
CA LYS B 525 -5.03 1.44 45.10
C LYS B 525 -5.95 2.30 44.25
N SER B 526 -7.26 2.10 44.41
CA SER B 526 -8.25 2.80 43.62
C SER B 526 -8.33 4.27 44.02
N THR B 527 -8.81 5.09 43.09
CA THR B 527 -9.00 6.51 43.30
C THR B 527 -10.48 6.86 43.19
N ASN B 528 -10.78 8.15 43.22
CA ASN B 528 -12.15 8.63 43.23
C ASN B 528 -12.58 8.96 41.79
N LEU B 529 -13.75 8.49 41.41
CA LEU B 529 -14.24 8.65 40.05
C LEU B 529 -14.71 10.07 39.80
N ILE B 530 -14.32 10.63 38.65
CA ILE B 530 -14.80 11.93 38.20
C ILE B 530 -15.37 11.80 36.80
N LYS B 531 -16.39 12.58 36.51
CA LYS B 531 -17.13 12.47 35.27
C LYS B 531 -17.07 13.79 34.51
N ASN B 532 -17.46 13.71 33.22
CA ASN B 532 -17.65 14.86 32.34
C ASN B 532 -16.38 15.67 32.14
N LYS B 533 -15.21 15.02 32.16
CA LYS B 533 -13.97 15.70 31.84
C LYS B 533 -12.99 14.67 31.28
N CYS B 534 -11.97 15.17 30.58
CA CYS B 534 -11.03 14.33 29.87
C CYS B 534 -10.07 13.69 30.87
N VAL B 535 -10.19 12.37 31.04
CA VAL B 535 -9.38 11.65 32.02
C VAL B 535 -8.81 10.39 31.39
N ASN B 536 -7.73 9.90 31.99
CA ASN B 536 -7.23 8.56 31.74
C ASN B 536 -7.83 7.62 32.77
N PHE B 537 -8.50 6.57 32.31
CA PHE B 537 -9.21 5.66 33.19
C PHE B 537 -8.60 4.28 33.13
N ASN B 538 -8.68 3.56 34.25
CA ASN B 538 -8.18 2.19 34.36
C ASN B 538 -9.26 1.38 35.08
N PHE B 539 -10.17 0.80 34.31
CA PHE B 539 -11.29 0.03 34.83
C PHE B 539 -10.95 -1.46 34.67
N ASN B 540 -10.56 -2.10 35.77
CA ASN B 540 -10.23 -3.53 35.82
C ASN B 540 -9.13 -3.89 34.81
N GLY B 541 -8.16 -3.01 34.65
CA GLY B 541 -7.10 -3.25 33.69
C GLY B 541 -7.40 -2.80 32.27
N LEU B 542 -8.40 -1.95 32.07
CA LEU B 542 -8.70 -1.38 30.77
C LEU B 542 -8.27 0.09 30.80
N THR B 543 -7.00 0.33 30.47
CA THR B 543 -6.46 1.69 30.48
C THR B 543 -6.86 2.36 29.17
N GLY B 544 -7.72 3.38 29.26
CA GLY B 544 -8.10 4.17 28.12
C GLY B 544 -8.08 5.65 28.46
N THR B 545 -8.46 6.46 27.47
CA THR B 545 -8.50 7.89 27.62
C THR B 545 -9.79 8.41 27.01
N GLY B 546 -10.53 9.23 27.76
CA GLY B 546 -11.78 9.75 27.24
C GLY B 546 -12.55 10.48 28.33
N VAL B 547 -13.83 10.68 28.07
CA VAL B 547 -14.71 11.30 29.07
C VAL B 547 -15.77 10.29 29.45
N LEU B 548 -16.17 10.34 30.72
CA LEU B 548 -17.09 9.37 31.31
C LEU B 548 -18.40 10.08 31.64
N THR B 549 -19.49 9.53 31.13
CA THR B 549 -20.82 10.09 31.34
C THR B 549 -21.74 9.00 31.86
N GLU B 550 -22.64 9.36 32.77
CA GLU B 550 -23.64 8.41 33.24
C GLU B 550 -24.64 8.12 32.14
N SER B 551 -24.91 6.84 31.90
CA SER B 551 -25.85 6.43 30.88
C SER B 551 -26.56 5.17 31.34
N ASN B 552 -27.30 4.54 30.43
CA ASN B 552 -27.98 3.28 30.73
C ASN B 552 -28.03 2.45 29.44
N LYS B 553 -27.07 1.54 29.32
CA LYS B 553 -27.01 0.65 28.17
C LYS B 553 -27.51 -0.76 28.49
N LYS B 554 -27.91 -1.01 29.74
CA LYS B 554 -28.48 -2.28 30.20
C LYS B 554 -27.53 -3.46 29.93
N PHE B 555 -26.40 -3.43 30.63
CA PHE B 555 -25.42 -4.48 30.51
C PHE B 555 -25.95 -5.79 31.08
N LEU B 556 -25.43 -6.90 30.58
CA LEU B 556 -25.67 -8.19 31.21
C LEU B 556 -24.99 -8.22 32.58
N PRO B 557 -25.54 -8.97 33.53
CA PRO B 557 -24.97 -8.98 34.89
C PRO B 557 -23.53 -9.49 34.95
N PHE B 558 -23.19 -10.51 34.17
CA PHE B 558 -21.84 -11.08 34.19
C PHE B 558 -20.98 -10.51 33.06
N GLN B 559 -20.83 -9.19 33.05
CA GLN B 559 -19.90 -8.55 32.13
C GLN B 559 -19.46 -7.23 32.70
N GLN B 560 -18.38 -6.70 32.13
CA GLN B 560 -17.75 -5.48 32.63
C GLN B 560 -17.71 -4.35 31.61
N PHE B 561 -17.63 -4.65 30.32
CA PHE B 561 -17.54 -3.61 29.31
C PHE B 561 -18.34 -4.04 28.08
N GLY B 562 -18.69 -3.05 27.27
CA GLY B 562 -19.38 -3.29 26.02
C GLY B 562 -18.71 -2.51 24.90
N ARG B 563 -18.50 -3.18 23.78
CA ARG B 563 -17.81 -2.64 22.62
C ARG B 563 -18.80 -1.98 21.68
N ASP B 564 -18.33 -1.64 20.48
CA ASP B 564 -19.18 -1.13 19.40
C ASP B 564 -18.71 -1.76 18.09
N ILE B 565 -19.17 -1.22 16.97
CA ILE B 565 -18.85 -1.80 15.67
C ILE B 565 -17.43 -1.52 15.21
N ALA B 566 -16.70 -0.67 15.92
CA ALA B 566 -15.30 -0.38 15.59
C ALA B 566 -14.33 -1.09 16.52
N ASP B 567 -14.83 -2.01 17.36
CA ASP B 567 -14.03 -2.73 18.37
C ASP B 567 -13.31 -1.77 19.31
N THR B 568 -14.01 -0.71 19.69
CA THR B 568 -13.54 0.21 20.71
C THR B 568 -14.45 0.09 21.92
N THR B 569 -13.90 0.44 23.09
CA THR B 569 -14.64 0.28 24.34
C THR B 569 -15.72 1.36 24.41
N ASP B 570 -16.94 0.99 24.07
CA ASP B 570 -18.04 1.96 24.05
C ASP B 570 -18.50 2.31 25.46
N ALA B 571 -18.57 1.32 26.35
CA ALA B 571 -19.01 1.61 27.71
C ALA B 571 -18.36 0.62 28.68
N VAL B 572 -18.28 1.02 29.94
CA VAL B 572 -17.75 0.17 31.01
C VAL B 572 -18.68 0.20 32.20
N ARG B 573 -18.45 -0.75 33.11
CA ARG B 573 -19.15 -0.83 34.38
C ARG B 573 -18.17 -0.49 35.49
N ASP B 574 -18.57 0.43 36.36
CA ASP B 574 -17.75 0.78 37.52
C ASP B 574 -17.72 -0.40 38.48
N PRO B 575 -16.56 -0.97 38.79
CA PRO B 575 -16.52 -2.14 39.66
C PRO B 575 -16.86 -1.87 41.12
N GLN B 576 -16.92 -0.61 41.54
CA GLN B 576 -17.20 -0.28 42.93
C GLN B 576 -18.62 0.18 43.17
N THR B 577 -19.36 0.57 42.12
CA THR B 577 -20.75 0.95 42.25
C THR B 577 -21.70 0.15 41.38
N LEU B 578 -21.18 -0.68 40.46
CA LEU B 578 -21.97 -1.42 39.47
C LEU B 578 -22.84 -0.48 38.63
N GLU B 579 -22.29 0.70 38.32
CA GLU B 579 -22.98 1.70 37.55
C GLU B 579 -22.39 1.73 36.14
N ILE B 580 -23.27 1.66 35.14
CA ILE B 580 -22.82 1.54 33.75
C ILE B 580 -22.44 2.93 33.26
N LEU B 581 -21.13 3.19 33.18
CA LEU B 581 -20.64 4.45 32.65
C LEU B 581 -20.66 4.39 31.12
N ASP B 582 -20.27 5.50 30.51
CA ASP B 582 -20.25 5.58 29.05
C ASP B 582 -19.03 6.39 28.65
N ILE B 583 -18.23 5.83 27.75
CA ILE B 583 -16.97 6.43 27.33
C ILE B 583 -17.17 7.13 26.00
N THR B 584 -16.86 8.43 25.98
CA THR B 584 -16.91 9.20 24.76
C THR B 584 -15.52 9.71 24.44
N PRO B 585 -15.09 9.68 23.18
CA PRO B 585 -13.75 10.19 22.83
C PRO B 585 -13.60 11.66 23.17
N CYS B 586 -12.38 12.02 23.60
CA CYS B 586 -12.13 13.37 24.06
C CYS B 586 -12.02 14.35 22.90
N SER B 587 -11.78 13.85 21.69
CA SER B 587 -11.55 14.70 20.55
C SER B 587 -12.85 15.03 19.82
N PHE B 588 -12.83 16.15 19.10
CA PHE B 588 -13.96 16.63 18.30
C PHE B 588 -13.47 17.04 16.92
N GLY B 589 -12.82 16.12 16.22
CA GLY B 589 -12.56 16.34 14.81
C GLY B 589 -13.84 16.59 14.04
N GLY B 590 -13.87 17.71 13.32
CA GLY B 590 -15.10 18.24 12.79
C GLY B 590 -15.09 19.74 13.00
N VAL B 591 -13.98 20.22 13.49
CA VAL B 591 -13.73 21.66 13.66
C VAL B 591 -12.99 22.18 12.45
N SER B 592 -13.38 23.37 11.99
CA SER B 592 -12.77 24.01 10.84
C SER B 592 -12.38 25.43 11.22
N VAL B 593 -11.24 25.87 10.72
CA VAL B 593 -10.74 27.21 10.98
C VAL B 593 -10.84 28.02 9.70
N ILE B 594 -11.56 29.13 9.75
CA ILE B 594 -11.77 30.01 8.62
C ILE B 594 -10.91 31.25 8.84
N THR B 595 -9.96 31.48 7.94
CA THR B 595 -9.03 32.56 8.16
C THR B 595 -8.79 33.31 6.86
N PRO B 596 -8.48 34.61 6.95
CA PRO B 596 -7.82 35.28 5.82
C PRO B 596 -6.35 34.94 5.79
N GLY B 597 -5.58 35.63 4.96
CA GLY B 597 -4.16 35.37 4.91
C GLY B 597 -3.46 35.72 6.20
N THR B 598 -2.32 35.07 6.43
CA THR B 598 -1.54 35.33 7.63
C THR B 598 -0.99 36.74 7.64
N ASN B 599 -0.62 37.26 6.47
CA ASN B 599 -0.26 38.67 6.38
C ASN B 599 -1.49 39.53 6.05
N ALA B 600 -2.58 39.28 6.74
CA ALA B 600 -3.71 40.20 6.78
C ALA B 600 -4.19 40.46 8.19
N SER B 601 -4.23 39.43 9.04
CA SER B 601 -4.71 39.51 10.42
C SER B 601 -4.49 38.20 11.15
N ASN B 602 -4.30 38.26 12.46
CA ASN B 602 -4.35 37.05 13.29
C ASN B 602 -5.76 36.87 13.87
N GLN B 603 -6.76 36.91 12.99
CA GLN B 603 -8.15 36.73 13.38
C GLN B 603 -8.73 35.55 12.62
N VAL B 604 -9.40 34.65 13.33
CA VAL B 604 -9.98 33.47 12.74
C VAL B 604 -11.43 33.33 13.22
N ALA B 605 -12.22 32.64 12.42
CA ALA B 605 -13.53 32.16 12.82
C ALA B 605 -13.48 30.64 12.90
N VAL B 606 -14.35 30.07 13.72
CA VAL B 606 -14.33 28.63 13.97
C VAL B 606 -15.70 28.06 13.65
N LEU B 607 -15.74 27.02 12.84
CA LEU B 607 -16.96 26.31 12.50
C LEU B 607 -16.93 24.93 13.13
N TYR B 608 -17.96 24.60 13.90
CA TYR B 608 -18.12 23.27 14.46
C TYR B 608 -19.25 22.57 13.70
N GLN B 609 -18.95 21.39 13.17
CA GLN B 609 -19.87 20.66 12.30
C GLN B 609 -21.03 20.08 13.11
N ASP B 610 -22.25 20.50 12.78
CA ASP B 610 -23.50 19.87 13.22
C ASP B 610 -23.67 19.89 14.74
N VAL B 611 -23.46 21.06 15.34
CA VAL B 611 -23.78 21.25 16.75
C VAL B 611 -24.79 22.37 16.87
N ASN B 612 -25.49 22.39 18.00
CA ASN B 612 -26.65 23.25 18.19
C ASN B 612 -26.33 24.58 18.86
N CYS B 613 -25.06 25.01 18.81
CA CYS B 613 -24.58 26.33 19.23
C CYS B 613 -24.67 26.58 20.73
N THR B 614 -25.24 25.66 21.51
CA THR B 614 -25.26 25.78 22.96
C THR B 614 -24.57 24.63 23.66
N GLU B 615 -24.45 23.47 23.02
CA GLU B 615 -23.68 22.34 23.53
C GLU B 615 -22.24 22.37 23.06
N VAL B 616 -21.80 23.49 22.47
CA VAL B 616 -20.38 23.63 22.11
C VAL B 616 -19.46 23.57 23.32
N PRO B 617 -19.73 24.21 24.48
CA PRO B 617 -18.85 24.00 25.63
C PRO B 617 -18.79 22.57 26.14
N VAL B 618 -19.83 21.76 25.93
CA VAL B 618 -19.79 20.37 26.38
C VAL B 618 -19.42 19.41 25.26
N ALA B 619 -19.23 19.90 24.04
CA ALA B 619 -18.69 19.09 22.95
C ALA B 619 -17.22 19.37 22.69
N ILE B 620 -16.74 20.56 23.05
CA ILE B 620 -15.34 20.90 22.92
C ILE B 620 -14.60 20.68 24.25
N HIS B 621 -15.35 20.55 25.35
CA HIS B 621 -14.84 20.52 26.71
C HIS B 621 -14.04 21.79 27.01
N ALA B 622 -14.75 22.91 26.95
CA ALA B 622 -14.15 24.23 27.07
C ALA B 622 -13.65 24.54 28.47
N ASP B 623 -13.99 23.74 29.47
CA ASP B 623 -13.47 23.96 30.81
C ASP B 623 -11.99 23.63 30.90
N GLN B 624 -11.53 22.66 30.12
CA GLN B 624 -10.14 22.22 30.17
C GLN B 624 -9.26 22.91 29.13
N LEU B 625 -9.80 23.86 28.37
CA LEU B 625 -9.03 24.55 27.35
C LEU B 625 -8.35 25.79 27.93
N THR B 626 -7.44 26.35 27.16
CA THR B 626 -6.89 27.65 27.49
C THR B 626 -7.96 28.71 27.27
N PRO B 627 -7.86 29.85 27.99
CA PRO B 627 -8.87 30.91 27.79
C PRO B 627 -8.92 31.47 26.39
N THR B 628 -7.83 31.38 25.63
CA THR B 628 -7.83 31.88 24.26
C THR B 628 -8.70 31.00 23.36
N TRP B 629 -8.77 29.70 23.64
CA TRP B 629 -9.86 28.88 23.11
C TRP B 629 -11.22 29.23 23.69
N ARG B 630 -11.27 29.51 25.00
CA ARG B 630 -12.56 29.69 25.66
C ARG B 630 -13.28 30.95 25.20
N VAL B 631 -12.57 31.89 24.59
CA VAL B 631 -13.26 33.02 23.96
C VAL B 631 -13.87 32.61 22.62
N TYR B 632 -13.44 31.48 22.05
CA TYR B 632 -13.94 31.02 20.76
C TYR B 632 -15.04 29.97 20.89
N SER B 633 -15.48 29.66 22.09
CA SER B 633 -16.56 28.68 22.29
C SER B 633 -17.91 29.35 22.50
N THR B 634 -17.95 30.46 23.21
CA THR B 634 -19.16 31.23 23.42
C THR B 634 -18.87 32.70 23.21
N GLY B 635 -19.90 33.46 22.87
CA GLY B 635 -19.75 34.88 22.66
C GLY B 635 -20.98 35.47 22.02
N SER B 636 -20.83 36.71 21.57
CA SER B 636 -21.91 37.43 20.90
C SER B 636 -21.88 37.27 19.39
N ASN B 637 -20.91 36.53 18.86
CA ASN B 637 -20.79 36.29 17.43
C ASN B 637 -21.24 34.89 17.03
N VAL B 638 -22.06 34.25 17.86
CA VAL B 638 -22.52 32.90 17.58
C VAL B 638 -23.58 32.94 16.49
N PHE B 639 -23.35 32.18 15.43
CA PHE B 639 -24.28 32.10 14.30
C PHE B 639 -24.60 30.64 14.05
N GLN B 640 -25.88 30.32 13.92
CA GLN B 640 -26.33 28.95 13.69
C GLN B 640 -26.70 28.78 12.22
N THR B 641 -26.09 27.80 11.58
CA THR B 641 -26.38 27.47 10.19
C THR B 641 -26.57 25.97 10.07
N ARG B 642 -26.98 25.54 8.87
CA ARG B 642 -27.20 24.12 8.63
C ARG B 642 -25.90 23.34 8.53
N ALA B 643 -24.77 24.01 8.27
CA ALA B 643 -23.47 23.35 8.34
C ALA B 643 -23.08 23.07 9.78
N GLY B 644 -23.42 23.98 10.69
CA GLY B 644 -23.08 23.83 12.09
C GLY B 644 -23.16 25.14 12.85
N CYS B 645 -22.19 25.39 13.72
CA CYS B 645 -22.14 26.61 14.52
C CYS B 645 -20.87 27.38 14.19
N LEU B 646 -21.02 28.67 13.90
CA LEU B 646 -19.91 29.54 13.56
C LEU B 646 -19.70 30.58 14.65
N ILE B 647 -18.49 30.62 15.20
CA ILE B 647 -18.15 31.57 16.26
C ILE B 647 -16.95 32.38 15.80
N GLY B 648 -17.07 33.71 15.88
CA GLY B 648 -15.97 34.59 15.51
C GLY B 648 -16.24 35.45 14.30
N ALA B 649 -17.40 35.30 13.67
CA ALA B 649 -17.74 36.10 12.49
C ALA B 649 -19.19 36.55 12.63
N GLU B 650 -19.42 37.85 12.58
CA GLU B 650 -20.78 38.37 12.67
C GLU B 650 -21.53 38.10 11.37
N HIS B 651 -22.82 37.84 11.51
CA HIS B 651 -23.67 37.47 10.38
C HIS B 651 -24.46 38.70 9.92
N VAL B 652 -24.35 39.02 8.65
CA VAL B 652 -25.04 40.17 8.08
C VAL B 652 -26.17 39.69 7.18
N ASN B 653 -27.19 40.53 7.04
CA ASN B 653 -28.32 40.20 6.18
C ASN B 653 -28.08 40.51 4.72
N ASN B 654 -26.95 41.13 4.38
CA ASN B 654 -26.61 41.40 3.00
C ASN B 654 -26.11 40.14 2.32
N SER B 655 -26.03 40.18 0.99
CA SER B 655 -25.57 39.07 0.19
C SER B 655 -24.55 39.57 -0.82
N TYR B 656 -23.42 38.86 -0.92
CA TYR B 656 -22.39 39.18 -1.89
C TYR B 656 -21.88 37.90 -2.52
N GLU B 657 -21.18 38.05 -3.65
CA GLU B 657 -20.36 36.95 -4.15
C GLU B 657 -19.25 36.67 -3.15
N CYS B 658 -19.02 35.39 -2.87
CA CYS B 658 -18.30 35.02 -1.67
C CYS B 658 -16.90 34.51 -1.98
N ASP B 659 -15.98 34.75 -1.03
CA ASP B 659 -14.58 34.38 -1.16
C ASP B 659 -14.30 33.02 -0.52
N ILE B 660 -14.56 32.91 0.78
CA ILE B 660 -14.29 31.69 1.54
C ILE B 660 -15.59 30.89 1.62
N PRO B 661 -15.67 29.71 1.01
CA PRO B 661 -16.91 28.93 1.08
C PRO B 661 -16.97 28.10 2.35
N ILE B 662 -17.92 28.43 3.22
CA ILE B 662 -18.11 27.65 4.43
C ILE B 662 -18.95 26.41 4.14
N GLY B 663 -20.10 26.59 3.53
CA GLY B 663 -20.97 25.48 3.18
C GLY B 663 -22.40 25.79 3.55
N ALA B 664 -23.31 24.96 3.03
CA ALA B 664 -24.76 25.08 3.23
C ALA B 664 -25.27 26.46 2.82
N GLY B 665 -24.67 27.01 1.77
CA GLY B 665 -25.02 28.34 1.29
C GLY B 665 -24.38 29.48 2.02
N ILE B 666 -23.73 29.22 3.16
CA ILE B 666 -23.08 30.27 3.94
C ILE B 666 -21.64 30.41 3.46
N CYS B 667 -21.23 31.65 3.20
CA CYS B 667 -19.85 31.97 2.86
C CYS B 667 -19.36 33.02 3.85
N ALA B 668 -18.05 33.25 3.84
CA ALA B 668 -17.43 34.23 4.73
C ALA B 668 -16.42 35.06 3.97
N SER B 669 -16.15 36.25 4.50
CA SER B 669 -15.18 37.16 3.91
C SER B 669 -14.57 38.01 5.01
N TYR B 670 -13.52 38.73 4.66
CA TYR B 670 -12.80 39.59 5.59
C TYR B 670 -12.98 41.03 5.13
N GLN B 671 -13.91 41.75 5.77
CA GLN B 671 -14.34 43.05 5.31
C GLN B 671 -14.17 44.08 6.42
N THR B 672 -14.70 45.28 6.17
CA THR B 672 -14.64 46.37 7.15
C THR B 672 -15.93 46.47 7.94
N SER B 681 -12.46 47.76 13.29
CA SER B 681 -12.22 48.23 11.93
C SER B 681 -12.46 47.11 10.92
N GLN B 682 -11.59 46.10 10.95
CA GLN B 682 -11.68 44.96 10.05
C GLN B 682 -12.16 43.74 10.82
N SER B 683 -13.04 42.96 10.19
CA SER B 683 -13.60 41.79 10.85
C SER B 683 -14.05 40.79 9.79
N ILE B 684 -14.23 39.55 10.24
CA ILE B 684 -14.74 38.47 9.41
C ILE B 684 -16.27 38.51 9.47
N ILE B 685 -16.90 38.46 8.30
CA ILE B 685 -18.35 38.46 8.20
C ILE B 685 -18.79 37.20 7.48
N ALA B 686 -20.00 36.74 7.82
CA ALA B 686 -20.60 35.57 7.21
C ALA B 686 -21.95 35.96 6.62
N TYR B 687 -22.27 35.39 5.46
CA TYR B 687 -23.48 35.79 4.76
C TYR B 687 -23.95 34.68 3.86
N THR B 688 -25.23 34.72 3.52
CA THR B 688 -25.78 33.85 2.49
C THR B 688 -25.23 34.26 1.13
N MET B 689 -24.74 33.29 0.37
CA MET B 689 -24.16 33.56 -0.93
C MET B 689 -25.20 34.08 -1.90
N SER B 690 -24.78 35.01 -2.76
CA SER B 690 -25.63 35.57 -3.79
C SER B 690 -25.44 34.77 -5.08
N LEU B 691 -26.52 34.15 -5.56
CA LEU B 691 -26.44 33.36 -6.78
C LEU B 691 -26.20 34.24 -8.00
N GLY B 692 -26.78 35.44 -8.02
CA GLY B 692 -26.58 36.34 -9.14
C GLY B 692 -27.57 37.48 -9.08
N ALA B 693 -27.52 38.31 -10.11
CA ALA B 693 -28.39 39.48 -10.21
C ALA B 693 -29.80 39.04 -10.60
N GLU B 694 -30.78 39.51 -9.84
CA GLU B 694 -32.18 39.23 -10.17
C GLU B 694 -32.59 40.05 -11.39
N ASN B 695 -33.19 39.39 -12.38
CA ASN B 695 -33.55 40.06 -13.63
C ASN B 695 -34.73 39.31 -14.24
N SER B 696 -35.92 39.91 -14.14
CA SER B 696 -37.11 39.31 -14.73
C SER B 696 -37.29 39.84 -16.15
N VAL B 697 -37.27 38.94 -17.12
CA VAL B 697 -37.40 39.33 -18.52
C VAL B 697 -38.88 39.51 -18.86
N ALA B 698 -39.18 40.55 -19.62
CA ALA B 698 -40.55 40.76 -20.08
C ALA B 698 -40.93 39.70 -21.10
N TYR B 699 -42.23 39.43 -21.18
CA TYR B 699 -42.72 38.42 -22.11
C TYR B 699 -44.16 38.73 -22.48
N SER B 700 -44.50 38.54 -23.75
CA SER B 700 -45.85 38.69 -24.24
C SER B 700 -46.01 37.84 -25.49
N ASN B 701 -47.25 37.55 -25.85
CA ASN B 701 -47.50 36.63 -26.96
C ASN B 701 -47.33 37.28 -28.32
N ASN B 702 -47.14 38.60 -28.39
CA ASN B 702 -46.96 39.27 -29.68
C ASN B 702 -45.85 40.30 -29.59
N SER B 703 -44.82 40.03 -28.80
CA SER B 703 -43.69 40.93 -28.66
C SER B 703 -42.40 40.15 -28.83
N ILE B 704 -41.49 40.71 -29.62
CA ILE B 704 -40.18 40.12 -29.86
C ILE B 704 -39.13 41.19 -29.60
N ALA B 705 -37.90 40.75 -29.32
CA ALA B 705 -36.77 41.64 -29.16
C ALA B 705 -35.72 41.29 -30.19
N ILE B 706 -35.29 42.29 -30.96
CA ILE B 706 -34.34 42.10 -32.05
C ILE B 706 -33.18 43.05 -31.85
N PRO B 707 -31.93 42.57 -31.94
CA PRO B 707 -30.79 43.48 -31.80
C PRO B 707 -30.62 44.36 -33.01
N THR B 708 -30.15 45.58 -32.79
CA THR B 708 -29.82 46.52 -33.85
C THR B 708 -28.33 46.78 -33.99
N ASN B 709 -27.55 46.53 -32.94
CA ASN B 709 -26.11 46.70 -32.96
C ASN B 709 -25.48 45.46 -32.31
N PHE B 710 -24.20 45.25 -32.56
CA PHE B 710 -23.53 44.06 -32.09
C PHE B 710 -22.20 44.42 -31.44
N THR B 711 -21.62 43.44 -30.76
CA THR B 711 -20.31 43.56 -30.16
C THR B 711 -19.51 42.32 -30.53
N ILE B 712 -18.23 42.51 -30.80
CA ILE B 712 -17.33 41.40 -31.09
C ILE B 712 -16.36 41.29 -29.92
N SER B 713 -16.33 40.11 -29.30
CA SER B 713 -15.60 39.91 -28.06
C SER B 713 -14.52 38.88 -28.24
N VAL B 714 -13.50 38.94 -27.39
CA VAL B 714 -12.41 37.97 -27.37
C VAL B 714 -12.34 37.39 -25.97
N THR B 715 -12.48 36.07 -25.86
CA THR B 715 -12.52 35.36 -24.59
C THR B 715 -11.29 34.46 -24.50
N THR B 716 -10.61 34.51 -23.35
CA THR B 716 -9.40 33.74 -23.13
C THR B 716 -9.72 32.46 -22.38
N GLU B 717 -9.29 31.32 -22.94
CA GLU B 717 -9.52 30.03 -22.30
C GLU B 717 -8.19 29.29 -22.19
N ILE B 718 -7.86 28.83 -20.98
CA ILE B 718 -6.58 28.19 -20.69
C ILE B 718 -6.82 26.72 -20.40
N LEU B 719 -6.09 25.84 -21.09
CA LEU B 719 -6.25 24.41 -20.90
C LEU B 719 -4.89 23.77 -20.66
N PRO B 720 -4.73 22.99 -19.60
CA PRO B 720 -3.51 22.19 -19.44
C PRO B 720 -3.42 21.13 -20.51
N VAL B 721 -2.21 20.87 -20.98
CA VAL B 721 -1.95 19.89 -22.02
C VAL B 721 -1.07 18.76 -21.52
N SER B 722 -0.01 19.09 -20.79
CA SER B 722 0.94 18.08 -20.33
C SER B 722 1.41 18.41 -18.92
N MET B 723 1.96 17.40 -18.26
CA MET B 723 2.58 17.51 -16.96
C MET B 723 4.02 17.02 -17.04
N THR B 724 4.78 17.26 -15.99
CA THR B 724 6.21 16.97 -16.02
C THR B 724 6.47 15.46 -16.02
N LYS B 725 7.51 15.05 -16.74
CA LYS B 725 7.87 13.64 -16.86
C LYS B 725 9.00 13.34 -15.88
N THR B 726 8.74 12.41 -14.96
CA THR B 726 9.72 12.05 -13.95
C THR B 726 10.09 10.58 -14.08
N SER B 727 11.32 10.26 -13.69
CA SER B 727 11.81 8.90 -13.66
C SER B 727 12.41 8.63 -12.28
N VAL B 728 12.27 7.40 -11.80
CA VAL B 728 12.64 7.04 -10.45
C VAL B 728 13.60 5.85 -10.49
N ASP B 729 14.75 5.99 -9.86
CA ASP B 729 15.66 4.88 -9.61
C ASP B 729 15.41 4.38 -8.20
N CYS B 730 14.98 3.11 -8.09
CA CYS B 730 14.62 2.55 -6.79
C CYS B 730 15.82 2.39 -5.88
N THR B 731 16.98 2.04 -6.44
CA THR B 731 18.16 1.82 -5.60
C THR B 731 18.60 3.11 -4.92
N MET B 732 18.67 4.21 -5.67
CA MET B 732 19.04 5.50 -5.08
C MET B 732 18.03 5.96 -4.05
N TYR B 733 16.73 5.80 -4.32
CA TYR B 733 15.73 6.30 -3.39
C TYR B 733 15.69 5.46 -2.12
N ILE B 734 15.62 4.14 -2.26
CA ILE B 734 15.45 3.29 -1.09
C ILE B 734 16.74 3.20 -0.29
N CYS B 735 17.83 2.81 -0.95
CA CYS B 735 19.14 2.81 -0.29
C CYS B 735 20.22 2.96 -1.36
N GLY B 736 20.65 4.20 -1.58
CA GLY B 736 21.69 4.46 -2.54
C GLY B 736 23.06 4.13 -1.98
N ASP B 737 23.85 3.40 -2.78
CA ASP B 737 25.22 2.99 -2.45
C ASP B 737 25.26 2.18 -1.15
N SER B 738 24.60 1.03 -1.18
CA SER B 738 24.58 0.12 -0.04
C SER B 738 24.32 -1.28 -0.58
N THR B 739 25.34 -2.13 -0.55
CA THR B 739 25.20 -3.44 -1.17
C THR B 739 24.35 -4.40 -0.35
N GLU B 740 24.34 -4.25 0.98
CA GLU B 740 23.51 -5.12 1.82
C GLU B 740 22.03 -4.84 1.59
N CYS B 741 21.64 -3.57 1.62
CA CYS B 741 20.25 -3.23 1.39
C CYS B 741 19.83 -3.48 -0.06
N SER B 742 20.77 -3.35 -1.01
CA SER B 742 20.46 -3.71 -2.39
C SER B 742 20.19 -5.21 -2.52
N ASN B 743 21.00 -6.03 -1.85
CA ASN B 743 20.77 -7.47 -1.84
C ASN B 743 19.42 -7.81 -1.19
N LEU B 744 19.07 -7.10 -0.13
CA LEU B 744 17.76 -7.31 0.50
C LEU B 744 16.63 -6.83 -0.40
N LEU B 745 16.87 -5.78 -1.19
CA LEU B 745 15.85 -5.28 -2.10
C LEU B 745 15.63 -6.22 -3.28
N LEU B 746 16.65 -7.01 -3.62
CA LEU B 746 16.48 -8.02 -4.67
C LEU B 746 15.44 -9.08 -4.29
N GLN B 747 15.18 -9.27 -3.00
CA GLN B 747 14.20 -10.25 -2.53
C GLN B 747 12.79 -9.68 -2.43
N TYR B 748 12.50 -8.58 -3.12
CA TYR B 748 11.15 -8.06 -3.18
C TYR B 748 10.51 -8.20 -4.56
N GLY B 749 11.27 -8.67 -5.55
CA GLY B 749 10.69 -9.05 -6.82
C GLY B 749 10.58 -7.94 -7.84
N SER B 750 9.45 -7.91 -8.55
CA SER B 750 9.22 -6.97 -9.64
C SER B 750 8.42 -5.76 -9.18
N PHE B 751 8.62 -5.32 -7.95
CA PHE B 751 7.90 -4.15 -7.44
C PHE B 751 8.51 -2.84 -7.93
N CYS B 752 9.64 -2.88 -8.63
CA CYS B 752 10.22 -1.68 -9.23
C CYS B 752 10.24 -1.69 -10.74
N THR B 753 10.32 -2.86 -11.37
CA THR B 753 10.08 -2.92 -12.81
C THR B 753 8.66 -2.51 -13.13
N GLN B 754 7.70 -2.96 -12.32
CA GLN B 754 6.32 -2.51 -12.46
C GLN B 754 6.17 -1.04 -12.09
N LEU B 755 6.92 -0.59 -11.08
CA LEU B 755 6.86 0.81 -10.66
C LEU B 755 7.41 1.74 -11.73
N ASN B 756 8.54 1.38 -12.33
CA ASN B 756 9.17 2.24 -13.33
C ASN B 756 8.50 2.12 -14.69
N ARG B 757 7.73 1.07 -14.94
CA ARG B 757 7.03 0.94 -16.22
C ARG B 757 5.88 1.92 -16.32
N ALA B 758 5.22 2.23 -15.20
CA ALA B 758 4.09 3.14 -15.23
C ALA B 758 4.52 4.58 -15.52
N LEU B 759 5.68 4.99 -14.99
CA LEU B 759 6.11 6.37 -15.15
C LEU B 759 6.57 6.66 -16.58
N THR B 760 7.22 5.68 -17.22
CA THR B 760 7.62 5.87 -18.62
C THR B 760 6.40 5.92 -19.53
N GLY B 761 5.36 5.13 -19.22
CA GLY B 761 4.12 5.24 -19.95
C GLY B 761 3.49 6.61 -19.79
N ILE B 762 3.59 7.19 -18.59
CA ILE B 762 3.12 8.56 -18.36
C ILE B 762 3.91 9.55 -19.21
N ALA B 763 5.24 9.40 -19.26
CA ALA B 763 6.07 10.32 -20.03
C ALA B 763 5.76 10.26 -21.52
N VAL B 764 5.64 9.05 -22.06
CA VAL B 764 5.28 8.88 -23.46
C VAL B 764 3.86 9.42 -23.70
N GLU B 765 2.97 9.27 -22.73
CA GLU B 765 1.63 9.83 -22.84
C GLU B 765 1.65 11.36 -22.90
N GLN B 766 2.54 12.00 -22.13
CA GLN B 766 2.61 13.46 -22.17
C GLN B 766 3.17 13.95 -23.50
N ASP B 767 4.18 13.26 -24.02
CA ASP B 767 4.68 13.59 -25.36
C ASP B 767 3.61 13.42 -26.41
N LYS B 768 2.82 12.34 -26.30
CA LYS B 768 1.71 12.10 -27.23
C LYS B 768 0.64 13.17 -27.08
N ASN B 769 0.37 13.63 -25.85
CA ASN B 769 -0.61 14.67 -25.64
C ASN B 769 -0.21 15.97 -26.32
N THR B 770 1.05 16.37 -26.15
CA THR B 770 1.52 17.59 -26.78
C THR B 770 1.51 17.46 -28.31
N GLN B 771 1.91 16.29 -28.82
CA GLN B 771 1.92 16.08 -30.27
C GLN B 771 0.51 16.09 -30.84
N GLU B 772 -0.45 15.46 -30.16
CA GLU B 772 -1.80 15.38 -30.70
C GLU B 772 -2.61 16.64 -30.43
N VAL B 773 -2.14 17.53 -29.57
CA VAL B 773 -2.78 18.84 -29.46
C VAL B 773 -2.22 19.75 -30.54
N PHE B 774 -0.89 19.93 -30.55
CA PHE B 774 -0.35 21.02 -31.36
C PHE B 774 -0.11 20.63 -32.81
N ALA B 775 0.39 19.43 -33.06
CA ALA B 775 0.73 19.02 -34.43
C ALA B 775 -0.50 18.44 -35.14
N GLN B 776 -1.50 19.30 -35.33
CA GLN B 776 -2.68 18.90 -36.08
C GLN B 776 -2.37 18.81 -37.57
N VAL B 777 -1.63 19.78 -38.10
CA VAL B 777 -1.25 19.81 -39.50
C VAL B 777 0.27 19.75 -39.59
N LYS B 778 0.77 18.94 -40.52
CA LYS B 778 2.20 18.73 -40.68
C LYS B 778 2.83 19.67 -41.70
N GLN B 779 2.04 20.57 -42.30
CA GLN B 779 2.55 21.54 -43.25
C GLN B 779 2.65 22.88 -42.56
N ILE B 780 3.87 23.31 -42.27
CA ILE B 780 4.09 24.59 -41.59
C ILE B 780 3.90 25.71 -42.60
N TYR B 781 2.93 26.58 -42.35
CA TYR B 781 2.67 27.74 -43.19
C TYR B 781 3.39 28.95 -42.65
N LYS B 782 4.15 29.62 -43.50
CA LYS B 782 4.91 30.78 -43.07
C LYS B 782 3.99 31.98 -42.88
N THR B 783 4.42 32.88 -42.00
CA THR B 783 3.68 34.12 -41.76
C THR B 783 3.74 35.00 -43.00
N PRO B 784 2.60 35.51 -43.48
CA PRO B 784 2.62 36.41 -44.64
C PRO B 784 3.36 37.70 -44.33
N GLN B 785 4.08 38.21 -45.32
CA GLN B 785 4.94 39.38 -45.12
C GLN B 785 4.14 40.67 -45.04
N ILE B 786 2.94 40.70 -45.61
CA ILE B 786 2.11 41.90 -45.66
C ILE B 786 0.80 41.63 -44.91
N LYS B 787 0.45 42.55 -44.02
CA LYS B 787 -0.73 42.39 -43.15
C LYS B 787 -1.87 43.29 -43.63
N ASP B 788 -2.34 43.03 -44.84
CA ASP B 788 -3.50 43.75 -45.39
C ASP B 788 -4.77 42.92 -45.20
N PHE B 789 -5.07 42.61 -43.95
CA PHE B 789 -6.20 41.76 -43.62
C PHE B 789 -7.48 42.56 -43.42
N GLY B 790 -7.79 43.44 -44.38
CA GLY B 790 -9.01 44.22 -44.34
C GLY B 790 -9.12 45.19 -43.18
N GLY B 791 -8.01 45.56 -42.57
CA GLY B 791 -8.02 46.41 -41.40
C GLY B 791 -7.80 45.67 -40.10
N PHE B 792 -7.82 44.34 -40.11
CA PHE B 792 -7.55 43.57 -38.90
C PHE B 792 -6.05 43.56 -38.62
N ASN B 793 -5.69 43.70 -37.35
CA ASN B 793 -4.31 43.89 -36.92
C ASN B 793 -3.90 42.70 -36.04
N PHE B 794 -3.25 41.71 -36.66
CA PHE B 794 -2.74 40.55 -35.95
C PHE B 794 -1.27 40.77 -35.59
N SER B 795 -1.05 41.77 -34.74
CA SER B 795 0.31 42.08 -34.29
C SER B 795 0.68 41.37 -33.00
N GLN B 796 -0.22 41.34 -32.02
CA GLN B 796 0.09 40.74 -30.73
C GLN B 796 0.12 39.21 -30.79
N ILE B 797 -0.52 38.61 -31.78
CA ILE B 797 -0.60 37.15 -31.84
C ILE B 797 0.35 36.55 -32.89
N LEU B 798 0.78 37.31 -33.87
CA LEU B 798 1.77 36.82 -34.82
C LEU B 798 3.18 36.97 -34.25
N PRO B 799 4.09 36.08 -34.60
CA PRO B 799 5.46 36.18 -34.09
C PRO B 799 6.21 37.36 -34.70
N ASP B 800 7.23 37.81 -33.96
CA ASP B 800 8.11 38.87 -34.42
C ASP B 800 9.56 38.39 -34.39
N PRO B 801 10.32 38.64 -35.46
CA PRO B 801 11.72 38.18 -35.49
C PRO B 801 12.67 39.01 -34.65
N SER B 802 12.25 40.20 -34.20
CA SER B 802 13.15 41.07 -33.46
C SER B 802 13.48 40.51 -32.08
N LYS B 803 12.47 40.09 -31.35
CA LYS B 803 12.70 39.51 -30.03
C LYS B 803 13.24 38.10 -30.19
N PRO B 804 14.41 37.76 -29.58
CA PRO B 804 15.08 36.48 -29.82
C PRO B 804 14.44 35.30 -29.11
N SER B 805 13.14 35.10 -29.33
CA SER B 805 12.43 33.93 -28.85
C SER B 805 11.50 33.32 -29.88
N LYS B 806 11.20 34.05 -30.97
CA LYS B 806 10.29 33.60 -32.03
C LYS B 806 8.90 33.25 -31.49
N ARG B 807 8.45 34.02 -30.50
CA ARG B 807 7.11 33.89 -29.94
C ARG B 807 6.41 35.23 -30.00
N SER B 808 5.08 35.19 -29.93
CA SER B 808 4.29 36.41 -30.05
C SER B 808 4.36 37.22 -28.76
N PHE B 809 3.70 38.37 -28.79
CA PHE B 809 3.64 39.23 -27.61
C PHE B 809 2.85 38.56 -26.48
N ILE B 810 1.66 38.05 -26.81
CA ILE B 810 0.81 37.42 -25.81
C ILE B 810 1.45 36.15 -25.27
N GLU B 811 2.15 35.41 -26.13
CA GLU B 811 2.89 34.23 -25.66
C GLU B 811 4.01 34.62 -24.71
N ASP B 812 4.65 35.77 -24.96
CA ASP B 812 5.69 36.24 -24.04
C ASP B 812 5.11 36.64 -22.70
N LEU B 813 3.95 37.31 -22.70
CA LEU B 813 3.28 37.61 -21.43
C LEU B 813 2.87 36.35 -20.70
N LEU B 814 2.37 35.34 -21.42
CA LEU B 814 1.94 34.11 -20.77
C LEU B 814 3.12 33.32 -20.23
N PHE B 815 4.27 33.39 -20.91
CA PHE B 815 5.47 32.74 -20.38
C PHE B 815 6.01 33.48 -19.17
N ASN B 816 5.89 34.80 -19.15
CA ASN B 816 6.35 35.56 -17.99
C ASN B 816 5.43 35.39 -16.78
N LYS B 817 4.13 35.20 -17.02
CA LYS B 817 3.18 35.11 -15.91
C LYS B 817 3.31 33.80 -15.14
N VAL B 818 3.67 32.72 -15.81
CA VAL B 818 3.79 31.41 -15.17
C VAL B 818 5.20 31.30 -14.60
N THR B 819 5.28 31.21 -13.26
CA THR B 819 6.56 31.09 -12.57
C THR B 819 6.81 29.62 -12.26
N LEU B 820 7.92 29.09 -12.76
CA LEU B 820 8.23 27.69 -12.56
C LEU B 820 8.66 27.44 -11.12
N ALA B 821 8.31 26.26 -10.60
CA ALA B 821 8.65 25.88 -9.23
C ALA B 821 9.60 24.69 -9.22
N LYS B 827 18.16 23.25 -13.78
CA LYS B 827 19.36 22.92 -12.99
C LYS B 827 20.34 22.12 -13.82
N GLN B 828 21.61 22.20 -13.45
CA GLN B 828 22.68 21.48 -14.14
C GLN B 828 23.48 20.68 -13.12
N TYR B 829 23.84 19.46 -13.49
CA TYR B 829 24.70 18.65 -12.62
C TYR B 829 26.11 19.22 -12.64
N GLY B 830 26.57 19.67 -11.48
CA GLY B 830 27.80 20.41 -11.37
C GLY B 830 27.60 21.61 -10.47
N ASP B 831 26.40 22.19 -10.52
CA ASP B 831 26.01 23.16 -9.51
C ASP B 831 25.77 22.47 -8.17
N CYS B 832 25.26 21.24 -8.19
CA CYS B 832 25.08 20.48 -6.97
C CYS B 832 26.40 19.97 -6.41
N LEU B 833 27.36 19.67 -7.30
CA LEU B 833 28.65 19.14 -6.84
C LEU B 833 29.47 20.20 -6.12
N GLY B 834 29.32 21.47 -6.49
CA GLY B 834 30.12 22.52 -5.91
C GLY B 834 29.75 22.82 -4.47
N ASP B 835 30.65 23.55 -3.81
CA ASP B 835 30.46 23.95 -2.44
C ASP B 835 29.43 25.08 -2.34
N ILE B 836 28.24 24.75 -1.83
CA ILE B 836 27.12 25.66 -1.82
C ILE B 836 26.59 25.83 -0.39
N ALA B 837 27.12 25.01 0.54
CA ALA B 837 26.91 25.10 1.98
C ALA B 837 25.46 24.87 2.43
N ALA B 838 24.56 24.57 1.49
CA ALA B 838 23.16 24.27 1.80
C ALA B 838 22.58 23.54 0.61
N ARG B 839 22.17 22.29 0.82
CA ARG B 839 21.74 21.46 -0.30
C ARG B 839 20.41 21.95 -0.86
N ASP B 840 20.36 22.08 -2.18
CA ASP B 840 19.17 22.59 -2.85
C ASP B 840 18.05 21.57 -2.82
N LEU B 841 16.83 22.05 -3.09
CA LEU B 841 15.69 21.15 -3.23
C LEU B 841 15.85 20.25 -4.45
N ILE B 842 16.29 20.82 -5.57
CA ILE B 842 16.48 20.04 -6.80
C ILE B 842 17.67 19.12 -6.66
N CYS B 843 18.74 19.57 -5.99
CA CYS B 843 19.93 18.74 -5.85
C CYS B 843 19.70 17.59 -4.89
N ALA B 844 18.79 17.74 -3.92
CA ALA B 844 18.48 16.64 -3.02
C ALA B 844 17.66 15.58 -3.71
N GLN B 845 16.75 15.97 -4.61
CA GLN B 845 15.96 14.99 -5.35
C GLN B 845 16.68 14.47 -6.58
N LYS B 846 17.82 15.07 -6.96
CA LYS B 846 18.63 14.52 -8.02
C LYS B 846 19.61 13.47 -7.52
N PHE B 847 20.03 13.58 -6.26
CA PHE B 847 20.92 12.61 -5.65
C PHE B 847 20.17 11.40 -5.11
N ASN B 848 18.84 11.40 -5.15
CA ASN B 848 18.03 10.30 -4.66
C ASN B 848 17.30 9.58 -5.79
N GLY B 849 17.70 9.81 -7.03
CA GLY B 849 17.14 9.11 -8.16
C GLY B 849 15.86 9.68 -8.72
N LEU B 850 15.37 10.79 -8.19
CA LEU B 850 14.12 11.40 -8.66
C LEU B 850 14.44 12.47 -9.71
N THR B 851 14.83 11.99 -10.88
CA THR B 851 15.14 12.90 -11.98
C THR B 851 13.89 13.26 -12.76
N VAL B 852 13.89 14.46 -13.33
CA VAL B 852 12.81 14.95 -14.17
C VAL B 852 13.29 15.00 -15.61
N LEU B 853 12.45 14.52 -16.52
CA LEU B 853 12.84 14.45 -17.92
C LEU B 853 12.35 15.68 -18.69
N PRO B 854 13.11 16.13 -19.68
CA PRO B 854 12.67 17.28 -20.47
C PRO B 854 11.62 16.86 -21.48
N PRO B 855 10.73 17.76 -21.88
CA PRO B 855 9.74 17.43 -22.91
C PRO B 855 10.40 17.27 -24.27
N LEU B 856 9.72 16.50 -25.12
CA LEU B 856 10.23 16.25 -26.47
C LEU B 856 10.20 17.52 -27.31
N LEU B 857 9.12 18.28 -27.21
CA LEU B 857 9.00 19.54 -27.94
C LEU B 857 9.46 20.69 -27.07
N THR B 858 10.40 21.47 -27.59
CA THR B 858 10.78 22.71 -26.93
C THR B 858 9.69 23.76 -27.13
N ASP B 859 9.84 24.90 -26.45
CA ASP B 859 8.89 25.98 -26.63
C ASP B 859 8.98 26.61 -28.01
N GLU B 860 10.17 26.54 -28.64
CA GLU B 860 10.33 27.07 -29.98
C GLU B 860 9.54 26.27 -31.01
N MET B 861 9.55 24.95 -30.89
CA MET B 861 8.80 24.12 -31.84
C MET B 861 7.30 24.26 -31.65
N ILE B 862 6.85 24.38 -30.41
CA ILE B 862 5.42 24.57 -30.15
C ILE B 862 4.98 25.94 -30.64
N ALA B 863 5.83 26.96 -30.46
CA ALA B 863 5.53 28.28 -31.00
C ALA B 863 5.50 28.26 -32.53
N GLN B 864 6.38 27.48 -33.15
CA GLN B 864 6.34 27.31 -34.60
C GLN B 864 5.04 26.66 -35.05
N TYR B 865 4.59 25.65 -34.31
CA TYR B 865 3.33 24.98 -34.64
C TYR B 865 2.14 25.93 -34.52
N THR B 866 2.10 26.71 -33.45
CA THR B 866 1.00 27.66 -33.27
C THR B 866 1.05 28.77 -34.32
N SER B 867 2.27 29.19 -34.71
CA SER B 867 2.41 30.18 -35.76
C SER B 867 1.93 29.65 -37.10
N ALA B 868 2.24 28.38 -37.40
CA ALA B 868 1.76 27.76 -38.64
C ALA B 868 0.24 27.65 -38.64
N LEU B 869 -0.34 27.24 -37.51
CA LEU B 869 -1.80 27.15 -37.41
C LEU B 869 -2.45 28.51 -37.57
N LEU B 870 -1.87 29.55 -36.95
CA LEU B 870 -2.45 30.88 -37.04
C LEU B 870 -2.32 31.45 -38.44
N ALA B 871 -1.19 31.23 -39.11
CA ALA B 871 -1.03 31.68 -40.48
C ALA B 871 -1.99 30.97 -41.41
N GLY B 872 -2.19 29.67 -41.20
CA GLY B 872 -3.15 28.94 -42.01
C GLY B 872 -4.58 29.39 -41.79
N THR B 873 -4.93 29.74 -40.54
CA THR B 873 -6.31 30.15 -40.28
C THR B 873 -6.57 31.61 -40.60
N ILE B 874 -5.54 32.44 -40.78
CA ILE B 874 -5.78 33.81 -41.25
C ILE B 874 -5.54 33.98 -42.74
N THR B 875 -4.88 33.03 -43.40
CA THR B 875 -4.66 33.13 -44.83
C THR B 875 -5.49 32.15 -45.65
N SER B 876 -6.15 31.19 -45.02
CA SER B 876 -6.89 30.19 -45.77
C SER B 876 -8.26 29.85 -45.20
N GLY B 877 -8.66 30.45 -44.08
CA GLY B 877 -9.95 30.09 -43.49
C GLY B 877 -9.88 28.72 -42.84
N TRP B 878 -10.92 27.93 -43.05
CA TRP B 878 -10.96 26.56 -42.54
C TRP B 878 -10.52 25.54 -43.57
N THR B 879 -10.13 25.98 -44.77
CA THR B 879 -9.84 25.04 -45.86
C THR B 879 -8.55 24.28 -45.63
N PHE B 880 -7.60 24.86 -44.89
CA PHE B 880 -6.35 24.16 -44.64
C PHE B 880 -6.49 23.06 -43.60
N GLY B 881 -7.58 23.05 -42.84
CA GLY B 881 -7.87 21.94 -41.95
C GLY B 881 -8.51 20.75 -42.62
N ALA B 882 -8.94 20.91 -43.88
CA ALA B 882 -9.54 19.83 -44.66
C ALA B 882 -8.91 19.88 -46.05
N GLY B 883 -7.79 19.18 -46.22
CA GLY B 883 -7.10 19.17 -47.49
C GLY B 883 -6.05 20.26 -47.61
N ALA B 884 -5.81 20.72 -48.83
CA ALA B 884 -4.81 21.76 -49.06
C ALA B 884 -5.34 23.12 -48.66
N ALA B 885 -4.42 24.05 -48.43
CA ALA B 885 -4.79 25.41 -48.06
C ALA B 885 -5.29 26.16 -49.27
N LEU B 886 -6.43 26.84 -49.11
CA LEU B 886 -7.06 27.59 -50.19
C LEU B 886 -7.11 29.06 -49.78
N GLN B 887 -6.41 29.91 -50.53
CA GLN B 887 -6.32 31.32 -50.19
C GLN B 887 -7.66 32.02 -50.37
N ILE B 888 -7.93 32.98 -49.50
CA ILE B 888 -9.16 33.76 -49.51
C ILE B 888 -8.91 35.04 -48.72
N PRO B 889 -9.38 36.21 -49.19
CA PRO B 889 -9.23 37.43 -48.39
C PRO B 889 -9.99 37.33 -47.07
N PHE B 890 -9.44 38.01 -46.06
CA PHE B 890 -9.96 37.86 -44.70
C PHE B 890 -11.37 38.43 -44.55
N ALA B 891 -11.71 39.48 -45.32
CA ALA B 891 -13.07 40.00 -45.29
C ALA B 891 -14.06 38.96 -45.80
N MET B 892 -13.67 38.21 -46.83
CA MET B 892 -14.55 37.17 -47.34
C MET B 892 -14.69 36.02 -46.36
N GLN B 893 -13.62 35.71 -45.61
CA GLN B 893 -13.72 34.70 -44.56
C GLN B 893 -14.65 35.15 -43.45
N MET B 894 -14.61 36.44 -43.10
CA MET B 894 -15.54 36.95 -42.10
C MET B 894 -16.96 36.95 -42.62
N ALA B 895 -17.14 37.17 -43.93
CA ALA B 895 -18.47 37.03 -44.53
C ALA B 895 -18.96 35.60 -44.44
N TYR B 896 -18.07 34.63 -44.69
CA TYR B 896 -18.39 33.22 -44.53
C TYR B 896 -18.82 32.92 -43.09
N ARG B 897 -18.11 33.48 -42.12
CA ARG B 897 -18.41 33.17 -40.73
C ARG B 897 -19.68 33.87 -40.23
N PHE B 898 -19.97 35.07 -40.71
CA PHE B 898 -21.28 35.67 -40.41
C PHE B 898 -22.41 34.88 -41.07
N ASN B 899 -22.18 34.33 -42.26
CA ASN B 899 -23.17 33.43 -42.83
C ASN B 899 -23.31 32.16 -41.99
N GLY B 900 -22.21 31.73 -41.35
CA GLY B 900 -22.28 30.58 -40.47
C GLY B 900 -23.08 30.84 -39.21
N ILE B 901 -22.93 32.04 -38.62
CA ILE B 901 -23.64 32.32 -37.37
C ILE B 901 -25.09 32.70 -37.59
N GLY B 902 -25.50 32.98 -38.82
CA GLY B 902 -26.91 33.15 -39.10
C GLY B 902 -27.35 34.51 -39.60
N VAL B 903 -26.40 35.39 -39.93
CA VAL B 903 -26.74 36.69 -40.48
C VAL B 903 -26.20 36.78 -41.90
N THR B 904 -26.85 37.62 -42.70
CA THR B 904 -26.38 37.83 -44.06
C THR B 904 -25.10 38.65 -44.06
N GLN B 905 -24.26 38.43 -45.07
CA GLN B 905 -22.94 39.03 -45.08
C GLN B 905 -22.96 40.52 -45.41
N ASN B 906 -24.09 41.06 -45.85
CA ASN B 906 -24.17 42.48 -46.14
C ASN B 906 -24.00 43.34 -44.90
N VAL B 907 -24.29 42.80 -43.71
CA VAL B 907 -24.02 43.54 -42.47
C VAL B 907 -22.56 43.54 -42.09
N LEU B 908 -21.74 42.73 -42.77
CA LEU B 908 -20.30 42.76 -42.50
C LEU B 908 -19.66 43.99 -43.13
N TYR B 909 -19.75 44.11 -44.47
CA TYR B 909 -18.98 45.13 -45.19
C TYR B 909 -19.42 46.53 -44.78
N GLU B 910 -20.73 46.74 -44.63
CA GLU B 910 -21.24 48.05 -44.22
C GLU B 910 -20.79 48.44 -42.81
N ASN B 911 -20.29 47.49 -42.03
CA ASN B 911 -19.72 47.80 -40.72
C ASN B 911 -18.27 47.39 -40.62
N GLN B 912 -17.62 47.08 -41.75
CA GLN B 912 -16.35 46.33 -41.75
C GLN B 912 -15.26 47.06 -40.95
N LYS B 913 -15.03 48.34 -41.25
CA LYS B 913 -14.04 49.12 -40.53
C LYS B 913 -14.37 49.17 -39.04
N LEU B 914 -15.64 49.41 -38.71
CA LEU B 914 -16.08 49.37 -37.32
C LEU B 914 -15.79 48.03 -36.69
N ILE B 915 -16.08 46.95 -37.43
CA ILE B 915 -15.81 45.59 -36.95
C ILE B 915 -14.33 45.43 -36.66
N ALA B 916 -13.48 45.99 -37.52
CA ALA B 916 -12.04 45.89 -37.31
C ALA B 916 -11.64 46.55 -36.00
N ASN B 917 -12.22 47.73 -35.72
CA ASN B 917 -11.95 48.38 -34.45
C ASN B 917 -12.45 47.53 -33.29
N GLN B 918 -13.65 46.96 -33.44
CA GLN B 918 -14.20 46.10 -32.40
C GLN B 918 -13.43 44.80 -32.26
N PHE B 919 -12.59 44.46 -33.24
CA PHE B 919 -11.64 43.39 -33.00
C PHE B 919 -10.41 43.91 -32.27
N ASN B 920 -9.83 45.02 -32.78
CA ASN B 920 -8.46 45.37 -32.44
C ASN B 920 -8.33 45.75 -30.97
N SER B 921 -9.19 46.65 -30.50
CA SER B 921 -9.19 47.05 -29.10
C SER B 921 -9.49 45.86 -28.19
N ALA B 922 -10.26 44.87 -28.68
CA ALA B 922 -10.51 43.66 -27.91
C ALA B 922 -9.22 42.93 -27.62
N ILE B 923 -8.31 42.86 -28.61
CA ILE B 923 -6.99 42.28 -28.39
C ILE B 923 -6.24 43.08 -27.33
N GLY B 924 -6.40 44.41 -27.36
CA GLY B 924 -5.80 45.23 -26.33
C GLY B 924 -6.32 44.90 -24.94
N LYS B 925 -7.60 44.53 -24.83
CA LYS B 925 -8.15 44.13 -23.55
C LYS B 925 -7.45 42.89 -23.01
N ILE B 926 -6.98 42.01 -23.91
CA ILE B 926 -6.22 40.83 -23.49
C ILE B 926 -4.96 41.25 -22.76
N GLN B 927 -4.32 42.33 -23.22
CA GLN B 927 -3.19 42.89 -22.49
C GLN B 927 -3.60 43.30 -21.08
N ASP B 928 -4.74 43.99 -20.96
CA ASP B 928 -5.27 44.34 -19.65
C ASP B 928 -5.72 43.13 -18.86
N SER B 929 -5.94 42.00 -19.53
CA SER B 929 -6.26 40.76 -18.85
C SER B 929 -5.03 39.93 -18.52
N LEU B 930 -3.84 40.38 -18.93
CA LEU B 930 -2.68 39.53 -18.64
C LEU B 930 -1.55 40.29 -17.96
N SER B 931 -1.30 41.54 -18.32
CA SER B 931 -0.19 42.28 -17.74
C SER B 931 -0.54 42.88 -16.38
N SER B 932 -1.81 43.22 -16.16
CA SER B 932 -2.22 43.93 -14.95
C SER B 932 -2.64 42.92 -13.87
N THR B 933 -1.63 42.18 -13.39
CA THR B 933 -1.75 41.23 -12.28
C THR B 933 -2.86 40.20 -12.52
N ALA B 934 -2.67 39.40 -13.56
CA ALA B 934 -3.66 38.41 -13.93
C ALA B 934 -3.68 37.24 -12.94
N SER B 935 -4.85 36.61 -12.82
CA SER B 935 -5.01 35.41 -12.03
C SER B 935 -5.41 34.21 -12.87
N ALA B 936 -5.49 34.35 -14.20
CA ALA B 936 -5.88 33.28 -15.09
C ALA B 936 -4.76 32.28 -15.33
N LEU B 937 -3.54 32.58 -14.88
CA LEU B 937 -2.42 31.64 -14.98
C LEU B 937 -2.62 30.43 -14.07
N GLY B 938 -3.43 30.56 -13.03
CA GLY B 938 -3.47 29.57 -11.96
C GLY B 938 -3.89 28.19 -12.41
N LYS B 939 -4.77 28.10 -13.40
CA LYS B 939 -5.22 26.81 -13.91
C LYS B 939 -4.05 26.00 -14.48
N LEU B 940 -3.02 26.67 -14.99
CA LEU B 940 -1.78 25.98 -15.30
C LEU B 940 -0.86 25.87 -14.09
N GLN B 941 -0.80 26.94 -13.29
CA GLN B 941 0.26 27.09 -12.30
C GLN B 941 0.21 26.02 -11.23
N ASP B 942 -1.00 25.73 -10.71
CA ASP B 942 -1.13 24.71 -9.68
C ASP B 942 -0.72 23.34 -10.19
N VAL B 943 -0.85 23.09 -11.50
CA VAL B 943 -0.35 21.85 -12.09
C VAL B 943 1.13 21.70 -11.81
N VAL B 944 1.90 22.75 -12.08
CA VAL B 944 3.31 22.75 -11.71
C VAL B 944 3.46 22.64 -10.20
N ASN B 945 2.62 23.37 -9.47
CA ASN B 945 2.65 23.29 -8.02
C ASN B 945 2.11 21.96 -7.50
N GLN B 946 1.46 21.16 -8.35
CA GLN B 946 1.12 19.81 -7.95
C GLN B 946 2.21 18.81 -8.28
N ASN B 947 3.14 19.17 -9.15
CA ASN B 947 4.20 18.24 -9.55
C ASN B 947 5.49 18.46 -8.79
N ALA B 948 5.83 19.70 -8.46
CA ALA B 948 7.00 19.96 -7.64
C ALA B 948 6.76 19.61 -6.18
N GLN B 949 5.53 19.69 -5.71
CA GLN B 949 5.21 19.35 -4.32
C GLN B 949 5.22 17.85 -4.07
N ALA B 950 4.91 17.05 -5.09
CA ALA B 950 4.94 15.60 -4.93
C ALA B 950 6.36 15.09 -4.77
N LEU B 951 7.30 15.60 -5.57
CA LEU B 951 8.69 15.18 -5.46
C LEU B 951 9.30 15.66 -4.16
N ASN B 952 8.94 16.85 -3.70
CA ASN B 952 9.44 17.36 -2.44
C ASN B 952 8.95 16.53 -1.26
N THR B 953 7.67 16.11 -1.29
CA THR B 953 7.18 15.23 -0.25
C THR B 953 7.80 13.85 -0.34
N LEU B 954 8.10 13.39 -1.55
CA LEU B 954 8.77 12.11 -1.72
C LEU B 954 10.18 12.14 -1.15
N VAL B 955 10.87 13.28 -1.26
CA VAL B 955 12.17 13.43 -0.63
C VAL B 955 12.03 13.52 0.89
N LYS B 956 11.06 14.31 1.36
CA LYS B 956 10.90 14.51 2.79
C LYS B 956 10.40 13.27 3.51
N GLN B 957 9.83 12.31 2.78
CA GLN B 957 9.44 11.04 3.38
C GLN B 957 10.62 10.09 3.55
N LEU B 958 11.80 10.45 3.07
CA LEU B 958 12.99 9.64 3.36
C LEU B 958 13.43 9.76 4.80
N SER B 959 13.08 10.86 5.48
CA SER B 959 13.45 11.05 6.88
C SER B 959 12.35 10.53 7.81
N SER B 960 11.94 9.28 7.59
CA SER B 960 10.91 8.64 8.39
C SER B 960 11.45 7.35 8.97
N ASN B 961 11.17 7.11 10.24
CA ASN B 961 11.64 5.89 10.89
C ASN B 961 10.93 4.66 10.36
N PHE B 962 9.63 4.79 10.06
CA PHE B 962 8.76 3.67 9.68
C PHE B 962 8.75 2.57 10.73
N GLY B 963 8.96 2.93 12.00
CA GLY B 963 9.05 1.96 13.06
C GLY B 963 10.44 1.43 13.33
N ALA B 964 11.42 1.75 12.49
CA ALA B 964 12.78 1.31 12.72
C ALA B 964 13.44 2.21 13.77
N ILE B 965 14.70 1.88 14.11
CA ILE B 965 15.40 2.65 15.13
C ILE B 965 15.80 4.02 14.60
N SER B 966 16.09 4.14 13.31
CA SER B 966 16.45 5.41 12.72
C SER B 966 16.11 5.40 11.25
N SER B 967 16.07 6.60 10.66
CA SER B 967 15.73 6.79 9.26
C SER B 967 16.95 6.74 8.35
N VAL B 968 18.12 6.41 8.89
CA VAL B 968 19.38 6.42 8.15
C VAL B 968 19.86 4.98 8.01
N LEU B 969 20.11 4.54 6.78
CA LEU B 969 20.68 3.21 6.57
C LEU B 969 22.07 3.11 7.16
N ASN B 970 22.84 4.20 7.16
CA ASN B 970 24.20 4.17 7.66
C ASN B 970 24.23 3.92 9.16
N ASP B 971 23.30 4.53 9.91
CA ASP B 971 23.25 4.31 11.36
C ASP B 971 22.93 2.86 11.70
N ILE B 972 21.96 2.28 10.99
CA ILE B 972 21.59 0.89 11.24
C ILE B 972 22.71 -0.05 10.85
N LEU B 973 23.35 0.20 9.70
CA LEU B 973 24.42 -0.67 9.23
C LEU B 973 25.72 -0.47 10.01
N SER B 974 25.86 0.63 10.74
CA SER B 974 27.03 0.85 11.56
C SER B 974 26.84 0.47 13.01
N ARG B 975 25.60 0.36 13.48
CA ARG B 975 25.35 0.01 14.88
C ARG B 975 24.89 -1.42 15.07
N LEU B 976 24.39 -2.09 14.04
CA LEU B 976 23.84 -3.42 14.17
C LEU B 976 24.51 -4.37 13.19
N ASP B 977 24.58 -5.65 13.57
CA ASP B 977 25.21 -6.66 12.74
C ASP B 977 24.24 -7.13 11.65
N LYS B 978 24.60 -8.19 10.94
CA LYS B 978 23.82 -8.60 9.78
C LYS B 978 22.46 -9.17 10.17
N VAL B 979 22.43 -10.05 11.18
CA VAL B 979 21.18 -10.71 11.54
C VAL B 979 20.20 -9.76 12.22
N GLU B 980 20.68 -8.67 12.81
CA GLU B 980 19.82 -7.80 13.60
C GLU B 980 19.47 -6.50 12.87
N ALA B 981 20.29 -6.07 11.91
CA ALA B 981 19.93 -4.91 11.10
C ALA B 981 18.96 -5.26 9.98
N GLU B 982 18.78 -6.55 9.68
CA GLU B 982 17.91 -6.95 8.59
C GLU B 982 16.46 -6.61 8.90
N VAL B 983 16.04 -6.77 10.16
CA VAL B 983 14.65 -6.49 10.52
C VAL B 983 14.35 -4.99 10.49
N GLN B 984 15.37 -4.15 10.59
CA GLN B 984 15.20 -2.71 10.49
C GLN B 984 15.24 -2.25 9.03
N ILE B 985 16.16 -2.82 8.25
CA ILE B 985 16.26 -2.49 6.84
C ILE B 985 15.01 -2.97 6.10
N ASP B 986 14.39 -4.06 6.54
CA ASP B 986 13.14 -4.50 5.94
C ASP B 986 12.02 -3.50 6.19
N ARG B 987 11.95 -2.93 7.40
CA ARG B 987 10.96 -1.89 7.69
C ARG B 987 11.19 -0.66 6.83
N LEU B 988 12.45 -0.25 6.69
CA LEU B 988 12.75 0.92 5.86
C LEU B 988 12.42 0.66 4.40
N ILE B 989 12.74 -0.53 3.90
CA ILE B 989 12.45 -0.89 2.51
C ILE B 989 10.96 -0.91 2.25
N THR B 990 10.19 -1.50 3.18
CA THR B 990 8.74 -1.56 3.01
C THR B 990 8.12 -0.16 3.04
N GLY B 991 8.59 0.69 3.96
CA GLY B 991 8.05 2.05 4.03
C GLY B 991 8.37 2.87 2.79
N ARG B 992 9.61 2.80 2.31
CA ARG B 992 9.98 3.58 1.13
C ARG B 992 9.34 3.04 -0.14
N LEU B 993 9.14 1.71 -0.22
CA LEU B 993 8.45 1.14 -1.36
C LEU B 993 6.99 1.54 -1.38
N GLN B 994 6.35 1.59 -0.20
CA GLN B 994 4.97 2.07 -0.13
C GLN B 994 4.88 3.55 -0.50
N SER B 995 5.87 4.34 -0.08
CA SER B 995 5.91 5.75 -0.46
C SER B 995 6.04 5.94 -1.97
N LEU B 996 6.91 5.15 -2.60
CA LEU B 996 7.07 5.22 -4.05
C LEU B 996 5.80 4.78 -4.77
N GLN B 997 5.14 3.73 -4.27
CA GLN B 997 3.90 3.26 -4.88
C GLN B 997 2.81 4.32 -4.77
N THR B 998 2.72 4.99 -3.63
CA THR B 998 1.76 6.07 -3.45
C THR B 998 2.02 7.21 -4.43
N TYR B 999 3.29 7.59 -4.59
CA TYR B 999 3.65 8.65 -5.53
C TYR B 999 3.27 8.28 -6.95
N VAL B 1000 3.54 7.02 -7.35
CA VAL B 1000 3.23 6.58 -8.71
C VAL B 1000 1.72 6.54 -8.94
N THR B 1001 0.96 6.13 -7.93
CA THR B 1001 -0.49 6.09 -8.05
C THR B 1001 -1.08 7.48 -8.22
N GLN B 1002 -0.62 8.44 -7.41
CA GLN B 1002 -1.09 9.83 -7.57
C GLN B 1002 -0.69 10.40 -8.91
N GLN B 1003 0.51 10.06 -9.39
CA GLN B 1003 0.95 10.53 -10.70
C GLN B 1003 0.10 9.94 -11.82
N LEU B 1004 -0.32 8.69 -11.68
CA LEU B 1004 -1.21 8.08 -12.69
C LEU B 1004 -2.58 8.75 -12.69
N ILE B 1005 -3.11 9.07 -11.51
CA ILE B 1005 -4.38 9.77 -11.42
C ILE B 1005 -4.30 11.14 -12.10
N ARG B 1006 -3.23 11.89 -11.78
CA ARG B 1006 -3.06 13.20 -12.39
C ARG B 1006 -2.79 13.11 -13.88
N ALA B 1007 -2.11 12.06 -14.33
CA ALA B 1007 -1.88 11.86 -15.76
C ALA B 1007 -3.18 11.58 -16.49
N ALA B 1008 -4.09 10.82 -15.86
CA ALA B 1008 -5.40 10.60 -16.47
C ALA B 1008 -6.19 11.91 -16.58
N GLU B 1009 -6.15 12.73 -15.54
CA GLU B 1009 -6.84 14.02 -15.59
C GLU B 1009 -6.24 14.94 -16.65
N ILE B 1010 -4.90 14.98 -16.74
CA ILE B 1010 -4.23 15.81 -17.73
C ILE B 1010 -4.49 15.30 -19.14
N ARG B 1011 -4.60 13.98 -19.31
CA ARG B 1011 -4.92 13.43 -20.62
C ARG B 1011 -6.34 13.77 -21.04
N ALA B 1012 -7.28 13.78 -20.10
CA ALA B 1012 -8.63 14.23 -20.41
C ALA B 1012 -8.65 15.69 -20.83
N SER B 1013 -7.89 16.53 -20.12
CA SER B 1013 -7.82 17.95 -20.48
C SER B 1013 -7.15 18.15 -21.84
N ALA B 1014 -6.13 17.35 -22.15
CA ALA B 1014 -5.45 17.46 -23.44
C ALA B 1014 -6.33 16.97 -24.58
N ASN B 1015 -7.15 15.94 -24.34
CA ASN B 1015 -8.13 15.53 -25.34
C ASN B 1015 -9.14 16.63 -25.60
N LEU B 1016 -9.59 17.30 -24.54
CA LEU B 1016 -10.49 18.44 -24.71
C LEU B 1016 -9.82 19.56 -25.50
N ALA B 1017 -8.54 19.84 -25.22
CA ALA B 1017 -7.82 20.89 -25.92
C ALA B 1017 -7.63 20.55 -27.39
N ALA B 1018 -7.37 19.28 -27.70
CA ALA B 1018 -7.25 18.85 -29.09
C ALA B 1018 -8.58 18.98 -29.82
N THR B 1019 -9.69 18.64 -29.15
CA THR B 1019 -11.01 18.83 -29.73
C THR B 1019 -11.30 20.31 -29.98
N LYS B 1020 -10.89 21.16 -29.04
CA LYS B 1020 -11.04 22.61 -29.23
C LYS B 1020 -10.23 23.10 -30.43
N MET B 1021 -9.01 22.58 -30.58
CA MET B 1021 -8.16 23.00 -31.69
C MET B 1021 -8.74 22.55 -33.02
N SER B 1022 -9.27 21.33 -33.08
CA SER B 1022 -9.80 20.82 -34.34
C SER B 1022 -11.12 21.48 -34.70
N GLU B 1023 -12.00 21.70 -33.73
CA GLU B 1023 -13.36 22.11 -34.03
C GLU B 1023 -13.56 23.62 -33.98
N CYS B 1024 -12.60 24.38 -33.50
CA CYS B 1024 -12.76 25.83 -33.42
C CYS B 1024 -11.65 26.60 -34.10
N VAL B 1025 -10.40 26.15 -34.03
CA VAL B 1025 -9.33 26.80 -34.76
C VAL B 1025 -9.37 26.40 -36.23
N LEU B 1026 -9.51 25.10 -36.50
CA LEU B 1026 -9.51 24.58 -37.85
C LEU B 1026 -10.86 24.71 -38.55
N GLY B 1027 -11.88 25.22 -37.86
CA GLY B 1027 -13.18 25.39 -38.47
C GLY B 1027 -14.08 26.36 -37.72
N GLN B 1028 -15.38 26.13 -37.76
CA GLN B 1028 -16.34 26.94 -37.02
C GLN B 1028 -17.36 26.01 -36.38
N SER B 1029 -17.58 26.19 -35.08
CA SER B 1029 -18.42 25.29 -34.31
C SER B 1029 -19.76 25.95 -34.02
N LYS B 1030 -20.84 25.21 -34.27
CA LYS B 1030 -22.18 25.64 -33.92
C LYS B 1030 -22.61 25.17 -32.54
N ARG B 1031 -21.72 24.51 -31.80
CA ARG B 1031 -22.04 24.09 -30.46
C ARG B 1031 -22.06 25.29 -29.52
N VAL B 1032 -23.12 25.41 -28.72
CA VAL B 1032 -23.31 26.59 -27.88
C VAL B 1032 -22.36 26.51 -26.69
N ASP B 1033 -21.63 27.62 -26.45
CA ASP B 1033 -20.70 27.80 -25.34
C ASP B 1033 -19.52 26.84 -25.38
N PHE B 1034 -19.30 26.16 -26.51
CA PHE B 1034 -18.10 25.34 -26.65
C PHE B 1034 -16.86 26.21 -26.75
N CYS B 1035 -16.94 27.26 -27.58
CA CYS B 1035 -15.80 28.15 -27.82
C CYS B 1035 -16.29 29.59 -27.65
N GLY B 1036 -16.14 30.11 -26.45
CA GLY B 1036 -16.53 31.47 -26.16
C GLY B 1036 -18.00 31.61 -25.81
N LYS B 1037 -18.33 32.73 -25.19
CA LYS B 1037 -19.71 33.04 -24.83
C LYS B 1037 -20.32 33.88 -25.94
N GLY B 1038 -21.17 33.25 -26.74
CA GLY B 1038 -21.81 33.87 -27.88
C GLY B 1038 -21.65 33.02 -29.11
N TYR B 1039 -22.02 33.58 -30.25
CA TYR B 1039 -21.88 32.89 -31.52
C TYR B 1039 -20.41 32.90 -31.93
N HIS B 1040 -19.81 31.72 -32.05
CA HIS B 1040 -18.37 31.60 -32.25
C HIS B 1040 -18.01 31.97 -33.68
N LEU B 1041 -17.06 32.89 -33.84
CA LEU B 1041 -16.56 33.29 -35.14
C LEU B 1041 -15.22 32.62 -35.47
N MET B 1042 -14.19 32.87 -34.66
CA MET B 1042 -12.88 32.30 -34.91
C MET B 1042 -12.22 31.96 -33.59
N SER B 1043 -11.12 31.23 -33.68
CA SER B 1043 -10.28 30.97 -32.51
C SER B 1043 -8.83 31.11 -32.90
N PHE B 1044 -8.04 31.70 -32.01
CA PHE B 1044 -6.61 31.88 -32.24
C PHE B 1044 -5.84 31.14 -31.17
N PRO B 1045 -4.99 30.18 -31.53
CA PRO B 1045 -4.22 29.45 -30.52
C PRO B 1045 -2.90 30.11 -30.18
N GLN B 1046 -2.56 30.06 -28.90
CA GLN B 1046 -1.24 30.46 -28.43
C GLN B 1046 -0.74 29.41 -27.45
N SER B 1047 0.58 29.27 -27.37
CA SER B 1047 1.19 28.29 -26.49
C SER B 1047 1.34 28.85 -25.08
N ALA B 1048 1.61 27.97 -24.13
CA ALA B 1048 1.78 28.35 -22.74
C ALA B 1048 2.59 27.25 -22.05
N PRO B 1049 3.26 27.56 -20.92
CA PRO B 1049 4.04 26.53 -20.23
C PRO B 1049 3.20 25.34 -19.80
N HIS B 1050 3.45 24.20 -20.44
CA HIS B 1050 2.69 22.96 -20.28
C HIS B 1050 1.20 23.18 -20.54
N GLY B 1051 0.88 23.97 -21.56
CA GLY B 1051 -0.54 24.18 -21.82
C GLY B 1051 -0.79 24.98 -23.08
N VAL B 1052 -2.06 25.11 -23.41
CA VAL B 1052 -2.51 25.86 -24.56
C VAL B 1052 -3.50 26.91 -24.10
N VAL B 1053 -3.60 28.00 -24.85
CA VAL B 1053 -4.58 29.04 -24.57
C VAL B 1053 -5.25 29.43 -25.89
N PHE B 1054 -6.56 29.62 -25.83
CA PHE B 1054 -7.36 29.97 -26.99
C PHE B 1054 -7.94 31.36 -26.80
N LEU B 1055 -7.81 32.19 -27.84
CA LEU B 1055 -8.52 33.45 -27.92
C LEU B 1055 -9.72 33.19 -28.83
N HIS B 1056 -10.86 32.92 -28.21
CA HIS B 1056 -12.10 32.71 -28.96
C HIS B 1056 -12.72 34.05 -29.25
N VAL B 1057 -12.75 34.46 -30.51
CA VAL B 1057 -13.39 35.70 -30.91
C VAL B 1057 -14.80 35.37 -31.41
N THR B 1058 -15.78 36.00 -30.79
CA THR B 1058 -17.19 35.64 -30.90
C THR B 1058 -18.03 36.88 -31.12
N TYR B 1059 -19.28 36.63 -31.49
CA TYR B 1059 -20.25 37.67 -31.84
C TYR B 1059 -21.36 37.66 -30.81
N VAL B 1060 -21.66 38.82 -30.23
CA VAL B 1060 -22.78 38.91 -29.29
C VAL B 1060 -23.69 40.08 -29.69
N PRO B 1061 -24.99 39.96 -29.50
CA PRO B 1061 -25.87 41.12 -29.70
C PRO B 1061 -25.62 42.18 -28.62
N ALA B 1062 -25.86 43.43 -28.99
CA ALA B 1062 -25.56 44.56 -28.10
C ALA B 1062 -26.80 45.31 -27.66
N GLN B 1063 -27.62 45.81 -28.58
CA GLN B 1063 -28.72 46.71 -28.25
C GLN B 1063 -30.01 46.14 -28.82
N GLU B 1064 -30.79 45.46 -27.98
CA GLU B 1064 -32.06 44.91 -28.41
C GLU B 1064 -33.14 45.98 -28.41
N LYS B 1065 -34.14 45.79 -29.26
CA LYS B 1065 -35.29 46.69 -29.33
C LYS B 1065 -36.57 45.87 -29.40
N ASN B 1066 -37.62 46.39 -28.78
CA ASN B 1066 -38.93 45.76 -28.78
C ASN B 1066 -39.62 45.94 -30.13
N PHE B 1067 -40.37 44.92 -30.53
CA PHE B 1067 -41.15 44.98 -31.76
C PHE B 1067 -42.40 44.14 -31.57
N THR B 1068 -43.43 44.45 -32.35
CA THR B 1068 -44.67 43.70 -32.38
C THR B 1068 -44.59 42.69 -33.51
N THR B 1069 -44.75 41.41 -33.18
CA THR B 1069 -44.51 40.33 -34.12
C THR B 1069 -45.76 39.50 -34.34
N ALA B 1070 -45.80 38.84 -35.49
CA ALA B 1070 -46.88 37.93 -35.86
C ALA B 1070 -46.27 36.70 -36.53
N PRO B 1071 -46.86 35.53 -36.32
CA PRO B 1071 -46.34 34.32 -36.99
C PRO B 1071 -46.47 34.34 -38.50
N ALA B 1072 -47.52 34.96 -39.04
CA ALA B 1072 -47.78 34.89 -40.47
C ALA B 1072 -48.60 36.10 -40.88
N ILE B 1073 -48.78 36.25 -42.20
CA ILE B 1073 -49.54 37.35 -42.78
C ILE B 1073 -50.58 36.75 -43.73
N CYS B 1074 -51.85 37.08 -43.51
CA CYS B 1074 -52.91 36.76 -44.47
C CYS B 1074 -53.05 37.90 -45.46
N HIS B 1075 -52.61 37.68 -46.69
CA HIS B 1075 -52.66 38.73 -47.70
C HIS B 1075 -54.05 38.85 -48.32
N ASP B 1076 -54.52 37.79 -48.98
CA ASP B 1076 -55.83 37.79 -49.62
C ASP B 1076 -56.51 36.45 -49.44
N GLY B 1077 -56.47 35.91 -48.22
CA GLY B 1077 -57.05 34.62 -47.92
C GLY B 1077 -56.06 33.51 -47.76
N LYS B 1078 -54.79 33.73 -48.11
CA LYS B 1078 -53.75 32.73 -47.97
C LYS B 1078 -52.65 33.27 -47.07
N ALA B 1079 -52.13 32.41 -46.19
CA ALA B 1079 -51.10 32.80 -45.25
C ALA B 1079 -49.77 33.00 -45.97
N HIS B 1080 -48.88 33.76 -45.34
CA HIS B 1080 -47.55 34.04 -45.87
C HIS B 1080 -46.54 33.87 -44.75
N PHE B 1081 -45.74 32.81 -44.82
CA PHE B 1081 -44.72 32.56 -43.83
C PHE B 1081 -43.35 32.99 -44.36
N PRO B 1082 -42.50 33.56 -43.51
CA PRO B 1082 -41.20 34.04 -44.02
C PRO B 1082 -40.24 32.88 -44.25
N ARG B 1083 -39.38 33.05 -45.26
CA ARG B 1083 -38.38 32.02 -45.54
C ARG B 1083 -37.30 32.02 -44.46
N GLU B 1084 -36.61 33.14 -44.29
CA GLU B 1084 -35.74 33.35 -43.15
C GLU B 1084 -36.07 34.70 -42.53
N GLY B 1085 -35.95 34.79 -41.21
CA GLY B 1085 -36.34 35.99 -40.49
C GLY B 1085 -37.75 35.88 -39.95
N VAL B 1086 -38.18 36.98 -39.32
CA VAL B 1086 -39.49 37.04 -38.69
C VAL B 1086 -40.21 38.30 -39.15
N PHE B 1087 -41.53 38.29 -38.96
CA PHE B 1087 -42.37 39.45 -39.21
C PHE B 1087 -42.38 40.33 -37.97
N VAL B 1088 -41.99 41.58 -38.13
CA VAL B 1088 -42.03 42.55 -37.02
C VAL B 1088 -42.80 43.78 -37.49
N SER B 1089 -43.15 44.62 -36.52
CA SER B 1089 -43.83 45.87 -36.80
C SER B 1089 -43.40 46.92 -35.79
N ASN B 1090 -43.19 48.14 -36.28
CA ASN B 1090 -42.87 49.27 -35.43
C ASN B 1090 -44.11 50.04 -35.00
N GLY B 1091 -45.30 49.56 -35.36
CA GLY B 1091 -46.54 50.20 -34.97
C GLY B 1091 -47.53 50.36 -36.10
N THR B 1092 -47.03 50.63 -37.31
CA THR B 1092 -47.89 50.87 -38.46
C THR B 1092 -47.66 49.87 -39.58
N HIS B 1093 -46.41 49.65 -39.97
CA HIS B 1093 -46.08 48.78 -41.09
C HIS B 1093 -45.34 47.55 -40.60
N TRP B 1094 -45.35 46.51 -41.43
CA TRP B 1094 -44.73 45.24 -41.11
C TRP B 1094 -43.56 44.96 -42.03
N PHE B 1095 -42.50 44.38 -41.46
CA PHE B 1095 -41.27 44.12 -42.18
C PHE B 1095 -40.78 42.71 -41.86
N VAL B 1096 -39.98 42.16 -42.78
CA VAL B 1096 -39.26 40.92 -42.53
C VAL B 1096 -37.86 41.28 -42.05
N THR B 1097 -37.37 40.53 -41.07
CA THR B 1097 -36.10 40.87 -40.43
C THR B 1097 -35.29 39.60 -40.22
N GLN B 1098 -33.96 39.73 -40.34
CA GLN B 1098 -33.07 38.65 -39.96
C GLN B 1098 -33.20 38.36 -38.48
N ARG B 1099 -32.93 37.10 -38.11
CA ARG B 1099 -33.20 36.64 -36.76
C ARG B 1099 -32.25 37.22 -35.73
N ASN B 1100 -31.07 37.70 -36.15
CA ASN B 1100 -30.05 38.15 -35.19
C ASN B 1100 -29.55 39.56 -35.48
N PHE B 1101 -30.20 40.30 -36.38
CA PHE B 1101 -29.82 41.68 -36.65
C PHE B 1101 -31.04 42.39 -37.22
N TYR B 1102 -31.18 43.67 -36.89
CA TYR B 1102 -32.33 44.45 -37.35
C TYR B 1102 -32.05 44.94 -38.76
N GLU B 1103 -32.60 44.25 -39.75
CA GLU B 1103 -32.50 44.62 -41.15
C GLU B 1103 -33.91 44.62 -41.73
N PRO B 1104 -34.68 45.67 -41.51
CA PRO B 1104 -36.08 45.68 -41.97
C PRO B 1104 -36.17 45.79 -43.48
N GLN B 1105 -37.01 44.95 -44.07
CA GLN B 1105 -37.21 44.91 -45.50
C GLN B 1105 -38.70 44.90 -45.79
N ILE B 1106 -39.08 45.45 -46.93
CA ILE B 1106 -40.49 45.48 -47.30
C ILE B 1106 -40.96 44.07 -47.64
N ILE B 1107 -42.25 43.83 -47.43
CA ILE B 1107 -42.82 42.50 -47.63
C ILE B 1107 -42.94 42.25 -49.13
N THR B 1108 -42.14 41.30 -49.62
CA THR B 1108 -42.12 40.97 -51.03
C THR B 1108 -42.27 39.46 -51.15
N THR B 1109 -42.86 39.01 -52.26
CA THR B 1109 -43.21 37.60 -52.43
C THR B 1109 -41.99 36.69 -52.54
N ASP B 1110 -40.79 37.22 -52.71
CA ASP B 1110 -39.59 36.40 -52.65
C ASP B 1110 -39.08 36.21 -51.22
N ASN B 1111 -39.59 36.99 -50.26
CA ASN B 1111 -39.26 36.79 -48.86
C ASN B 1111 -40.23 35.87 -48.15
N THR B 1112 -41.35 35.54 -48.77
CA THR B 1112 -42.40 34.76 -48.12
C THR B 1112 -42.80 33.60 -49.03
N PHE B 1113 -43.38 32.57 -48.41
CA PHE B 1113 -43.99 31.48 -49.14
C PHE B 1113 -45.38 31.21 -48.56
N VAL B 1114 -46.29 30.79 -49.43
CA VAL B 1114 -47.68 30.60 -49.06
C VAL B 1114 -47.90 29.15 -48.64
N SER B 1115 -48.83 28.96 -47.69
CA SER B 1115 -49.19 27.62 -47.24
C SER B 1115 -50.60 27.68 -46.66
N GLY B 1116 -51.57 27.21 -47.43
CA GLY B 1116 -52.94 27.11 -46.94
C GLY B 1116 -53.64 28.45 -46.84
N ASN B 1117 -54.67 28.47 -46.01
CA ASN B 1117 -55.50 29.64 -45.77
C ASN B 1117 -55.34 30.14 -44.34
N CYS B 1118 -55.78 31.39 -44.12
CA CYS B 1118 -55.52 32.08 -42.86
C CYS B 1118 -56.69 31.90 -41.89
N ASP B 1119 -56.95 30.65 -41.52
CA ASP B 1119 -57.94 30.38 -40.49
C ASP B 1119 -57.50 29.31 -39.49
N VAL B 1120 -56.32 28.71 -39.66
CA VAL B 1120 -55.81 27.72 -38.72
C VAL B 1120 -54.61 28.23 -37.95
N VAL B 1121 -53.92 29.26 -38.42
CA VAL B 1121 -52.79 29.83 -37.71
C VAL B 1121 -53.31 30.72 -36.59
N ILE B 1122 -52.81 30.48 -35.38
CA ILE B 1122 -53.22 31.27 -34.22
C ILE B 1122 -52.36 32.52 -34.15
N GLY B 1123 -53.00 33.68 -34.14
CA GLY B 1123 -52.30 34.94 -34.03
C GLY B 1123 -51.88 35.58 -35.34
N ILE B 1124 -52.37 35.08 -36.47
CA ILE B 1124 -52.02 35.68 -37.76
C ILE B 1124 -52.73 37.02 -37.90
N VAL B 1125 -52.00 38.01 -38.41
CA VAL B 1125 -52.54 39.36 -38.59
C VAL B 1125 -52.80 39.58 -40.08
N ASN B 1126 -53.45 40.69 -40.38
CA ASN B 1126 -53.91 41.02 -41.72
C ASN B 1126 -53.02 42.14 -42.26
N ASN B 1127 -52.48 41.93 -43.46
CA ASN B 1127 -51.68 42.92 -44.16
C ASN B 1127 -51.69 42.58 -45.65
N THR B 1128 -50.96 43.38 -46.44
CA THR B 1128 -50.84 43.17 -47.87
C THR B 1128 -49.41 42.81 -48.20
N VAL B 1129 -49.24 41.78 -49.03
CA VAL B 1129 -47.93 41.32 -49.47
C VAL B 1129 -47.68 41.86 -50.87
N TYR B 1130 -46.70 42.74 -51.00
CA TYR B 1130 -46.36 43.32 -52.29
C TYR B 1130 -45.64 42.29 -53.16
N ASP B 1131 -45.87 42.38 -54.47
CA ASP B 1131 -45.20 41.52 -55.42
C ASP B 1131 -44.66 42.36 -56.58
N PRO B 1132 -43.53 41.99 -57.18
CA PRO B 1132 -42.99 42.71 -58.34
C PRO B 1132 -43.76 42.40 -59.62
N GLN C 15 -20.73 -53.52 43.25
CA GLN C 15 -21.25 -54.64 42.47
C GLN C 15 -21.63 -54.20 41.06
N CYS C 16 -21.57 -55.14 40.12
CA CYS C 16 -21.97 -54.88 38.75
C CYS C 16 -22.30 -56.20 38.06
N VAL C 17 -23.35 -56.20 37.25
CA VAL C 17 -23.78 -57.39 36.53
C VAL C 17 -23.81 -57.09 35.04
N ASN C 18 -23.73 -58.14 34.24
CA ASN C 18 -23.88 -58.03 32.78
C ASN C 18 -25.29 -58.46 32.40
N LEU C 19 -26.04 -57.52 31.83
CA LEU C 19 -27.44 -57.76 31.48
C LEU C 19 -27.52 -58.69 30.28
N THR C 20 -28.50 -59.60 30.31
CA THR C 20 -28.69 -60.59 29.26
C THR C 20 -30.01 -60.45 28.53
N GLY C 21 -31.01 -59.80 29.13
CA GLY C 21 -32.30 -59.68 28.49
C GLY C 21 -32.35 -58.62 27.40
N ARG C 22 -31.29 -57.82 27.26
CA ARG C 22 -31.23 -56.79 26.23
C ARG C 22 -31.15 -57.43 24.85
N ALA C 23 -31.93 -56.90 23.91
CA ALA C 23 -31.93 -57.40 22.55
C ALA C 23 -30.66 -56.95 21.81
N THR C 24 -30.60 -57.32 20.53
CA THR C 24 -29.48 -56.92 19.68
C THR C 24 -29.46 -55.41 19.51
N ILE C 25 -28.29 -54.81 19.69
CA ILE C 25 -28.11 -53.37 19.59
C ILE C 25 -27.65 -53.03 18.18
N GLN C 26 -28.42 -52.18 17.50
CA GLN C 26 -27.98 -51.59 16.25
C GLN C 26 -28.32 -50.11 16.24
N PRO C 27 -27.48 -49.27 15.65
CA PRO C 27 -27.84 -47.85 15.56
C PRO C 27 -28.61 -47.53 14.29
N SER C 28 -29.81 -46.98 14.45
CA SER C 28 -30.50 -46.40 13.31
C SER C 28 -30.17 -44.91 13.22
N PHE C 29 -30.29 -44.37 12.01
CA PHE C 29 -29.65 -43.10 11.68
C PHE C 29 -30.66 -42.03 11.30
N THR C 30 -30.26 -40.79 11.51
CA THR C 30 -30.99 -39.60 11.10
C THR C 30 -29.98 -38.51 10.77
N ASN C 31 -30.44 -37.27 10.61
CA ASN C 31 -29.53 -36.16 10.34
C ASN C 31 -29.84 -35.00 11.28
N SER C 32 -28.80 -34.23 11.57
CA SER C 32 -28.88 -33.07 12.47
C SER C 32 -28.98 -31.82 11.60
N SER C 33 -30.20 -31.28 11.49
CA SER C 33 -30.47 -30.15 10.62
C SER C 33 -30.29 -28.85 11.40
N HIS C 34 -29.24 -28.10 11.05
CA HIS C 34 -28.99 -26.75 11.56
C HIS C 34 -28.84 -26.72 13.09
N ARG C 35 -28.28 -27.78 13.65
CA ARG C 35 -28.17 -27.91 15.10
C ARG C 35 -26.71 -28.10 15.50
N GLY C 36 -26.44 -27.83 16.78
CA GLY C 36 -25.12 -27.99 17.33
C GLY C 36 -24.19 -26.81 17.16
N VAL C 37 -24.72 -25.64 16.83
CA VAL C 37 -23.88 -24.45 16.70
C VAL C 37 -23.57 -23.92 18.09
N TYR C 38 -22.28 -23.79 18.39
CA TYR C 38 -21.84 -23.33 19.71
C TYR C 38 -20.89 -22.14 19.56
N TYR C 39 -20.28 -21.72 20.66
CA TYR C 39 -19.39 -20.57 20.64
C TYR C 39 -17.95 -21.06 20.54
N PRO C 40 -17.24 -20.78 19.45
CA PRO C 40 -15.88 -21.32 19.28
C PRO C 40 -14.85 -20.71 20.24
N ASP C 41 -15.11 -19.52 20.77
CA ASP C 41 -14.15 -18.86 21.64
C ASP C 41 -14.88 -17.91 22.57
N THR C 42 -14.17 -17.48 23.61
CA THR C 42 -14.72 -16.62 24.65
C THR C 42 -14.26 -15.19 24.38
N ILE C 43 -14.98 -14.51 23.50
CA ILE C 43 -14.63 -13.14 23.11
C ILE C 43 -15.74 -12.14 23.42
N PHE C 44 -17.01 -12.58 23.44
CA PHE C 44 -18.20 -11.73 23.60
C PHE C 44 -18.26 -10.66 22.50
N ARG C 45 -18.46 -11.14 21.28
CA ARG C 45 -18.80 -10.26 20.17
C ARG C 45 -20.29 -9.96 20.20
N SER C 46 -20.65 -8.74 19.79
CA SER C 46 -22.03 -8.30 19.81
C SER C 46 -22.35 -7.52 18.55
N ASN C 47 -23.48 -7.84 17.93
CA ASN C 47 -23.98 -7.21 16.69
C ASN C 47 -22.92 -7.27 15.58
N SER C 48 -22.55 -8.49 15.20
CA SER C 48 -21.47 -8.65 14.25
C SER C 48 -21.61 -9.95 13.47
N LEU C 49 -21.18 -9.90 12.21
CA LEU C 49 -21.01 -11.08 11.38
C LEU C 49 -19.56 -11.49 11.44
N VAL C 50 -19.30 -12.73 11.85
CA VAL C 50 -17.92 -13.21 11.97
C VAL C 50 -17.79 -14.52 11.20
N LEU C 51 -16.58 -14.77 10.70
CA LEU C 51 -16.23 -16.04 10.08
C LEU C 51 -15.30 -16.79 11.01
N SER C 52 -15.76 -17.95 11.51
CA SER C 52 -15.01 -18.71 12.50
C SER C 52 -14.61 -20.05 11.91
N GLN C 53 -13.32 -20.34 11.89
CA GLN C 53 -12.82 -21.66 11.55
C GLN C 53 -12.68 -22.46 12.83
N GLY C 54 -13.35 -23.60 12.90
CA GLY C 54 -13.28 -24.38 14.11
C GLY C 54 -13.98 -25.71 13.92
N TYR C 55 -13.94 -26.51 14.98
CA TYR C 55 -14.57 -27.83 14.96
C TYR C 55 -16.06 -27.65 15.21
N PHE C 56 -16.84 -27.66 14.14
CA PHE C 56 -18.28 -27.44 14.18
C PHE C 56 -18.99 -28.72 13.77
N LEU C 57 -20.27 -28.81 14.11
CA LEU C 57 -21.09 -29.91 13.61
C LEU C 57 -21.68 -29.49 12.28
N PRO C 58 -21.35 -30.16 11.17
CA PRO C 58 -21.86 -29.75 9.86
C PRO C 58 -23.37 -29.95 9.77
N PHE C 59 -24.00 -29.12 8.95
CA PHE C 59 -25.44 -29.18 8.79
C PHE C 59 -25.84 -30.45 8.05
N TYR C 60 -26.95 -31.05 8.50
CA TYR C 60 -27.50 -32.28 7.92
C TYR C 60 -26.48 -33.42 7.94
N SER C 61 -25.68 -33.48 8.99
CA SER C 61 -24.67 -34.51 9.11
C SER C 61 -25.29 -35.83 9.55
N ASN C 62 -24.69 -36.92 9.11
CA ASN C 62 -25.19 -38.26 9.40
C ASN C 62 -24.94 -38.64 10.84
N ILE C 63 -25.82 -38.23 11.74
CA ILE C 63 -25.70 -38.56 13.16
C ILE C 63 -26.35 -39.91 13.40
N SER C 64 -25.93 -40.56 14.49
CA SER C 64 -26.45 -41.87 14.83
C SER C 64 -27.35 -41.79 16.05
N TRP C 65 -28.48 -42.50 15.97
CA TRP C 65 -29.53 -42.48 16.97
C TRP C 65 -29.68 -43.81 17.69
N TYR C 66 -29.69 -43.75 19.02
CA TYR C 66 -29.89 -44.90 19.87
C TYR C 66 -31.07 -44.62 20.80
N TYR C 67 -31.71 -45.68 21.27
CA TYR C 67 -32.92 -45.48 22.05
C TYR C 67 -33.11 -46.61 23.04
N ALA C 68 -33.94 -46.37 24.07
CA ALA C 68 -34.26 -47.43 25.05
C ALA C 68 -35.78 -47.46 25.25
N LEU C 69 -36.41 -48.64 25.23
CA LEU C 69 -37.89 -48.68 25.31
C LEU C 69 -38.40 -50.07 25.74
N THR C 70 -39.46 -50.11 26.56
CA THR C 70 -40.09 -51.39 26.95
C THR C 70 -41.56 -51.15 27.23
N GLU C 76 -39.10 -56.39 22.79
CA GLU C 76 -38.66 -55.14 23.40
C GLU C 76 -37.61 -55.41 24.47
N LYS C 77 -37.61 -54.57 25.50
CA LYS C 77 -36.70 -54.63 26.64
C LYS C 77 -35.24 -54.57 26.19
N ARG C 78 -34.89 -53.44 25.57
CA ARG C 78 -33.52 -53.21 25.12
C ARG C 78 -33.03 -51.86 25.63
N VAL C 79 -31.77 -51.83 26.02
CA VAL C 79 -31.12 -50.62 26.50
C VAL C 79 -29.85 -50.42 25.71
N ASP C 80 -29.55 -49.16 25.39
CA ASP C 80 -28.43 -48.83 24.51
C ASP C 80 -27.35 -48.15 25.33
N ASN C 81 -26.34 -48.92 25.73
CA ASN C 81 -25.13 -48.38 26.36
C ASN C 81 -23.90 -48.88 25.61
N PRO C 82 -23.68 -48.42 24.38
CA PRO C 82 -22.51 -48.88 23.62
C PRO C 82 -21.32 -47.96 23.81
N ILE C 83 -20.16 -48.46 23.43
CA ILE C 83 -18.90 -47.75 23.58
C ILE C 83 -18.59 -47.07 22.24
N LEU C 84 -18.39 -45.75 22.28
CA LEU C 84 -18.21 -44.97 21.06
C LEU C 84 -16.93 -44.16 21.16
N ASP C 85 -16.21 -44.06 20.05
CA ASP C 85 -15.01 -43.24 20.02
C ASP C 85 -15.36 -41.75 20.03
N PHE C 86 -14.45 -40.95 20.56
CA PHE C 86 -14.73 -39.54 20.80
C PHE C 86 -14.63 -38.74 19.50
N LYS C 87 -13.46 -38.78 18.84
CA LYS C 87 -13.17 -38.07 17.60
C LYS C 87 -13.38 -36.56 17.77
N ASP C 88 -12.50 -36.00 18.60
CA ASP C 88 -12.26 -34.56 18.85
C ASP C 88 -13.54 -33.72 18.89
N GLY C 89 -14.47 -34.15 19.73
CA GLY C 89 -15.67 -33.37 20.01
C GLY C 89 -16.94 -34.04 19.54
N ILE C 90 -17.97 -34.07 20.38
CA ILE C 90 -19.23 -34.70 20.03
C ILE C 90 -20.38 -33.76 20.32
N TYR C 91 -21.49 -34.02 19.63
CA TYR C 91 -22.78 -33.39 19.90
C TYR C 91 -23.72 -34.49 20.37
N PHE C 92 -24.29 -34.30 21.56
CA PHE C 92 -25.10 -35.32 22.22
C PHE C 92 -26.44 -34.70 22.58
N ALA C 93 -27.50 -35.14 21.91
CA ALA C 93 -28.85 -34.68 22.20
C ALA C 93 -29.64 -35.79 22.88
N ALA C 94 -30.54 -35.41 23.78
CA ALA C 94 -31.34 -36.38 24.50
C ALA C 94 -32.78 -35.92 24.57
N THR C 95 -33.70 -36.84 24.26
CA THR C 95 -35.13 -36.60 24.37
C THR C 95 -35.71 -37.72 25.22
N GLU C 96 -36.38 -37.36 26.31
CA GLU C 96 -36.80 -38.35 27.30
C GLU C 96 -37.99 -37.80 28.07
N LYS C 97 -38.63 -38.66 28.85
CA LYS C 97 -39.79 -38.29 29.64
C LYS C 97 -39.49 -38.18 31.12
N SER C 98 -38.76 -39.14 31.69
CA SER C 98 -38.48 -39.17 33.11
C SER C 98 -36.98 -39.14 33.39
N ASN C 99 -36.25 -38.42 32.55
CA ASN C 99 -34.81 -38.15 32.72
C ASN C 99 -33.99 -39.45 32.78
N ILE C 100 -34.08 -40.23 31.70
CA ILE C 100 -33.41 -41.52 31.65
C ILE C 100 -31.90 -41.35 31.50
N VAL C 101 -31.46 -40.44 30.63
CA VAL C 101 -30.03 -40.18 30.53
C VAL C 101 -29.58 -39.45 31.80
N ARG C 102 -28.42 -39.86 32.32
CA ARG C 102 -28.00 -39.34 33.62
C ARG C 102 -26.54 -38.94 33.67
N GLY C 103 -25.71 -39.34 32.72
CA GLY C 103 -24.30 -39.03 32.82
C GLY C 103 -23.53 -39.58 31.64
N TRP C 104 -22.21 -39.46 31.73
CA TRP C 104 -21.32 -39.82 30.65
C TRP C 104 -20.01 -40.34 31.21
N ILE C 105 -19.34 -41.14 30.39
CA ILE C 105 -18.00 -41.66 30.67
C ILE C 105 -17.09 -41.17 29.55
N PHE C 106 -15.88 -40.73 29.91
CA PHE C 106 -14.89 -40.32 28.94
C PHE C 106 -13.55 -40.90 29.34
N GLY C 107 -12.68 -41.10 28.37
CA GLY C 107 -11.36 -41.65 28.63
C GLY C 107 -10.83 -42.39 27.43
N THR C 108 -9.68 -43.04 27.64
CA THR C 108 -9.05 -43.82 26.57
C THR C 108 -9.45 -45.28 26.64
N THR C 109 -9.15 -45.95 27.76
CA THR C 109 -9.43 -47.36 27.92
C THR C 109 -10.61 -47.66 28.81
N LEU C 110 -11.02 -46.70 29.64
CA LEU C 110 -12.08 -46.86 30.65
C LEU C 110 -11.79 -48.07 31.55
N ASP C 111 -10.57 -48.12 32.05
CA ASP C 111 -10.10 -49.24 32.85
C ASP C 111 -9.34 -48.70 34.05
N ASN C 112 -8.80 -49.63 34.85
CA ASN C 112 -8.02 -49.25 36.02
C ASN C 112 -6.66 -48.67 35.65
N THR C 113 -6.20 -48.87 34.42
CA THR C 113 -4.87 -48.47 34.00
C THR C 113 -4.81 -47.06 33.43
N SER C 114 -5.94 -46.38 33.26
CA SER C 114 -5.94 -45.06 32.66
C SER C 114 -6.91 -44.16 33.40
N GLN C 115 -6.65 -42.86 33.34
CA GLN C 115 -7.48 -41.89 34.03
C GLN C 115 -8.69 -41.52 33.17
N SER C 116 -9.88 -41.57 33.78
CA SER C 116 -11.13 -41.42 33.05
C SER C 116 -12.03 -40.42 33.75
N LEU C 117 -12.85 -39.74 32.97
CA LEU C 117 -13.74 -38.69 33.45
C LEU C 117 -15.16 -39.22 33.57
N LEU C 118 -15.75 -39.05 34.75
CA LEU C 118 -17.12 -39.47 35.02
C LEU C 118 -17.99 -38.26 35.29
N ILE C 119 -19.15 -38.20 34.63
CA ILE C 119 -20.18 -37.22 34.94
C ILE C 119 -21.42 -38.02 35.31
N VAL C 120 -21.87 -37.90 36.57
CA VAL C 120 -22.98 -38.68 37.06
C VAL C 120 -23.93 -37.72 37.75
N ASN C 121 -25.19 -38.14 37.91
CA ASN C 121 -26.19 -37.24 38.47
C ASN C 121 -27.13 -38.03 39.38
N ASN C 122 -27.40 -37.48 40.57
CA ASN C 122 -28.35 -38.08 41.50
C ASN C 122 -28.84 -37.01 42.46
N ALA C 123 -30.12 -37.12 42.85
CA ALA C 123 -30.73 -36.32 43.92
C ALA C 123 -30.56 -34.82 43.71
N THR C 124 -30.80 -34.38 42.46
CA THR C 124 -30.63 -32.97 42.03
C THR C 124 -29.22 -32.47 42.32
N ASN C 125 -28.23 -33.32 42.06
CA ASN C 125 -26.84 -32.95 42.27
C ASN C 125 -25.96 -33.75 41.32
N VAL C 126 -25.13 -33.05 40.54
CA VAL C 126 -24.21 -33.73 39.64
C VAL C 126 -22.87 -33.90 40.34
N ILE C 127 -22.12 -34.90 39.91
CA ILE C 127 -20.77 -35.17 40.39
C ILE C 127 -19.89 -35.36 39.17
N ILE C 128 -18.82 -34.59 39.10
CA ILE C 128 -17.80 -34.72 38.07
C ILE C 128 -16.49 -35.13 38.73
N LYS C 129 -15.93 -36.26 38.31
CA LYS C 129 -14.67 -36.74 38.82
C LYS C 129 -13.84 -37.25 37.65
N VAL C 130 -12.57 -36.86 37.61
CA VAL C 130 -11.59 -37.56 36.78
C VAL C 130 -10.79 -38.46 37.72
N CYS C 131 -10.77 -39.75 37.42
CA CYS C 131 -10.20 -40.68 38.38
C CYS C 131 -9.79 -41.96 37.65
N ASN C 132 -9.48 -43.00 38.41
CA ASN C 132 -8.98 -44.25 37.88
C ASN C 132 -9.99 -45.36 38.08
N PHE C 133 -11.25 -45.09 37.75
CA PHE C 133 -12.33 -46.06 37.90
C PHE C 133 -12.03 -47.32 37.10
N GLN C 134 -12.25 -48.47 37.73
CA GLN C 134 -12.31 -49.74 37.01
C GLN C 134 -13.77 -49.93 36.60
N PHE C 135 -14.12 -49.40 35.44
CA PHE C 135 -15.47 -49.53 34.92
C PHE C 135 -15.75 -50.97 34.56
N CYS C 136 -16.85 -51.50 35.07
CA CYS C 136 -17.24 -52.86 34.75
C CYS C 136 -17.79 -52.93 33.34
N TYR C 137 -17.84 -54.15 32.80
CA TYR C 137 -18.47 -54.37 31.51
C TYR C 137 -19.96 -54.08 31.63
N ASP C 138 -20.50 -53.38 30.63
CA ASP C 138 -21.90 -52.98 30.53
C ASP C 138 -22.38 -52.22 31.76
N PRO C 139 -21.91 -51.01 32.00
CA PRO C 139 -22.34 -50.27 33.20
C PRO C 139 -23.70 -49.64 33.02
N TYR C 140 -24.37 -49.43 34.16
CA TYR C 140 -25.70 -48.83 34.18
C TYR C 140 -25.90 -48.18 35.53
N LEU C 141 -26.91 -47.33 35.61
CA LEU C 141 -27.25 -46.63 36.85
C LEU C 141 -28.56 -47.20 37.38
N SER C 142 -28.60 -47.45 38.69
CA SER C 142 -29.76 -48.06 39.32
C SER C 142 -30.69 -46.98 39.85
N GLY C 143 -31.95 -47.00 39.41
CA GLY C 143 -32.95 -46.07 39.86
C GLY C 143 -34.07 -46.79 40.59
N TYR C 144 -34.37 -46.31 41.80
CA TYR C 144 -35.35 -46.92 42.67
C TYR C 144 -36.53 -45.98 42.86
N PHE C 145 -37.74 -46.55 42.87
CA PHE C 145 -39.01 -45.83 43.03
C PHE C 145 -39.20 -44.73 42.01
N PHE C 156 -23.19 -46.26 41.63
CA PHE C 156 -23.88 -47.52 41.87
C PHE C 156 -23.18 -48.68 41.15
N ALA C 157 -23.86 -49.25 40.16
CA ALA C 157 -23.30 -50.32 39.35
C ALA C 157 -22.61 -49.77 38.10
N VAL C 158 -21.73 -48.79 38.28
CA VAL C 158 -20.99 -48.18 37.20
C VAL C 158 -19.51 -48.53 37.25
N TYR C 159 -18.95 -48.67 38.46
CA TYR C 159 -17.56 -49.08 38.61
C TYR C 159 -17.46 -50.05 39.79
N SER C 160 -16.25 -50.56 40.01
CA SER C 160 -15.97 -51.41 41.16
C SER C 160 -15.11 -50.72 42.20
N SER C 161 -14.11 -49.94 41.77
CA SER C 161 -13.24 -49.23 42.69
C SER C 161 -12.60 -48.07 41.93
N TYR C 162 -12.08 -47.11 42.70
CA TYR C 162 -11.39 -45.96 42.13
C TYR C 162 -10.45 -45.38 43.17
N ALA C 163 -9.31 -44.88 42.71
CA ALA C 163 -8.31 -44.29 43.59
C ALA C 163 -7.41 -43.38 42.76
N ASN C 164 -6.46 -42.73 43.45
CA ASN C 164 -5.40 -41.91 42.85
C ASN C 164 -5.96 -40.80 41.97
N CYS C 165 -6.71 -39.89 42.60
CA CYS C 165 -7.32 -38.81 41.84
C CYS C 165 -7.61 -37.61 42.73
N THR C 166 -7.61 -36.45 42.08
CA THR C 166 -7.63 -35.14 42.75
C THR C 166 -8.86 -34.31 42.40
N PHE C 167 -9.14 -34.12 41.11
CA PHE C 167 -10.14 -33.13 40.69
C PHE C 167 -11.54 -33.65 40.93
N GLU C 168 -12.36 -32.82 41.59
CA GLU C 168 -13.76 -33.14 41.86
C GLU C 168 -14.57 -31.86 41.74
N TYR C 169 -15.75 -31.97 41.12
CA TYR C 169 -16.62 -30.83 40.87
C TYR C 169 -18.05 -31.30 41.03
N VAL C 170 -18.80 -30.65 41.93
CA VAL C 170 -20.08 -31.20 42.37
C VAL C 170 -21.16 -30.13 42.25
N SER C 171 -20.79 -28.96 41.75
CA SER C 171 -21.67 -27.78 41.78
C SER C 171 -22.17 -27.45 40.38
N LYS C 172 -23.29 -28.10 39.99
CA LYS C 172 -24.04 -27.71 38.79
C LYS C 172 -25.44 -28.30 38.91
N PRO C 173 -26.49 -27.48 38.87
CA PRO C 173 -27.84 -28.01 39.03
C PRO C 173 -28.38 -28.65 37.76
N PHE C 174 -29.28 -29.60 37.95
CA PHE C 174 -29.89 -30.34 36.84
C PHE C 174 -31.19 -30.96 37.35
N MET C 175 -32.16 -31.11 36.45
CA MET C 175 -33.47 -31.61 36.83
C MET C 175 -33.47 -33.13 36.95
N LEU C 176 -34.16 -33.64 37.98
CA LEU C 176 -34.27 -35.06 38.24
C LEU C 176 -35.72 -35.44 38.49
N ASP C 177 -36.05 -36.70 38.20
CA ASP C 177 -37.38 -37.23 38.44
C ASP C 177 -37.28 -38.74 38.61
N ILE C 178 -38.27 -39.31 39.29
CA ILE C 178 -38.36 -40.76 39.41
C ILE C 178 -38.77 -41.37 38.07
N SER C 179 -38.62 -42.69 37.99
CA SER C 179 -38.92 -43.39 36.74
C SER C 179 -40.42 -43.42 36.48
N GLY C 180 -40.82 -42.90 35.33
CA GLY C 180 -42.21 -42.89 34.94
C GLY C 180 -42.33 -42.93 33.43
N LYS C 181 -43.43 -43.53 32.97
CA LYS C 181 -43.74 -43.63 31.54
C LYS C 181 -45.12 -42.99 31.35
N SER C 182 -45.12 -41.67 31.16
CA SER C 182 -46.37 -40.92 31.05
C SER C 182 -46.15 -39.79 30.04
N GLY C 183 -46.62 -40.00 28.82
CA GLY C 183 -46.45 -39.05 27.74
C GLY C 183 -45.59 -39.60 26.63
N LEU C 184 -45.52 -38.82 25.54
CA LEU C 184 -44.77 -39.26 24.36
C LEU C 184 -43.28 -38.98 24.52
N PHE C 185 -42.91 -37.69 24.54
CA PHE C 185 -41.52 -37.26 24.62
C PHE C 185 -41.49 -35.77 24.94
N ASP C 186 -40.50 -35.35 25.71
CA ASP C 186 -40.33 -33.95 26.07
C ASP C 186 -38.85 -33.66 26.31
N THR C 187 -38.57 -32.39 26.63
CA THR C 187 -37.32 -31.93 27.25
C THR C 187 -36.08 -32.34 26.44
N LEU C 188 -35.98 -31.77 25.24
CA LEU C 188 -34.79 -31.98 24.42
C LEU C 188 -33.63 -31.22 25.02
N ARG C 189 -32.64 -31.94 25.54
CA ARG C 189 -31.44 -31.34 26.11
C ARG C 189 -30.25 -31.73 25.26
N GLU C 190 -29.54 -30.75 24.73
CA GLU C 190 -28.43 -31.00 23.82
C GLU C 190 -27.15 -30.42 24.40
N PHE C 191 -26.04 -31.13 24.16
CA PHE C 191 -24.73 -30.78 24.69
C PHE C 191 -23.70 -30.88 23.58
N VAL C 192 -22.63 -30.11 23.71
CA VAL C 192 -21.44 -30.23 22.88
C VAL C 192 -20.26 -30.41 23.82
N PHE C 193 -19.52 -31.50 23.63
CA PHE C 193 -18.37 -31.83 24.45
C PHE C 193 -17.11 -31.69 23.62
N ARG C 194 -16.13 -30.95 24.13
CA ARG C 194 -14.84 -30.81 23.47
C ARG C 194 -13.74 -30.95 24.51
N ASN C 195 -12.56 -31.36 24.04
CA ASN C 195 -11.42 -31.59 24.93
C ASN C 195 -10.19 -30.98 24.26
N VAL C 196 -9.92 -29.72 24.56
CA VAL C 196 -8.83 -28.98 23.93
C VAL C 196 -8.03 -28.23 24.98
N ASP C 197 -6.71 -28.21 24.80
CA ASP C 197 -5.76 -27.53 25.69
C ASP C 197 -5.87 -27.98 27.14
N GLY C 198 -6.15 -29.28 27.35
CA GLY C 198 -6.33 -29.77 28.69
C GLY C 198 -7.62 -29.34 29.35
N TYR C 199 -8.54 -28.77 28.60
CA TYR C 199 -9.81 -28.29 29.11
C TYR C 199 -10.94 -29.08 28.49
N PHE C 200 -11.82 -29.61 29.32
CA PHE C 200 -13.05 -30.24 28.87
C PHE C 200 -14.13 -29.18 28.85
N LYS C 201 -14.46 -28.69 27.66
CA LYS C 201 -15.49 -27.67 27.51
C LYS C 201 -16.83 -28.33 27.26
N ILE C 202 -17.83 -27.97 28.07
CA ILE C 202 -19.18 -28.46 27.92
C ILE C 202 -20.09 -27.28 27.62
N TYR C 203 -20.80 -27.36 26.49
CA TYR C 203 -21.80 -26.39 26.08
C TYR C 203 -23.16 -27.08 26.13
N SER C 204 -24.20 -26.35 26.52
CA SER C 204 -25.49 -27.00 26.72
C SER C 204 -26.63 -26.08 26.27
N LYS C 205 -27.78 -26.70 26.00
CA LYS C 205 -29.01 -26.00 25.72
C LYS C 205 -30.18 -26.92 26.06
N TYR C 206 -31.28 -26.30 26.51
CA TYR C 206 -32.50 -27.02 26.85
C TYR C 206 -33.66 -26.43 26.07
N SER C 207 -34.55 -27.29 25.58
CA SER C 207 -35.67 -26.83 24.79
C SER C 207 -36.83 -27.81 24.92
N PRO C 208 -38.01 -27.35 25.33
CA PRO C 208 -39.17 -28.24 25.44
C PRO C 208 -39.86 -28.42 24.10
N VAL C 209 -39.90 -29.66 23.62
CA VAL C 209 -40.58 -30.01 22.38
C VAL C 209 -41.41 -31.27 22.61
N ASN C 210 -42.38 -31.48 21.73
CA ASN C 210 -43.19 -32.70 21.74
C ASN C 210 -43.10 -33.33 20.36
N VAL C 211 -42.32 -34.41 20.25
CA VAL C 211 -42.05 -35.06 18.98
C VAL C 211 -42.31 -36.55 19.12
N ASN C 212 -42.54 -37.20 17.99
CA ASN C 212 -42.75 -38.65 17.94
C ASN C 212 -41.45 -39.33 17.55
N SER C 213 -40.49 -39.28 18.48
CA SER C 213 -39.25 -40.06 18.44
C SER C 213 -38.37 -39.70 17.24
N ASN C 214 -38.15 -38.39 17.04
CA ASN C 214 -37.25 -37.92 16.00
C ASN C 214 -36.76 -36.53 16.35
N LEU C 215 -35.62 -36.16 15.79
CA LEU C 215 -35.04 -34.85 16.02
C LEU C 215 -35.87 -33.76 15.36
N PRO C 216 -36.34 -32.75 16.09
CA PRO C 216 -37.05 -31.64 15.43
C PRO C 216 -36.07 -30.72 14.72
N SER C 217 -36.42 -30.33 13.50
CA SER C 217 -35.60 -29.41 12.74
C SER C 217 -35.66 -28.01 13.32
N GLY C 218 -34.56 -27.29 13.22
CA GLY C 218 -34.49 -25.94 13.71
C GLY C 218 -33.05 -25.54 13.99
N PHE C 219 -32.91 -24.35 14.54
CA PHE C 219 -31.60 -23.81 14.89
C PHE C 219 -31.33 -23.98 16.38
N SER C 220 -30.07 -24.20 16.71
CA SER C 220 -29.66 -24.38 18.10
C SER C 220 -28.38 -23.60 18.35
N ALA C 221 -28.37 -22.81 19.42
CA ALA C 221 -27.20 -22.06 19.85
C ALA C 221 -26.89 -22.49 21.27
N LEU C 222 -25.79 -23.23 21.45
CA LEU C 222 -25.47 -23.86 22.72
C LEU C 222 -24.59 -22.93 23.54
N GLU C 223 -25.12 -22.43 24.64
CA GLU C 223 -24.38 -21.53 25.50
C GLU C 223 -23.29 -22.27 26.26
N PRO C 224 -22.17 -21.62 26.58
CA PRO C 224 -21.10 -22.30 27.32
C PRO C 224 -21.54 -22.60 28.74
N LEU C 225 -21.48 -23.88 29.11
CA LEU C 225 -21.89 -24.27 30.45
C LEU C 225 -20.71 -24.29 31.41
N VAL C 226 -19.72 -25.16 31.17
CA VAL C 226 -18.58 -25.29 32.08
C VAL C 226 -17.29 -25.53 31.32
N GLU C 227 -16.17 -25.25 32.00
CA GLU C 227 -14.81 -25.39 31.47
C GLU C 227 -14.01 -26.19 32.50
N LEU C 228 -14.05 -27.51 32.41
CA LEU C 228 -13.34 -28.36 33.34
C LEU C 228 -11.84 -28.29 33.09
N PRO C 229 -11.02 -28.07 34.13
CA PRO C 229 -9.56 -28.23 33.99
C PRO C 229 -9.13 -29.68 34.25
N ALA C 230 -9.70 -30.60 33.49
CA ALA C 230 -9.42 -32.03 33.69
C ALA C 230 -8.02 -32.39 33.21
N GLY C 231 -7.74 -32.12 31.94
CA GLY C 231 -6.43 -32.40 31.38
C GLY C 231 -6.13 -33.88 31.24
N ILE C 232 -6.97 -34.60 30.50
CA ILE C 232 -6.76 -36.01 30.24
C ILE C 232 -6.96 -36.27 28.76
N ASN C 233 -6.36 -37.37 28.30
CA ASN C 233 -6.58 -37.84 26.94
C ASN C 233 -7.93 -38.53 26.85
N ILE C 234 -8.75 -38.13 25.88
CA ILE C 234 -10.08 -38.70 25.69
C ILE C 234 -10.22 -39.11 24.23
N THR C 235 -10.42 -40.40 24.00
CA THR C 235 -10.61 -40.92 22.66
C THR C 235 -11.85 -41.77 22.49
N ARG C 236 -12.60 -42.06 23.56
CA ARG C 236 -13.68 -43.03 23.49
C ARG C 236 -14.63 -42.78 24.65
N PHE C 237 -15.93 -42.70 24.36
CA PHE C 237 -16.88 -42.32 25.41
C PHE C 237 -18.01 -43.33 25.48
N ARG C 238 -18.68 -43.33 26.63
CA ARG C 238 -19.87 -44.14 26.85
C ARG C 238 -20.88 -43.33 27.64
N THR C 239 -22.15 -43.57 27.36
CA THR C 239 -23.24 -42.88 28.05
C THR C 239 -23.85 -43.78 29.12
N LEU C 240 -24.47 -43.15 30.10
CA LEU C 240 -25.06 -43.85 31.23
C LEU C 240 -26.57 -43.69 31.20
N LEU C 241 -27.29 -44.81 31.20
CA LEU C 241 -28.74 -44.83 31.23
C LEU C 241 -29.20 -45.44 32.55
N THR C 242 -30.24 -44.86 33.13
CA THR C 242 -30.76 -45.40 34.37
C THR C 242 -31.62 -46.63 34.10
N ILE C 243 -31.79 -47.43 35.14
CA ILE C 243 -32.58 -48.66 35.06
C ILE C 243 -33.63 -48.61 36.15
N HIS C 244 -34.72 -49.36 35.96
CA HIS C 244 -35.76 -49.51 36.96
C HIS C 244 -36.08 -50.99 37.08
N ARG C 245 -35.34 -51.69 37.93
CA ARG C 245 -35.64 -53.09 38.18
C ARG C 245 -36.92 -53.26 39.00
N GLY C 246 -37.21 -52.28 39.87
CA GLY C 246 -38.51 -52.20 40.51
C GLY C 246 -38.81 -53.22 41.58
N ASP C 247 -39.82 -52.92 42.40
CA ASP C 247 -40.30 -53.84 43.41
C ASP C 247 -41.18 -54.97 42.87
N PRO C 248 -42.32 -54.72 42.20
CA PRO C 248 -43.24 -55.83 41.94
C PRO C 248 -42.86 -56.74 40.78
N MET C 249 -41.94 -56.34 39.92
CA MET C 249 -41.50 -57.21 38.84
C MET C 249 -40.64 -58.33 39.40
N PRO C 250 -40.91 -59.63 39.09
CA PRO C 250 -40.14 -60.71 39.68
C PRO C 250 -38.65 -60.49 39.49
N ASN C 251 -37.89 -60.45 40.59
CA ASN C 251 -36.42 -60.31 40.51
C ASN C 251 -36.04 -59.05 39.71
N ASN C 252 -35.19 -59.22 38.69
CA ASN C 252 -34.72 -58.05 37.89
C ASN C 252 -35.68 -57.76 36.74
N GLY C 253 -36.67 -56.90 36.95
CA GLY C 253 -37.54 -56.50 35.82
C GLY C 253 -36.75 -55.58 34.90
N TRP C 254 -35.94 -54.70 35.48
CA TRP C 254 -35.08 -53.76 34.68
C TRP C 254 -35.86 -53.22 33.48
N THR C 255 -37.15 -52.96 33.65
CA THR C 255 -37.96 -52.47 32.52
C THR C 255 -37.46 -51.09 32.13
N VAL C 256 -36.70 -51.00 31.04
CA VAL C 256 -36.28 -49.68 30.58
C VAL C 256 -37.50 -48.85 30.23
N PHE C 257 -37.31 -47.53 30.23
CA PHE C 257 -38.35 -46.58 29.90
C PHE C 257 -37.96 -45.83 28.63
N SER C 258 -38.94 -45.16 28.03
CA SER C 258 -38.77 -44.60 26.69
C SER C 258 -37.83 -43.39 26.72
N ALA C 259 -36.74 -43.47 25.96
CA ALA C 259 -35.80 -42.37 25.83
C ALA C 259 -35.02 -42.55 24.54
N ALA C 260 -34.38 -41.46 24.11
CA ALA C 260 -33.65 -41.48 22.85
C ALA C 260 -32.49 -40.51 22.95
N TYR C 261 -31.32 -40.91 22.44
CA TYR C 261 -30.22 -39.97 22.32
C TYR C 261 -29.58 -40.04 20.93
N TYR C 262 -29.04 -38.89 20.56
CA TYR C 262 -28.55 -38.59 19.22
C TYR C 262 -27.08 -38.22 19.40
N VAL C 263 -26.19 -38.78 18.59
CA VAL C 263 -24.78 -38.45 18.70
C VAL C 263 -24.20 -38.15 17.31
N GLY C 264 -23.51 -37.01 17.22
CA GLY C 264 -22.81 -36.64 16.01
C GLY C 264 -21.41 -36.19 16.33
N TYR C 265 -20.57 -36.17 15.29
CA TYR C 265 -19.15 -35.90 15.44
C TYR C 265 -18.79 -34.57 14.82
N LEU C 266 -18.05 -33.75 15.56
CA LEU C 266 -17.59 -32.46 15.06
C LEU C 266 -16.49 -32.65 14.02
N ALA C 267 -16.48 -31.75 13.04
CA ALA C 267 -15.49 -31.74 11.98
C ALA C 267 -14.96 -30.33 11.81
N PRO C 268 -13.71 -30.16 11.34
CA PRO C 268 -13.19 -28.80 11.13
C PRO C 268 -13.83 -28.12 9.94
N ARG C 269 -14.70 -27.13 10.21
CA ARG C 269 -15.39 -26.39 9.18
C ARG C 269 -15.18 -24.90 9.41
N THR C 270 -15.79 -24.10 8.53
CA THR C 270 -15.79 -22.65 8.61
C THR C 270 -17.23 -22.18 8.62
N PHE C 271 -17.66 -21.62 9.74
CA PHE C 271 -19.02 -21.14 9.90
C PHE C 271 -19.06 -19.63 9.82
N MET C 272 -20.23 -19.10 9.49
CA MET C 272 -20.47 -17.67 9.46
C MET C 272 -21.54 -17.38 10.50
N LEU C 273 -21.12 -16.81 11.63
CA LEU C 273 -21.99 -16.63 12.79
C LEU C 273 -22.43 -15.18 12.89
N LYS C 274 -23.67 -14.99 13.37
CA LYS C 274 -24.24 -13.67 13.58
C LYS C 274 -24.50 -13.49 15.07
N TYR C 275 -23.93 -12.43 15.63
CA TYR C 275 -24.10 -12.10 17.04
C TYR C 275 -25.02 -10.90 17.16
N ASN C 276 -26.06 -11.02 17.99
CA ASN C 276 -26.97 -9.91 18.23
C ASN C 276 -26.44 -9.05 19.38
N GLU C 277 -27.29 -8.18 19.92
CA GLU C 277 -26.87 -7.25 20.96
C GLU C 277 -26.56 -7.94 22.28
N ASN C 278 -27.10 -9.13 22.51
CA ASN C 278 -26.86 -9.87 23.74
C ASN C 278 -25.64 -10.78 23.66
N GLY C 279 -24.95 -10.81 22.53
CA GLY C 279 -23.83 -11.72 22.36
C GLY C 279 -24.26 -13.15 22.12
N THR C 280 -25.47 -13.37 21.62
CA THR C 280 -25.98 -14.70 21.34
C THR C 280 -26.01 -14.94 19.85
N ILE C 281 -25.77 -16.19 19.45
CA ILE C 281 -25.80 -16.56 18.04
C ILE C 281 -27.25 -16.77 17.64
N THR C 282 -27.72 -16.00 16.66
CA THR C 282 -29.11 -16.10 16.22
C THR C 282 -29.26 -17.02 15.01
N ASP C 283 -28.33 -16.95 14.06
CA ASP C 283 -28.36 -17.82 12.90
C ASP C 283 -26.95 -18.04 12.40
N ALA C 284 -26.74 -19.15 11.70
CA ALA C 284 -25.41 -19.52 11.26
C ALA C 284 -25.49 -20.15 9.87
N VAL C 285 -24.36 -20.14 9.18
CA VAL C 285 -24.23 -20.69 7.83
C VAL C 285 -23.09 -21.70 7.84
N ASP C 286 -23.35 -22.89 7.30
CA ASP C 286 -22.34 -23.95 7.28
C ASP C 286 -21.18 -23.62 6.36
N CYS C 287 -21.44 -22.88 5.27
CA CYS C 287 -20.48 -22.50 4.23
C CYS C 287 -19.89 -23.69 3.49
N SER C 288 -20.39 -24.90 3.72
CA SER C 288 -19.90 -26.07 3.01
C SER C 288 -21.03 -27.00 2.61
N LEU C 289 -22.28 -26.57 2.79
CA LEU C 289 -23.44 -27.41 2.54
C LEU C 289 -23.80 -27.44 1.06
N ASP C 290 -24.14 -26.29 0.51
CA ASP C 290 -24.59 -26.14 -0.87
C ASP C 290 -23.96 -24.88 -1.44
N PRO C 291 -23.99 -24.71 -2.77
CA PRO C 291 -23.48 -23.46 -3.35
C PRO C 291 -24.16 -22.20 -2.85
N LEU C 292 -25.44 -22.28 -2.48
CA LEU C 292 -26.15 -21.10 -1.99
C LEU C 292 -25.57 -20.61 -0.67
N SER C 293 -25.27 -21.52 0.25
CA SER C 293 -24.75 -21.11 1.56
C SER C 293 -23.33 -20.59 1.46
N GLU C 294 -22.53 -21.10 0.52
CA GLU C 294 -21.13 -20.72 0.50
C GLU C 294 -20.83 -19.60 -0.48
N ALA C 295 -21.75 -19.30 -1.42
CA ALA C 295 -21.76 -17.98 -2.03
C ALA C 295 -22.38 -16.96 -1.09
N LYS C 296 -23.30 -17.40 -0.25
CA LYS C 296 -23.81 -16.61 0.85
C LYS C 296 -22.72 -16.35 1.88
N CYS C 297 -21.76 -17.27 1.99
CA CYS C 297 -20.67 -17.13 2.94
C CYS C 297 -19.56 -16.24 2.41
N THR C 298 -19.41 -16.16 1.08
CA THR C 298 -18.37 -15.33 0.49
C THR C 298 -18.69 -13.85 0.64
N LEU C 299 -19.93 -13.46 0.36
CA LEU C 299 -20.33 -12.05 0.44
C LEU C 299 -20.48 -11.56 1.88
N LYS C 300 -20.40 -12.45 2.87
CA LYS C 300 -20.58 -12.13 4.29
C LYS C 300 -21.93 -11.45 4.53
N SER C 301 -22.98 -12.08 4.02
CA SER C 301 -24.34 -11.60 4.20
C SER C 301 -25.25 -12.82 4.34
N PHE C 302 -26.44 -12.59 4.92
CA PHE C 302 -27.42 -13.66 5.01
C PHE C 302 -28.42 -13.64 3.87
N THR C 303 -28.49 -12.56 3.11
CA THR C 303 -29.37 -12.44 1.96
C THR C 303 -28.54 -12.11 0.74
N VAL C 304 -28.64 -12.92 -0.31
CA VAL C 304 -27.98 -12.64 -1.57
C VAL C 304 -29.03 -12.17 -2.56
N GLU C 305 -28.64 -11.25 -3.42
CA GLU C 305 -29.54 -10.67 -4.41
C GLU C 305 -29.43 -11.42 -5.73
N LYS C 306 -30.29 -11.05 -6.68
CA LYS C 306 -30.31 -11.73 -7.97
C LYS C 306 -29.06 -11.40 -8.76
N GLY C 307 -28.39 -12.43 -9.26
CA GLY C 307 -27.23 -12.23 -10.10
C GLY C 307 -26.29 -13.42 -10.02
N ILE C 308 -25.11 -13.22 -10.59
CA ILE C 308 -24.03 -14.19 -10.59
C ILE C 308 -22.93 -13.71 -9.63
N TYR C 309 -22.45 -14.61 -8.79
CA TYR C 309 -21.42 -14.28 -7.81
C TYR C 309 -20.25 -15.23 -7.94
N GLN C 310 -19.05 -14.70 -7.75
CA GLN C 310 -17.87 -15.53 -7.64
C GLN C 310 -17.82 -16.18 -6.26
N THR C 311 -16.81 -17.03 -6.06
CA THR C 311 -16.83 -17.96 -4.94
C THR C 311 -15.44 -18.18 -4.38
N SER C 312 -15.30 -18.03 -3.06
CA SER C 312 -14.16 -18.56 -2.33
C SER C 312 -14.45 -19.99 -1.93
N ASN C 313 -13.42 -20.84 -2.01
CA ASN C 313 -13.62 -22.28 -1.91
C ASN C 313 -13.62 -22.72 -0.45
N PHE C 314 -14.79 -23.09 0.04
CA PHE C 314 -14.94 -23.74 1.35
C PHE C 314 -15.46 -25.16 1.23
N ARG C 315 -15.42 -25.74 0.03
CA ARG C 315 -16.11 -27.00 -0.24
C ARG C 315 -15.40 -28.18 0.41
N VAL C 316 -14.18 -28.44 -0.01
CA VAL C 316 -13.49 -29.68 0.30
C VAL C 316 -12.36 -29.40 1.29
N GLN C 317 -12.25 -30.27 2.29
CA GLN C 317 -11.25 -30.20 3.32
C GLN C 317 -10.50 -31.52 3.38
N PRO C 318 -9.19 -31.49 3.66
CA PRO C 318 -8.44 -32.74 3.78
C PRO C 318 -8.89 -33.54 4.99
N THR C 319 -8.83 -34.86 4.85
CA THR C 319 -9.19 -35.77 5.92
C THR C 319 -8.04 -36.69 6.30
N ASP C 320 -7.29 -37.20 5.34
CA ASP C 320 -6.16 -38.07 5.61
C ASP C 320 -4.87 -37.26 5.66
N SER C 321 -3.83 -37.89 6.22
CA SER C 321 -2.51 -37.32 6.27
C SER C 321 -1.50 -38.35 5.79
N ILE C 322 -0.66 -37.95 4.84
CA ILE C 322 0.28 -38.86 4.20
C ILE C 322 1.69 -38.45 4.63
N VAL C 323 2.42 -39.40 5.21
CA VAL C 323 3.80 -39.20 5.60
C VAL C 323 4.63 -40.26 4.91
N ARG C 324 5.57 -39.84 4.08
CA ARG C 324 6.43 -40.76 3.33
C ARG C 324 7.87 -40.32 3.50
N PHE C 325 8.66 -41.15 4.17
CA PHE C 325 10.06 -40.92 4.45
C PHE C 325 10.89 -41.99 3.76
N PRO C 326 12.19 -41.73 3.50
CA PRO C 326 13.03 -42.77 2.90
C PRO C 326 13.21 -43.95 3.84
N ASN C 327 13.41 -45.12 3.22
CA ASN C 327 13.56 -46.38 3.95
C ASN C 327 14.95 -46.40 4.58
N ILE C 328 15.08 -45.69 5.70
CA ILE C 328 16.30 -45.63 6.49
C ILE C 328 15.97 -46.17 7.88
N THR C 329 16.69 -47.21 8.31
CA THR C 329 16.39 -47.87 9.56
C THR C 329 17.52 -47.81 10.58
N ASN C 330 18.71 -47.36 10.20
CA ASN C 330 19.83 -47.36 11.12
C ASN C 330 19.68 -46.25 12.15
N LEU C 331 19.76 -46.62 13.42
CA LEU C 331 19.71 -45.63 14.49
C LEU C 331 20.98 -44.78 14.47
N CYS C 332 20.86 -43.56 14.98
CA CYS C 332 21.97 -42.69 14.61
C CYS C 332 23.01 -42.67 15.71
N PRO C 333 24.30 -42.64 15.37
CA PRO C 333 25.34 -42.76 16.40
C PRO C 333 25.43 -41.57 17.35
N PHE C 334 24.47 -41.48 18.26
CA PHE C 334 24.53 -40.50 19.33
C PHE C 334 25.34 -40.99 20.53
N GLY C 335 25.73 -42.26 20.54
CA GLY C 335 26.66 -42.75 21.53
C GLY C 335 28.10 -42.50 21.22
N GLU C 336 28.39 -41.95 20.05
CA GLU C 336 29.75 -41.60 19.64
C GLU C 336 29.95 -40.10 19.49
N VAL C 337 28.97 -39.37 18.95
CA VAL C 337 29.05 -37.92 18.94
C VAL C 337 28.98 -37.38 20.36
N PHE C 338 28.02 -37.84 21.14
CA PHE C 338 28.00 -37.67 22.59
C PHE C 338 28.62 -38.91 23.22
N ASN C 339 28.77 -38.89 24.54
CA ASN C 339 29.26 -40.01 25.37
C ASN C 339 30.72 -40.38 25.06
N ALA C 340 31.40 -39.66 24.18
CA ALA C 340 32.79 -39.98 23.84
C ALA C 340 33.70 -39.74 25.04
N THR C 341 34.83 -40.46 25.06
CA THR C 341 35.72 -40.40 26.20
C THR C 341 36.38 -39.03 26.32
N THR C 342 36.93 -38.52 25.23
CA THR C 342 37.55 -37.19 25.21
C THR C 342 37.03 -36.44 23.99
N PHE C 343 36.52 -35.24 24.20
CA PHE C 343 36.21 -34.36 23.08
C PHE C 343 37.47 -33.61 22.64
N ALA C 344 37.37 -32.99 21.47
CA ALA C 344 38.45 -32.16 20.99
C ALA C 344 38.48 -30.84 21.76
N SER C 345 39.64 -30.21 21.80
CA SER C 345 39.78 -28.90 22.40
C SER C 345 39.09 -27.86 21.51
N VAL C 346 38.79 -26.70 22.11
CA VAL C 346 38.03 -25.70 21.39
C VAL C 346 38.87 -25.00 20.32
N TYR C 347 40.19 -24.97 20.48
CA TYR C 347 41.02 -24.32 19.46
C TYR C 347 41.14 -25.18 18.21
N ALA C 348 41.06 -26.51 18.36
CA ALA C 348 41.07 -27.43 17.23
C ALA C 348 39.85 -28.33 17.40
N TRP C 349 38.70 -27.86 16.91
CA TRP C 349 37.44 -28.53 17.11
C TRP C 349 37.18 -29.55 16.00
N ASN C 350 36.70 -30.73 16.41
CA ASN C 350 36.40 -31.78 15.46
C ASN C 350 35.13 -31.46 14.68
N ARG C 351 35.01 -32.03 13.49
CA ARG C 351 33.82 -31.89 12.67
C ARG C 351 33.56 -33.21 11.97
N LYS C 352 32.56 -33.94 12.45
CA LYS C 352 32.22 -35.26 11.93
C LYS C 352 30.92 -35.19 11.14
N ARG C 353 30.94 -35.69 9.92
CA ARG C 353 29.74 -35.72 9.11
C ARG C 353 28.81 -36.83 9.60
N ILE C 354 27.54 -36.50 9.77
CA ILE C 354 26.53 -37.45 10.18
C ILE C 354 25.67 -37.77 8.97
N SER C 355 25.61 -39.05 8.59
CA SER C 355 24.94 -39.43 7.37
C SER C 355 24.30 -40.80 7.52
N ASN C 356 23.18 -40.99 6.82
CA ASN C 356 22.47 -42.26 6.70
C ASN C 356 22.04 -42.81 8.06
N CYS C 357 21.19 -42.04 8.74
CA CYS C 357 20.69 -42.43 10.05
C CYS C 357 19.33 -41.77 10.26
N VAL C 358 18.74 -41.99 11.43
CA VAL C 358 17.50 -41.35 11.82
C VAL C 358 17.76 -40.46 13.03
N ALA C 359 17.45 -39.17 12.88
CA ALA C 359 17.74 -38.18 13.93
C ALA C 359 16.68 -38.29 15.01
N ASP C 360 16.89 -39.25 15.91
CA ASP C 360 15.99 -39.50 17.03
C ASP C 360 16.68 -39.06 18.31
N TYR C 361 16.29 -37.90 18.82
CA TYR C 361 16.89 -37.35 20.04
C TYR C 361 16.34 -38.00 21.30
N SER C 362 15.33 -38.86 21.19
CA SER C 362 14.69 -39.44 22.37
C SER C 362 15.58 -40.45 23.07
N VAL C 363 16.62 -40.96 22.41
CA VAL C 363 17.50 -41.95 23.04
C VAL C 363 18.49 -41.33 24.00
N LEU C 364 18.60 -40.00 24.03
CA LEU C 364 19.52 -39.30 24.92
C LEU C 364 18.88 -38.91 26.24
N TYR C 365 17.58 -39.13 26.42
CA TYR C 365 16.91 -38.76 27.66
C TYR C 365 17.33 -39.65 28.82
N ASN C 366 17.84 -40.85 28.52
CA ASN C 366 18.19 -41.80 29.58
C ASN C 366 19.38 -41.33 30.39
N SER C 367 20.34 -40.68 29.75
CA SER C 367 21.62 -40.38 30.40
C SER C 367 21.89 -38.89 30.57
N THR C 368 21.84 -38.11 29.49
CA THR C 368 22.30 -36.72 29.51
C THR C 368 21.11 -35.77 29.50
N SER C 369 21.18 -34.74 30.31
CA SER C 369 20.22 -33.64 30.29
C SER C 369 20.94 -32.41 29.78
N PHE C 370 20.42 -31.83 28.70
CA PHE C 370 21.11 -30.76 28.00
C PHE C 370 20.89 -29.42 28.72
N SER C 371 22.00 -28.76 29.05
CA SER C 371 21.91 -27.46 29.72
C SER C 371 21.33 -26.40 28.79
N THR C 372 21.87 -26.31 27.56
CA THR C 372 21.33 -25.42 26.55
C THR C 372 21.04 -26.21 25.29
N PHE C 373 19.90 -25.91 24.67
CA PHE C 373 19.48 -26.54 23.41
C PHE C 373 18.79 -25.43 22.61
N LYS C 374 19.55 -24.77 21.75
CA LYS C 374 19.04 -23.69 20.93
C LYS C 374 19.03 -24.12 19.47
N CYS C 375 18.06 -23.64 18.70
CA CYS C 375 18.00 -24.01 17.30
C CYS C 375 17.67 -22.79 16.46
N TYR C 376 18.44 -22.59 15.40
CA TYR C 376 18.28 -21.46 14.49
C TYR C 376 17.87 -21.98 13.12
N GLY C 377 16.81 -21.40 12.57
CA GLY C 377 16.30 -21.79 11.27
C GLY C 377 15.26 -22.89 11.30
N VAL C 378 15.21 -23.68 12.37
CA VAL C 378 14.22 -24.73 12.54
C VAL C 378 13.68 -24.65 13.96
N SER C 379 12.52 -25.18 14.17
CA SER C 379 11.99 -25.21 15.51
C SER C 379 12.34 -26.53 16.19
N PRO C 380 12.54 -26.51 17.52
CA PRO C 380 12.86 -27.77 18.22
C PRO C 380 11.77 -28.80 18.14
N THR C 381 10.50 -28.41 18.11
CA THR C 381 9.41 -29.36 18.01
C THR C 381 9.19 -29.86 16.59
N LYS C 382 9.78 -29.21 15.59
CA LYS C 382 9.62 -29.61 14.20
C LYS C 382 10.81 -30.43 13.69
N LEU C 383 11.72 -30.83 14.58
CA LEU C 383 12.87 -31.61 14.15
C LEU C 383 12.48 -33.04 13.78
N ASN C 384 11.47 -33.59 14.44
CA ASN C 384 11.02 -34.95 14.15
C ASN C 384 10.30 -35.05 12.82
N ASP C 385 9.89 -33.92 12.23
CA ASP C 385 9.10 -33.91 11.01
C ASP C 385 9.94 -33.57 9.78
N LEU C 386 11.26 -33.50 9.93
CA LEU C 386 12.13 -32.95 8.90
C LEU C 386 13.17 -33.97 8.47
N CYS C 387 13.55 -33.91 7.20
CA CYS C 387 14.63 -34.71 6.63
C CYS C 387 15.70 -33.77 6.09
N PHE C 388 16.94 -34.01 6.47
CA PHE C 388 18.05 -33.14 6.11
C PHE C 388 18.94 -33.82 5.09
N THR C 389 20.02 -33.14 4.70
CA THR C 389 20.92 -33.66 3.67
C THR C 389 22.38 -33.73 4.09
N ASN C 390 22.91 -32.72 4.75
CA ASN C 390 24.35 -32.60 4.97
C ASN C 390 24.66 -32.19 6.41
N VAL C 391 24.10 -32.91 7.38
CA VAL C 391 24.29 -32.57 8.79
C VAL C 391 25.74 -32.77 9.19
N TYR C 392 26.33 -31.72 9.78
CA TYR C 392 27.66 -31.80 10.36
C TYR C 392 27.56 -31.64 11.86
N ALA C 393 28.52 -32.20 12.59
CA ALA C 393 28.51 -32.21 14.05
C ALA C 393 29.85 -31.73 14.59
N ASP C 394 29.96 -30.43 14.83
CA ASP C 394 31.09 -29.88 15.55
C ASP C 394 31.01 -30.28 17.02
N SER C 395 32.16 -30.50 17.64
CA SER C 395 32.16 -30.91 19.04
C SER C 395 33.41 -30.39 19.73
N PHE C 396 33.25 -29.82 20.92
CA PHE C 396 34.38 -29.31 21.68
C PHE C 396 33.98 -29.17 23.14
N VAL C 397 34.94 -28.72 23.96
CA VAL C 397 34.74 -28.53 25.39
C VAL C 397 35.11 -27.10 25.74
N VAL C 398 34.18 -26.37 26.37
CA VAL C 398 34.43 -25.04 26.89
C VAL C 398 34.04 -25.04 28.36
N ARG C 399 34.38 -23.96 29.05
CA ARG C 399 33.87 -23.76 30.40
C ARG C 399 32.43 -23.26 30.34
N GLY C 400 31.78 -23.23 31.51
CA GLY C 400 30.38 -22.86 31.56
C GLY C 400 30.13 -21.41 31.16
N ASP C 401 30.97 -20.49 31.63
CA ASP C 401 30.78 -19.06 31.39
C ASP C 401 30.87 -18.70 29.92
N GLU C 402 31.49 -19.55 29.10
CA GLU C 402 31.60 -19.30 27.67
C GLU C 402 30.56 -20.05 26.85
N VAL C 403 29.66 -20.81 27.49
CA VAL C 403 28.67 -21.57 26.75
C VAL C 403 27.71 -20.63 26.02
N ARG C 404 27.42 -19.48 26.61
CA ARG C 404 26.59 -18.47 25.96
C ARG C 404 27.27 -17.84 24.75
N GLN C 405 28.57 -18.04 24.56
CA GLN C 405 29.27 -17.46 23.43
C GLN C 405 29.08 -18.25 22.15
N ILE C 406 28.50 -19.45 22.21
CA ILE C 406 28.28 -20.27 21.01
C ILE C 406 26.92 -19.88 20.47
N ALA C 407 26.90 -18.79 19.71
CA ALA C 407 25.69 -18.24 19.11
C ALA C 407 26.11 -17.28 18.01
N PRO C 408 25.32 -17.16 16.94
CA PRO C 408 25.68 -16.22 15.87
C PRO C 408 25.57 -14.79 16.35
N GLY C 409 26.56 -13.98 15.98
CA GLY C 409 26.60 -12.59 16.38
C GLY C 409 27.20 -12.34 17.74
N GLN C 410 27.59 -13.37 18.47
CA GLN C 410 28.18 -13.19 19.78
C GLN C 410 29.66 -12.83 19.66
N THR C 411 30.18 -12.23 20.72
CA THR C 411 31.60 -11.91 20.81
C THR C 411 32.12 -12.32 22.17
N GLY C 412 33.44 -12.46 22.26
CA GLY C 412 34.08 -12.91 23.48
C GLY C 412 35.45 -13.47 23.18
N LYS C 413 35.82 -14.56 23.86
CA LYS C 413 37.10 -15.21 23.61
C LYS C 413 36.96 -16.44 22.73
N ILE C 414 35.93 -17.26 22.96
CA ILE C 414 35.68 -18.41 22.11
C ILE C 414 35.16 -17.96 20.75
N ALA C 415 34.27 -16.97 20.73
CA ALA C 415 33.64 -16.54 19.49
C ALA C 415 34.53 -15.63 18.65
N ASP C 416 35.68 -15.24 19.15
CA ASP C 416 36.60 -14.39 18.40
C ASP C 416 37.88 -15.09 17.98
N TYR C 417 38.42 -15.96 18.85
CA TYR C 417 39.70 -16.60 18.58
C TYR C 417 39.61 -18.10 18.39
N ASN C 418 38.49 -18.72 18.76
CA ASN C 418 38.40 -20.18 18.75
C ASN C 418 37.37 -20.72 17.79
N TYR C 419 36.13 -20.27 17.86
CA TYR C 419 35.06 -20.87 17.06
C TYR C 419 33.96 -19.84 16.86
N LYS C 420 33.75 -19.41 15.62
CA LYS C 420 32.76 -18.40 15.29
C LYS C 420 31.67 -19.00 14.43
N LEU C 421 30.42 -18.79 14.82
CA LEU C 421 29.27 -19.23 14.03
C LEU C 421 28.93 -18.18 12.98
N PRO C 422 28.51 -18.60 11.78
CA PRO C 422 28.12 -17.63 10.76
C PRO C 422 26.84 -16.91 11.13
N ASP C 423 26.66 -15.72 10.55
CA ASP C 423 25.51 -14.89 10.87
C ASP C 423 24.21 -15.45 10.31
N ASP C 424 24.28 -16.36 9.34
CA ASP C 424 23.10 -16.99 8.75
C ASP C 424 23.06 -18.47 9.08
N PHE C 425 23.34 -18.81 10.33
CA PHE C 425 23.39 -20.20 10.76
C PHE C 425 22.01 -20.85 10.70
N THR C 426 21.98 -22.10 10.24
CA THR C 426 20.78 -22.93 10.21
C THR C 426 21.18 -24.26 10.84
N GLY C 427 20.96 -24.37 12.14
CA GLY C 427 21.38 -25.56 12.85
C GLY C 427 20.86 -25.57 14.26
N CYS C 428 21.59 -26.27 15.13
CA CYS C 428 21.26 -26.33 16.54
C CYS C 428 22.55 -26.39 17.35
N VAL C 429 22.52 -25.77 18.52
CA VAL C 429 23.62 -25.77 19.46
C VAL C 429 23.16 -26.49 20.72
N ILE C 430 23.88 -27.53 21.11
CA ILE C 430 23.58 -28.32 22.29
C ILE C 430 24.79 -28.25 23.21
N ALA C 431 24.54 -28.04 24.50
CA ALA C 431 25.64 -28.03 25.45
C ALA C 431 25.15 -28.56 26.79
N TRP C 432 25.97 -29.38 27.42
CA TRP C 432 25.60 -29.95 28.70
C TRP C 432 26.80 -29.99 29.63
N ASN C 433 26.53 -29.95 30.93
CA ASN C 433 27.57 -30.02 31.93
C ASN C 433 28.23 -31.39 31.90
N SER C 434 29.56 -31.39 31.87
CA SER C 434 30.31 -32.65 31.80
C SER C 434 31.35 -32.72 32.89
N ASN C 435 31.01 -32.27 34.10
CA ASN C 435 31.84 -32.57 35.25
C ASN C 435 31.70 -34.04 35.59
N ASN C 436 32.68 -34.55 36.34
CA ASN C 436 32.96 -35.96 36.70
C ASN C 436 33.15 -36.86 35.48
N LEU C 437 33.25 -36.30 34.28
CA LEU C 437 33.63 -37.00 33.07
C LEU C 437 34.81 -36.36 32.36
N ASP C 438 34.86 -35.03 32.31
CA ASP C 438 35.93 -34.29 31.66
C ASP C 438 36.82 -33.57 32.66
N SER C 439 36.70 -33.90 33.94
CA SER C 439 37.52 -33.25 34.96
C SER C 439 37.79 -34.24 36.08
N LYS C 440 39.06 -34.37 36.45
CA LYS C 440 39.49 -35.28 37.50
C LYS C 440 40.21 -34.50 38.60
N VAL C 441 40.52 -35.20 39.69
CA VAL C 441 41.20 -34.59 40.82
C VAL C 441 42.63 -34.21 40.43
N GLY C 442 43.09 -33.08 40.94
CA GLY C 442 44.40 -32.57 40.61
C GLY C 442 44.46 -31.72 39.36
N GLY C 443 43.37 -31.62 38.61
CA GLY C 443 43.34 -30.77 37.44
C GLY C 443 43.41 -31.51 36.12
N ASN C 444 42.47 -31.23 35.22
CA ASN C 444 42.45 -31.79 33.87
C ASN C 444 42.95 -30.72 32.91
N TYR C 445 44.27 -30.60 32.82
CA TYR C 445 44.89 -29.62 31.92
C TYR C 445 45.14 -30.20 30.54
N ASN C 446 44.10 -30.77 29.93
CA ASN C 446 44.20 -31.36 28.60
C ASN C 446 43.44 -30.59 27.55
N TYR C 447 42.57 -29.67 27.92
CA TYR C 447 41.78 -28.89 26.98
C TYR C 447 42.41 -27.50 26.86
N LEU C 448 42.70 -27.09 25.63
CA LEU C 448 43.40 -25.85 25.36
C LEU C 448 42.47 -24.87 24.67
N TYR C 449 42.65 -23.58 24.96
CA TYR C 449 41.94 -22.53 24.25
C TYR C 449 42.94 -21.48 23.81
N ARG C 450 42.67 -20.88 22.65
CA ARG C 450 43.55 -19.84 22.13
C ARG C 450 43.21 -18.52 22.80
N LEU C 451 44.21 -17.90 23.42
CA LEU C 451 44.00 -16.67 24.16
C LEU C 451 44.34 -15.42 23.35
N PHE C 452 45.34 -15.50 22.48
CA PHE C 452 45.80 -14.37 21.68
C PHE C 452 45.73 -14.71 20.21
N ARG C 453 45.31 -13.74 19.40
CA ARG C 453 45.33 -13.89 17.96
C ARG C 453 45.49 -12.52 17.33
N LYS C 454 46.06 -12.51 16.11
CA LYS C 454 46.31 -11.26 15.41
C LYS C 454 45.03 -10.66 14.84
N SER C 455 44.01 -11.49 14.60
CA SER C 455 42.79 -11.02 13.97
C SER C 455 41.63 -11.90 14.41
N ASN C 456 40.42 -11.40 14.19
CA ASN C 456 39.23 -12.18 14.49
C ASN C 456 39.08 -13.33 13.52
N LEU C 457 38.43 -14.39 13.99
CA LEU C 457 38.23 -15.59 13.17
C LEU C 457 37.03 -15.41 12.26
N LYS C 458 37.19 -15.80 10.99
CA LYS C 458 36.06 -15.91 10.10
C LYS C 458 35.23 -17.13 10.49
N PRO C 459 33.94 -17.16 10.13
CA PRO C 459 33.08 -18.26 10.56
C PRO C 459 33.55 -19.62 10.06
N PHE C 460 33.43 -20.62 10.95
CA PHE C 460 33.77 -22.02 10.67
C PHE C 460 35.21 -22.19 10.22
N GLU C 461 36.11 -21.40 10.80
CA GLU C 461 37.53 -21.46 10.47
C GLU C 461 38.30 -21.97 11.67
N ARG C 462 39.24 -22.87 11.42
CA ARG C 462 40.06 -23.47 12.47
C ARG C 462 41.46 -22.88 12.42
N ASP C 463 41.97 -22.50 13.59
CA ASP C 463 43.33 -21.96 13.73
C ASP C 463 44.11 -22.90 14.64
N ILE C 464 44.75 -23.90 14.03
CA ILE C 464 45.49 -24.90 14.79
C ILE C 464 46.95 -24.51 14.98
N SER C 465 47.37 -23.36 14.45
CA SER C 465 48.76 -22.94 14.54
C SER C 465 49.12 -22.57 15.97
N THR C 466 50.43 -22.57 16.25
CA THR C 466 50.93 -22.38 17.61
C THR C 466 52.13 -21.44 17.63
N GLU C 467 52.23 -20.54 16.66
CA GLU C 467 53.32 -19.58 16.62
C GLU C 467 53.19 -18.57 17.75
N ILE C 468 54.33 -18.03 18.18
CA ILE C 468 54.36 -17.12 19.32
C ILE C 468 53.73 -15.79 18.95
N TYR C 469 52.79 -15.34 19.76
CA TYR C 469 52.09 -14.07 19.53
C TYR C 469 52.95 -12.93 20.05
N GLN C 470 53.16 -11.92 19.22
CA GLN C 470 53.91 -10.74 19.61
C GLN C 470 52.93 -9.67 20.08
N ALA C 471 53.06 -9.25 21.34
CA ALA C 471 52.16 -8.27 21.92
C ALA C 471 52.83 -6.93 22.20
N GLY C 472 54.15 -6.82 22.04
CA GLY C 472 54.83 -5.58 22.30
C GLY C 472 55.41 -4.95 21.06
N SER C 473 56.71 -4.66 21.09
CA SER C 473 57.40 -4.05 19.97
C SER C 473 58.43 -4.97 19.32
N THR C 474 59.28 -5.62 20.12
CA THR C 474 60.31 -6.49 19.56
C THR C 474 59.70 -7.79 19.05
N PRO C 475 60.25 -8.37 17.99
CA PRO C 475 59.79 -9.70 17.55
C PRO C 475 60.15 -10.82 18.50
N CYS C 476 61.16 -10.62 19.36
CA CYS C 476 61.60 -11.55 20.42
C CYS C 476 61.97 -12.93 19.88
N ASN C 477 62.31 -13.02 18.59
CA ASN C 477 62.80 -14.20 17.87
C ASN C 477 62.07 -15.51 18.17
N GLY C 478 60.77 -15.44 18.41
CA GLY C 478 59.97 -16.64 18.60
C GLY C 478 60.24 -17.44 19.85
N VAL C 479 60.49 -16.77 20.97
CA VAL C 479 60.59 -17.42 22.27
C VAL C 479 59.68 -16.68 23.25
N GLU C 480 59.34 -17.37 24.33
CA GLU C 480 58.48 -16.77 25.34
C GLU C 480 59.29 -15.77 26.18
N GLY C 481 58.57 -15.00 26.99
CA GLY C 481 59.21 -14.02 27.84
C GLY C 481 58.41 -12.75 28.02
N PHE C 482 59.04 -11.61 27.74
CA PHE C 482 58.41 -10.31 27.93
C PHE C 482 57.75 -9.86 26.64
N ASN C 483 56.50 -9.44 26.74
CA ASN C 483 55.71 -8.83 25.65
C ASN C 483 55.48 -9.77 24.47
N CYS C 484 55.71 -11.07 24.64
CA CYS C 484 55.35 -12.05 23.64
C CYS C 484 55.07 -13.37 24.34
N TYR C 485 53.89 -13.94 24.09
CA TYR C 485 53.36 -15.04 24.88
C TYR C 485 52.97 -16.21 23.99
N PHE C 486 52.87 -17.37 24.62
CA PHE C 486 52.31 -18.54 23.96
C PHE C 486 50.81 -18.32 23.71
N PRO C 487 50.32 -18.69 22.53
CA PRO C 487 48.91 -18.37 22.22
C PRO C 487 47.91 -19.26 22.92
N LEU C 488 48.22 -20.55 23.08
CA LEU C 488 47.30 -21.49 23.70
C LEU C 488 47.50 -21.54 25.20
N LYS C 489 46.39 -21.65 25.94
CA LYS C 489 46.43 -21.77 27.39
C LYS C 489 45.51 -22.91 27.81
N SER C 490 45.91 -23.63 28.85
CA SER C 490 45.18 -24.81 29.27
C SER C 490 44.06 -24.45 30.24
N TYR C 491 42.94 -25.14 30.11
CA TYR C 491 41.85 -25.00 31.07
C TYR C 491 42.23 -25.60 32.41
N GLY C 492 41.62 -25.08 33.46
CA GLY C 492 41.96 -25.48 34.81
C GLY C 492 40.85 -26.26 35.50
N PHE C 493 40.26 -27.22 34.79
CA PHE C 493 39.11 -27.95 35.30
C PHE C 493 39.46 -28.76 36.53
N HIS C 494 38.67 -28.58 37.58
CA HIS C 494 38.79 -29.29 38.85
C HIS C 494 37.42 -29.78 39.27
N PRO C 495 37.35 -30.89 40.01
CA PRO C 495 36.03 -31.38 40.46
C PRO C 495 35.34 -30.48 41.46
N THR C 496 36.09 -29.61 42.15
CA THR C 496 35.52 -28.68 43.11
C THR C 496 35.36 -27.27 42.55
N ASN C 497 35.50 -27.11 41.24
CA ASN C 497 35.37 -25.79 40.62
C ASN C 497 33.90 -25.36 40.64
N GLY C 498 33.71 -24.05 40.47
CA GLY C 498 32.37 -23.52 40.32
C GLY C 498 31.77 -23.86 38.98
N VAL C 499 30.48 -23.59 38.84
CA VAL C 499 29.75 -23.92 37.62
C VAL C 499 30.28 -23.11 36.44
N GLY C 500 30.69 -21.87 36.70
CA GLY C 500 31.32 -21.07 35.66
C GLY C 500 32.69 -21.57 35.24
N TYR C 501 33.32 -22.40 36.06
CA TYR C 501 34.63 -22.96 35.77
C TYR C 501 34.57 -24.46 35.52
N GLN C 502 33.39 -25.06 35.56
CA GLN C 502 33.22 -26.47 35.29
C GLN C 502 33.24 -26.73 33.79
N PRO C 503 33.73 -27.89 33.35
CA PRO C 503 33.78 -28.18 31.91
C PRO C 503 32.39 -28.47 31.36
N TYR C 504 32.10 -27.90 30.21
CA TYR C 504 30.87 -28.17 29.47
C TYR C 504 31.23 -28.76 28.12
N ARG C 505 30.35 -29.61 27.60
CA ARG C 505 30.53 -30.21 26.29
C ARG C 505 29.52 -29.62 25.32
N VAL C 506 30.00 -29.19 24.15
CA VAL C 506 29.19 -28.49 23.16
C VAL C 506 29.26 -29.26 21.85
N VAL C 507 28.08 -29.53 21.29
CA VAL C 507 27.93 -30.13 19.97
C VAL C 507 27.06 -29.20 19.14
N VAL C 508 27.57 -28.80 17.98
CA VAL C 508 26.86 -27.90 17.06
C VAL C 508 26.51 -28.68 15.81
N LEU C 509 25.22 -28.84 15.56
CA LEU C 509 24.73 -29.53 14.38
C LEU C 509 24.37 -28.53 13.30
N SER C 510 24.83 -28.78 12.08
CA SER C 510 24.57 -27.91 10.94
C SER C 510 23.75 -28.66 9.92
N PHE C 511 22.65 -28.04 9.48
CA PHE C 511 21.69 -28.63 8.57
C PHE C 511 21.75 -27.87 7.25
N GLU C 512 21.30 -28.51 6.17
CA GLU C 512 21.27 -27.79 4.89
C GLU C 512 19.90 -27.66 4.26
N LEU C 513 19.12 -28.74 4.18
CA LEU C 513 17.75 -28.74 3.61
C LEU C 513 17.73 -28.27 2.16
N LEU C 514 18.41 -29.04 1.31
CA LEU C 514 18.53 -28.72 -0.10
C LEU C 514 17.57 -29.56 -0.93
N ASN C 515 17.68 -29.43 -2.25
CA ASN C 515 16.93 -30.27 -3.19
C ASN C 515 17.76 -31.48 -3.59
N ALA C 516 18.16 -32.24 -2.57
CA ALA C 516 19.00 -33.41 -2.67
C ALA C 516 18.29 -34.56 -2.00
N PRO C 517 18.66 -35.81 -2.31
CA PRO C 517 18.06 -36.96 -1.61
C PRO C 517 18.31 -36.88 -0.11
N ALA C 518 17.29 -37.27 0.65
CA ALA C 518 17.34 -37.14 2.10
C ALA C 518 18.35 -38.12 2.68
N THR C 519 19.20 -37.63 3.55
CA THR C 519 20.27 -38.42 4.15
C THR C 519 19.95 -38.84 5.57
N VAL C 520 19.42 -37.93 6.38
CA VAL C 520 19.00 -38.22 7.75
C VAL C 520 17.54 -37.77 7.89
N CYS C 521 16.76 -38.58 8.61
CA CYS C 521 15.33 -38.34 8.75
C CYS C 521 14.96 -38.28 10.22
N GLY C 522 13.75 -37.80 10.49
CA GLY C 522 13.20 -37.86 11.82
C GLY C 522 12.67 -39.24 12.12
N PRO C 523 12.22 -39.43 13.36
CA PRO C 523 11.69 -40.73 13.78
C PRO C 523 10.24 -40.99 13.38
N LYS C 524 9.67 -40.20 12.46
CA LYS C 524 8.31 -40.44 12.02
C LYS C 524 8.22 -41.72 11.18
N LYS C 525 7.15 -42.48 11.39
CA LYS C 525 6.90 -43.68 10.62
C LYS C 525 6.12 -43.34 9.36
N SER C 526 6.50 -43.98 8.26
CA SER C 526 5.85 -43.70 7.00
C SER C 526 4.44 -44.30 6.97
N THR C 527 3.59 -43.72 6.13
CA THR C 527 2.23 -44.18 5.95
C THR C 527 2.05 -44.66 4.51
N ASN C 528 0.81 -45.00 4.17
CA ASN C 528 0.49 -45.57 2.86
C ASN C 528 0.02 -44.46 1.93
N LEU C 529 0.61 -44.42 0.74
CA LEU C 529 0.30 -43.36 -0.23
C LEU C 529 -1.07 -43.59 -0.85
N ILE C 530 -1.87 -42.52 -0.91
CA ILE C 530 -3.15 -42.55 -1.61
C ILE C 530 -3.17 -41.40 -2.61
N LYS C 531 -3.83 -41.64 -3.74
CA LYS C 531 -3.85 -40.71 -4.85
C LYS C 531 -5.27 -40.27 -5.16
N ASN C 532 -5.37 -39.17 -5.92
CA ASN C 532 -6.64 -38.60 -6.39
C ASN C 532 -7.57 -38.27 -5.22
N LYS C 533 -7.00 -37.71 -4.16
CA LYS C 533 -7.78 -37.36 -2.97
C LYS C 533 -7.09 -36.20 -2.27
N CYS C 534 -7.89 -35.30 -1.72
CA CYS C 534 -7.36 -34.11 -1.04
C CYS C 534 -6.72 -34.53 0.28
N VAL C 535 -5.38 -34.50 0.33
CA VAL C 535 -4.66 -34.95 1.50
C VAL C 535 -3.59 -33.93 1.88
N ASN C 536 -3.18 -34.00 3.14
CA ASN C 536 -1.97 -33.35 3.62
C ASN C 536 -0.82 -34.32 3.48
N PHE C 537 0.20 -33.93 2.73
CA PHE C 537 1.33 -34.80 2.43
C PHE C 537 2.60 -34.26 3.07
N ASN C 538 3.48 -35.17 3.46
CA ASN C 538 4.76 -34.85 4.07
C ASN C 538 5.83 -35.68 3.37
N PHE C 539 6.35 -35.16 2.27
CA PHE C 539 7.40 -35.83 1.49
C PHE C 539 8.74 -35.20 1.84
N ASN C 540 9.58 -35.95 2.57
CA ASN C 540 10.92 -35.51 2.97
C ASN C 540 10.89 -34.22 3.78
N GLY C 541 9.83 -33.99 4.54
CA GLY C 541 9.69 -32.75 5.26
C GLY C 541 9.07 -31.61 4.50
N LEU C 542 8.34 -31.89 3.42
CA LEU C 542 7.62 -30.87 2.66
C LEU C 542 6.14 -30.99 3.03
N THR C 543 5.74 -30.31 4.10
CA THR C 543 4.36 -30.37 4.57
C THR C 543 3.50 -29.51 3.66
N GLY C 544 2.80 -30.16 2.73
CA GLY C 544 1.91 -29.49 1.81
C GLY C 544 0.51 -30.09 1.85
N THR C 545 -0.37 -29.49 1.05
CA THR C 545 -1.76 -29.92 0.97
C THR C 545 -2.22 -29.88 -0.48
N GLY C 546 -2.84 -30.96 -0.93
CA GLY C 546 -3.31 -30.99 -2.31
C GLY C 546 -3.72 -32.39 -2.70
N VAL C 547 -3.88 -32.60 -4.01
CA VAL C 547 -4.15 -33.93 -4.53
C VAL C 547 -2.94 -34.41 -5.30
N LEU C 548 -2.68 -35.72 -5.21
CA LEU C 548 -1.51 -36.36 -5.79
C LEU C 548 -1.94 -37.22 -6.96
N THR C 549 -1.35 -36.98 -8.13
CA THR C 549 -1.67 -37.69 -9.35
C THR C 549 -0.38 -38.25 -9.95
N GLU C 550 -0.46 -39.47 -10.47
CA GLU C 550 0.68 -40.05 -11.18
C GLU C 550 0.91 -39.28 -12.48
N SER C 551 2.16 -38.92 -12.74
CA SER C 551 2.52 -38.20 -13.94
C SER C 551 3.94 -38.60 -14.33
N ASN C 552 4.51 -37.87 -15.29
CA ASN C 552 5.87 -38.10 -15.76
C ASN C 552 6.48 -36.78 -16.21
N LYS C 553 7.23 -36.15 -15.30
CA LYS C 553 7.89 -34.89 -15.59
C LYS C 553 9.40 -35.05 -15.77
N LYS C 554 9.92 -36.27 -15.64
CA LYS C 554 11.30 -36.62 -15.94
C LYS C 554 12.29 -35.80 -15.11
N PHE C 555 12.25 -36.04 -13.80
CA PHE C 555 13.18 -35.38 -12.90
C PHE C 555 14.60 -35.86 -13.14
N LEU C 556 15.56 -35.04 -12.72
CA LEU C 556 16.94 -35.46 -12.68
C LEU C 556 17.13 -36.53 -11.61
N PRO C 557 18.15 -37.40 -11.73
CA PRO C 557 18.34 -38.45 -10.72
C PRO C 557 18.60 -37.92 -9.31
N PHE C 558 19.30 -36.79 -9.18
CA PHE C 558 19.52 -36.17 -7.89
C PHE C 558 18.53 -35.04 -7.65
N GLN C 559 17.25 -35.40 -7.59
CA GLN C 559 16.17 -34.45 -7.39
C GLN C 559 15.10 -35.07 -6.51
N GLN C 560 14.37 -34.21 -5.80
CA GLN C 560 13.30 -34.69 -4.93
C GLN C 560 11.99 -33.99 -5.24
N PHE C 561 12.06 -32.72 -5.66
CA PHE C 561 10.85 -31.99 -5.99
C PHE C 561 11.17 -31.00 -7.10
N GLY C 562 10.12 -30.58 -7.80
CA GLY C 562 10.25 -29.61 -8.88
C GLY C 562 9.23 -28.52 -8.72
N ARG C 563 9.69 -27.27 -8.85
CA ARG C 563 8.91 -26.07 -8.64
C ARG C 563 8.19 -25.69 -9.93
N ASP C 564 7.63 -24.49 -9.95
CA ASP C 564 7.06 -23.90 -11.15
C ASP C 564 7.39 -22.41 -11.13
N ILE C 565 6.71 -21.64 -11.98
CA ILE C 565 7.00 -20.20 -12.09
C ILE C 565 6.48 -19.40 -10.90
N ALA C 566 5.62 -19.98 -10.07
CA ALA C 566 5.12 -19.32 -8.88
C ALA C 566 5.84 -19.77 -7.61
N ASP C 567 6.92 -20.54 -7.75
CA ASP C 567 7.70 -21.09 -6.63
C ASP C 567 6.83 -21.92 -5.69
N THR C 568 5.91 -22.67 -6.25
CA THR C 568 5.13 -23.66 -5.51
C THR C 568 5.59 -25.05 -5.91
N THR C 569 5.31 -26.03 -5.05
CA THR C 569 5.74 -27.39 -5.34
C THR C 569 4.89 -27.98 -6.45
N ASP C 570 5.39 -27.92 -7.69
CA ASP C 570 4.63 -28.43 -8.82
C ASP C 570 4.59 -29.95 -8.80
N ALA C 571 5.70 -30.61 -8.48
CA ALA C 571 5.72 -32.06 -8.45
C ALA C 571 6.74 -32.52 -7.43
N VAL C 572 6.59 -33.76 -6.96
CA VAL C 572 7.47 -34.33 -5.96
C VAL C 572 7.83 -35.74 -6.36
N ARG C 573 8.99 -36.21 -5.89
CA ARG C 573 9.44 -37.58 -6.07
C ARG C 573 9.09 -38.37 -4.82
N ASP C 574 8.50 -39.53 -5.01
CA ASP C 574 8.20 -40.41 -3.88
C ASP C 574 9.51 -40.94 -3.30
N PRO C 575 9.74 -40.81 -1.99
CA PRO C 575 11.03 -41.23 -1.43
C PRO C 575 11.20 -42.73 -1.34
N GLN C 576 10.13 -43.51 -1.46
CA GLN C 576 10.21 -44.95 -1.30
C GLN C 576 10.12 -45.72 -2.62
N THR C 577 9.20 -45.35 -3.50
CA THR C 577 9.05 -46.02 -4.78
C THR C 577 9.76 -45.31 -5.92
N LEU C 578 10.37 -44.14 -5.66
CA LEU C 578 11.06 -43.32 -6.66
C LEU C 578 10.15 -42.97 -7.83
N GLU C 579 8.88 -42.74 -7.55
CA GLU C 579 7.87 -42.44 -8.55
C GLU C 579 7.57 -40.95 -8.51
N ILE C 580 7.58 -40.31 -9.69
CA ILE C 580 7.39 -38.87 -9.77
C ILE C 580 5.90 -38.58 -9.69
N LEU C 581 5.45 -38.08 -8.54
CA LEU C 581 4.06 -37.72 -8.37
C LEU C 581 3.82 -36.31 -8.92
N ASP C 582 2.60 -35.82 -8.74
CA ASP C 582 2.22 -34.50 -9.25
C ASP C 582 1.21 -33.89 -8.30
N ILE C 583 1.53 -32.71 -7.78
CA ILE C 583 0.65 -32.03 -6.83
C ILE C 583 -0.24 -31.06 -7.60
N THR C 584 -1.54 -31.22 -7.47
CA THR C 584 -2.51 -30.26 -7.98
C THR C 584 -3.24 -29.63 -6.81
N PRO C 585 -3.47 -28.31 -6.84
CA PRO C 585 -4.18 -27.65 -5.74
C PRO C 585 -5.58 -28.23 -5.54
N CYS C 586 -5.98 -28.33 -4.27
CA CYS C 586 -7.22 -29.01 -3.92
C CYS C 586 -8.44 -28.20 -4.32
N SER C 587 -8.32 -26.89 -4.30
CA SER C 587 -9.44 -26.00 -4.57
C SER C 587 -9.53 -25.62 -6.04
N PHE C 588 -10.71 -25.17 -6.44
CA PHE C 588 -11.03 -24.88 -7.84
C PHE C 588 -11.75 -23.53 -7.93
N GLY C 589 -11.10 -22.48 -7.41
CA GLY C 589 -11.58 -21.13 -7.66
C GLY C 589 -11.73 -20.85 -9.14
N GLY C 590 -12.93 -20.41 -9.55
CA GLY C 590 -13.29 -20.39 -10.94
C GLY C 590 -14.71 -20.90 -11.10
N VAL C 591 -15.37 -21.12 -9.98
CA VAL C 591 -16.77 -21.52 -9.93
C VAL C 591 -17.63 -20.29 -9.64
N SER C 592 -18.79 -20.22 -10.28
CA SER C 592 -19.73 -19.13 -10.07
C SER C 592 -21.08 -19.68 -9.66
N VAL C 593 -21.79 -18.91 -8.84
CA VAL C 593 -23.12 -19.28 -8.36
C VAL C 593 -24.11 -18.28 -8.91
N ILE C 594 -25.11 -18.77 -9.65
CA ILE C 594 -26.15 -17.95 -10.25
C ILE C 594 -27.41 -18.13 -9.43
N THR C 595 -27.94 -17.03 -8.90
CA THR C 595 -29.09 -17.14 -8.03
C THR C 595 -30.08 -16.02 -8.31
N PRO C 596 -31.37 -16.26 -8.08
CA PRO C 596 -32.30 -15.15 -7.89
C PRO C 596 -32.17 -14.59 -6.49
N GLY C 597 -33.08 -13.70 -6.09
CA GLY C 597 -33.02 -13.15 -4.75
C GLY C 597 -33.24 -14.20 -3.68
N THR C 598 -32.76 -13.89 -2.48
CA THR C 598 -32.93 -14.81 -1.35
C THR C 598 -34.40 -14.96 -1.00
N ASN C 599 -35.17 -13.87 -1.10
CA ASN C 599 -36.62 -13.96 -0.93
C ASN C 599 -37.30 -14.21 -2.26
N ALA C 600 -36.78 -15.15 -3.02
CA ALA C 600 -37.47 -15.70 -4.18
C ALA C 600 -37.46 -17.23 -4.18
N SER C 601 -36.33 -17.84 -3.81
CA SER C 601 -36.14 -19.29 -3.78
C SER C 601 -34.77 -19.59 -3.19
N ASN C 602 -34.64 -20.76 -2.58
CA ASN C 602 -33.33 -21.30 -2.26
C ASN C 602 -32.83 -22.24 -3.36
N GLN C 603 -32.85 -21.76 -4.60
CA GLN C 603 -32.43 -22.53 -5.75
C GLN C 603 -31.31 -21.79 -6.46
N VAL C 604 -30.24 -22.50 -6.79
CA VAL C 604 -29.08 -21.91 -7.44
C VAL C 604 -28.67 -22.78 -8.62
N ALA C 605 -28.01 -22.15 -9.57
CA ALA C 605 -27.32 -22.84 -10.64
C ALA C 605 -25.82 -22.63 -10.47
N VAL C 606 -25.03 -23.59 -10.92
CA VAL C 606 -23.59 -23.57 -10.71
C VAL C 606 -22.91 -23.56 -12.06
N LEU C 607 -22.05 -22.57 -12.29
CA LEU C 607 -21.29 -22.48 -13.53
C LEU C 607 -19.84 -22.82 -13.23
N TYR C 608 -19.32 -23.85 -13.89
CA TYR C 608 -17.90 -24.18 -13.80
C TYR C 608 -17.23 -23.71 -15.07
N GLN C 609 -16.14 -22.97 -14.93
CA GLN C 609 -15.56 -22.21 -16.04
C GLN C 609 -14.47 -23.02 -16.73
N ASP C 610 -14.55 -23.04 -18.07
CA ASP C 610 -13.56 -23.64 -18.95
C ASP C 610 -13.31 -25.12 -18.65
N VAL C 611 -14.36 -25.87 -18.33
CA VAL C 611 -14.22 -27.30 -18.08
C VAL C 611 -15.15 -28.07 -19.00
N ASN C 612 -14.78 -29.32 -19.25
CA ASN C 612 -15.69 -30.30 -19.83
C ASN C 612 -16.50 -30.90 -18.70
N CYS C 613 -17.77 -31.20 -18.97
CA CYS C 613 -18.66 -31.59 -17.87
C CYS C 613 -18.33 -32.98 -17.33
N THR C 614 -17.88 -33.89 -18.19
CA THR C 614 -17.57 -35.24 -17.75
C THR C 614 -16.40 -35.28 -16.78
N GLU C 615 -15.54 -34.27 -16.77
CA GLU C 615 -14.46 -34.17 -15.80
C GLU C 615 -14.77 -33.17 -14.69
N VAL C 616 -16.03 -32.74 -14.57
CA VAL C 616 -16.44 -31.92 -13.42
C VAL C 616 -16.28 -32.66 -12.08
N PRO C 617 -16.72 -33.93 -11.93
CA PRO C 617 -16.49 -34.61 -10.64
C PRO C 617 -15.02 -34.82 -10.28
N VAL C 618 -14.11 -34.85 -11.26
CA VAL C 618 -12.69 -35.00 -10.94
C VAL C 618 -11.97 -33.66 -10.91
N ALA C 619 -12.66 -32.56 -11.24
CA ALA C 619 -12.12 -31.23 -11.04
C ALA C 619 -12.63 -30.56 -9.78
N ILE C 620 -13.78 -30.99 -9.28
CA ILE C 620 -14.33 -30.49 -8.03
C ILE C 620 -13.97 -31.42 -6.87
N HIS C 621 -13.60 -32.67 -7.16
CA HIS C 621 -13.47 -33.76 -6.18
C HIS C 621 -14.78 -33.94 -5.42
N ALA C 622 -15.81 -34.33 -6.18
CA ALA C 622 -17.16 -34.48 -5.64
C ALA C 622 -17.30 -35.68 -4.73
N ASP C 623 -16.31 -36.58 -4.69
CA ASP C 623 -16.37 -37.70 -3.77
C ASP C 623 -16.22 -37.26 -2.31
N GLN C 624 -15.47 -36.18 -2.08
CA GLN C 624 -15.20 -35.70 -0.74
C GLN C 624 -16.16 -34.61 -0.28
N LEU C 625 -17.14 -34.25 -1.09
CA LEU C 625 -18.07 -33.18 -0.74
C LEU C 625 -19.28 -33.74 -0.01
N THR C 626 -20.11 -32.82 0.47
CA THR C 626 -21.42 -33.18 0.98
C THR C 626 -22.30 -33.63 -0.17
N PRO C 627 -23.32 -34.47 0.10
CA PRO C 627 -24.25 -34.86 -0.97
C PRO C 627 -24.99 -33.70 -1.60
N THR C 628 -25.20 -32.62 -0.85
CA THR C 628 -25.90 -31.46 -1.40
C THR C 628 -25.05 -30.73 -2.43
N TRP C 629 -23.72 -30.79 -2.30
CA TRP C 629 -22.85 -30.42 -3.42
C TRP C 629 -22.84 -31.48 -4.51
N ARG C 630 -22.86 -32.76 -4.13
CA ARG C 630 -22.72 -33.82 -5.11
C ARG C 630 -23.91 -33.93 -6.05
N VAL C 631 -25.06 -33.38 -5.67
CA VAL C 631 -26.18 -33.31 -6.62
C VAL C 631 -25.96 -32.20 -7.64
N TYR C 632 -25.09 -31.24 -7.33
CA TYR C 632 -24.80 -30.12 -8.23
C TYR C 632 -23.61 -30.37 -9.14
N SER C 633 -23.00 -31.54 -9.07
CA SER C 633 -21.87 -31.87 -9.95
C SER C 633 -22.29 -32.66 -11.18
N THR C 634 -23.28 -33.54 -11.05
CA THR C 634 -23.84 -34.27 -12.18
C THR C 634 -25.36 -34.20 -12.11
N GLY C 635 -26.00 -34.49 -13.23
CA GLY C 635 -27.45 -34.50 -13.27
C GLY C 635 -27.95 -34.46 -14.70
N SER C 636 -29.26 -34.25 -14.82
CA SER C 636 -29.92 -34.13 -16.11
C SER C 636 -30.06 -32.68 -16.56
N ASN C 637 -29.57 -31.73 -15.78
CA ASN C 637 -29.64 -30.31 -16.12
C ASN C 637 -28.30 -29.77 -16.58
N VAL C 638 -27.40 -30.64 -17.03
CA VAL C 638 -26.08 -30.23 -17.49
C VAL C 638 -26.23 -29.57 -18.85
N PHE C 639 -25.70 -28.35 -18.98
CA PHE C 639 -25.74 -27.61 -20.24
C PHE C 639 -24.35 -27.09 -20.54
N GLN C 640 -23.78 -27.54 -21.65
CA GLN C 640 -22.41 -27.20 -22.02
C GLN C 640 -22.42 -25.89 -22.80
N THR C 641 -21.87 -24.84 -22.20
CA THR C 641 -21.73 -23.55 -22.83
C THR C 641 -20.29 -23.34 -23.29
N ARG C 642 -19.99 -22.14 -23.78
CA ARG C 642 -18.64 -21.79 -24.20
C ARG C 642 -17.80 -21.24 -23.05
N ALA C 643 -18.35 -21.19 -21.85
CA ALA C 643 -17.66 -20.72 -20.65
C ALA C 643 -17.63 -21.82 -19.60
N GLY C 644 -17.32 -23.04 -20.03
CA GLY C 644 -17.40 -24.19 -19.16
C GLY C 644 -18.76 -24.86 -19.31
N CYS C 645 -19.37 -25.28 -18.22
CA CYS C 645 -20.76 -25.70 -18.31
C CYS C 645 -21.51 -25.42 -17.02
N LEU C 646 -22.83 -25.45 -17.15
CA LEU C 646 -23.75 -24.99 -16.13
C LEU C 646 -24.64 -26.14 -15.70
N ILE C 647 -24.74 -26.35 -14.39
CA ILE C 647 -25.53 -27.43 -13.80
C ILE C 647 -26.55 -26.82 -12.86
N GLY C 648 -27.82 -27.21 -13.03
CA GLY C 648 -28.89 -26.71 -12.19
C GLY C 648 -29.88 -25.82 -12.90
N ALA C 649 -29.69 -25.56 -14.19
CA ALA C 649 -30.62 -24.75 -14.97
C ALA C 649 -30.86 -25.43 -16.30
N GLU C 650 -32.12 -25.71 -16.61
CA GLU C 650 -32.45 -26.35 -17.88
C GLU C 650 -32.29 -25.36 -19.02
N HIS C 651 -31.88 -25.89 -20.17
CA HIS C 651 -31.59 -25.08 -21.35
C HIS C 651 -32.79 -25.11 -22.29
N VAL C 652 -33.26 -23.94 -22.69
CA VAL C 652 -34.38 -23.81 -23.61
C VAL C 652 -33.88 -23.27 -24.94
N ASN C 653 -34.56 -23.67 -26.01
CA ASN C 653 -34.21 -23.19 -27.34
C ASN C 653 -34.79 -21.83 -27.65
N ASN C 654 -35.65 -21.29 -26.79
CA ASN C 654 -36.19 -19.96 -26.97
C ASN C 654 -35.12 -18.91 -26.67
N SER C 655 -35.38 -17.68 -27.11
CA SER C 655 -34.49 -16.56 -26.88
C SER C 655 -35.27 -15.42 -26.24
N TYR C 656 -34.67 -14.79 -25.24
CA TYR C 656 -35.31 -13.70 -24.52
C TYR C 656 -34.26 -12.64 -24.20
N GLU C 657 -34.74 -11.43 -23.93
CA GLU C 657 -33.90 -10.45 -23.26
C GLU C 657 -33.62 -10.94 -21.85
N CYS C 658 -32.34 -10.87 -21.45
CA CYS C 658 -31.89 -11.66 -20.33
C CYS C 658 -31.64 -10.81 -19.09
N ASP C 659 -31.84 -11.43 -17.93
CA ASP C 659 -31.69 -10.78 -16.63
C ASP C 659 -30.29 -11.01 -16.05
N ILE C 660 -29.93 -12.27 -15.82
CA ILE C 660 -28.65 -12.63 -15.22
C ILE C 660 -27.69 -13.01 -16.35
N PRO C 661 -26.62 -12.25 -16.57
CA PRO C 661 -25.67 -12.61 -17.64
C PRO C 661 -24.67 -13.64 -17.16
N ILE C 662 -24.69 -14.82 -17.77
CA ILE C 662 -23.67 -15.83 -17.47
C ILE C 662 -22.41 -15.56 -18.27
N GLY C 663 -22.55 -15.35 -19.57
CA GLY C 663 -21.40 -15.10 -20.42
C GLY C 663 -21.44 -15.89 -21.70
N ALA C 664 -20.60 -15.50 -22.67
CA ALA C 664 -20.50 -16.14 -23.98
C ALA C 664 -21.85 -16.20 -24.69
N GLY C 665 -22.65 -15.15 -24.52
CA GLY C 665 -23.96 -15.10 -25.13
C GLY C 665 -25.04 -15.87 -24.39
N ILE C 666 -24.72 -16.52 -23.28
CA ILE C 666 -25.68 -17.31 -22.52
C ILE C 666 -26.09 -16.52 -21.30
N CYS C 667 -27.39 -16.43 -21.05
CA CYS C 667 -27.96 -15.76 -19.90
C CYS C 667 -28.87 -16.72 -19.16
N ALA C 668 -29.27 -16.33 -17.95
CA ALA C 668 -30.16 -17.13 -17.13
C ALA C 668 -31.25 -16.25 -16.53
N SER C 669 -32.37 -16.88 -16.20
CA SER C 669 -33.49 -16.19 -15.60
C SER C 669 -34.25 -17.17 -14.72
N TYR C 670 -35.11 -16.62 -13.87
CA TYR C 670 -35.91 -17.42 -12.92
C TYR C 670 -37.36 -17.33 -13.37
N GLN C 671 -37.85 -18.38 -14.02
CA GLN C 671 -39.16 -18.33 -14.65
C GLN C 671 -40.05 -19.48 -14.20
N THR C 672 -41.21 -19.62 -14.84
CA THR C 672 -42.16 -20.68 -14.51
C THR C 672 -42.03 -21.85 -15.49
N SER C 681 -42.45 -26.29 -11.18
CA SER C 681 -43.03 -24.96 -11.40
C SER C 681 -41.93 -23.94 -11.70
N GLN C 682 -41.56 -23.17 -10.68
CA GLN C 682 -40.51 -22.18 -10.84
C GLN C 682 -39.15 -22.85 -10.97
N SER C 683 -38.35 -22.40 -11.93
CA SER C 683 -37.03 -22.97 -12.15
C SER C 683 -36.15 -21.95 -12.84
N ILE C 684 -34.84 -22.19 -12.78
CA ILE C 684 -33.86 -21.37 -13.47
C ILE C 684 -33.68 -21.92 -14.88
N ILE C 685 -33.78 -21.03 -15.87
CA ILE C 685 -33.62 -21.42 -17.27
C ILE C 685 -32.47 -20.62 -17.88
N ALA C 686 -31.68 -21.29 -18.70
CA ALA C 686 -30.56 -20.70 -19.41
C ALA C 686 -30.87 -20.68 -20.90
N TYR C 687 -30.49 -19.59 -21.56
CA TYR C 687 -30.84 -19.41 -22.96
C TYR C 687 -29.85 -18.48 -23.63
N THR C 688 -29.83 -18.54 -24.96
CA THR C 688 -29.07 -17.59 -25.75
C THR C 688 -29.78 -16.24 -25.73
N MET C 689 -29.04 -15.18 -25.40
CA MET C 689 -29.63 -13.85 -25.29
C MET C 689 -30.08 -13.34 -26.65
N SER C 690 -31.26 -12.75 -26.69
CA SER C 690 -31.82 -12.20 -27.92
C SER C 690 -31.27 -10.79 -28.12
N LEU C 691 -30.66 -10.55 -29.29
CA LEU C 691 -30.13 -9.23 -29.60
C LEU C 691 -31.25 -8.22 -29.82
N GLY C 692 -32.33 -8.62 -30.46
CA GLY C 692 -33.45 -7.74 -30.68
C GLY C 692 -34.37 -8.31 -31.75
N ALA C 693 -35.33 -7.48 -32.14
CA ALA C 693 -36.32 -7.90 -33.12
C ALA C 693 -35.72 -7.88 -34.52
N GLU C 694 -35.92 -8.98 -35.25
CA GLU C 694 -35.48 -9.07 -36.64
C GLU C 694 -36.42 -8.23 -37.51
N ASN C 695 -35.85 -7.36 -38.35
CA ASN C 695 -36.65 -6.45 -39.17
C ASN C 695 -35.86 -6.15 -40.45
N SER C 696 -36.25 -6.78 -41.55
CA SER C 696 -35.60 -6.54 -42.83
C SER C 696 -36.32 -5.39 -43.54
N VAL C 697 -35.60 -4.30 -43.77
CA VAL C 697 -36.18 -3.12 -44.41
C VAL C 697 -36.23 -3.34 -45.92
N ALA C 698 -37.32 -2.91 -46.53
CA ALA C 698 -37.44 -2.96 -47.98
C ALA C 698 -36.51 -1.94 -48.62
N TYR C 699 -36.07 -2.25 -49.84
CA TYR C 699 -35.17 -1.36 -50.55
C TYR C 699 -35.37 -1.54 -52.05
N SER C 700 -35.31 -0.42 -52.77
CA SER C 700 -35.37 -0.42 -54.23
C SER C 700 -34.69 0.85 -54.72
N ASN C 701 -34.30 0.83 -55.98
CA ASN C 701 -33.56 1.97 -56.54
C ASN C 701 -34.44 3.16 -56.87
N ASN C 702 -35.77 3.01 -56.82
CA ASN C 702 -36.68 4.11 -57.13
C ASN C 702 -37.83 4.15 -56.13
N SER C 703 -37.55 3.84 -54.87
CA SER C 703 -38.57 3.86 -53.83
C SER C 703 -38.05 4.61 -52.62
N ILE C 704 -38.88 5.48 -52.06
CA ILE C 704 -38.54 6.25 -50.87
C ILE C 704 -39.70 6.16 -49.89
N ALA C 705 -39.41 6.45 -48.63
CA ALA C 705 -40.43 6.48 -47.57
C ALA C 705 -40.41 7.86 -46.93
N ILE C 706 -41.58 8.49 -46.85
CA ILE C 706 -41.71 9.83 -46.29
C ILE C 706 -42.74 9.78 -45.16
N PRO C 707 -42.45 10.36 -44.00
CA PRO C 707 -43.47 10.43 -42.95
C PRO C 707 -44.57 11.44 -43.29
N THR C 708 -45.80 11.10 -42.93
CA THR C 708 -46.93 12.00 -43.07
C THR C 708 -47.42 12.54 -41.74
N ASN C 709 -47.02 11.93 -40.63
CA ASN C 709 -47.39 12.37 -39.30
C ASN C 709 -46.17 12.23 -38.41
N PHE C 710 -46.18 12.94 -37.29
CA PHE C 710 -45.03 12.94 -36.41
C PHE C 710 -45.46 12.66 -34.97
N THR C 711 -44.48 12.42 -34.12
CA THR C 711 -44.68 12.21 -32.69
C THR C 711 -43.62 13.03 -31.97
N ILE C 712 -44.01 13.61 -30.84
CA ILE C 712 -43.10 14.36 -30.01
C ILE C 712 -42.90 13.62 -28.70
N SER C 713 -41.65 13.26 -28.42
CA SER C 713 -41.33 12.38 -27.31
C SER C 713 -40.43 13.09 -26.31
N VAL C 714 -40.74 12.93 -25.03
CA VAL C 714 -39.93 13.47 -23.95
C VAL C 714 -39.21 12.31 -23.29
N THR C 715 -37.88 12.31 -23.37
CA THR C 715 -37.05 11.27 -22.79
C THR C 715 -36.31 11.80 -21.59
N THR C 716 -36.04 10.93 -20.63
CA THR C 716 -35.47 11.31 -19.35
C THR C 716 -34.05 10.76 -19.25
N GLU C 717 -33.09 11.63 -18.95
CA GLU C 717 -31.68 11.22 -18.85
C GLU C 717 -31.09 11.74 -17.55
N ILE C 718 -30.50 10.84 -16.76
CA ILE C 718 -30.02 11.15 -15.43
C ILE C 718 -28.49 11.11 -15.42
N LEU C 719 -27.86 12.16 -14.92
CA LEU C 719 -26.40 12.22 -14.87
C LEU C 719 -25.95 12.62 -13.47
N PRO C 720 -25.06 11.86 -12.83
CA PRO C 720 -24.46 12.33 -11.58
C PRO C 720 -23.55 13.51 -11.83
N VAL C 721 -23.53 14.42 -10.86
CA VAL C 721 -22.75 15.66 -10.94
C VAL C 721 -21.67 15.71 -9.86
N SER C 722 -22.04 15.38 -8.63
CA SER C 722 -21.10 15.47 -7.52
C SER C 722 -21.28 14.26 -6.60
N MET C 723 -20.24 13.98 -5.84
CA MET C 723 -20.25 12.94 -4.81
C MET C 723 -20.04 13.58 -3.46
N THR C 724 -20.20 12.78 -2.40
CA THR C 724 -20.15 13.30 -1.05
C THR C 724 -18.72 13.69 -0.67
N LYS C 725 -18.60 14.81 0.03
CA LYS C 725 -17.30 15.33 0.46
C LYS C 725 -17.01 14.84 1.87
N THR C 726 -15.89 14.16 2.04
CA THR C 726 -15.51 13.61 3.34
C THR C 726 -14.15 14.14 3.75
N SER C 727 -13.95 14.24 5.06
CA SER C 727 -12.67 14.63 5.64
C SER C 727 -12.29 13.63 6.71
N VAL C 728 -11.01 13.29 6.78
CA VAL C 728 -10.50 12.24 7.66
C VAL C 728 -9.42 12.82 8.56
N ASP C 729 -9.58 12.63 9.86
CA ASP C 729 -8.52 12.89 10.82
C ASP C 729 -7.75 11.61 11.07
N CYS C 730 -6.45 11.62 10.78
CA CYS C 730 -5.64 10.41 10.97
C CYS C 730 -5.53 10.00 12.42
N THR C 731 -5.41 10.97 13.32
CA THR C 731 -5.10 10.67 14.71
C THR C 731 -6.22 9.86 15.37
N MET C 732 -7.47 10.30 15.20
CA MET C 732 -8.57 9.56 15.80
C MET C 732 -8.84 8.23 15.11
N TYR C 733 -8.64 8.16 13.79
CA TYR C 733 -8.88 6.90 13.10
C TYR C 733 -7.84 5.86 13.50
N ILE C 734 -6.56 6.24 13.45
CA ILE C 734 -5.51 5.27 13.74
C ILE C 734 -5.48 4.94 15.23
N CYS C 735 -5.35 5.97 16.07
CA CYS C 735 -5.39 5.76 17.52
C CYS C 735 -5.81 7.07 18.20
N GLY C 736 -7.11 7.14 18.52
CA GLY C 736 -7.64 8.35 19.15
C GLY C 736 -7.41 8.34 20.65
N ASP C 737 -7.02 9.51 21.17
CA ASP C 737 -6.77 9.74 22.59
C ASP C 737 -5.71 8.77 23.13
N SER C 738 -4.52 8.86 22.55
CA SER C 738 -3.39 8.03 22.95
C SER C 738 -2.12 8.81 22.65
N THR C 739 -1.43 9.25 23.71
CA THR C 739 -0.30 10.14 23.52
C THR C 739 0.92 9.40 22.97
N GLU C 740 1.20 8.21 23.49
CA GLU C 740 2.38 7.48 23.02
C GLU C 740 2.16 6.91 21.63
N CYS C 741 0.93 6.50 21.31
CA CYS C 741 0.66 6.08 19.95
C CYS C 741 0.69 7.24 18.98
N SER C 742 0.28 8.44 19.41
CA SER C 742 0.42 9.63 18.58
C SER C 742 1.90 9.96 18.35
N ASN C 743 2.73 9.76 19.39
CA ASN C 743 4.17 9.93 19.26
C ASN C 743 4.74 8.96 18.23
N LEU C 744 4.28 7.70 18.25
CA LEU C 744 4.74 6.74 17.27
C LEU C 744 4.23 7.07 15.87
N LEU C 745 3.03 7.66 15.77
CA LEU C 745 2.50 8.09 14.48
C LEU C 745 3.28 9.28 13.93
N LEU C 746 3.87 10.09 14.80
CA LEU C 746 4.69 11.21 14.34
C LEU C 746 5.91 10.75 13.55
N GLN C 747 6.41 9.56 13.84
CA GLN C 747 7.59 9.02 13.16
C GLN C 747 7.30 8.57 11.72
N TYR C 748 6.03 8.46 11.34
CA TYR C 748 5.71 7.98 9.99
C TYR C 748 5.71 9.09 8.96
N GLY C 749 5.91 10.34 9.37
CA GLY C 749 6.11 11.42 8.42
C GLY C 749 4.84 12.01 7.84
N SER C 750 4.91 12.45 6.60
CA SER C 750 3.81 13.15 5.94
C SER C 750 2.90 12.18 5.19
N PHE C 751 2.43 11.16 5.89
CA PHE C 751 1.42 10.25 5.38
C PHE C 751 0.01 10.69 5.73
N CYS C 752 -0.15 11.89 6.29
CA CYS C 752 -1.48 12.45 6.54
C CYS C 752 -1.66 13.88 6.07
N THR C 753 -0.59 14.64 5.85
CA THR C 753 -0.74 15.83 5.03
C THR C 753 -1.12 15.44 3.61
N GLN C 754 -0.51 14.38 3.09
CA GLN C 754 -0.78 13.92 1.73
C GLN C 754 -2.21 13.39 1.58
N LEU C 755 -2.71 12.69 2.60
CA LEU C 755 -4.09 12.21 2.56
C LEU C 755 -5.09 13.37 2.64
N ASN C 756 -4.79 14.37 3.47
CA ASN C 756 -5.72 15.48 3.61
C ASN C 756 -5.69 16.42 2.41
N ARG C 757 -4.56 16.50 1.71
CA ARG C 757 -4.52 17.28 0.48
C ARG C 757 -5.31 16.64 -0.65
N ALA C 758 -5.54 15.33 -0.58
CA ALA C 758 -6.27 14.65 -1.64
C ALA C 758 -7.77 14.72 -1.44
N LEU C 759 -8.23 14.63 -0.19
CA LEU C 759 -9.67 14.65 0.07
C LEU C 759 -10.25 16.05 -0.06
N THR C 760 -9.50 17.08 0.37
CA THR C 760 -9.96 18.45 0.20
C THR C 760 -9.98 18.85 -1.26
N GLY C 761 -9.04 18.33 -2.05
CA GLY C 761 -9.10 18.53 -3.49
C GLY C 761 -10.34 17.91 -4.10
N ILE C 762 -10.74 16.74 -3.59
CA ILE C 762 -11.97 16.10 -4.03
C ILE C 762 -13.18 16.95 -3.67
N ALA C 763 -13.20 17.49 -2.46
CA ALA C 763 -14.33 18.31 -2.02
C ALA C 763 -14.47 19.59 -2.84
N VAL C 764 -13.35 20.28 -3.07
CA VAL C 764 -13.36 21.49 -3.90
C VAL C 764 -13.74 21.15 -5.33
N GLU C 765 -13.31 19.97 -5.81
CA GLU C 765 -13.70 19.50 -7.14
C GLU C 765 -15.20 19.26 -7.23
N GLN C 766 -15.81 18.70 -6.18
CA GLN C 766 -17.25 18.49 -6.19
C GLN C 766 -18.01 19.81 -6.22
N ASP C 767 -17.55 20.79 -5.42
CA ASP C 767 -18.18 22.10 -5.45
C ASP C 767 -18.04 22.76 -6.81
N LYS C 768 -16.87 22.63 -7.43
CA LYS C 768 -16.64 23.18 -8.76
C LYS C 768 -17.49 22.48 -9.81
N ASN C 769 -17.68 21.16 -9.67
CA ASN C 769 -18.53 20.42 -10.59
C ASN C 769 -19.96 20.91 -10.55
N THR C 770 -20.51 21.06 -9.33
CA THR C 770 -21.88 21.54 -9.20
C THR C 770 -22.01 22.97 -9.72
N GLN C 771 -21.03 23.83 -9.42
CA GLN C 771 -21.07 25.21 -9.88
C GLN C 771 -20.99 25.32 -11.40
N GLU C 772 -20.12 24.54 -12.03
CA GLU C 772 -19.96 24.63 -13.47
C GLU C 772 -21.03 23.85 -14.22
N VAL C 773 -21.79 22.98 -13.56
CA VAL C 773 -22.94 22.37 -14.22
C VAL C 773 -24.15 23.29 -14.15
N PHE C 774 -24.47 23.80 -12.96
CA PHE C 774 -25.73 24.52 -12.81
C PHE C 774 -25.61 26.01 -13.06
N ALA C 775 -24.57 26.67 -12.55
CA ALA C 775 -24.44 28.13 -12.69
C ALA C 775 -23.81 28.49 -14.03
N GLN C 776 -24.53 28.14 -15.10
CA GLN C 776 -24.08 28.53 -16.44
C GLN C 776 -24.33 30.01 -16.69
N VAL C 777 -25.47 30.52 -16.24
CA VAL C 777 -25.82 31.93 -16.39
C VAL C 777 -25.98 32.53 -15.00
N LYS C 778 -25.44 33.73 -14.83
CA LYS C 778 -25.46 34.41 -13.54
C LYS C 778 -26.63 35.37 -13.38
N GLN C 779 -27.54 35.42 -14.36
CA GLN C 779 -28.72 36.26 -14.27
C GLN C 779 -29.91 35.38 -13.94
N ILE C 780 -30.47 35.55 -12.75
CA ILE C 780 -31.58 34.72 -12.29
C ILE C 780 -32.87 35.27 -12.90
N TYR C 781 -33.42 34.55 -13.87
CA TYR C 781 -34.66 34.97 -14.52
C TYR C 781 -35.86 34.45 -13.74
N LYS C 782 -36.74 35.36 -13.35
CA LYS C 782 -37.91 34.97 -12.58
C LYS C 782 -38.94 34.29 -13.47
N THR C 783 -39.76 33.46 -12.84
CA THR C 783 -40.83 32.75 -13.55
C THR C 783 -41.88 33.76 -14.00
N PRO C 784 -42.31 33.71 -15.26
CA PRO C 784 -43.40 34.60 -15.70
C PRO C 784 -44.70 34.30 -14.99
N GLN C 785 -45.49 35.34 -14.76
CA GLN C 785 -46.71 35.20 -13.96
C GLN C 785 -47.83 34.52 -14.75
N ILE C 786 -47.85 34.71 -16.06
CA ILE C 786 -48.92 34.20 -16.93
C ILE C 786 -48.34 33.19 -17.89
N LYS C 787 -49.02 32.04 -18.02
CA LYS C 787 -48.53 30.92 -18.82
C LYS C 787 -49.31 30.81 -20.13
N ASP C 788 -49.17 31.84 -20.96
CA ASP C 788 -49.76 31.84 -22.29
C ASP C 788 -48.74 31.38 -23.33
N PHE C 789 -48.22 30.17 -23.13
CA PHE C 789 -47.15 29.64 -23.97
C PHE C 789 -47.71 28.88 -25.18
N GLY C 790 -48.64 29.50 -25.90
CA GLY C 790 -49.20 28.91 -27.09
C GLY C 790 -49.97 27.62 -26.89
N GLY C 791 -50.41 27.35 -25.66
CA GLY C 791 -51.07 26.10 -25.35
C GLY C 791 -50.20 25.10 -24.61
N PHE C 792 -48.89 25.33 -24.54
CA PHE C 792 -48.01 24.45 -23.80
C PHE C 792 -48.16 24.69 -22.31
N ASN C 793 -48.09 23.61 -21.53
CA ASN C 793 -48.39 23.63 -20.10
C ASN C 793 -47.16 23.19 -19.32
N PHE C 794 -46.39 24.15 -18.83
CA PHE C 794 -45.21 23.87 -18.00
C PHE C 794 -45.57 23.96 -16.52
N SER C 795 -46.52 23.12 -16.10
CA SER C 795 -46.92 23.13 -14.70
C SER C 795 -46.06 22.20 -13.85
N GLN C 796 -45.75 21.01 -14.36
CA GLN C 796 -45.00 20.03 -13.59
C GLN C 796 -43.52 20.37 -13.46
N ILE C 797 -42.99 21.23 -14.33
CA ILE C 797 -41.57 21.56 -14.31
C ILE C 797 -41.30 22.96 -13.75
N LEU C 798 -42.27 23.85 -13.76
CA LEU C 798 -42.01 25.14 -13.14
C LEU C 798 -42.27 25.06 -11.64
N PRO C 799 -41.55 25.84 -10.84
CA PRO C 799 -41.75 25.80 -9.39
C PRO C 799 -43.07 26.43 -8.98
N ASP C 800 -43.54 26.03 -7.80
CA ASP C 800 -44.76 26.57 -7.21
C ASP C 800 -44.47 27.05 -5.80
N PRO C 801 -45.05 28.19 -5.40
CA PRO C 801 -44.79 28.71 -4.05
C PRO C 801 -45.57 27.99 -2.95
N SER C 802 -46.58 27.20 -3.29
CA SER C 802 -47.37 26.51 -2.28
C SER C 802 -46.56 25.43 -1.58
N LYS C 803 -45.82 24.64 -2.34
CA LYS C 803 -44.99 23.61 -1.73
C LYS C 803 -43.76 24.25 -1.11
N PRO C 804 -43.48 23.94 0.17
CA PRO C 804 -42.52 24.76 0.93
C PRO C 804 -41.09 24.71 0.44
N SER C 805 -40.70 23.68 -0.31
CA SER C 805 -39.32 23.54 -0.73
C SER C 805 -38.99 24.34 -1.99
N LYS C 806 -39.99 24.98 -2.60
CA LYS C 806 -39.84 25.80 -3.81
C LYS C 806 -39.21 25.01 -4.96
N ARG C 807 -39.59 23.74 -5.09
CA ARG C 807 -39.18 22.90 -6.19
C ARG C 807 -40.40 22.46 -6.99
N SER C 808 -40.15 22.01 -8.21
CA SER C 808 -41.23 21.57 -9.08
C SER C 808 -41.76 20.21 -8.64
N PHE C 809 -42.84 19.79 -9.30
CA PHE C 809 -43.44 18.49 -9.00
C PHE C 809 -42.49 17.35 -9.35
N ILE C 810 -41.85 17.43 -10.51
CA ILE C 810 -40.94 16.38 -10.94
C ILE C 810 -39.70 16.35 -10.06
N GLU C 811 -39.20 17.52 -9.67
CA GLU C 811 -38.04 17.58 -8.77
C GLU C 811 -38.36 16.97 -7.42
N ASP C 812 -39.58 17.21 -6.92
CA ASP C 812 -39.97 16.60 -5.65
C ASP C 812 -40.15 15.10 -5.77
N LEU C 813 -40.64 14.62 -6.92
CA LEU C 813 -40.68 13.18 -7.15
C LEU C 813 -39.28 12.58 -7.17
N LEU C 814 -38.34 13.26 -7.81
CA LEU C 814 -36.96 12.76 -7.87
C LEU C 814 -36.31 12.78 -6.49
N PHE C 815 -36.61 13.80 -5.68
CA PHE C 815 -36.08 13.84 -4.32
C PHE C 815 -36.69 12.75 -3.45
N ASN C 816 -37.97 12.43 -3.67
CA ASN C 816 -38.58 11.34 -2.91
C ASN C 816 -38.05 9.99 -3.32
N LYS C 817 -37.71 9.81 -4.61
CA LYS C 817 -37.25 8.50 -5.08
C LYS C 817 -35.86 8.17 -4.56
N VAL C 818 -34.96 9.15 -4.49
CA VAL C 818 -33.58 8.89 -4.06
C VAL C 818 -33.57 8.84 -2.54
N THR C 819 -33.34 7.65 -1.98
CA THR C 819 -33.30 7.46 -0.54
C THR C 819 -31.85 7.53 -0.07
N LEU C 820 -31.56 8.46 0.83
CA LEU C 820 -30.21 8.63 1.34
C LEU C 820 -29.84 7.47 2.25
N ALA C 821 -28.56 7.10 2.21
CA ALA C 821 -28.07 5.99 3.03
C ALA C 821 -27.08 6.50 4.07
N LYS C 827 -27.28 13.61 10.25
CA LYS C 827 -27.11 13.36 11.67
C LYS C 827 -26.71 14.64 12.40
N GLN C 828 -27.03 14.71 13.69
CA GLN C 828 -26.73 15.88 14.51
C GLN C 828 -25.91 15.43 15.71
N TYR C 829 -24.79 16.10 15.95
CA TYR C 829 -23.96 15.79 17.11
C TYR C 829 -24.71 16.20 18.38
N GLY C 830 -24.71 15.30 19.36
CA GLY C 830 -25.56 15.46 20.52
C GLY C 830 -26.51 14.29 20.62
N ASP C 831 -27.01 13.84 19.46
CA ASP C 831 -27.74 12.59 19.42
C ASP C 831 -26.83 11.41 19.67
N CYS C 832 -25.57 11.51 19.25
CA CYS C 832 -24.60 10.45 19.52
C CYS C 832 -24.20 10.43 21.00
N LEU C 833 -24.23 11.59 21.66
CA LEU C 833 -23.81 11.66 23.05
C LEU C 833 -24.85 11.06 23.99
N GLY C 834 -26.12 11.12 23.60
CA GLY C 834 -27.19 10.67 24.45
C GLY C 834 -27.23 9.15 24.59
N ASP C 835 -28.06 8.71 25.53
CA ASP C 835 -28.24 7.28 25.78
C ASP C 835 -29.00 6.62 24.64
N ILE C 836 -28.37 5.63 24.01
CA ILE C 836 -28.93 5.00 22.82
C ILE C 836 -28.87 3.48 22.85
N ALA C 837 -28.05 2.87 23.73
CA ALA C 837 -27.93 1.43 23.96
C ALA C 837 -27.44 0.64 22.75
N ALA C 838 -27.15 1.31 21.63
CA ALA C 838 -26.61 0.69 20.43
C ALA C 838 -26.02 1.79 19.57
N ARG C 839 -24.69 1.76 19.39
CA ARG C 839 -24.02 2.87 18.71
C ARG C 839 -24.40 2.91 17.24
N ASP C 840 -24.77 4.10 16.77
CA ASP C 840 -25.20 4.27 15.39
C ASP C 840 -24.03 4.12 14.43
N LEU C 841 -24.36 3.79 13.19
CA LEU C 841 -23.34 3.68 12.14
C LEU C 841 -22.70 5.04 11.86
N ILE C 842 -23.51 6.10 11.78
CA ILE C 842 -22.98 7.43 11.54
C ILE C 842 -22.26 7.96 12.78
N CYS C 843 -22.74 7.61 13.97
CA CYS C 843 -22.08 8.06 15.20
C CYS C 843 -20.75 7.35 15.41
N ALA C 844 -20.59 6.15 14.87
CA ALA C 844 -19.32 5.46 15.01
C ALA C 844 -18.24 6.07 14.13
N GLN C 845 -18.59 6.45 12.90
CA GLN C 845 -17.61 7.09 12.03
C GLN C 845 -17.38 8.55 12.41
N LYS C 846 -18.37 9.20 13.02
CA LYS C 846 -18.16 10.56 13.50
C LYS C 846 -17.20 10.59 14.68
N PHE C 847 -17.14 9.52 15.46
CA PHE C 847 -16.21 9.42 16.57
C PHE C 847 -14.84 8.91 16.17
N ASN C 848 -14.63 8.62 14.88
CA ASN C 848 -13.36 8.09 14.39
C ASN C 848 -12.75 8.96 13.31
N GLY C 849 -13.14 10.23 13.24
CA GLY C 849 -12.57 11.14 12.29
C GLY C 849 -13.21 11.17 10.92
N LEU C 850 -14.22 10.34 10.68
CA LEU C 850 -14.81 10.23 9.35
C LEU C 850 -16.01 11.19 9.28
N THR C 851 -15.71 12.46 9.06
CA THR C 851 -16.74 13.48 8.95
C THR C 851 -17.09 13.73 7.49
N VAL C 852 -18.35 14.04 7.25
CA VAL C 852 -18.87 14.29 5.91
C VAL C 852 -19.18 15.77 5.81
N LEU C 853 -18.49 16.47 4.93
CA LEU C 853 -18.69 17.90 4.78
C LEU C 853 -19.97 18.17 3.99
N PRO C 854 -20.73 19.21 4.35
CA PRO C 854 -21.93 19.52 3.59
C PRO C 854 -21.58 20.17 2.26
N PRO C 855 -22.43 20.04 1.25
CA PRO C 855 -22.17 20.73 -0.02
C PRO C 855 -22.32 22.23 0.12
N LEU C 856 -21.66 22.96 -0.77
CA LEU C 856 -21.68 24.41 -0.70
C LEU C 856 -23.05 24.98 -1.07
N LEU C 857 -23.63 24.49 -2.15
CA LEU C 857 -24.93 24.94 -2.62
C LEU C 857 -26.02 24.02 -2.09
N THR C 858 -26.97 24.58 -1.35
CA THR C 858 -28.11 23.81 -0.91
C THR C 858 -29.04 23.48 -2.08
N ASP C 859 -30.01 22.60 -1.82
CA ASP C 859 -30.94 22.20 -2.88
C ASP C 859 -31.85 23.34 -3.28
N GLU C 860 -32.09 24.31 -2.39
CA GLU C 860 -32.88 25.48 -2.74
C GLU C 860 -32.18 26.33 -3.79
N MET C 861 -30.86 26.49 -3.66
CA MET C 861 -30.12 27.28 -4.64
C MET C 861 -30.02 26.56 -5.98
N ILE C 862 -29.90 25.24 -5.96
CA ILE C 862 -29.91 24.47 -7.20
C ILE C 862 -31.27 24.57 -7.88
N ALA C 863 -32.35 24.52 -7.09
CA ALA C 863 -33.69 24.68 -7.65
C ALA C 863 -33.87 26.09 -8.21
N GLN C 864 -33.29 27.09 -7.56
CA GLN C 864 -33.33 28.46 -8.09
C GLN C 864 -32.61 28.56 -9.42
N TYR C 865 -31.44 27.92 -9.52
CA TYR C 865 -30.69 27.92 -10.77
C TYR C 865 -31.46 27.23 -11.89
N THR C 866 -32.07 26.08 -11.60
CA THR C 866 -32.83 25.37 -12.62
C THR C 866 -34.07 26.16 -13.03
N SER C 867 -34.69 26.86 -12.07
CA SER C 867 -35.82 27.73 -12.41
C SER C 867 -35.38 28.88 -13.31
N ALA C 868 -34.18 29.43 -13.06
CA ALA C 868 -33.65 30.46 -13.94
C ALA C 868 -33.41 29.95 -15.35
N LEU C 869 -32.85 28.74 -15.47
CA LEU C 869 -32.66 28.13 -16.80
C LEU C 869 -33.98 27.88 -17.51
N LEU C 870 -35.00 27.37 -16.81
CA LEU C 870 -36.30 27.16 -17.44
C LEU C 870 -36.95 28.47 -17.87
N ALA C 871 -36.88 29.50 -17.02
CA ALA C 871 -37.44 30.80 -17.39
C ALA C 871 -36.74 31.38 -18.61
N GLY C 872 -35.41 31.25 -18.65
CA GLY C 872 -34.68 31.74 -19.82
C GLY C 872 -34.99 30.96 -21.09
N THR C 873 -35.15 29.63 -20.98
CA THR C 873 -35.36 28.86 -22.20
C THR C 873 -36.80 28.85 -22.67
N ILE C 874 -37.76 29.23 -21.84
CA ILE C 874 -39.15 29.33 -22.31
C ILE C 874 -39.60 30.76 -22.54
N THR C 875 -38.85 31.76 -22.06
CA THR C 875 -39.21 33.14 -22.35
C THR C 875 -38.26 33.83 -23.31
N SER C 876 -37.12 33.22 -23.64
CA SER C 876 -36.15 33.88 -24.50
C SER C 876 -35.53 32.98 -25.56
N GLY C 877 -35.87 31.70 -25.61
CA GLY C 877 -35.23 30.83 -26.58
C GLY C 877 -33.79 30.55 -26.21
N TRP C 878 -32.92 30.48 -27.21
CA TRP C 878 -31.50 30.29 -26.99
C TRP C 878 -30.73 31.59 -26.86
N THR C 879 -31.41 32.73 -26.97
CA THR C 879 -30.74 34.02 -26.99
C THR C 879 -30.11 34.38 -25.65
N PHE C 880 -30.68 33.91 -24.54
CA PHE C 880 -30.13 34.23 -23.24
C PHE C 880 -28.86 33.44 -22.93
N GLY C 881 -28.56 32.40 -23.70
CA GLY C 881 -27.28 31.73 -23.59
C GLY C 881 -26.16 32.39 -24.34
N ALA C 882 -26.47 33.36 -25.20
CA ALA C 882 -25.49 34.12 -25.97
C ALA C 882 -25.83 35.59 -25.81
N GLY C 883 -25.31 36.20 -24.75
CA GLY C 883 -25.59 37.60 -24.49
C GLY C 883 -26.78 37.80 -23.57
N ALA C 884 -27.62 38.78 -23.88
CA ALA C 884 -28.78 39.11 -23.07
C ALA C 884 -30.01 38.36 -23.56
N ALA C 885 -31.00 38.27 -22.67
CA ALA C 885 -32.23 37.55 -23.00
C ALA C 885 -33.09 38.39 -23.94
N LEU C 886 -33.56 37.75 -25.01
CA LEU C 886 -34.38 38.39 -26.02
C LEU C 886 -35.74 37.69 -26.06
N GLN C 887 -36.79 38.43 -25.71
CA GLN C 887 -38.12 37.85 -25.62
C GLN C 887 -38.63 37.43 -26.99
N ILE C 888 -39.38 36.32 -27.02
CA ILE C 888 -39.95 35.79 -28.25
C ILE C 888 -41.14 34.91 -27.86
N PRO C 889 -42.26 34.98 -28.58
CA PRO C 889 -43.38 34.06 -28.30
C PRO C 889 -42.98 32.61 -28.53
N PHE C 890 -43.60 31.72 -27.74
CA PHE C 890 -43.15 30.33 -27.71
C PHE C 890 -43.49 29.57 -29.00
N ALA C 891 -44.60 29.92 -29.64
CA ALA C 891 -44.92 29.32 -30.93
C ALA C 891 -43.86 29.69 -31.97
N MET C 892 -43.36 30.93 -31.92
CA MET C 892 -42.26 31.31 -32.79
C MET C 892 -40.99 30.55 -32.45
N GLN C 893 -40.80 30.18 -31.19
CA GLN C 893 -39.62 29.40 -30.81
C GLN C 893 -39.71 27.97 -31.34
N MET C 894 -40.89 27.36 -31.28
CA MET C 894 -41.08 26.08 -31.97
C MET C 894 -40.92 26.19 -33.47
N ALA C 895 -41.33 27.31 -34.07
CA ALA C 895 -41.08 27.49 -35.50
C ALA C 895 -39.59 27.55 -35.79
N TYR C 896 -38.84 28.26 -34.94
CA TYR C 896 -37.39 28.33 -35.04
C TYR C 896 -36.78 26.94 -34.95
N ARG C 897 -37.23 26.14 -34.00
CA ARG C 897 -36.62 24.83 -33.79
C ARG C 897 -37.02 23.83 -34.86
N PHE C 898 -38.23 23.94 -35.42
CA PHE C 898 -38.57 23.12 -36.58
C PHE C 898 -37.73 23.47 -37.80
N ASN C 899 -37.48 24.76 -38.03
CA ASN C 899 -36.52 25.11 -39.08
C ASN C 899 -35.11 24.64 -38.73
N GLY C 900 -34.80 24.51 -37.44
CA GLY C 900 -33.52 23.95 -37.05
C GLY C 900 -33.38 22.47 -37.38
N ILE C 901 -34.45 21.70 -37.17
CA ILE C 901 -34.37 20.26 -37.42
C ILE C 901 -34.54 19.90 -38.89
N GLY C 902 -34.91 20.86 -39.74
CA GLY C 902 -34.94 20.62 -41.18
C GLY C 902 -36.32 20.62 -41.81
N VAL C 903 -37.39 20.90 -41.08
CA VAL C 903 -38.73 20.95 -41.65
C VAL C 903 -39.19 22.41 -41.65
N THR C 904 -40.02 22.76 -42.62
CA THR C 904 -40.51 24.13 -42.72
C THR C 904 -41.44 24.45 -41.56
N GLN C 905 -41.53 25.74 -41.22
CA GLN C 905 -42.28 26.14 -40.04
C GLN C 905 -43.78 26.03 -40.22
N ASN C 906 -44.28 25.97 -41.46
CA ASN C 906 -45.71 25.90 -41.70
C ASN C 906 -46.33 24.60 -41.20
N VAL C 907 -45.53 23.56 -40.98
CA VAL C 907 -46.05 22.33 -40.39
C VAL C 907 -46.25 22.43 -38.88
N LEU C 908 -45.94 23.59 -38.29
CA LEU C 908 -46.27 23.85 -36.90
C LEU C 908 -47.57 24.63 -36.77
N TYR C 909 -47.62 25.83 -37.38
CA TYR C 909 -48.73 26.76 -37.21
C TYR C 909 -50.05 26.20 -37.74
N GLU C 910 -49.99 25.24 -38.67
CA GLU C 910 -51.22 24.61 -39.14
C GLU C 910 -51.85 23.75 -38.05
N ASN C 911 -51.04 23.04 -37.26
CA ASN C 911 -51.56 22.09 -36.28
C ASN C 911 -50.83 22.25 -34.95
N GLN C 912 -50.72 23.49 -34.49
CA GLN C 912 -49.99 23.79 -33.26
C GLN C 912 -50.62 23.14 -32.04
N LYS C 913 -51.96 23.24 -31.93
CA LYS C 913 -52.67 22.78 -30.73
C LYS C 913 -52.48 21.29 -30.50
N LEU C 914 -52.58 20.49 -31.56
CA LEU C 914 -52.29 19.06 -31.48
C LEU C 914 -50.88 18.83 -30.97
N ILE C 915 -49.91 19.58 -31.49
CA ILE C 915 -48.54 19.54 -31.00
C ILE C 915 -48.48 19.82 -29.51
N ALA C 916 -49.24 20.83 -29.05
CA ALA C 916 -49.28 21.14 -27.63
C ALA C 916 -49.79 19.95 -26.83
N ASN C 917 -50.84 19.28 -27.34
CA ASN C 917 -51.33 18.08 -26.68
C ASN C 917 -50.25 17.00 -26.67
N GLN C 918 -49.55 16.84 -27.80
CA GLN C 918 -48.49 15.85 -27.87
C GLN C 918 -47.31 16.20 -26.98
N PHE C 919 -47.23 17.46 -26.53
CA PHE C 919 -46.27 17.76 -25.47
C PHE C 919 -46.84 17.35 -24.12
N ASN C 920 -48.06 17.79 -23.83
CA ASN C 920 -48.55 17.84 -22.46
C ASN C 920 -48.71 16.45 -21.87
N SER C 921 -49.40 15.56 -22.60
CA SER C 921 -49.55 14.18 -22.15
C SER C 921 -48.21 13.48 -22.03
N ALA C 922 -47.23 13.86 -22.87
CA ALA C 922 -45.89 13.31 -22.75
C ALA C 922 -45.28 13.63 -21.39
N ILE C 923 -45.49 14.86 -20.91
CA ILE C 923 -45.04 15.23 -19.58
C ILE C 923 -45.72 14.35 -18.53
N GLY C 924 -47.01 14.05 -18.75
CA GLY C 924 -47.71 13.13 -17.86
C GLY C 924 -47.08 11.75 -17.83
N LYS C 925 -46.53 11.31 -18.97
CA LYS C 925 -45.86 10.02 -19.02
C LYS C 925 -44.64 10.00 -18.11
N ILE C 926 -44.04 11.16 -17.86
CA ILE C 926 -42.91 11.26 -16.94
C ILE C 926 -43.34 10.82 -15.55
N GLN C 927 -44.55 11.18 -15.14
CA GLN C 927 -45.10 10.68 -13.87
C GLN C 927 -45.20 9.16 -13.92
N ASP C 928 -45.68 8.62 -15.04
CA ASP C 928 -45.72 7.16 -15.20
C ASP C 928 -44.33 6.56 -15.28
N SER C 929 -43.32 7.37 -15.60
CA SER C 929 -41.94 6.92 -15.58
C SER C 929 -41.24 7.24 -14.26
N LEU C 930 -41.95 7.86 -13.30
CA LEU C 930 -41.27 8.13 -12.04
C LEU C 930 -42.05 7.65 -10.81
N SER C 931 -43.37 7.79 -10.82
CA SER C 931 -44.16 7.43 -9.65
C SER C 931 -44.61 5.97 -9.65
N SER C 932 -44.44 5.25 -10.77
CA SER C 932 -44.88 3.86 -10.86
C SER C 932 -43.76 2.88 -10.50
N THR C 933 -43.12 3.10 -9.35
CA THR C 933 -42.07 2.24 -8.80
C THR C 933 -40.94 2.00 -9.80
N ALA C 934 -40.49 3.10 -10.40
CA ALA C 934 -39.47 3.02 -11.45
C ALA C 934 -38.10 2.75 -10.84
N SER C 935 -37.16 2.35 -11.71
CA SER C 935 -35.79 2.07 -11.32
C SER C 935 -34.79 3.05 -11.91
N ALA C 936 -35.25 4.20 -12.41
CA ALA C 936 -34.35 5.19 -12.98
C ALA C 936 -33.57 5.96 -11.92
N LEU C 937 -33.93 5.82 -10.65
CA LEU C 937 -33.18 6.47 -9.58
C LEU C 937 -31.80 5.85 -9.39
N GLY C 938 -31.63 4.59 -9.79
CA GLY C 938 -30.47 3.81 -9.40
C GLY C 938 -29.15 4.36 -9.89
N LYS C 939 -29.15 4.99 -11.07
CA LYS C 939 -27.93 5.58 -11.63
C LYS C 939 -27.37 6.66 -10.72
N LEU C 940 -28.22 7.32 -9.93
CA LEU C 940 -27.74 8.18 -8.86
C LEU C 940 -27.54 7.41 -7.57
N GLN C 941 -28.46 6.49 -7.27
CA GLN C 941 -28.54 5.90 -5.93
C GLN C 941 -27.30 5.09 -5.61
N ASP C 942 -26.80 4.32 -6.57
CA ASP C 942 -25.60 3.52 -6.36
C ASP C 942 -24.40 4.39 -6.02
N VAL C 943 -24.35 5.61 -6.55
CA VAL C 943 -23.29 6.55 -6.19
C VAL C 943 -23.31 6.82 -4.68
N VAL C 944 -24.51 7.07 -4.14
CA VAL C 944 -24.65 7.18 -2.69
C VAL C 944 -24.29 5.86 -2.03
N ASN C 945 -24.74 4.75 -2.62
CA ASN C 945 -24.38 3.44 -2.09
C ASN C 945 -22.92 3.11 -2.31
N GLN C 946 -22.20 3.88 -3.12
CA GLN C 946 -20.76 3.71 -3.23
C GLN C 946 -19.99 4.61 -2.28
N ASN C 947 -20.64 5.61 -1.68
CA ASN C 947 -19.98 6.49 -0.74
C ASN C 947 -20.32 6.20 0.71
N ALA C 948 -21.50 5.62 0.97
CA ALA C 948 -21.83 5.19 2.31
C ALA C 948 -21.30 3.81 2.64
N GLN C 949 -20.75 3.10 1.65
CA GLN C 949 -20.17 1.79 1.87
C GLN C 949 -18.68 1.83 2.11
N ALA C 950 -17.97 2.78 1.50
CA ALA C 950 -16.53 2.92 1.74
C ALA C 950 -16.25 3.35 3.16
N LEU C 951 -17.07 4.25 3.70
CA LEU C 951 -16.91 4.66 5.09
C LEU C 951 -17.23 3.53 6.05
N ASN C 952 -18.23 2.71 5.70
CA ASN C 952 -18.56 1.55 6.53
C ASN C 952 -17.42 0.55 6.58
N THR C 953 -16.79 0.29 5.42
CA THR C 953 -15.64 -0.61 5.41
C THR C 953 -14.45 0.00 6.14
N LEU C 954 -14.29 1.32 6.04
CA LEU C 954 -13.21 2.00 6.76
C LEU C 954 -13.39 1.87 8.26
N VAL C 955 -14.63 1.97 8.75
CA VAL C 955 -14.89 1.79 10.17
C VAL C 955 -14.71 0.33 10.57
N LYS C 956 -15.23 -0.60 9.77
CA LYS C 956 -15.17 -2.01 10.12
C LYS C 956 -13.76 -2.58 10.00
N GLN C 957 -12.85 -1.89 9.31
CA GLN C 957 -11.46 -2.32 9.27
C GLN C 957 -10.70 -1.90 10.52
N LEU C 958 -11.32 -1.15 11.42
CA LEU C 958 -10.71 -0.89 12.72
C LEU C 958 -10.71 -2.13 13.60
N SER C 959 -11.59 -3.08 13.33
CA SER C 959 -11.63 -4.35 14.08
C SER C 959 -10.76 -5.42 13.40
N SER C 960 -9.51 -5.07 13.14
CA SER C 960 -8.58 -5.96 12.46
C SER C 960 -7.26 -5.98 13.21
N ASN C 961 -6.72 -7.18 13.43
CA ASN C 961 -5.46 -7.29 14.17
C ASN C 961 -4.29 -6.78 13.34
N PHE C 962 -4.29 -7.05 12.03
CA PHE C 962 -3.15 -6.80 11.13
C PHE C 962 -1.88 -7.49 11.62
N GLY C 963 -2.03 -8.65 12.25
CA GLY C 963 -0.91 -9.38 12.80
C GLY C 963 -0.57 -9.06 14.23
N ALA C 964 -1.25 -8.10 14.86
CA ALA C 964 -0.98 -7.76 16.24
C ALA C 964 -1.69 -8.77 17.16
N ILE C 965 -1.47 -8.62 18.46
CA ILE C 965 -2.09 -9.53 19.42
C ILE C 965 -3.56 -9.20 19.61
N SER C 966 -3.96 -7.96 19.33
CA SER C 966 -5.34 -7.54 19.49
C SER C 966 -5.60 -6.35 18.60
N SER C 967 -6.88 -6.06 18.39
CA SER C 967 -7.31 -4.96 17.54
C SER C 967 -7.53 -3.67 18.29
N VAL C 968 -7.34 -3.66 19.61
CA VAL C 968 -7.60 -2.50 20.45
C VAL C 968 -6.27 -1.96 20.96
N LEU C 969 -6.08 -0.65 20.82
CA LEU C 969 -4.91 0.00 21.40
C LEU C 969 -4.90 -0.11 22.92
N ASN C 970 -6.07 -0.14 23.54
CA ASN C 970 -6.15 -0.18 25.00
C ASN C 970 -5.64 -1.51 25.56
N ASP C 971 -5.93 -2.62 24.88
CA ASP C 971 -5.46 -3.92 25.33
C ASP C 971 -3.94 -4.01 25.27
N ILE C 972 -3.35 -3.55 24.18
CA ILE C 972 -1.90 -3.57 24.04
C ILE C 972 -1.25 -2.63 25.04
N LEU C 973 -1.83 -1.43 25.23
CA LEU C 973 -1.23 -0.45 26.12
C LEU C 973 -1.47 -0.79 27.59
N SER C 974 -2.42 -1.67 27.89
CA SER C 974 -2.65 -2.09 29.26
C SER C 974 -2.01 -3.43 29.60
N ARG C 975 -1.61 -4.21 28.61
CA ARG C 975 -0.99 -5.50 28.87
C ARG C 975 0.51 -5.53 28.65
N LEU C 976 1.05 -4.60 27.86
CA LEU C 976 2.46 -4.62 27.50
C LEU C 976 3.12 -3.30 27.87
N ASP C 977 4.42 -3.37 28.18
CA ASP C 977 5.19 -2.17 28.54
C ASP C 977 5.59 -1.43 27.26
N LYS C 978 6.46 -0.43 27.40
CA LYS C 978 6.78 0.44 26.27
C LYS C 978 7.57 -0.28 25.20
N VAL C 979 8.58 -1.06 25.60
CA VAL C 979 9.46 -1.69 24.61
C VAL C 979 8.78 -2.81 23.86
N GLU C 980 7.72 -3.40 24.43
CA GLU C 980 7.09 -4.56 23.83
C GLU C 980 5.78 -4.26 23.14
N ALA C 981 5.07 -3.21 23.56
CA ALA C 981 3.85 -2.79 22.86
C ALA C 981 4.14 -2.01 21.59
N GLU C 982 5.37 -1.52 21.43
CA GLU C 982 5.69 -0.72 20.25
C GLU C 982 5.62 -1.55 18.97
N VAL C 983 6.04 -2.81 19.03
CA VAL C 983 6.03 -3.66 17.84
C VAL C 983 4.62 -4.03 17.43
N GLN C 984 3.64 -3.95 18.34
CA GLN C 984 2.24 -4.19 18.00
C GLN C 984 1.56 -2.92 17.53
N ILE C 985 1.87 -1.80 18.18
CA ILE C 985 1.30 -0.52 17.76
C ILE C 985 1.82 -0.16 16.37
N ASP C 986 3.05 -0.55 16.03
CA ASP C 986 3.56 -0.31 14.68
C ASP C 986 2.77 -1.10 13.64
N ARG C 987 2.42 -2.35 13.95
CA ARG C 987 1.60 -3.15 13.05
C ARG C 987 0.22 -2.53 12.87
N LEU C 988 -0.38 -2.07 13.97
CA LEU C 988 -1.69 -1.43 13.89
C LEU C 988 -1.64 -0.14 13.07
N ILE C 989 -0.60 0.67 13.28
CA ILE C 989 -0.43 1.93 12.56
C ILE C 989 -0.26 1.65 11.07
N THR C 990 0.58 0.68 10.72
CA THR C 990 0.81 0.35 9.31
C THR C 990 -0.46 -0.16 8.64
N GLY C 991 -1.20 -1.04 9.33
CA GLY C 991 -2.44 -1.55 8.75
C GLY C 991 -3.50 -0.49 8.55
N ARG C 992 -3.70 0.36 9.56
CA ARG C 992 -4.72 1.40 9.45
C ARG C 992 -4.32 2.49 8.45
N LEU C 993 -3.03 2.79 8.36
CA LEU C 993 -2.56 3.74 7.35
C LEU C 993 -2.74 3.19 5.95
N GLN C 994 -2.49 1.89 5.75
CA GLN C 994 -2.72 1.27 4.46
C GLN C 994 -4.20 1.28 4.10
N SER C 995 -5.07 1.03 5.09
CA SER C 995 -6.51 1.08 4.85
C SER C 995 -6.96 2.48 4.46
N LEU C 996 -6.43 3.50 5.15
CA LEU C 996 -6.76 4.88 4.82
C LEU C 996 -6.29 5.26 3.42
N GLN C 997 -5.08 4.82 3.05
CA GLN C 997 -4.56 5.11 1.72
C GLN C 997 -5.39 4.43 0.64
N THR C 998 -5.82 3.19 0.89
CA THR C 998 -6.72 2.50 -0.04
C THR C 998 -8.02 3.24 -0.21
N TYR C 999 -8.60 3.72 0.90
CA TYR C 999 -9.85 4.49 0.82
C TYR C 999 -9.66 5.77 0.02
N VAL C 1000 -8.55 6.48 0.24
CA VAL C 1000 -8.30 7.73 -0.48
C VAL C 1000 -8.09 7.47 -1.96
N THR C 1001 -7.40 6.38 -2.31
CA THR C 1001 -7.21 6.05 -3.73
C THR C 1001 -8.53 5.71 -4.41
N GLN C 1002 -9.40 4.93 -3.74
CA GLN C 1002 -10.71 4.63 -4.32
C GLN C 1002 -11.54 5.89 -4.47
N GLN C 1003 -11.47 6.79 -3.49
CA GLN C 1003 -12.19 8.06 -3.59
C GLN C 1003 -11.67 8.92 -4.74
N LEU C 1004 -10.37 8.91 -4.99
CA LEU C 1004 -9.82 9.65 -6.12
C LEU C 1004 -10.30 9.08 -7.45
N ILE C 1005 -10.35 7.74 -7.55
CA ILE C 1005 -10.86 7.09 -8.76
C ILE C 1005 -12.32 7.48 -9.00
N ARG C 1006 -13.14 7.39 -7.96
CA ARG C 1006 -14.55 7.74 -8.09
C ARG C 1006 -14.74 9.23 -8.36
N ALA C 1007 -13.87 10.08 -7.81
CA ALA C 1007 -13.95 11.50 -8.10
C ALA C 1007 -13.61 11.80 -9.54
N ALA C 1008 -12.65 11.07 -10.12
CA ALA C 1008 -12.34 11.24 -11.54
C ALA C 1008 -13.51 10.83 -12.41
N GLU C 1009 -14.15 9.71 -12.09
CA GLU C 1009 -15.32 9.27 -12.86
C GLU C 1009 -16.48 10.25 -12.74
N ILE C 1010 -16.73 10.75 -11.52
CA ILE C 1010 -17.80 11.71 -11.29
C ILE C 1010 -17.50 13.03 -12.00
N ARG C 1011 -16.23 13.43 -12.03
CA ARG C 1011 -15.85 14.66 -12.74
C ARG C 1011 -16.04 14.50 -14.24
N ALA C 1012 -15.76 13.33 -14.79
CA ALA C 1012 -16.04 13.09 -16.21
C ALA C 1012 -17.54 13.19 -16.49
N SER C 1013 -18.36 12.60 -15.62
CA SER C 1013 -19.82 12.70 -15.79
C SER C 1013 -20.31 14.14 -15.63
N ALA C 1014 -19.69 14.91 -14.74
CA ALA C 1014 -20.09 16.31 -14.56
C ALA C 1014 -19.67 17.17 -15.74
N ASN C 1015 -18.53 16.87 -16.34
CA ASN C 1015 -18.14 17.55 -17.58
C ASN C 1015 -19.13 17.25 -18.69
N LEU C 1016 -19.57 15.99 -18.79
CA LEU C 1016 -20.60 15.63 -19.77
C LEU C 1016 -21.90 16.37 -19.48
N ALA C 1017 -22.29 16.47 -18.21
CA ALA C 1017 -23.53 17.15 -17.85
C ALA C 1017 -23.46 18.64 -18.16
N ALA C 1018 -22.32 19.27 -17.90
CA ALA C 1018 -22.15 20.68 -18.23
C ALA C 1018 -22.18 20.91 -19.74
N THR C 1019 -21.57 20.00 -20.50
CA THR C 1019 -21.63 20.10 -21.96
C THR C 1019 -23.06 19.94 -22.47
N LYS C 1020 -23.81 19.01 -21.88
CA LYS C 1020 -25.19 18.79 -22.33
C LYS C 1020 -26.10 19.94 -21.92
N MET C 1021 -25.80 20.59 -20.79
CA MET C 1021 -26.57 21.77 -20.41
C MET C 1021 -26.25 22.94 -21.32
N SER C 1022 -24.98 23.12 -21.69
CA SER C 1022 -24.60 24.24 -22.53
C SER C 1022 -25.04 24.04 -23.97
N GLU C 1023 -25.10 22.81 -24.46
CA GLU C 1023 -25.36 22.57 -25.87
C GLU C 1023 -26.80 22.21 -26.18
N CYS C 1024 -27.58 21.80 -25.19
CA CYS C 1024 -28.97 21.42 -25.44
C CYS C 1024 -29.97 22.28 -24.71
N VAL C 1025 -29.75 22.59 -23.44
CA VAL C 1025 -30.64 23.51 -22.74
C VAL C 1025 -30.45 24.94 -23.26
N LEU C 1026 -29.20 25.36 -23.41
CA LEU C 1026 -28.90 26.73 -23.81
C LEU C 1026 -29.04 26.96 -25.31
N GLY C 1027 -29.31 25.93 -26.09
CA GLY C 1027 -29.45 26.08 -27.53
C GLY C 1027 -30.13 24.91 -28.20
N GLN C 1028 -29.70 24.57 -29.40
CA GLN C 1028 -30.19 23.40 -30.11
C GLN C 1028 -29.01 22.67 -30.73
N SER C 1029 -28.94 21.36 -30.52
CA SER C 1029 -27.82 20.55 -30.96
C SER C 1029 -28.20 19.75 -32.19
N LYS C 1030 -27.38 19.85 -33.23
CA LYS C 1030 -27.54 19.03 -34.42
C LYS C 1030 -26.85 17.67 -34.29
N ARG C 1031 -26.20 17.42 -33.16
CA ARG C 1031 -25.52 16.15 -32.96
C ARG C 1031 -26.54 15.03 -32.79
N VAL C 1032 -26.32 13.94 -33.52
CA VAL C 1032 -27.27 12.83 -33.51
C VAL C 1032 -27.15 12.07 -32.19
N ASP C 1033 -28.29 11.79 -31.56
CA ASP C 1033 -28.42 10.98 -30.35
C ASP C 1033 -27.71 11.59 -29.15
N PHE C 1034 -27.30 12.85 -29.23
CA PHE C 1034 -26.66 13.51 -28.09
C PHE C 1034 -27.69 13.83 -27.02
N CYS C 1035 -28.84 14.37 -27.42
CA CYS C 1035 -29.90 14.76 -26.49
C CYS C 1035 -31.20 14.15 -27.01
N GLY C 1036 -31.49 12.93 -26.58
CA GLY C 1036 -32.73 12.26 -26.91
C GLY C 1036 -32.63 11.44 -28.18
N LYS C 1037 -33.56 10.50 -28.31
CA LYS C 1037 -33.66 9.65 -29.50
C LYS C 1037 -34.61 10.34 -30.48
N GLY C 1038 -34.04 10.93 -31.53
CA GLY C 1038 -34.79 11.66 -32.52
C GLY C 1038 -34.15 13.01 -32.76
N TYR C 1039 -34.83 13.85 -33.53
CA TYR C 1039 -34.35 15.19 -33.80
C TYR C 1039 -34.64 16.07 -32.60
N HIS C 1040 -33.59 16.61 -32.00
CA HIS C 1040 -33.73 17.32 -30.73
C HIS C 1040 -34.40 18.66 -30.94
N LEU C 1041 -35.41 18.95 -30.13
CA LEU C 1041 -36.10 20.23 -30.16
C LEU C 1041 -35.74 21.10 -28.98
N MET C 1042 -35.98 20.65 -27.75
CA MET C 1042 -35.60 21.39 -26.56
C MET C 1042 -35.19 20.40 -25.48
N SER C 1043 -34.74 20.95 -24.35
CA SER C 1043 -34.49 20.14 -23.18
C SER C 1043 -34.68 21.00 -21.95
N PHE C 1044 -35.12 20.37 -20.87
CA PHE C 1044 -35.39 21.06 -19.62
C PHE C 1044 -34.61 20.40 -18.50
N PRO C 1045 -33.79 21.16 -17.76
CA PRO C 1045 -33.05 20.57 -16.64
C PRO C 1045 -33.81 20.62 -15.33
N GLN C 1046 -33.70 19.55 -14.56
CA GLN C 1046 -34.24 19.48 -13.22
C GLN C 1046 -33.15 18.97 -12.27
N SER C 1047 -33.22 19.43 -11.04
CA SER C 1047 -32.24 19.03 -10.04
C SER C 1047 -32.57 17.64 -9.51
N ALA C 1048 -31.57 17.02 -8.87
CA ALA C 1048 -31.73 15.72 -8.24
C ALA C 1048 -30.64 15.58 -7.20
N PRO C 1049 -30.84 14.71 -6.19
CA PRO C 1049 -29.80 14.53 -5.16
C PRO C 1049 -28.47 14.09 -5.74
N HIS C 1050 -27.49 15.01 -5.65
CA HIS C 1050 -26.16 14.84 -6.22
C HIS C 1050 -26.21 14.58 -7.73
N GLY C 1051 -27.11 15.25 -8.43
CA GLY C 1051 -27.15 15.03 -9.87
C GLY C 1051 -28.13 15.92 -10.58
N VAL C 1052 -28.12 15.80 -11.90
CA VAL C 1052 -29.01 16.56 -12.77
C VAL C 1052 -29.77 15.56 -13.63
N VAL C 1053 -30.96 15.97 -14.08
CA VAL C 1053 -31.76 15.16 -14.98
C VAL C 1053 -32.28 16.06 -16.09
N PHE C 1054 -32.24 15.57 -17.31
CA PHE C 1054 -32.68 16.31 -18.47
C PHE C 1054 -33.93 15.65 -19.05
N LEU C 1055 -34.94 16.47 -19.32
CA LEU C 1055 -36.08 16.06 -20.12
C LEU C 1055 -35.82 16.56 -21.53
N HIS C 1056 -35.37 15.67 -22.40
CA HIS C 1056 -35.10 15.99 -23.80
C HIS C 1056 -36.41 15.81 -24.56
N VAL C 1057 -36.97 16.90 -25.05
CA VAL C 1057 -38.17 16.84 -25.88
C VAL C 1057 -37.75 16.92 -27.34
N THR C 1058 -38.10 15.87 -28.09
CA THR C 1058 -37.55 15.63 -29.42
C THR C 1058 -38.67 15.27 -30.38
N TYR C 1059 -38.33 15.34 -31.67
CA TYR C 1059 -39.24 15.12 -32.77
C TYR C 1059 -38.88 13.79 -33.44
N VAL C 1060 -39.86 12.90 -33.59
CA VAL C 1060 -39.63 11.65 -34.31
C VAL C 1060 -40.69 11.47 -35.38
N PRO C 1061 -40.36 10.89 -36.52
CA PRO C 1061 -41.38 10.54 -37.51
C PRO C 1061 -42.28 9.43 -36.99
N ALA C 1062 -43.54 9.43 -37.47
CA ALA C 1062 -44.52 8.49 -36.96
C ALA C 1062 -45.01 7.52 -38.03
N GLN C 1063 -45.55 8.01 -39.14
CA GLN C 1063 -46.23 7.16 -40.11
C GLN C 1063 -45.59 7.37 -41.48
N GLU C 1064 -44.67 6.48 -41.85
CA GLU C 1064 -44.03 6.56 -43.15
C GLU C 1064 -44.93 5.96 -44.23
N LYS C 1065 -44.80 6.49 -45.44
CA LYS C 1065 -45.53 6.00 -46.60
C LYS C 1065 -44.57 5.82 -47.76
N ASN C 1066 -44.85 4.81 -48.58
CA ASN C 1066 -44.05 4.51 -49.75
C ASN C 1066 -44.34 5.50 -50.87
N PHE C 1067 -43.31 5.82 -51.66
CA PHE C 1067 -43.47 6.72 -52.79
C PHE C 1067 -42.45 6.34 -53.86
N THR C 1068 -42.88 6.45 -55.11
CA THR C 1068 -41.99 6.26 -56.25
C THR C 1068 -41.25 7.56 -56.52
N THR C 1069 -39.92 7.50 -56.53
CA THR C 1069 -39.12 8.72 -56.52
C THR C 1069 -38.08 8.67 -57.63
N ALA C 1070 -37.64 9.87 -58.05
CA ALA C 1070 -36.66 10.02 -59.12
C ALA C 1070 -35.69 11.14 -58.75
N PRO C 1071 -34.40 10.99 -59.06
CA PRO C 1071 -33.42 12.02 -58.65
C PRO C 1071 -33.57 13.34 -59.39
N ALA C 1072 -34.08 13.34 -60.61
CA ALA C 1072 -34.14 14.57 -61.39
C ALA C 1072 -35.26 14.46 -62.42
N ILE C 1073 -35.60 15.61 -63.01
CA ILE C 1073 -36.65 15.71 -64.01
C ILE C 1073 -36.05 16.35 -65.26
N CYS C 1074 -36.16 15.66 -66.39
CA CYS C 1074 -35.75 16.23 -67.68
C CYS C 1074 -36.99 16.84 -68.32
N HIS C 1075 -37.09 18.17 -68.26
CA HIS C 1075 -38.30 18.84 -68.73
C HIS C 1075 -38.31 18.97 -70.25
N ASP C 1076 -37.36 19.71 -70.80
CA ASP C 1076 -37.28 19.92 -72.24
C ASP C 1076 -35.84 19.86 -72.70
N GLY C 1077 -35.09 18.87 -72.23
CA GLY C 1077 -33.69 18.74 -72.56
C GLY C 1077 -32.74 19.17 -71.46
N LYS C 1078 -33.24 19.82 -70.41
CA LYS C 1078 -32.41 20.23 -69.28
C LYS C 1078 -32.94 19.57 -68.01
N ALA C 1079 -32.02 19.05 -67.21
CA ALA C 1079 -32.39 18.38 -65.97
C ALA C 1079 -32.85 19.39 -64.93
N HIS C 1080 -33.67 18.93 -64.00
CA HIS C 1080 -34.18 19.76 -62.92
C HIS C 1080 -33.90 19.06 -61.59
N PHE C 1081 -33.26 19.78 -60.67
CA PHE C 1081 -32.99 19.25 -59.35
C PHE C 1081 -33.67 20.10 -58.29
N PRO C 1082 -34.22 19.49 -57.24
CA PRO C 1082 -34.94 20.28 -56.24
C PRO C 1082 -33.98 21.04 -55.34
N ARG C 1083 -34.42 22.23 -54.92
CA ARG C 1083 -33.63 23.01 -53.97
C ARG C 1083 -33.63 22.35 -52.60
N GLU C 1084 -34.81 22.19 -52.01
CA GLU C 1084 -34.98 21.42 -50.79
C GLU C 1084 -36.12 20.43 -50.98
N GLY C 1085 -35.92 19.21 -50.52
CA GLY C 1085 -36.88 18.15 -50.72
C GLY C 1085 -36.47 17.22 -51.85
N VAL C 1086 -37.38 16.29 -52.16
CA VAL C 1086 -37.15 15.30 -53.19
C VAL C 1086 -38.36 15.23 -54.12
N PHE C 1087 -38.12 14.69 -55.32
CA PHE C 1087 -39.18 14.38 -56.27
C PHE C 1087 -39.79 13.04 -55.92
N VAL C 1088 -41.10 13.01 -55.67
CA VAL C 1088 -41.81 11.76 -55.41
C VAL C 1088 -43.05 11.71 -56.28
N SER C 1089 -43.67 10.54 -56.31
CA SER C 1089 -44.88 10.34 -57.11
C SER C 1089 -45.75 9.28 -56.45
N ASN C 1090 -47.06 9.51 -56.48
CA ASN C 1090 -48.02 8.53 -56.01
C ASN C 1090 -48.47 7.59 -57.12
N GLY C 1091 -47.91 7.73 -58.32
CA GLY C 1091 -48.22 6.83 -59.43
C GLY C 1091 -48.42 7.53 -60.74
N THR C 1092 -48.98 8.74 -60.72
CA THR C 1092 -49.28 9.49 -61.92
C THR C 1092 -48.56 10.84 -61.98
N HIS C 1093 -48.66 11.64 -60.92
CA HIS C 1093 -48.09 12.98 -60.90
C HIS C 1093 -46.91 13.05 -59.96
N TRP C 1094 -46.01 13.99 -60.24
CA TRP C 1094 -44.76 14.15 -59.49
C TRP C 1094 -44.80 15.44 -58.68
N PHE C 1095 -44.25 15.38 -57.48
CA PHE C 1095 -44.31 16.48 -56.52
C PHE C 1095 -42.96 16.64 -55.83
N VAL C 1096 -42.71 17.84 -55.32
CA VAL C 1096 -41.57 18.08 -54.45
C VAL C 1096 -42.05 17.94 -53.00
N THR C 1097 -41.18 17.40 -52.14
CA THR C 1097 -41.57 17.14 -50.77
C THR C 1097 -40.42 17.46 -49.83
N GLN C 1098 -40.75 17.99 -48.66
CA GLN C 1098 -39.77 18.08 -47.58
C GLN C 1098 -39.33 16.68 -47.17
N ARG C 1099 -38.05 16.54 -46.82
CA ARG C 1099 -37.49 15.22 -46.60
C ARG C 1099 -37.91 14.60 -45.28
N ASN C 1100 -38.57 15.35 -44.38
CA ASN C 1100 -38.98 14.82 -43.10
C ASN C 1100 -40.47 14.94 -42.83
N PHE C 1101 -41.26 15.44 -43.79
CA PHE C 1101 -42.70 15.54 -43.63
C PHE C 1101 -43.32 15.57 -45.02
N TYR C 1102 -44.49 14.96 -45.15
CA TYR C 1102 -45.14 14.87 -46.46
C TYR C 1102 -45.88 16.17 -46.71
N GLU C 1103 -45.30 17.02 -47.55
CA GLU C 1103 -45.90 18.29 -47.97
C GLU C 1103 -45.81 18.37 -49.49
N PRO C 1104 -46.74 17.72 -50.20
CA PRO C 1104 -46.62 17.67 -51.66
C PRO C 1104 -46.98 19.00 -52.30
N GLN C 1105 -46.07 19.48 -53.15
CA GLN C 1105 -46.27 20.73 -53.88
C GLN C 1105 -46.05 20.46 -55.37
N ILE C 1106 -46.69 21.26 -56.21
CA ILE C 1106 -46.55 21.09 -57.65
C ILE C 1106 -45.16 21.54 -58.08
N ILE C 1107 -44.68 20.96 -59.19
CA ILE C 1107 -43.35 21.26 -59.69
C ILE C 1107 -43.35 22.64 -60.35
N THR C 1108 -42.86 23.63 -59.61
CA THR C 1108 -42.74 25.00 -60.10
C THR C 1108 -41.27 25.34 -60.17
N THR C 1109 -40.90 26.22 -61.11
CA THR C 1109 -39.50 26.51 -61.39
C THR C 1109 -38.78 27.22 -60.25
N ASP C 1110 -39.50 27.72 -59.25
CA ASP C 1110 -38.84 28.25 -58.05
C ASP C 1110 -38.46 27.16 -57.06
N ASN C 1111 -39.01 25.96 -57.20
CA ASN C 1111 -38.63 24.82 -56.38
C ASN C 1111 -37.46 24.03 -56.95
N THR C 1112 -37.08 24.29 -58.20
CA THR C 1112 -36.07 23.51 -58.90
C THR C 1112 -35.03 24.44 -59.51
N PHE C 1113 -33.85 23.89 -59.75
CA PHE C 1113 -32.80 24.57 -60.49
C PHE C 1113 -32.26 23.64 -61.56
N VAL C 1114 -31.83 24.22 -62.67
CA VAL C 1114 -31.40 23.45 -63.84
C VAL C 1114 -29.90 23.31 -63.83
N SER C 1115 -29.41 22.18 -64.36
CA SER C 1115 -27.97 21.95 -64.46
C SER C 1115 -27.73 20.95 -65.58
N GLY C 1116 -27.32 21.45 -66.74
CA GLY C 1116 -26.84 20.60 -67.82
C GLY C 1116 -27.92 19.85 -68.56
N ASN C 1117 -27.46 18.85 -69.31
CA ASN C 1117 -28.32 18.03 -70.16
C ASN C 1117 -28.83 16.83 -69.37
N CYS C 1118 -30.01 16.35 -69.76
CA CYS C 1118 -30.66 15.21 -69.08
C CYS C 1118 -30.26 13.89 -69.75
N ASP C 1119 -28.95 13.63 -69.78
CA ASP C 1119 -28.43 12.38 -70.31
C ASP C 1119 -27.36 11.74 -69.46
N VAL C 1120 -26.79 12.46 -68.49
CA VAL C 1120 -25.75 11.91 -67.62
C VAL C 1120 -26.28 11.48 -66.27
N VAL C 1121 -27.47 11.89 -65.89
CA VAL C 1121 -28.07 11.49 -64.62
C VAL C 1121 -28.69 10.11 -64.78
N ILE C 1122 -28.35 9.19 -63.90
CA ILE C 1122 -28.87 7.83 -63.93
C ILE C 1122 -30.17 7.80 -63.16
N GLY C 1123 -31.26 7.42 -63.84
CA GLY C 1123 -32.56 7.34 -63.23
C GLY C 1123 -33.44 8.55 -63.40
N ILE C 1124 -33.04 9.51 -64.24
CA ILE C 1124 -33.87 10.69 -64.47
C ILE C 1124 -35.09 10.31 -65.30
N VAL C 1125 -36.24 10.86 -64.94
CA VAL C 1125 -37.50 10.54 -65.60
C VAL C 1125 -37.99 11.76 -66.37
N ASN C 1126 -39.09 11.56 -67.09
CA ASN C 1126 -39.64 12.53 -68.02
C ASN C 1126 -40.87 13.18 -67.41
N ASN C 1127 -40.92 14.51 -67.40
CA ASN C 1127 -42.06 15.26 -66.91
C ASN C 1127 -41.98 16.68 -67.43
N THR C 1128 -43.01 17.46 -67.10
CA THR C 1128 -43.08 18.87 -67.43
C THR C 1128 -42.98 19.69 -66.15
N VAL C 1129 -42.17 20.74 -66.21
CA VAL C 1129 -41.95 21.64 -65.06
C VAL C 1129 -42.73 22.92 -65.33
N TYR C 1130 -43.68 23.22 -64.45
CA TYR C 1130 -44.49 24.42 -64.60
C TYR C 1130 -43.67 25.65 -64.25
N ASP C 1131 -43.93 26.74 -64.95
CA ASP C 1131 -43.33 28.03 -64.65
C ASP C 1131 -44.40 29.12 -64.65
N PRO C 1132 -44.34 30.05 -63.69
CA PRO C 1132 -45.31 31.15 -63.62
C PRO C 1132 -45.15 32.15 -64.75
C1 NAG D . -16.51 -5.67 -55.27
C2 NAG D . -16.99 -6.53 -56.45
C3 NAG D . -16.30 -7.89 -56.44
C4 NAG D . -14.79 -7.74 -56.39
C5 NAG D . -14.39 -6.86 -55.21
C6 NAG D . -12.91 -6.55 -55.18
C7 NAG D . -19.23 -6.26 -57.43
C8 NAG D . -20.69 -6.50 -57.24
N2 NAG D . -18.43 -6.68 -56.44
O3 NAG D . -16.68 -8.63 -57.60
O4 NAG D . -14.11 -8.99 -56.32
O5 NAG D . -15.07 -5.59 -55.30
O6 NAG D . -12.41 -6.24 -56.47
O7 NAG D . -18.77 -5.72 -58.43
C1 NAG D . -14.60 -9.88 -55.28
C2 NAG D . -14.61 -11.29 -55.85
C3 NAG D . -15.10 -12.28 -54.80
C4 NAG D . -14.28 -12.16 -53.52
C5 NAG D . -14.27 -10.71 -53.04
C6 NAG D . -13.39 -10.48 -51.85
C7 NAG D . -14.94 -11.28 -58.29
C8 NAG D . -15.93 -11.39 -59.41
N2 NAG D . -15.43 -11.38 -57.05
O3 NAG D . -14.99 -13.61 -55.31
O4 NAG D . -14.82 -12.98 -52.51
O5 NAG D . -13.79 -9.85 -54.09
O6 NAG D . -14.09 -9.86 -50.78
O7 NAG D . -13.73 -11.11 -58.49
C1 NAG E . 44.80 -14.83 6.87
C2 NAG E . 44.85 -14.11 8.24
C3 NAG E . 45.42 -12.70 8.12
C4 NAG E . 46.79 -12.76 7.44
C5 NAG E . 46.62 -13.41 6.06
C6 NAG E . 47.93 -13.52 5.31
C7 NAG E . 42.43 -13.55 8.45
C8 NAG E . 41.22 -13.70 9.34
N2 NAG E . 43.55 -14.11 8.91
O3 NAG E . 45.55 -12.14 9.41
O4 NAG E . 47.45 -11.50 7.34
O5 NAG E . 46.12 -14.74 6.23
O6 NAG E . 48.35 -12.25 4.82
O7 NAG E . 42.37 -12.94 7.38
C1 NAG E . 46.70 -10.33 6.97
C2 NAG E . 47.60 -9.12 7.33
C3 NAG E . 46.97 -7.78 6.90
C4 NAG E . 46.54 -7.85 5.45
C5 NAG E . 45.64 -9.06 5.22
C6 NAG E . 45.23 -9.23 3.77
C7 NAG E . 47.53 -9.00 9.92
C8 NAG E . 46.01 -8.89 9.99
N2 NAG E . 48.13 -9.10 8.71
O3 NAG E . 47.93 -6.74 7.08
O4 NAG E . 45.82 -6.66 5.11
O5 NAG E . 46.35 -10.26 5.58
O6 NAG E . 44.76 -8.00 3.22
O7 NAG E . 48.20 -9.01 10.94
C1 NAG F . -1.38 46.82 -34.16
C2 NAG F . -0.70 47.94 -34.96
C3 NAG F . 0.54 48.44 -34.21
C4 NAG F . 0.19 48.84 -32.78
C5 NAG F . -0.50 47.68 -32.07
C6 NAG F . -0.99 48.04 -30.69
C7 NAG F . -0.82 48.09 -37.40
C8 NAG F . -0.34 47.50 -38.70
N2 NAG F . -0.35 47.50 -36.30
O3 NAG F . 1.09 49.55 -34.91
O4 NAG F . 1.32 49.27 -32.05
O5 NAG F . -1.66 47.27 -32.82
O6 NAG F . -1.30 49.42 -30.59
O7 NAG F . -1.57 49.06 -37.36
C1 NAG F . 2.46 48.37 -32.09
C2 NAG F . 3.73 49.21 -32.19
C3 NAG F . 4.96 48.31 -32.21
C4 NAG F . 4.95 47.36 -31.02
C5 NAG F . 3.63 46.59 -30.97
C6 NAG F . 3.51 45.71 -29.74
C7 NAG F . 3.31 51.35 -33.32
C8 NAG F . 3.34 52.09 -34.62
N2 NAG F . 3.70 50.07 -33.36
O3 NAG F . 6.13 49.11 -32.19
O4 NAG F . 6.03 46.44 -31.13
O5 NAG F . 2.53 47.51 -30.93
O6 NAG F . 3.07 44.40 -30.08
O7 NAG F . 2.95 51.88 -32.27
C1 NAG G . 9.31 11.29 45.49
C2 NAG G . 8.83 9.91 45.94
C3 NAG G . 7.35 9.93 46.33
C4 NAG G . 7.13 11.02 47.38
C5 NAG G . 7.59 12.36 46.82
C6 NAG G . 7.42 13.49 47.80
C7 NAG G . 8.62 8.81 43.69
C8 NAG G . 9.07 7.64 42.89
N2 NAG G . 9.10 8.85 44.95
O3 NAG G . 7.00 8.66 46.86
O4 NAG G . 5.78 11.09 47.87
O5 NAG G . 8.98 12.28 46.48
O6 NAG G . 6.05 13.85 47.96
O7 NAG G . 7.87 9.66 43.24
C1 NAG G . 4.70 10.96 46.94
C2 NAG G . 3.44 10.67 47.80
C3 NAG G . 2.16 10.60 46.96
C4 NAG G . 2.05 11.83 46.04
C5 NAG G . 3.34 11.99 45.24
C6 NAG G . 3.33 13.24 44.38
C7 NAG G . 3.74 8.23 48.62
C8 NAG G . 3.86 7.65 47.22
N2 NAG G . 3.55 9.57 48.77
O3 NAG G . 1.03 10.53 47.80
O4 NAG G . 0.95 11.67 45.15
O5 NAG G . 4.46 12.11 46.12
O6 NAG G . 2.50 13.07 43.24
O7 NAG G . 3.81 7.50 49.60
C1 NAG H . -51.22 21.43 -16.65
C2 NAG H . -52.52 22.18 -16.34
C3 NAG H . -53.05 21.78 -14.96
C4 NAG H . -53.19 20.27 -14.87
C5 NAG H . -51.87 19.59 -15.22
C6 NAG H . -51.97 18.08 -15.26
C7 NAG H . -53.04 24.41 -17.21
C8 NAG H . -52.70 25.87 -17.16
N2 NAG H . -52.31 23.62 -16.41
O3 NAG H . -54.31 22.40 -14.75
O4 NAG H . -53.63 19.85 -13.58
O5 NAG H . -51.44 20.02 -16.52
O6 NAG H . -53.25 17.66 -15.74
O7 NAG H . -53.92 23.97 -17.95
C1 NAG H . -52.87 20.39 -12.47
C2 NAG H . -53.86 20.75 -11.35
C3 NAG H . -53.11 21.30 -10.14
C4 NAG H . -51.99 20.35 -9.71
C5 NAG H . -51.10 20.01 -10.90
C6 NAG H . -50.04 18.98 -10.56
C7 NAG H . -56.06 21.30 -12.26
C8 NAG H . -56.98 22.41 -12.69
N2 NAG H . -54.87 21.68 -11.81
O3 NAG H . -54.02 21.51 -9.08
O4 NAG H . -51.22 20.93 -8.67
O5 NAG H . -51.88 19.48 -11.97
O6 NAG H . -48.74 19.42 -10.93
O7 NAG H . -56.39 20.12 -12.32
C1 NAG I . -4.71 -41.10 23.65
C2 NAG I . -3.26 -41.08 23.16
C3 NAG I . -3.03 -42.10 22.05
C4 NAG I . -3.50 -43.47 22.49
C5 NAG I . -4.96 -43.41 22.90
C6 NAG I . -5.50 -44.71 23.43
C7 NAG I . -1.94 -39.01 23.33
C8 NAG I . -1.68 -37.66 22.74
N2 NAG I . -2.88 -39.74 22.73
O3 NAG I . -1.63 -42.12 21.76
O4 NAG I . -3.32 -44.50 21.51
O5 NAG I . -5.09 -42.45 23.96
O6 NAG I . -5.39 -45.74 22.46
O7 NAG I . -1.33 -39.42 24.32
C1 NAG I . -3.47 -44.17 20.11
C2 NAG I . -2.98 -45.42 19.33
C3 NAG I . -3.15 -45.24 17.80
C4 NAG I . -4.57 -44.80 17.48
C5 NAG I . -4.95 -43.57 18.31
C6 NAG I . -6.38 -43.12 18.08
C7 NAG I . -0.40 -45.40 19.64
C8 NAG I . -0.22 -44.01 19.09
N2 NAG I . -1.65 -45.93 19.70
O3 NAG I . -2.86 -46.47 17.15
O4 NAG I . -4.69 -44.50 16.10
O5 NAG I . -4.81 -43.85 19.71
O6 NAG I . -6.42 -41.92 17.33
O7 NAG I . 0.57 -46.05 20.03
C1 NAG J . 66.99 -24.42 -3.01
C2 NAG J . 67.31 -23.28 -2.04
C3 NAG J . 68.74 -23.42 -1.53
C4 NAG J . 68.97 -24.81 -0.93
C5 NAG J . 68.56 -25.89 -1.93
C6 NAG J . 68.64 -27.28 -1.36
C7 NAG J . 66.71 -20.91 -2.04
C8 NAG J . 66.56 -19.66 -2.85
N2 NAG J . 67.12 -21.99 -2.69
O3 NAG J . 68.97 -22.43 -0.53
O4 NAG J . 70.34 -24.97 -0.59
O5 NAG J . 67.21 -25.69 -2.36
O6 NAG J . 69.97 -27.63 -1.03
O7 NAG J . 66.47 -20.92 -0.83
C1 NAG K . 39.87 -10.27 -26.01
C2 NAG K . 40.20 -8.97 -26.79
C3 NAG K . 40.05 -9.17 -28.31
C4 NAG K . 40.80 -10.41 -28.76
C5 NAG K . 40.41 -11.62 -27.91
C6 NAG K . 41.18 -12.87 -28.26
C7 NAG K . 38.26 -7.36 -26.19
C8 NAG K . 37.17 -8.29 -26.68
N2 NAG K . 39.56 -7.74 -26.29
O3 NAG K . 40.54 -8.02 -28.98
O4 NAG K . 40.51 -10.68 -30.13
O5 NAG K . 40.66 -11.35 -26.53
O6 NAG K . 41.82 -13.41 -27.12
O7 NAG K . 37.97 -6.26 -25.72
C1 NAG L . 46.54 -6.56 -17.71
C2 NAG L . 46.44 -5.41 -18.72
C3 NAG L . 47.82 -5.05 -19.25
C4 NAG L . 48.78 -4.76 -18.10
C5 NAG L . 48.79 -5.93 -17.12
C6 NAG L . 49.63 -5.66 -15.88
C7 NAG L . 44.57 -4.95 -20.25
C8 NAG L . 43.75 -5.45 -21.39
N2 NAG L . 45.55 -5.75 -19.82
O3 NAG L . 47.73 -3.92 -20.10
O4 NAG L . 50.09 -4.54 -18.59
O5 NAG L . 47.46 -6.21 -16.67
O6 NAG L . 50.77 -4.88 -16.20
O7 NAG L . 44.35 -3.86 -19.72
C1 NAG M . 51.44 -32.16 17.37
C2 NAG M . 51.64 -31.09 18.45
C3 NAG M . 52.59 -31.59 19.54
C4 NAG M . 52.13 -32.95 20.08
C5 NAG M . 51.94 -33.93 18.92
C6 NAG M . 51.37 -35.26 19.38
C7 NAG M . 53.22 -29.57 17.25
C8 NAG M . 53.43 -28.16 16.81
N2 NAG M . 52.07 -29.81 17.91
O3 NAG M . 52.64 -30.65 20.60
O4 NAG M . 53.10 -33.47 20.98
O5 NAG M . 51.01 -33.39 17.97
O6 NAG M . 51.65 -35.49 20.75
O7 NAG M . 54.05 -30.45 17.02
C1 NAG N . 48.00 -42.96 -6.13
C2 NAG N . 48.10 -42.40 -4.70
C3 NAG N . 47.61 -43.42 -3.68
C4 NAG N . 46.24 -43.95 -4.06
C5 NAG N . 46.27 -44.49 -5.48
C6 NAG N . 44.93 -45.01 -5.96
C7 NAG N . 49.96 -40.78 -4.64
C8 NAG N . 51.39 -40.56 -4.25
N2 NAG N . 49.46 -42.00 -4.40
O3 NAG N . 47.55 -42.82 -2.40
O4 NAG N . 45.86 -45.00 -3.17
O5 NAG N . 46.66 -43.43 -6.38
O6 NAG N . 44.98 -45.38 -7.33
O7 NAG N . 49.28 -39.89 -5.15
C1 NAG O . 18.28 -31.92 -19.68
C2 NAG O . 18.39 -31.63 -21.18
C3 NAG O . 18.07 -32.89 -21.99
C4 NAG O . 18.95 -34.04 -21.53
C5 NAG O . 18.83 -34.24 -20.03
C6 NAG O . 19.78 -35.29 -19.48
C7 NAG O . 17.86 -29.57 -22.41
C8 NAG O . 16.82 -28.53 -22.69
N2 NAG O . 17.49 -30.55 -21.57
O3 NAG O . 18.28 -32.64 -23.37
O4 NAG O . 18.57 -35.25 -22.20
O5 NAG O . 19.13 -33.02 -19.34
O6 NAG O . 20.97 -34.68 -18.98
O7 NAG O . 18.97 -29.54 -22.92
C1 NAG P . 47.06 12.18 14.87
C2 NAG P . 47.65 13.60 15.14
C3 NAG P . 47.77 14.45 13.87
C4 NAG P . 48.47 13.67 12.77
C5 NAG P . 47.74 12.36 12.53
C6 NAG P . 48.39 11.50 11.47
C7 NAG P . 45.79 14.84 16.47
C8 NAG P . 44.74 14.68 15.39
N2 NAG P . 47.04 14.33 16.27
O3 NAG P . 48.48 15.65 14.16
O4 NAG P . 48.49 14.43 11.56
O5 NAG P . 47.75 11.59 13.74
O6 NAG P . 48.38 10.13 11.83
O7 NAG P . 45.53 15.43 17.52
C1 NAG Q . 43.42 -7.52 39.82
C2 NAG Q . 44.11 -8.79 39.25
C3 NAG Q . 45.27 -9.28 40.14
C4 NAG Q . 46.21 -8.12 40.48
C5 NAG Q . 45.41 -6.94 41.05
C6 NAG Q . 46.27 -5.73 41.33
C7 NAG Q . 42.34 -10.67 39.51
C8 NAG Q . 42.20 -10.48 41.00
N2 NAG Q . 43.21 -9.88 38.82
O3 NAG Q . 45.98 -10.31 39.47
O4 NAG Q . 47.16 -8.54 41.45
O5 NAG Q . 44.42 -6.52 40.11
O6 NAG Q . 45.49 -4.65 41.82
O7 NAG Q . 41.68 -11.52 38.91
C1 NAG R . 47.34 -13.85 31.72
C2 NAG R . 48.50 -12.88 31.96
C3 NAG R . 49.63 -13.59 32.70
C4 NAG R . 49.11 -14.22 33.98
C5 NAG R . 47.92 -15.13 33.67
C6 NAG R . 47.28 -15.69 34.92
C7 NAG R . 48.87 -11.02 30.38
C8 NAG R . 48.22 -10.13 31.39
N2 NAG R . 48.98 -12.32 30.70
O3 NAG R . 50.66 -12.64 33.01
O4 NAG R . 50.14 -14.99 34.60
O5 NAG R . 46.90 -14.39 32.98
O6 NAG R . 48.26 -16.09 35.87
O7 NAG R . 49.29 -10.59 29.31
C1 NAG S . 29.69 24.22 -20.01
C2 NAG S . 31.17 24.58 -20.22
C3 NAG S . 31.29 26.00 -20.80
C4 NAG S . 30.43 26.13 -22.05
C5 NAG S . 28.99 25.68 -21.77
C6 NAG S . 28.11 25.68 -23.00
C7 NAG S . 33.12 23.95 -18.82
C8 NAG S . 33.76 23.42 -20.09
N2 NAG S . 31.90 24.49 -18.96
O3 NAG S . 32.64 26.29 -21.10
O4 NAG S . 30.42 27.49 -22.49
O5 NAG S . 29.00 24.35 -21.27
O6 NAG S . 26.81 26.18 -22.72
O7 NAG S . 33.69 23.91 -17.75
C1 NAG T . 26.92 21.50 -39.47
C2 NAG T . 28.14 21.73 -40.35
C3 NAG T . 29.27 22.34 -39.54
C4 NAG T . 28.79 23.61 -38.84
C5 NAG T . 27.55 23.31 -38.02
C6 NAG T . 26.94 24.55 -37.40
C7 NAG T . 28.45 20.19 -42.27
C8 NAG T . 27.81 21.26 -43.13
N2 NAG T . 28.58 20.47 -40.97
O3 NAG T . 30.37 22.64 -40.40
O4 NAG T . 29.82 24.11 -37.99
O5 NAG T . 26.53 22.74 -38.85
O6 NAG T . 27.86 25.64 -37.41
O7 NAG T . 28.82 19.13 -42.74
C1 NAG U . -4.90 45.21 -52.54
C2 NAG U . -5.49 46.61 -52.67
C3 NAG U . -4.69 47.43 -53.68
C4 NAG U . -3.21 47.44 -53.30
C5 NAG U . -2.70 46.02 -53.12
C6 NAG U . -1.28 45.97 -52.60
C7 NAG U . -7.91 47.04 -52.35
C8 NAG U . -7.53 47.70 -51.06
N2 NAG U . -6.89 46.54 -53.08
O3 NAG U . -5.20 48.76 -53.72
O4 NAG U . -2.46 48.09 -54.31
O5 NAG U . -3.51 45.32 -52.15
O6 NAG U . -0.36 46.46 -53.57
O7 NAG U . -9.07 46.96 -52.73
C1 NAG V . -10.75 14.16 -61.31
C2 NAG V . -10.68 14.09 -62.84
C3 NAG V . -10.87 12.64 -63.30
C4 NAG V . -9.88 11.72 -62.62
C5 NAG V . -9.99 11.88 -61.10
C6 NAG V . -8.96 11.08 -60.34
C7 NAG V . -11.41 16.20 -63.86
C8 NAG V . -12.56 16.94 -64.47
N2 NAG V . -11.68 14.95 -63.45
O3 NAG V . -10.70 12.57 -64.72
O4 NAG V . -10.14 10.37 -62.97
O5 NAG V . -9.79 13.25 -60.74
O6 NAG V . -8.72 11.63 -59.05
O7 NAG V . -10.29 16.68 -63.76
C1 NAG W . -1.77 30.87 -57.47
C2 NAG W . -1.23 29.43 -57.33
C3 NAG W . 0.04 29.37 -56.45
C4 NAG W . 1.06 30.39 -56.93
C5 NAG W . 0.42 31.77 -56.99
C6 NAG W . 1.37 32.83 -57.51
C7 NAG W . -3.00 28.21 -55.88
C8 NAG W . -2.90 29.19 -54.72
N2 NAG W . -2.23 28.40 -56.98
O3 NAG W . 0.59 28.06 -56.52
O4 NAG W . 2.16 30.42 -56.03
O5 NAG W . -0.70 31.75 -57.88
O6 NAG W . 1.19 33.05 -58.91
O7 NAG W . -3.77 27.26 -55.82
C1 NAG X . -12.92 33.53 -69.39
C2 NAG X . -12.16 33.13 -70.65
C3 NAG X . -12.94 33.57 -71.90
C4 NAG X . -14.37 33.04 -71.85
C5 NAG X . -15.04 33.44 -70.54
C6 NAG X . -16.42 32.84 -70.38
C7 NAG X . -10.42 34.93 -70.66
C8 NAG X . -8.94 35.17 -70.69
N2 NAG X . -10.79 33.64 -70.68
O3 NAG X . -12.28 33.08 -73.07
O4 NAG X . -15.12 33.57 -72.94
O5 NAG X . -14.25 32.98 -69.42
O6 NAG X . -16.61 31.71 -71.22
O7 NAG X . -11.22 35.86 -70.62
C1 NAG Y . -18.32 51.56 -61.82
C2 NAG Y . -17.08 52.23 -62.43
C3 NAG Y . -16.59 53.37 -61.52
C4 NAG Y . -17.72 54.35 -61.24
C5 NAG Y . -18.91 53.61 -60.63
C6 NAG Y . -20.11 54.51 -60.43
C7 NAG Y . -15.15 51.38 -63.67
C8 NAG Y . -14.11 50.30 -63.75
N2 NAG Y . -16.02 51.28 -62.66
O3 NAG Y . -15.51 54.05 -62.13
O4 NAG Y . -17.28 55.35 -60.32
O5 NAG Y . -19.33 52.56 -61.52
O6 NAG Y . -20.56 55.05 -61.66
O7 NAG Y . -15.20 52.29 -64.48
C1 NAG Z . 13.14 29.58 62.88
C2 NAG Z . 12.09 28.57 63.30
C3 NAG Z . 12.56 27.79 64.54
C4 NAG Z . 13.94 27.18 64.29
C5 NAG Z . 14.91 28.26 63.82
C6 NAG Z . 16.27 27.72 63.45
C7 NAG Z . 9.63 28.65 63.25
C8 NAG Z . 8.42 29.46 63.59
N2 NAG Z . 10.81 29.21 63.57
O3 NAG Z . 11.62 26.75 64.83
O4 NAG Z . 14.42 26.58 65.48
O5 NAG Z . 14.39 28.92 62.66
O6 NAG Z . 17.29 28.67 63.68
O7 NAG Z . 9.55 27.55 62.72
C1 NAG AA . 0.05 38.96 29.17
C2 NAG AA . -1.37 39.57 29.10
C3 NAG AA . -1.37 40.93 28.38
C4 NAG AA . -0.29 41.83 28.96
C5 NAG AA . 1.06 41.12 29.00
C6 NAG AA . 2.15 41.94 29.65
C7 NAG AA . -2.64 38.03 27.43
C8 NAG AA . -1.66 38.23 26.30
N2 NAG AA . -2.43 38.67 28.62
O3 NAG AA . -2.64 41.53 28.50
O4 NAG AA . -0.18 43.02 28.18
O5 NAG AA . 0.95 39.90 29.75
O6 NAG AA . 2.74 41.23 30.73
O7 NAG AA . -3.62 37.30 27.28
C1 NAG BA . -3.58 32.69 37.47
C2 NAG BA . -4.60 33.57 36.74
C3 NAG BA . -5.37 34.44 37.75
C4 NAG BA . -5.99 33.57 38.84
C5 NAG BA . -4.92 32.70 39.48
C6 NAG BA . -5.48 31.73 40.49
C7 NAG BA . -4.52 34.73 34.57
C8 NAG BA . -3.72 35.60 33.67
N2 NAG BA . -3.96 34.41 35.74
O3 NAG BA . -6.39 35.17 37.07
O4 NAG BA . -6.58 34.40 39.83
O5 NAG BA . -4.24 31.92 38.48
O6 NAG BA . -4.97 31.99 41.80
O7 NAG BA . -5.65 34.33 34.27
C1 NAG CA . 27.03 8.25 54.98
C2 NAG CA . 26.37 7.69 56.26
C3 NAG CA . 27.42 7.31 57.29
C4 NAG CA . 28.46 6.37 56.67
C5 NAG CA . 29.03 6.98 55.40
C6 NAG CA . 29.97 6.05 54.68
C7 NAG CA . 25.59 9.84 57.28
C8 NAG CA . 24.39 10.56 57.81
N2 NAG CA . 25.37 8.60 56.82
O3 NAG CA . 26.79 6.69 58.41
O4 NAG CA . 29.51 6.15 57.60
O5 NAG CA . 27.97 7.29 54.48
O6 NAG CA . 30.71 5.25 55.59
O7 NAG CA . 26.71 10.37 57.28
C1 NAG DA . 34.55 29.92 45.85
C2 NAG DA . 34.06 28.52 46.26
C3 NAG DA . 35.19 27.50 46.10
C4 NAG DA . 35.78 27.57 44.70
C5 NAG DA . 36.21 29.00 44.38
C6 NAG DA . 36.74 29.17 42.98
C7 NAG DA . 32.29 28.68 47.96
C8 NAG DA . 31.99 28.66 49.43
N2 NAG DA . 33.58 28.53 47.63
O3 NAG DA . 34.68 26.19 46.35
O4 NAG DA . 36.91 26.70 44.60
O5 NAG DA . 35.09 29.87 44.51
O6 NAG DA . 37.78 30.13 42.94
O7 NAG DA . 31.43 28.84 47.12
C1 NAG EA . 25.24 30.64 12.70
C2 NAG EA . 24.66 31.99 12.28
C3 NAG EA . 25.78 32.92 11.79
C4 NAG EA . 26.88 33.04 12.84
C5 NAG EA . 27.38 31.65 13.23
C6 NAG EA . 28.37 31.68 14.37
C7 NAG EA . 22.54 32.58 11.20
C8 NAG EA . 21.59 32.27 10.08
N2 NAG EA . 23.65 31.83 11.26
O3 NAG EA . 25.24 34.20 11.50
O4 NAG EA . 27.96 33.79 12.32
O5 NAG EA . 26.27 30.85 13.68
O6 NAG EA . 27.73 31.56 15.63
O7 NAG EA . 22.32 33.46 12.01
C1 NAG FA . -16.64 -1.55 47.91
C2 NAG FA . -18.11 -1.14 47.89
C3 NAG FA . -18.24 0.36 48.14
C4 NAG FA . -17.53 0.74 49.43
C5 NAG FA . -16.09 0.24 49.42
C6 NAG FA . -15.38 0.47 50.73
C7 NAG FA . -19.49 -2.62 46.49
C8 NAG FA . -20.06 -2.85 45.13
N2 NAG FA . -18.74 -1.51 46.63
O3 NAG FA . -19.62 0.70 48.23
O4 NAG FA . -17.55 2.15 49.60
O5 NAG FA . -16.05 -1.17 49.17
O6 NAG FA . -14.17 1.21 50.55
O7 NAG FA . -19.67 -3.39 47.42
C1 NAG GA . 7.71 -22.22 56.06
C2 NAG GA . 8.78 -21.26 56.63
C3 NAG GA . 9.35 -21.77 57.97
C4 NAG GA . 8.24 -22.13 58.92
C5 NAG GA . 7.26 -23.09 58.25
C6 NAG GA . 6.07 -23.45 59.12
C7 NAG GA . 10.78 -21.49 55.00
C8 NAG GA . 10.91 -22.99 55.18
N2 NAG GA . 9.82 -20.81 55.68
O3 NAG GA . 10.19 -20.76 58.54
O4 NAG GA . 8.77 -22.75 60.08
O5 NAG GA . 6.72 -22.49 57.06
O6 NAG GA . 4.85 -23.39 58.39
O7 NAG GA . 11.55 -20.89 54.26
C1 NAG HA . 12.34 -11.14 56.23
C2 NAG HA . 11.29 -11.09 57.33
C3 NAG HA . 11.93 -11.32 58.70
C4 NAG HA . 12.75 -12.61 58.69
C5 NAG HA . 13.74 -12.59 57.54
C6 NAG HA . 14.51 -13.89 57.40
C7 NAG HA . 9.25 -9.73 57.03
C8 NAG HA . 8.53 -11.01 56.70
N2 NAG HA . 10.55 -9.84 57.31
O3 NAG HA . 10.93 -11.38 59.70
O4 NAG HA . 13.45 -12.75 59.92
O5 NAG HA . 13.06 -12.38 56.29
O6 NAG HA . 15.16 -14.23 58.61
O7 NAG HA . 8.68 -8.64 57.02
C1 NAG IA . -31.49 22.29 18.61
C2 NAG IA . -32.11 23.36 19.50
C3 NAG IA . -33.58 23.58 19.13
C4 NAG IA . -33.71 23.89 17.64
C5 NAG IA . -33.05 22.79 16.82
C6 NAG IA . -33.03 23.08 15.34
C7 NAG IA . -31.24 23.68 21.79
C8 NAG IA . -30.49 24.86 21.25
N2 NAG IA . -32.00 23.01 20.90
O3 NAG IA . -34.11 24.66 19.90
O4 NAG IA . -35.08 23.98 17.28
O5 NAG IA . -31.68 22.64 17.21
O6 NAG IA . -31.72 23.35 14.88
O7 NAG IA . -31.16 23.34 22.96
C1 NAG JA . -31.37 40.80 9.98
C2 NAG JA . -31.84 42.00 10.80
C3 NAG JA . -32.44 41.53 12.13
C4 NAG JA . -33.54 40.49 11.88
C5 NAG JA . -33.01 39.35 11.02
C6 NAG JA . -34.08 38.37 10.63
C7 NAG JA . -30.65 44.13 10.45
C8 NAG JA . -31.75 44.50 9.50
N2 NAG JA . -30.75 42.93 11.04
O3 NAG JA . -32.96 42.64 12.83
O4 NAG JA . -34.00 39.98 13.12
O5 NAG JA . -32.47 39.88 9.79
O6 NAG JA . -35.25 38.52 11.40
O7 NAG JA . -29.71 44.88 10.69
C1 NAG KA . -52.25 37.56 -26.00
C2 NAG KA . -53.48 37.26 -26.83
C3 NAG KA . -54.59 38.27 -26.53
C4 NAG KA . -54.87 38.33 -25.04
C5 NAG KA . -53.57 38.58 -24.26
C6 NAG KA . -53.75 38.52 -22.77
C7 NAG KA . -53.37 36.19 -29.05
C8 NAG KA . -53.95 34.96 -28.42
N2 NAG KA . -53.17 37.24 -28.25
O3 NAG KA . -55.77 37.90 -27.24
O4 NAG KA . -55.79 39.37 -24.76
O5 NAG KA . -52.59 37.59 -24.61
O6 NAG KA . -52.58 38.94 -22.09
O7 NAG KA . -53.08 36.22 -30.24
C1 NAG LA . -22.63 50.18 -32.34
C2 NAG LA . -22.83 51.63 -32.81
C3 NAG LA . -21.49 52.31 -33.03
C4 NAG LA . -20.61 52.19 -31.78
C5 NAG LA . -20.48 50.72 -31.39
C6 NAG LA . -19.72 50.53 -30.09
C7 NAG LA . -24.96 51.91 -34.00
C8 NAG LA . -25.63 51.94 -35.34
N2 NAG LA . -23.64 51.68 -34.01
O3 NAG LA . -21.69 53.68 -33.34
O4 NAG LA . -19.31 52.73 -32.05
O5 NAG LA . -21.78 50.16 -31.18
O6 NAG LA . -20.21 49.41 -29.37
O7 NAG LA . -25.57 52.09 -32.96
C1 NAG MA . -39.50 46.22 -23.93
C2 NAG MA . -38.34 47.02 -23.29
C3 NAG MA . -38.16 46.69 -21.80
C4 NAG MA . -39.49 46.82 -21.08
C5 NAG MA . -40.56 45.97 -21.77
C6 NAG MA . -41.92 46.11 -21.13
C7 NAG MA . -36.20 46.04 -24.38
C8 NAG MA . -36.48 44.62 -23.94
N2 NAG MA . -37.07 47.03 -24.05
O3 NAG MA . -37.21 47.59 -21.23
O4 NAG MA . -39.35 46.37 -19.73
O5 NAG MA . -40.69 46.38 -23.14
O6 NAG MA . -42.09 47.40 -20.54
O7 NAG MA . -35.19 46.30 -25.02
C1 NAG NA . -42.59 52.98 -38.57
C2 NAG NA . -42.49 54.47 -38.24
C3 NAG NA . -43.01 55.32 -39.40
C4 NAG NA . -42.31 54.93 -40.70
C5 NAG NA . -42.43 53.42 -40.94
C6 NAG NA . -41.66 52.94 -42.15
C7 NAG NA . -44.46 54.67 -36.71
C8 NAG NA . -44.87 55.11 -35.34
N2 NAG NA . -43.14 54.82 -36.99
O3 NAG NA . -42.79 56.69 -39.12
O4 NAG NA . -42.90 55.62 -41.80
O5 NAG NA . -41.91 52.70 -39.81
O6 NAG NA . -41.15 54.04 -42.90
O7 NAG NA . -45.27 54.22 -37.51
C1 NAG OA . -58.15 40.53 -42.28
C2 NAG OA . -59.06 41.45 -41.45
C3 NAG OA . -60.09 40.62 -40.68
C4 NAG OA . -60.86 39.71 -41.62
C5 NAG OA . -59.90 38.83 -42.41
C6 NAG OA . -60.60 37.99 -43.46
C7 NAG OA . -58.64 43.54 -40.23
C8 NAG OA . -57.74 44.25 -39.28
N2 NAG OA . -58.29 42.28 -40.55
O3 NAG OA . -60.97 41.48 -39.99
O4 NAG OA . -61.75 38.88 -40.87
O5 NAG OA . -58.95 39.65 -43.11
O6 NAG OA . -61.18 38.81 -44.46
O7 NAG OA . -59.65 44.07 -40.70
C1 NAG PA . -20.27 -60.19 32.63
C2 NAG PA . -19.05 -60.79 31.93
C3 NAG PA . -18.85 -62.24 32.36
C4 NAG PA . -18.78 -62.34 33.88
C5 NAG PA . -20.01 -61.67 34.50
C6 NAG PA . -19.94 -61.62 36.02
C7 NAG PA . -18.18 -60.53 29.64
C8 NAG PA . -18.51 -60.47 28.19
N2 NAG PA . -19.21 -60.70 30.48
O3 NAG PA . -17.64 -62.73 31.79
O4 NAG PA . -18.74 -63.70 34.27
O5 NAG PA . -20.11 -60.32 34.05
O6 NAG PA . -19.90 -62.92 36.58
O7 NAG PA . -17.02 -60.43 30.05
C1 NAG QA . -33.03 -35.09 7.43
C2 NAG QA . -33.58 -35.74 6.14
C3 NAG QA . -34.95 -35.16 5.75
C4 NAG QA . -35.89 -35.20 6.95
C5 NAG QA . -35.25 -34.53 8.16
C6 NAG QA . -36.10 -34.62 9.41
C7 NAG QA . -32.02 -34.87 4.27
C8 NAG QA . -32.29 -33.40 4.55
N2 NAG QA . -32.63 -35.81 5.01
O3 NAG QA . -35.50 -35.93 4.69
O4 NAG QA . -37.11 -34.53 6.63
O5 NAG QA . -34.00 -35.18 8.47
O6 NAG QA . -35.64 -35.64 10.28
O7 NAG QA . -31.26 -35.19 3.36
C1 NAG RA . -25.13 -42.93 7.72
C2 NAG RA . -25.77 -43.19 6.35
C3 NAG RA . -26.23 -44.63 6.25
C4 NAG RA . -25.10 -45.59 6.57
C5 NAG RA . -24.49 -45.25 7.94
C6 NAG RA . -23.28 -46.08 8.26
C7 NAG RA . -26.80 -41.24 5.25
C8 NAG RA . -28.03 -40.41 5.12
N2 NAG RA . -26.87 -42.27 6.12
O3 NAG RA . -26.72 -44.88 4.94
O4 NAG RA . -25.58 -46.93 6.60
O5 NAG RA . -24.07 -43.88 7.95
O6 NAG RA . -23.32 -47.34 7.61
O7 NAG RA . -25.78 -41.01 4.62
C1 NAG SA . -2.01 -44.22 44.53
C2 NAG SA . -0.53 -43.90 44.36
C3 NAG SA . 0.34 -44.89 45.14
C4 NAG SA . -0.12 -44.93 46.60
C5 NAG SA . -1.62 -45.20 46.69
C6 NAG SA . -2.15 -45.12 48.10
C7 NAG SA . -0.21 -44.83 42.05
C8 NAG SA . 0.26 -44.49 40.67
N2 NAG SA . -0.13 -43.83 42.96
O3 NAG SA . 1.70 -44.49 45.06
O4 NAG SA . 0.59 -45.95 47.29
O5 NAG SA . -2.34 -44.21 45.93
O6 NAG SA . -1.21 -45.64 49.03
O7 NAG SA . -0.63 -45.95 42.33
C1 NAG TA . -26.09 -38.89 45.69
C2 NAG TA . -24.70 -39.53 45.66
C3 NAG TA . -23.89 -39.10 46.88
C4 NAG TA . -23.86 -37.58 46.98
C5 NAG TA . -25.27 -37.01 46.98
C6 NAG TA . -25.31 -35.50 46.97
C7 NAG TA . -23.94 -41.75 44.92
C8 NAG TA . -24.18 -43.22 44.98
N2 NAG TA . -24.80 -40.98 45.60
O3 NAG TA . -22.56 -39.61 46.77
O4 NAG TA . -23.19 -37.19 48.18
O5 NAG TA . -25.97 -37.45 45.80
O6 NAG TA . -26.54 -35.03 46.45
O7 NAG TA . -23.00 -41.26 44.28
C1 NAG UA . -31.37 -9.78 25.70
C2 NAG UA . -32.68 -9.84 24.92
C3 NAG UA . -33.81 -9.23 25.74
C4 NAG UA . -33.90 -9.89 27.12
C5 NAG UA . -32.55 -9.82 27.81
C6 NAG UA . -32.52 -10.57 29.12
C7 NAG UA . -32.99 -9.70 22.49
C8 NAG UA . -32.78 -8.86 21.26
N2 NAG UA . -32.55 -9.16 23.64
O3 NAG UA . -35.04 -9.39 25.05
O4 NAG UA . -34.88 -9.22 27.91
O5 NAG UA . -31.54 -10.41 26.98
O6 NAG UA . -31.91 -11.85 28.98
O7 NAG UA . -33.54 -10.79 22.46
C1 NAG VA . 11.69 -49.67 1.89
C2 NAG VA . 12.33 -50.49 0.74
C3 NAG VA . 11.41 -50.56 -0.48
C4 NAG VA . 10.03 -51.05 -0.08
C5 NAG VA . 9.47 -50.15 1.01
C6 NAG VA . 8.12 -50.62 1.52
C7 NAG VA . 13.95 -48.79 -0.15
C8 NAG VA . 15.39 -48.54 -0.44
N2 NAG VA . 13.65 -50.00 0.38
O3 NAG VA . 11.97 -51.43 -1.45
O4 NAG VA . 9.16 -51.02 -1.20
O5 NAG VA . 10.36 -50.16 2.14
O6 NAG VA . 7.96 -50.31 2.90
O7 NAG VA . 13.08 -47.95 -0.38
C1 NAG WA . 28.32 -42.98 28.61
C2 NAG WA . 27.63 -42.56 29.90
C3 NAG WA . 28.00 -43.52 31.03
C4 NAG WA . 27.71 -44.97 30.63
C5 NAG WA . 28.39 -45.29 29.29
C6 NAG WA . 28.03 -46.66 28.77
C7 NAG WA . 27.14 -40.17 30.02
C8 NAG WA . 27.64 -38.82 30.46
N2 NAG WA . 27.96 -41.19 30.26
O3 NAG WA . 27.27 -43.20 32.21
O4 NAG WA . 28.21 -45.85 31.62
O5 NAG WA . 27.96 -44.34 28.29
O6 NAG WA . 28.52 -46.85 27.45
O7 NAG WA . 26.05 -40.31 29.48
C1 NAG XA . 18.53 -45.69 31.80
C2 NAG XA . 18.82 -47.06 31.19
C3 NAG XA . 19.14 -48.07 32.29
C4 NAG XA . 20.27 -47.54 33.17
C5 NAG XA . 19.91 -46.16 33.71
C6 NAG XA . 21.04 -45.53 34.51
C7 NAG XA . 17.77 -47.68 29.05
C8 NAG XA . 19.09 -47.35 28.39
N2 NAG XA . 17.71 -47.52 30.37
O3 NAG XA . 19.52 -49.30 31.70
O4 NAG XA . 20.48 -48.43 34.27
O5 NAG XA . 19.64 -45.27 32.62
O6 NAG XA . 21.46 -46.38 35.57
O7 NAG XA . 16.80 -48.06 28.40
C1 NAG YA . -14.92 -32.61 -24.20
C2 NAG YA . -15.16 -34.11 -24.38
C3 NAG YA . -15.30 -34.43 -25.87
C4 NAG YA . -16.36 -33.57 -26.52
C5 NAG YA . -16.06 -32.09 -26.26
C6 NAG YA . -17.12 -31.17 -26.79
C7 NAG YA . -14.28 -35.96 -23.00
C8 NAG YA . -15.70 -36.35 -22.74
N2 NAG YA . -14.09 -34.88 -23.78
O3 NAG YA . -15.63 -35.81 -26.02
O4 NAG YA . -16.39 -33.79 -27.92
O5 NAG YA . -15.97 -31.85 -24.84
O6 NAG YA . -16.89 -29.82 -26.38
O7 NAG YA . -13.34 -36.58 -22.51
C1 NAG ZA . -33.68 -27.80 -28.92
C2 NAG ZA . -34.62 -28.97 -29.23
C3 NAG ZA . -33.84 -30.28 -29.28
C4 NAG ZA . -32.68 -30.17 -30.26
C5 NAG ZA . -31.81 -28.97 -29.92
C6 NAG ZA . -30.71 -28.72 -30.93
C7 NAG ZA . -36.96 -28.72 -28.48
C8 NAG ZA . -37.28 -28.25 -29.87
N2 NAG ZA . -35.69 -29.04 -28.23
O3 NAG ZA . -34.71 -31.33 -29.67
O4 NAG ZA . -31.88 -31.35 -30.21
O5 NAG ZA . -32.62 -27.77 -29.90
O6 NAG ZA . -30.87 -29.51 -32.09
O7 NAG ZA . -37.83 -28.80 -27.61
C1 NAG AB . -33.68 -0.66 -60.70
C2 NAG AB . -33.35 -0.24 -62.12
C3 NAG AB . -34.15 -1.08 -63.12
C4 NAG AB . -33.93 -2.57 -62.86
C5 NAG AB . -34.23 -2.90 -61.40
C6 NAG AB . -33.91 -4.33 -61.04
C7 NAG AB . -32.67 2.06 -62.71
C8 NAG AB . -31.29 1.51 -62.93
N2 NAG AB . -33.61 1.17 -62.33
O3 NAG AB . -33.74 -0.76 -64.45
O4 NAG AB . -34.78 -3.34 -63.70
O5 NAG AB . -33.44 -2.07 -60.53
O6 NAG AB . -34.20 -4.61 -59.68
O7 NAG AB . -32.93 3.24 -62.87
C1 NAG BB . -51.20 12.20 -36.12
C2 NAG BB . -52.66 12.24 -36.57
C3 NAG BB . -53.55 12.74 -35.43
C4 NAG BB . -53.32 11.91 -34.16
C5 NAG BB . -51.84 11.91 -33.81
C6 NAG BB . -51.52 11.02 -32.63
C7 NAG BB . -52.86 12.58 -38.98
C8 NAG BB . -53.03 13.59 -40.08
N2 NAG BB . -52.82 13.08 -37.74
O3 NAG BB . -54.92 12.65 -35.82
O4 NAG BB . -54.07 12.46 -33.09
O5 NAG BB . -51.08 11.41 -34.92
O6 NAG BB . -50.19 10.54 -32.70
O7 NAG BB . -52.75 11.38 -39.21
C1 NAG CB . -43.56 -0.27 -48.74
C2 NAG CB . -44.36 -0.68 -47.48
C3 NAG CB . -43.79 -1.94 -46.82
C4 NAG CB . -43.62 -3.05 -47.85
C5 NAG CB . -42.79 -2.55 -49.04
C6 NAG CB . -42.66 -3.57 -50.14
C7 NAG CB . -43.85 1.18 -45.74
C8 NAG CB . -42.36 0.99 -45.80
N2 NAG CB . -44.65 0.39 -46.52
O3 NAG CB . -44.66 -2.38 -45.79
O4 NAG CB . -42.96 -4.17 -47.27
O5 NAG CB . -43.43 -1.40 -49.62
O6 NAG CB . -43.71 -4.52 -50.10
O7 NAG CB . -44.35 2.02 -45.00
C1 NAG DB . -52.22 10.75 -57.09
C2 NAG DB . -53.65 10.21 -57.00
C3 NAG DB . -54.58 10.97 -57.95
C4 NAG DB . -54.47 12.47 -57.70
C5 NAG DB . -53.02 12.92 -57.78
C6 NAG DB . -52.83 14.38 -57.42
C7 NAG DB . -53.39 8.11 -58.33
C8 NAG DB . -53.56 6.62 -58.29
N2 NAG DB . -53.73 8.77 -57.22
O3 NAG DB . -55.93 10.54 -57.75
O4 NAG DB . -55.22 13.17 -58.69
O5 NAG DB . -52.22 12.17 -56.85
O6 NAG DB . -54.05 15.10 -57.54
O7 NAG DB . -52.95 8.68 -59.33
C1 NAG EB . -38.57 11.87 -72.00
C2 NAG EB . -38.94 10.52 -72.64
C3 NAG EB . -37.70 9.85 -73.22
C4 NAG EB . -37.00 10.79 -74.20
C5 NAG EB . -36.66 12.10 -73.50
C6 NAG EB . -36.06 13.12 -74.44
C7 NAG EB . -40.52 8.73 -72.01
C8 NAG EB . -41.06 7.90 -70.88
N2 NAG EB . -39.58 9.63 -71.68
O3 NAG EB . -38.05 8.64 -73.88
O4 NAG EB . -35.80 10.18 -74.68
O5 NAG EB . -37.84 12.68 -72.95
O6 NAG EB . -36.91 13.34 -75.56
O7 NAG EB . -40.88 8.59 -73.17
#